data_7VTP
#
_entry.id   7VTP
#
_cell.length_a   1.00
_cell.length_b   1.00
_cell.length_c   1.00
_cell.angle_alpha   90.00
_cell.angle_beta   90.00
_cell.angle_gamma   90.00
#
_symmetry.space_group_name_H-M   'P 1'
#
loop_
_entity.id
_entity.type
_entity.pdbx_description
1 polymer 'NACHT, LRR and PYD domains-containing protein 3'
2 non-polymer "ADENOSINE-5'-DIPHOSPHATE"
3 non-polymer 1-[4-(2-oxidanylpropan-2-yl)furan-2-yl]sulfonyl-3-(1,2,3,5-tetrahydro-s-indacen-4-yl)urea
#
_entity_poly.entity_id   1
_entity_poly.type   'polypeptide(L)'
_entity_poly.pdbx_seq_one_letter_code
;HHHHHHDYKDDDDKLEVLFQGPEFCKMKKDYRKKYRKYVRSRFQCIEDRNARLGESVSLNKRYTRLRLIKEHRSQQEREQ
ELLAIGKTKTCESPVSPIKMELLFDPDDEHSEPVHTVVFQGAAGIGKTILARKMMLDWASGTLYQDRFDYLFYIHCREVS
LVTQRSLGDLIMSCCPDPNPPIHKIVRKPSRILFLMDGFDELQGAFDEHIGPLCTDWQKAERGDILLSSLIRKKLLPEAS
LLITTRPVALEKLQHLLDHPRHVEILGFSEAKRKEYFFKYFSDEAQARAAFSLIQENEVLFTMCFIPLVCWIVCTGLKQQ
MESGKSLAQTSKTTTAVYVFFLSSLLQPRGGSQEHGLCAHLWGLCSLAADGIWNQKILFEESDLRNHGLQKADVSAFLRM
NLFQKEVDCEKFYSFIHMTFQEFFAAMYYLLEEEKEGRTNVPGSRLKLPSRDVTVLLENYGKFEKGYLIFVVRFLFGLVN
QERTSYLEKKLSCKISQQIRLELLKWIEVKAKAKKLQIQPSQLELFYCLYEMQEEDFVQRAMDYFPKIEINLSTRMDHMV
SSFCIENCHRVESLSLGFLHNMPKEEEEEEKEGRHLDMVQCVLPSSSHAACSHGLVNSHLTSSFCRGLFSVLSTSQSLTE
LDLSDNSLGDPGMRVLCETLQHPGCNIRRLWLGRCGLSHECCFDISLVLSSNQKLVELDLSDNALGDFGIRLLCVGLKHL
LCNLKKLWLVSCCLTSACCQDLASVLSTSHSLTRLYVGENALGDSGVAILCEKAKNPQCNLQKLGLVNSGLTSVCCSALS
SVLSTNQNLTHLYLRGNTLGDKGIKLLCEGLLHPDCKLQVLELDNCNLTSHCCWDLSTLLTSSQSLRKLSLGNNDLGDLG
VMMFCEVLKQQSCLLQNLGLSEMYFNYETKSALETLQEEKPELTVVFEPSW
;
_entity_poly.pdbx_strand_id   A,B,C,D,E,F
#
# COMPACT_ATOMS: atom_id res chain seq x y z
N ASP A 30 -1.35 9.79 43.98
CA ASP A 30 -0.06 9.46 43.40
C ASP A 30 0.97 10.54 43.72
N TYR A 31 2.20 10.12 44.03
CA TYR A 31 3.22 11.07 44.45
C TYR A 31 3.63 12.00 43.32
N ARG A 32 3.41 11.59 42.05
CA ARG A 32 3.70 12.48 40.94
C ARG A 32 2.92 13.79 41.06
N LYS A 33 1.61 13.69 41.30
CA LYS A 33 0.79 14.89 41.43
C LYS A 33 1.14 15.67 42.68
N LYS A 34 1.53 14.98 43.75
CA LYS A 34 1.96 15.68 44.96
C LYS A 34 3.19 16.54 44.69
N TYR A 35 4.18 15.98 44.00
CA TYR A 35 5.38 16.75 43.68
C TYR A 35 5.08 17.85 42.68
N ARG A 36 4.17 17.60 41.74
CA ARG A 36 3.77 18.65 40.81
C ARG A 36 3.13 19.82 41.54
N LYS A 37 2.24 19.53 42.50
CA LYS A 37 1.64 20.59 43.30
C LYS A 37 2.71 21.31 44.13
N TYR A 38 3.69 20.56 44.63
CA TYR A 38 4.75 21.18 45.42
C TYR A 38 5.54 22.18 44.60
N VAL A 39 5.98 21.79 43.40
CA VAL A 39 6.75 22.71 42.58
C VAL A 39 5.89 23.86 42.07
N ARG A 40 4.61 23.59 41.80
CA ARG A 40 3.71 24.66 41.35
C ARG A 40 3.52 25.70 42.46
N SER A 41 3.44 25.26 43.71
CA SER A 41 3.32 26.20 44.82
C SER A 41 4.64 26.93 45.04
N ARG A 42 5.76 26.23 44.94
CA ARG A 42 7.05 26.84 45.23
C ARG A 42 7.44 27.88 44.19
N PHE A 43 7.18 27.59 42.91
CA PHE A 43 7.62 28.45 41.82
C PHE A 43 6.53 29.38 41.31
N GLN A 44 5.42 29.51 42.04
CA GLN A 44 4.35 30.40 41.62
C GLN A 44 4.80 31.86 41.63
N CYS A 45 5.59 32.24 42.63
CA CYS A 45 6.05 33.61 42.78
C CYS A 45 7.57 33.66 42.75
N ILE A 46 8.09 34.84 42.44
CA ILE A 46 9.53 35.04 42.36
C ILE A 46 10.01 35.90 43.52
N SER A 56 5.19 39.11 47.55
CA SER A 56 5.73 38.56 46.32
C SER A 56 4.87 38.93 45.12
N VAL A 57 5.34 38.59 43.93
CA VAL A 57 4.63 38.88 42.69
C VAL A 57 4.51 37.61 41.87
N SER A 58 3.44 37.54 41.08
CA SER A 58 3.16 36.34 40.30
C SER A 58 4.13 36.22 39.13
N LEU A 59 4.72 35.03 38.97
CA LEU A 59 5.61 34.80 37.84
C LEU A 59 4.89 34.89 36.51
N ASN A 60 3.67 34.33 36.44
CA ASN A 60 2.91 34.38 35.20
C ASN A 60 2.59 35.81 34.79
N LYS A 61 2.22 36.64 35.77
CA LYS A 61 1.98 38.05 35.49
C LYS A 61 3.26 38.76 35.06
N ARG A 62 4.38 38.44 35.72
CA ARG A 62 5.65 39.12 35.47
C ARG A 62 6.32 38.65 34.18
N TYR A 63 6.16 37.38 33.81
CA TYR A 63 6.95 36.79 32.75
C TYR A 63 6.73 37.49 31.41
N THR A 64 7.85 37.70 30.69
CA THR A 64 7.83 38.25 29.34
C THR A 64 8.71 37.37 28.46
N ARG A 65 8.26 37.12 27.24
CA ARG A 65 8.94 36.17 26.37
C ARG A 65 10.32 36.68 25.96
N LEU A 66 11.29 35.77 25.93
CA LEU A 66 12.66 36.07 25.55
C LEU A 66 12.97 35.52 24.16
N ARG A 67 14.01 36.09 23.54
CA ARG A 67 14.44 35.64 22.23
C ARG A 67 15.41 34.46 22.37
N LEU A 68 15.02 33.31 21.84
CA LEU A 68 15.83 32.10 21.89
C LEU A 68 16.15 31.65 20.48
N ILE A 69 17.42 31.32 20.23
CA ILE A 69 17.89 30.90 18.91
C ILE A 69 18.89 29.76 19.07
N LYS A 70 18.86 28.83 18.12
CA LYS A 70 19.86 27.77 18.07
C LYS A 70 21.23 28.37 17.73
N GLU A 71 22.26 27.83 18.37
CA GLU A 71 23.61 28.38 18.26
C GLU A 71 24.49 27.64 17.27
N HIS A 72 24.67 26.33 17.45
CA HIS A 72 25.60 25.55 16.62
C HIS A 72 25.02 25.37 15.22
N ARG A 73 25.82 25.73 14.21
CA ARG A 73 25.42 25.61 12.82
C ARG A 73 26.44 24.79 12.05
N SER A 74 25.96 24.03 11.08
CA SER A 74 26.83 23.20 10.25
C SER A 74 27.44 24.03 9.12
N PRO A 97 13.08 31.04 15.20
CA PRO A 97 13.12 30.82 16.65
C PRO A 97 13.04 29.34 17.01
N ILE A 98 13.33 29.00 18.27
CA ILE A 98 13.29 27.63 18.77
C ILE A 98 12.30 27.58 19.92
N LYS A 99 11.43 26.56 19.91
CA LYS A 99 10.46 26.35 20.97
C LYS A 99 10.86 25.17 21.84
N MET A 100 10.50 25.26 23.12
CA MET A 100 10.96 24.27 24.10
C MET A 100 10.50 22.87 23.73
N GLU A 101 9.28 22.75 23.22
CA GLU A 101 8.77 21.43 22.83
C GLU A 101 9.66 20.78 21.79
N LEU A 102 10.02 21.50 20.73
CA LEU A 102 10.99 20.97 19.77
C LEU A 102 12.40 21.03 20.31
N LEU A 103 12.66 21.90 21.29
CA LEU A 103 14.00 22.01 21.86
C LEU A 103 14.43 20.71 22.52
N PHE A 104 13.54 20.10 23.29
CA PHE A 104 13.83 18.77 23.82
C PHE A 104 13.70 17.70 22.74
N ASP A 105 12.86 17.93 21.74
CA ASP A 105 12.68 16.95 20.68
C ASP A 105 13.94 16.86 19.82
N PRO A 106 14.25 15.67 19.29
CA PRO A 106 15.45 15.52 18.44
C PRO A 106 15.18 16.02 17.03
N ASP A 107 16.04 16.91 16.53
CA ASP A 107 15.94 17.33 15.15
C ASP A 107 16.17 16.17 14.21
N ASP A 108 17.17 15.34 14.49
CA ASP A 108 17.43 14.11 13.76
C ASP A 108 17.48 12.95 14.74
N GLU A 109 16.74 11.88 14.42
CA GLU A 109 16.76 10.71 15.28
C GLU A 109 18.12 10.04 15.32
N HIS A 110 18.98 10.32 14.33
CA HIS A 110 20.34 9.79 14.34
C HIS A 110 21.23 10.54 15.29
N SER A 111 20.81 11.72 15.76
CA SER A 111 21.65 12.53 16.62
C SER A 111 21.76 11.92 18.02
N GLU A 112 22.97 11.87 18.53
CA GLU A 112 23.66 11.43 19.73
C GLU A 112 23.30 12.34 20.91
N PRO A 113 23.22 11.75 22.16
CA PRO A 113 22.41 12.35 23.25
C PRO A 113 21.80 13.73 23.02
N VAL A 114 20.70 13.77 22.27
CA VAL A 114 19.98 15.02 22.04
C VAL A 114 19.51 15.64 23.35
N HIS A 115 19.22 14.81 24.36
CA HIS A 115 18.60 15.29 25.58
C HIS A 115 19.49 16.22 26.39
N THR A 116 20.77 16.35 26.05
CA THR A 116 21.67 17.30 26.71
C THR A 116 21.51 18.66 26.03
N VAL A 117 20.99 19.64 26.76
CA VAL A 117 20.75 20.97 26.25
C VAL A 117 21.43 21.99 27.16
N VAL A 118 22.15 22.92 26.56
CA VAL A 118 22.90 23.93 27.30
C VAL A 118 22.44 25.32 26.86
N PHE A 119 22.09 26.16 27.83
CA PHE A 119 21.61 27.51 27.58
C PHE A 119 22.73 28.50 27.86
N GLN A 120 22.92 29.45 26.94
CA GLN A 120 23.95 30.48 27.05
C GLN A 120 23.28 31.83 27.21
N GLY A 121 23.65 32.56 28.25
CA GLY A 121 23.11 33.89 28.46
C GLY A 121 24.05 34.75 29.27
N ALA A 122 23.90 36.05 29.11
CA ALA A 122 24.66 37.01 29.89
C ALA A 122 24.13 37.05 31.33
N ALA A 123 24.85 37.76 32.19
CA ALA A 123 24.39 37.96 33.55
C ALA A 123 23.12 38.77 33.56
N GLY A 124 22.06 38.21 34.14
CA GLY A 124 20.79 38.90 34.18
C GLY A 124 19.95 38.79 32.93
N ILE A 125 20.34 37.92 31.99
CA ILE A 125 19.56 37.76 30.77
C ILE A 125 18.25 37.02 31.05
N GLY A 126 18.16 36.31 32.17
CA GLY A 126 16.93 35.62 32.52
C GLY A 126 17.01 34.12 32.36
N LYS A 127 18.19 33.54 32.62
CA LYS A 127 18.30 32.08 32.59
C LYS A 127 17.53 31.44 33.74
N THR A 128 17.72 31.97 34.96
CA THR A 128 17.02 31.44 36.12
C THR A 128 15.51 31.63 35.99
N ILE A 129 15.08 32.81 35.55
CA ILE A 129 13.66 33.07 35.38
C ILE A 129 13.08 32.18 34.30
N LEU A 130 13.84 31.96 33.22
CA LEU A 130 13.36 31.07 32.16
C LEU A 130 13.19 29.65 32.67
N ALA A 131 14.17 29.16 33.44
CA ALA A 131 14.06 27.81 33.99
C ALA A 131 12.87 27.69 34.95
N ARG A 132 12.69 28.70 35.81
CA ARG A 132 11.58 28.66 36.76
C ARG A 132 10.23 28.74 36.04
N LYS A 133 10.16 29.53 34.95
CA LYS A 133 8.94 29.59 34.17
C LYS A 133 8.66 28.26 33.48
N MET A 134 9.70 27.60 32.96
CA MET A 134 9.50 26.27 32.38
C MET A 134 8.98 25.29 33.42
N MET A 135 9.54 25.34 34.64
CA MET A 135 9.08 24.45 35.70
C MET A 135 7.63 24.74 36.08
N LEU A 136 7.28 26.02 36.21
CA LEU A 136 5.91 26.38 36.56
C LEU A 136 4.93 25.96 35.48
N ASP A 137 5.32 26.11 34.20
CA ASP A 137 4.45 25.69 33.11
C ASP A 137 4.29 24.17 33.07
N TRP A 138 5.38 23.44 33.33
CA TRP A 138 5.28 21.99 33.38
C TRP A 138 4.38 21.53 34.52
N ALA A 139 4.49 22.18 35.68
CA ALA A 139 3.63 21.82 36.81
C ALA A 139 2.17 22.17 36.53
N SER A 140 1.94 23.34 35.94
CA SER A 140 0.57 23.78 35.65
C SER A 140 -0.09 22.99 34.55
N GLY A 141 0.65 22.17 33.82
CA GLY A 141 0.07 21.36 32.77
C GLY A 141 0.15 21.97 31.38
N THR A 142 1.35 22.40 30.98
CA THR A 142 1.54 23.01 29.66
C THR A 142 2.67 22.40 28.85
N LEU A 143 3.73 21.90 29.50
CA LEU A 143 4.92 21.43 28.78
C LEU A 143 5.05 19.93 28.99
N TYR A 144 4.93 19.18 27.89
CA TYR A 144 5.00 17.70 27.90
C TYR A 144 4.08 17.10 28.96
N GLN A 145 2.79 17.34 28.75
CA GLN A 145 1.78 16.54 29.45
C GLN A 145 1.60 15.20 28.76
N ASP A 146 2.21 15.04 27.58
CA ASP A 146 2.19 13.75 26.90
C ASP A 146 2.84 12.68 27.77
N ARG A 147 4.15 12.76 27.96
CA ARG A 147 4.81 11.99 29.03
C ARG A 147 6.19 12.56 29.28
N PHE A 148 6.39 13.13 30.47
CA PHE A 148 7.74 13.39 30.97
C PHE A 148 7.63 13.56 32.48
N ASP A 149 8.14 12.59 33.23
CA ASP A 149 7.79 12.42 34.64
C ASP A 149 8.24 13.56 35.54
N TYR A 150 9.56 13.75 35.69
CA TYR A 150 10.07 14.64 36.73
C TYR A 150 11.12 15.60 36.19
N LEU A 151 11.13 16.80 36.77
CA LEU A 151 12.18 17.79 36.57
C LEU A 151 12.70 18.19 37.94
N PHE A 152 14.02 18.17 38.12
CA PHE A 152 14.64 18.49 39.40
C PHE A 152 15.44 19.78 39.26
N TYR A 153 15.15 20.75 40.14
CA TYR A 153 15.75 22.07 40.08
C TYR A 153 17.05 22.06 40.89
N ILE A 154 18.14 21.68 40.24
CA ILE A 154 19.46 21.68 40.88
C ILE A 154 20.02 23.09 40.75
N HIS A 155 19.80 23.91 41.77
CA HIS A 155 20.34 25.27 41.81
C HIS A 155 21.80 25.17 42.25
N CYS A 156 22.72 25.46 41.32
CA CYS A 156 24.14 25.23 41.59
C CYS A 156 24.71 26.13 42.67
N ARG A 157 23.99 27.18 43.06
CA ARG A 157 24.43 27.97 44.22
C ARG A 157 24.42 27.13 45.49
N GLU A 158 23.41 26.29 45.65
CA GLU A 158 23.33 25.42 46.83
C GLU A 158 24.35 24.31 46.79
N VAL A 159 24.61 23.74 45.61
CA VAL A 159 25.56 22.63 45.49
C VAL A 159 26.96 23.13 45.81
N SER A 160 27.66 22.40 46.67
CA SER A 160 29.02 22.74 47.06
C SER A 160 29.92 21.52 46.88
N LEU A 161 31.20 21.78 46.65
CA LEU A 161 32.15 20.69 46.39
C LEU A 161 32.51 19.94 47.66
N VAL A 162 32.64 20.64 48.79
CA VAL A 162 33.12 20.02 50.02
C VAL A 162 32.15 18.97 50.51
N THR A 163 30.85 19.28 50.50
CA THR A 163 29.85 18.34 50.98
C THR A 163 29.83 17.10 50.11
N GLN A 164 29.79 15.92 50.74
CA GLN A 164 29.76 14.65 50.05
C GLN A 164 28.37 14.06 50.17
N ARG A 165 27.63 14.05 49.06
CA ARG A 165 26.26 13.57 49.05
C ARG A 165 25.99 12.82 47.76
N SER A 166 24.93 12.02 47.76
CA SER A 166 24.57 11.20 46.62
C SER A 166 23.45 11.86 45.81
N LEU A 167 23.15 11.25 44.65
CA LEU A 167 22.05 11.75 43.83
C LEU A 167 20.72 11.65 44.56
N GLY A 168 20.51 10.54 45.28
CA GLY A 168 19.31 10.42 46.09
C GLY A 168 19.22 11.51 47.14
N ASP A 169 20.36 11.87 47.74
CA ASP A 169 20.38 12.97 48.70
C ASP A 169 19.98 14.29 48.04
N LEU A 170 20.48 14.55 46.84
CA LEU A 170 20.12 15.77 46.13
C LEU A 170 18.64 15.80 45.80
N ILE A 171 18.09 14.67 45.36
CA ILE A 171 16.67 14.60 45.06
C ILE A 171 15.85 14.80 46.32
N MET A 172 16.30 14.22 47.43
CA MET A 172 15.63 14.43 48.72
C MET A 172 15.63 15.90 49.10
N SER A 173 16.75 16.59 48.88
CA SER A 173 16.80 18.03 49.10
C SER A 173 15.81 18.75 48.19
N CYS A 174 15.66 18.28 46.96
CA CYS A 174 14.70 18.85 46.02
C CYS A 174 13.29 18.31 46.23
N CYS A 175 13.12 17.25 47.06
CA CYS A 175 11.80 16.70 47.32
C CYS A 175 11.19 17.34 48.56
N PRO A 176 9.86 17.45 48.62
CA PRO A 176 9.22 17.99 49.82
C PRO A 176 9.10 16.99 50.95
N ASP A 177 9.19 15.69 50.68
CA ASP A 177 9.02 14.69 51.73
C ASP A 177 10.36 14.18 52.20
N PRO A 178 10.49 13.90 53.51
CA PRO A 178 11.75 13.31 54.01
C PRO A 178 12.03 11.93 53.44
N ASN A 179 11.02 11.18 53.03
CA ASN A 179 11.19 9.84 52.48
C ASN A 179 10.41 9.72 51.18
N PRO A 180 10.92 10.31 50.09
CA PRO A 180 10.27 10.16 48.79
C PRO A 180 10.54 8.78 48.22
N PRO A 181 9.67 8.28 47.32
CA PRO A 181 9.92 6.95 46.71
C PRO A 181 11.05 7.01 45.69
N ILE A 182 12.28 7.00 46.22
CA ILE A 182 13.47 7.19 45.39
C ILE A 182 13.68 6.02 44.44
N HIS A 183 13.41 4.79 44.89
CA HIS A 183 13.62 3.63 44.04
C HIS A 183 12.70 3.66 42.83
N LYS A 184 11.44 4.07 43.02
CA LYS A 184 10.55 4.23 41.87
C LYS A 184 11.08 5.26 40.90
N ILE A 185 11.70 6.33 41.41
CA ILE A 185 12.30 7.35 40.54
C ILE A 185 13.44 6.76 39.73
N VAL A 186 14.32 6.00 40.39
CA VAL A 186 15.47 5.40 39.70
C VAL A 186 14.99 4.35 38.70
N ARG A 187 13.83 3.74 38.94
CA ARG A 187 13.31 2.73 38.02
C ARG A 187 12.92 3.33 36.67
N LYS A 188 12.88 4.65 36.55
CA LYS A 188 12.44 5.35 35.34
C LYS A 188 13.45 6.40 34.89
N PRO A 189 14.72 6.02 34.71
CA PRO A 189 15.77 7.02 34.49
C PRO A 189 15.59 7.80 33.19
N SER A 190 14.83 7.28 32.24
CA SER A 190 14.64 7.98 30.97
C SER A 190 13.65 9.13 31.10
N ARG A 191 12.84 9.13 32.16
CA ARG A 191 11.83 10.16 32.39
C ARG A 191 12.25 11.14 33.48
N ILE A 192 13.54 11.39 33.64
CA ILE A 192 14.08 12.28 34.65
C ILE A 192 14.88 13.38 33.97
N LEU A 193 14.64 14.63 34.37
CA LEU A 193 15.38 15.77 33.88
C LEU A 193 16.07 16.45 35.04
N PHE A 194 17.33 16.84 34.83
CA PHE A 194 18.10 17.58 35.82
C PHE A 194 18.35 18.97 35.27
N LEU A 195 17.88 19.98 35.98
CA LEU A 195 17.97 21.37 35.55
C LEU A 195 19.07 22.04 36.36
N MET A 196 20.27 22.08 35.80
CA MET A 196 21.43 22.69 36.45
C MET A 196 21.46 24.16 36.07
N ASP A 197 21.11 25.02 37.03
CA ASP A 197 21.06 26.46 36.81
C ASP A 197 22.31 27.10 37.38
N GLY A 198 23.02 27.86 36.56
CA GLY A 198 24.19 28.58 37.02
C GLY A 198 25.43 27.73 37.17
N PHE A 199 25.96 27.21 36.05
CA PHE A 199 27.17 26.40 36.07
C PHE A 199 28.39 27.24 36.44
N ASP A 200 28.16 28.48 36.84
CA ASP A 200 29.19 29.43 37.25
C ASP A 200 29.27 29.55 38.77
N GLU A 201 29.18 28.43 39.48
CA GLU A 201 29.08 28.45 40.94
C GLU A 201 30.35 28.98 41.60
N LEU A 202 31.49 28.32 41.38
CA LEU A 202 32.71 28.68 42.10
C LEU A 202 33.94 28.28 41.29
N GLN A 203 35.11 28.54 41.88
CA GLN A 203 36.40 28.34 41.24
C GLN A 203 37.03 27.01 41.66
N GLY A 204 37.82 26.46 40.73
CA GLY A 204 38.53 25.22 40.98
C GLY A 204 37.71 23.96 40.94
N ALA A 205 36.46 24.05 40.48
CA ALA A 205 35.59 22.87 40.47
C ALA A 205 36.12 21.81 39.51
N PHE A 206 36.62 22.23 38.33
CA PHE A 206 37.00 21.27 37.31
C PHE A 206 38.34 21.59 36.65
N ASP A 207 39.08 22.58 37.16
CA ASP A 207 40.35 22.95 36.53
C ASP A 207 41.40 21.85 36.62
N GLU A 208 41.26 20.92 37.56
CA GLU A 208 42.17 19.81 37.70
C GLU A 208 41.64 18.61 36.93
N HIS A 209 42.48 17.58 36.82
CA HIS A 209 42.07 16.33 36.19
C HIS A 209 40.91 15.72 36.97
N ILE A 210 39.88 15.29 36.24
CA ILE A 210 38.67 14.75 36.85
C ILE A 210 38.99 13.39 37.47
N GLY A 211 38.56 13.19 38.72
CA GLY A 211 38.81 11.96 39.40
C GLY A 211 37.91 10.84 38.90
N PRO A 212 37.91 9.73 39.62
CA PRO A 212 37.08 8.59 39.22
C PRO A 212 35.60 8.96 39.18
N LEU A 213 34.91 8.46 38.17
CA LEU A 213 33.49 8.76 37.98
C LEU A 213 32.63 7.70 38.65
N CYS A 214 31.63 8.17 39.39
CA CYS A 214 30.78 7.30 40.19
C CYS A 214 29.49 7.01 39.45
N THR A 215 29.18 5.72 39.28
CA THR A 215 27.96 5.28 38.62
C THR A 215 26.89 4.82 39.60
N ASP A 216 27.26 4.51 40.84
CA ASP A 216 26.32 4.04 41.85
C ASP A 216 25.72 5.25 42.56
N TRP A 217 24.45 5.54 42.26
CA TRP A 217 23.80 6.71 42.84
C TRP A 217 23.65 6.60 44.35
N GLN A 218 23.73 5.40 44.91
CA GLN A 218 23.72 5.25 46.36
C GLN A 218 24.96 5.85 47.01
N LYS A 219 26.12 5.73 46.36
CA LYS A 219 27.37 6.15 46.96
C LYS A 219 27.42 7.67 47.10
N ALA A 220 27.94 8.15 48.23
CA ALA A 220 28.10 9.57 48.45
C ALA A 220 29.44 10.03 47.88
N GLU A 221 29.40 11.07 47.06
CA GLU A 221 30.59 11.60 46.41
C GLU A 221 30.64 13.11 46.60
N ARG A 222 31.80 13.69 46.32
CA ARG A 222 31.95 15.14 46.43
C ARG A 222 31.12 15.84 45.35
N GLY A 223 30.85 17.12 45.59
CA GLY A 223 30.03 17.88 44.67
C GLY A 223 30.60 17.91 43.26
N ASP A 224 31.91 18.17 43.15
CA ASP A 224 32.54 18.23 41.83
C ASP A 224 32.48 16.87 41.13
N ILE A 225 32.82 15.80 41.84
CA ILE A 225 32.81 14.47 41.22
C ILE A 225 31.39 14.04 40.88
N LEU A 226 30.44 14.30 41.77
CA LEU A 226 29.05 13.95 41.49
C LEU A 226 28.52 14.71 40.28
N LEU A 227 28.81 16.01 40.19
CA LEU A 227 28.35 16.79 39.04
C LEU A 227 29.04 16.33 37.75
N SER A 228 30.33 15.99 37.84
CA SER A 228 31.02 15.49 36.66
C SER A 228 30.42 14.17 36.18
N SER A 229 30.11 13.27 37.11
CA SER A 229 29.51 11.99 36.73
C SER A 229 28.12 12.21 36.14
N LEU A 230 27.33 13.11 36.74
CA LEU A 230 25.98 13.37 36.22
C LEU A 230 26.03 14.00 34.84
N ILE A 231 26.92 14.96 34.62
CA ILE A 231 26.97 15.68 33.36
C ILE A 231 27.49 14.77 32.25
N ARG A 232 28.55 14.02 32.53
CA ARG A 232 29.17 13.15 31.54
C ARG A 232 28.36 11.89 31.24
N LYS A 233 27.13 11.81 31.76
CA LYS A 233 26.22 10.68 31.50
C LYS A 233 26.81 9.35 31.97
N LYS A 234 27.59 9.39 33.05
CA LYS A 234 28.06 8.15 33.66
C LYS A 234 27.15 7.71 34.79
N LEU A 235 26.60 8.66 35.54
CA LEU A 235 25.64 8.40 36.60
C LEU A 235 24.24 8.61 36.04
N LEU A 236 23.48 7.52 35.88
CA LEU A 236 22.18 7.52 35.22
C LEU A 236 22.29 8.15 33.82
N PRO A 237 22.91 7.45 32.86
CA PRO A 237 23.03 8.03 31.51
C PRO A 237 21.69 8.35 30.86
N GLU A 238 20.64 7.60 31.17
CA GLU A 238 19.34 7.84 30.57
C GLU A 238 18.71 9.15 31.00
N ALA A 239 19.21 9.78 32.06
CA ALA A 239 18.65 11.04 32.53
C ALA A 239 18.96 12.17 31.55
N SER A 240 18.00 13.06 31.37
CA SER A 240 18.17 14.24 30.53
C SER A 240 18.69 15.41 31.36
N LEU A 241 19.33 16.36 30.68
CA LEU A 241 19.96 17.49 31.32
C LEU A 241 19.54 18.79 30.66
N LEU A 242 19.55 19.87 31.44
CA LEU A 242 19.36 21.22 30.93
C LEU A 242 20.20 22.15 31.80
N ILE A 243 21.26 22.71 31.23
CA ILE A 243 22.23 23.51 31.97
C ILE A 243 22.18 24.93 31.46
N THR A 244 21.98 25.88 32.37
CA THR A 244 22.08 27.30 32.08
C THR A 244 23.45 27.79 32.54
N THR A 245 24.18 28.45 31.64
CA THR A 245 25.59 28.71 31.88
C THR A 245 25.99 30.04 31.25
N ARG A 246 27.27 30.37 31.40
CA ARG A 246 27.93 31.55 30.84
C ARG A 246 28.88 31.13 29.73
N PRO A 247 29.24 32.06 28.81
CA PRO A 247 30.08 31.66 27.67
C PRO A 247 31.42 31.05 28.05
N VAL A 248 32.12 31.61 29.04
CA VAL A 248 33.36 30.97 29.50
C VAL A 248 33.05 29.67 30.24
N ALA A 249 32.02 29.70 31.09
CA ALA A 249 31.53 28.46 31.67
C ALA A 249 30.98 27.53 30.59
N LEU A 250 30.52 28.09 29.47
CA LEU A 250 30.21 27.26 28.31
C LEU A 250 31.43 26.54 27.80
N GLU A 251 32.56 27.24 27.70
CA GLU A 251 33.80 26.58 27.27
C GLU A 251 34.17 25.44 28.21
N LYS A 252 34.15 25.71 29.51
CA LYS A 252 34.52 24.67 30.47
C LYS A 252 33.55 23.50 30.41
N LEU A 253 32.25 23.77 30.33
CA LEU A 253 31.26 22.71 30.27
C LEU A 253 31.39 21.89 29.00
N GLN A 254 31.66 22.56 27.87
CA GLN A 254 31.90 21.83 26.62
C GLN A 254 33.15 20.98 26.71
N HIS A 255 34.09 21.38 27.54
CA HIS A 255 35.17 20.44 27.84
C HIS A 255 34.71 19.24 28.70
N LEU A 256 33.41 19.16 29.03
CA LEU A 256 32.86 18.05 29.79
C LEU A 256 31.61 17.46 29.14
N LEU A 257 31.39 17.71 27.85
CA LEU A 257 30.18 17.28 27.16
C LEU A 257 30.52 16.49 25.90
N ASP A 258 29.50 15.81 25.39
CA ASP A 258 29.61 15.04 24.15
C ASP A 258 28.33 15.25 23.35
N HIS A 259 28.44 16.01 22.26
CA HIS A 259 27.31 16.39 21.40
C HIS A 259 26.15 16.99 22.19
N PRO A 260 26.30 18.20 22.73
CA PRO A 260 25.16 18.88 23.34
C PRO A 260 24.46 19.79 22.33
N ARG A 261 23.22 20.15 22.66
CA ARG A 261 22.45 21.10 21.86
C ARG A 261 22.51 22.46 22.55
N HIS A 262 23.05 23.46 21.85
CA HIS A 262 23.27 24.78 22.42
C HIS A 262 22.13 25.70 22.02
N VAL A 263 21.62 26.45 22.99
CA VAL A 263 20.57 27.44 22.76
C VAL A 263 20.99 28.74 23.43
N GLU A 264 20.88 29.85 22.70
CA GLU A 264 21.27 31.16 23.19
C GLU A 264 20.04 31.96 23.58
N ILE A 265 20.14 32.69 24.69
CA ILE A 265 19.10 33.59 25.16
C ILE A 265 19.54 35.01 24.90
N LEU A 266 18.71 35.79 24.19
CA LEU A 266 19.04 37.17 23.88
C LEU A 266 18.31 38.18 24.77
N GLY A 267 17.09 37.87 25.19
CA GLY A 267 16.38 38.78 26.06
C GLY A 267 15.14 39.39 25.45
N PHE A 268 14.96 40.70 25.65
CA PHE A 268 13.75 41.40 25.25
C PHE A 268 13.95 42.15 23.95
N SER A 269 12.99 42.02 23.04
CA SER A 269 12.91 42.88 21.88
C SER A 269 12.21 44.18 22.26
N GLU A 270 12.03 45.08 21.29
CA GLU A 270 11.36 46.34 21.56
C GLU A 270 9.92 46.11 22.00
N ALA A 271 9.21 45.21 21.30
CA ALA A 271 7.86 44.86 21.71
C ALA A 271 7.84 44.23 23.09
N LYS A 272 8.83 43.38 23.38
CA LYS A 272 8.89 42.78 24.71
C LYS A 272 9.26 43.80 25.78
N ARG A 273 10.05 44.82 25.43
CA ARG A 273 10.31 45.91 26.37
C ARG A 273 9.03 46.69 26.65
N LYS A 274 8.23 46.97 25.62
CA LYS A 274 6.93 47.58 25.81
C LYS A 274 6.06 46.74 26.75
N GLU A 275 6.02 45.43 26.49
CA GLU A 275 5.20 44.54 27.30
C GLU A 275 5.66 44.53 28.75
N TYR A 276 6.97 44.50 28.99
CA TYR A 276 7.47 44.49 30.36
C TYR A 276 7.18 45.79 31.07
N PHE A 277 7.35 46.92 30.37
CA PHE A 277 7.07 48.21 30.99
C PHE A 277 5.59 48.37 31.31
N PHE A 278 4.71 47.79 30.48
CA PHE A 278 3.29 47.81 30.82
C PHE A 278 2.96 46.87 31.96
N LYS A 279 3.61 45.71 32.01
CA LYS A 279 3.34 44.73 33.05
C LYS A 279 3.85 45.16 34.42
N TYR A 280 4.96 45.90 34.48
CA TYR A 280 5.54 46.26 35.76
C TYR A 280 4.67 47.27 36.50
N PHE A 281 4.36 48.38 35.85
CA PHE A 281 3.53 49.40 36.47
C PHE A 281 2.06 48.97 36.42
N SER A 282 1.42 48.91 37.59
CA SER A 282 0.02 48.50 37.65
C SER A 282 -0.90 49.50 36.97
N ASP A 283 -0.54 50.79 36.96
CA ASP A 283 -1.33 51.82 36.32
C ASP A 283 -0.86 52.01 34.88
N GLU A 284 -1.80 51.96 33.94
CA GLU A 284 -1.43 52.02 32.53
C GLU A 284 -0.85 53.38 32.15
N ALA A 285 -1.42 54.47 32.70
CA ALA A 285 -0.90 55.80 32.42
C ALA A 285 0.53 55.95 32.95
N GLN A 286 0.79 55.45 34.17
CA GLN A 286 2.13 55.51 34.73
C GLN A 286 3.11 54.71 33.88
N ALA A 287 2.70 53.53 33.42
CA ALA A 287 3.56 52.72 32.56
C ALA A 287 3.86 53.44 31.25
N ARG A 288 2.84 54.07 30.65
CA ARG A 288 3.07 54.82 29.42
C ARG A 288 4.03 55.97 29.64
N ALA A 289 3.87 56.71 30.74
CA ALA A 289 4.76 57.82 31.03
C ALA A 289 6.19 57.34 31.24
N ALA A 290 6.37 56.25 32.00
CA ALA A 290 7.71 55.73 32.25
C ALA A 290 8.37 55.25 30.96
N PHE A 291 7.62 54.54 30.11
CA PHE A 291 8.20 54.08 28.86
C PHE A 291 8.52 55.24 27.93
N SER A 292 7.67 56.28 27.92
CA SER A 292 7.95 57.44 27.09
C SER A 292 9.21 58.15 27.57
N LEU A 293 9.40 58.24 28.89
CA LEU A 293 10.61 58.86 29.41
C LEU A 293 11.84 58.02 29.10
N ILE A 294 11.71 56.69 29.16
CA ILE A 294 12.85 55.82 28.88
C ILE A 294 13.23 55.87 27.41
N GLN A 295 12.23 55.87 26.52
CA GLN A 295 12.47 55.71 25.09
C GLN A 295 13.33 56.82 24.53
N GLU A 296 13.17 58.06 25.00
CA GLU A 296 13.96 59.16 24.49
C GLU A 296 15.45 59.02 24.81
N ASN A 297 15.81 58.13 25.73
CA ASN A 297 17.19 57.78 26.00
C ASN A 297 17.52 56.52 25.20
N GLU A 298 18.35 56.68 24.16
CA GLU A 298 18.59 55.58 23.25
C GLU A 298 19.50 54.52 23.88
N VAL A 299 20.47 54.97 24.68
CA VAL A 299 21.40 54.03 25.32
C VAL A 299 20.66 53.14 26.31
N LEU A 300 19.79 53.74 27.13
CA LEU A 300 19.01 52.95 28.07
C LEU A 300 18.09 51.98 27.34
N PHE A 301 17.45 52.42 26.27
CA PHE A 301 16.57 51.52 25.53
C PHE A 301 17.33 50.38 24.87
N THR A 302 18.59 50.61 24.49
CA THR A 302 19.40 49.52 23.98
C THR A 302 19.81 48.56 25.09
N MET A 303 20.21 49.11 26.24
CA MET A 303 20.63 48.26 27.36
C MET A 303 19.45 47.47 27.92
N CYS A 304 18.23 47.95 27.71
CA CYS A 304 17.05 47.26 28.18
C CYS A 304 16.81 45.92 27.50
N PHE A 305 17.64 45.44 26.58
CA PHE A 305 17.44 44.08 26.09
C PHE A 305 17.71 43.04 27.19
N ILE A 306 18.44 43.42 28.23
CA ILE A 306 18.65 42.57 29.39
C ILE A 306 17.51 42.81 30.38
N PRO A 307 16.80 41.75 30.79
CA PRO A 307 15.71 41.95 31.75
C PRO A 307 16.15 42.53 33.08
N LEU A 308 17.37 42.25 33.53
CA LEU A 308 17.82 42.74 34.83
C LEU A 308 17.90 44.27 34.83
N VAL A 309 18.39 44.87 33.75
CA VAL A 309 18.46 46.32 33.67
C VAL A 309 17.06 46.91 33.65
N CYS A 310 16.13 46.25 32.95
CA CYS A 310 14.74 46.69 32.96
C CYS A 310 14.18 46.68 34.38
N TRP A 311 14.44 45.60 35.12
CA TRP A 311 13.95 45.50 36.49
C TRP A 311 14.53 46.60 37.36
N ILE A 312 15.83 46.85 37.22
CA ILE A 312 16.48 47.87 38.06
C ILE A 312 15.92 49.25 37.75
N VAL A 313 15.81 49.59 36.47
CA VAL A 313 15.32 50.92 36.11
C VAL A 313 13.85 51.08 36.49
N CYS A 314 13.06 50.00 36.36
CA CYS A 314 11.66 50.08 36.73
C CYS A 314 11.50 50.23 38.24
N THR A 315 12.31 49.52 39.02
CA THR A 315 12.27 49.69 40.46
C THR A 315 12.65 51.11 40.86
N GLY A 316 13.69 51.66 40.24
CA GLY A 316 14.06 53.04 40.53
C GLY A 316 12.95 54.02 40.20
N LEU A 317 12.36 53.87 39.01
CA LEU A 317 11.28 54.77 38.61
C LEU A 317 10.07 54.64 39.52
N LYS A 318 9.71 53.41 39.89
CA LYS A 318 8.58 53.19 40.79
C LYS A 318 8.83 53.82 42.15
N GLN A 319 10.03 53.65 42.70
CA GLN A 319 10.33 54.20 44.01
C GLN A 319 10.35 55.72 43.98
N GLN A 320 10.86 56.31 42.88
CA GLN A 320 10.85 57.76 42.78
C GLN A 320 9.44 58.30 42.60
N MET A 321 8.59 57.58 41.85
CA MET A 321 7.21 58.01 41.66
C MET A 321 6.42 57.91 42.95
N GLU A 322 6.65 56.86 43.74
CA GLU A 322 5.96 56.72 45.02
C GLU A 322 6.31 57.87 45.96
N SER A 323 7.54 58.37 45.88
CA SER A 323 7.96 59.51 46.68
C SER A 323 7.57 60.85 46.06
N GLY A 324 6.94 60.84 44.89
CA GLY A 324 6.52 62.07 44.25
C GLY A 324 7.66 62.97 43.80
N LYS A 325 8.70 62.39 43.19
CA LYS A 325 9.85 63.14 42.72
C LYS A 325 10.03 62.92 41.22
N SER A 326 10.90 63.74 40.63
CA SER A 326 11.12 63.71 39.19
C SER A 326 11.78 62.39 38.77
N LEU A 327 11.40 61.92 37.59
CA LEU A 327 11.95 60.68 37.03
C LEU A 327 12.93 60.94 35.89
N ALA A 328 13.45 62.17 35.77
CA ALA A 328 14.20 62.57 34.59
C ALA A 328 15.66 62.13 34.61
N GLN A 329 16.10 61.44 35.65
CA GLN A 329 17.51 61.02 35.72
C GLN A 329 17.85 60.08 34.57
N THR A 330 19.07 60.23 34.05
CA THR A 330 19.54 59.44 32.92
C THR A 330 20.89 58.84 33.25
N SER A 331 21.08 57.59 32.83
CA SER A 331 22.29 56.83 33.10
C SER A 331 22.96 56.49 31.78
N LYS A 332 24.23 56.90 31.63
CA LYS A 332 24.94 56.64 30.39
C LYS A 332 25.34 55.18 30.28
N THR A 333 25.83 54.58 31.36
CA THR A 333 26.34 53.20 31.33
C THR A 333 25.65 52.38 32.42
N THR A 334 26.09 51.12 32.54
CA THR A 334 25.55 50.25 33.58
C THR A 334 25.94 50.74 34.97
N THR A 335 27.16 51.22 35.12
CA THR A 335 27.62 51.72 36.42
C THR A 335 26.75 52.87 36.89
N ALA A 336 26.36 53.76 35.97
CA ALA A 336 25.47 54.86 36.35
C ALA A 336 24.11 54.32 36.79
N VAL A 337 23.61 53.28 36.11
CA VAL A 337 22.34 52.67 36.51
C VAL A 337 22.45 52.15 37.94
N TYR A 338 23.52 51.41 38.24
CA TYR A 338 23.68 50.84 39.58
C TYR A 338 23.85 51.93 40.63
N VAL A 339 24.57 53.00 40.28
CA VAL A 339 24.79 54.09 41.24
C VAL A 339 23.48 54.81 41.53
N PHE A 340 22.67 55.07 40.51
CA PHE A 340 21.37 55.70 40.76
C PHE A 340 20.44 54.77 41.53
N PHE A 341 20.52 53.46 41.29
CA PHE A 341 19.74 52.52 42.10
C PHE A 341 20.16 52.60 43.56
N LEU A 342 21.46 52.64 43.83
CA LEU A 342 21.96 52.80 45.19
C LEU A 342 21.47 54.11 45.80
N SER A 343 21.53 55.20 45.04
CA SER A 343 21.07 56.49 45.55
C SER A 343 19.58 56.46 45.89
N SER A 344 18.78 55.81 45.04
CA SER A 344 17.35 55.68 45.34
C SER A 344 17.12 54.85 46.60
N LEU A 345 17.87 53.75 46.77
CA LEU A 345 17.64 52.89 47.92
C LEU A 345 18.54 53.19 49.11
N LEU A 346 19.35 54.24 49.04
CA LEU A 346 20.10 54.69 50.22
C LEU A 346 19.69 56.10 50.62
N LEU A 357 25.91 55.18 58.98
CA LEU A 357 25.57 54.79 57.63
C LEU A 357 26.81 54.33 56.85
N CYS A 358 27.86 55.15 56.89
CA CYS A 358 29.08 54.80 56.18
C CYS A 358 29.68 53.50 56.70
N ALA A 359 29.53 53.24 58.00
CA ALA A 359 29.97 51.97 58.55
C ALA A 359 29.19 50.81 57.92
N HIS A 360 27.89 50.99 57.71
CA HIS A 360 27.10 49.96 57.05
C HIS A 360 27.55 49.76 55.60
N LEU A 361 27.90 50.84 54.90
CA LEU A 361 28.41 50.70 53.54
C LEU A 361 29.72 49.93 53.52
N TRP A 362 30.63 50.24 54.44
CA TRP A 362 31.89 49.50 54.50
C TRP A 362 31.64 48.05 54.86
N GLY A 363 30.68 47.78 55.74
CA GLY A 363 30.36 46.40 56.07
C GLY A 363 29.83 45.63 54.87
N LEU A 364 28.93 46.24 54.11
CA LEU A 364 28.42 45.61 52.90
C LEU A 364 29.54 45.34 51.91
N CYS A 365 30.43 46.33 51.71
CA CYS A 365 31.51 46.17 50.76
C CYS A 365 32.46 45.06 51.17
N SER A 366 32.82 45.02 52.46
CA SER A 366 33.70 43.97 52.95
C SER A 366 33.04 42.61 52.86
N LEU A 367 31.73 42.54 53.14
CA LEU A 367 31.00 41.29 53.00
C LEU A 367 31.05 40.78 51.57
N ALA A 368 30.80 41.66 50.61
CA ALA A 368 30.84 41.27 49.21
C ALA A 368 32.24 40.83 48.80
N ALA A 369 33.27 41.56 49.24
CA ALA A 369 34.64 41.17 48.90
C ALA A 369 34.99 39.81 49.49
N ASP A 370 34.60 39.57 50.73
CA ASP A 370 34.87 38.27 51.36
C ASP A 370 34.14 37.15 50.63
N GLY A 371 32.90 37.39 50.23
CA GLY A 371 32.17 36.39 49.47
C GLY A 371 32.82 36.10 48.13
N ILE A 372 33.29 37.15 47.45
CA ILE A 372 33.96 36.97 46.16
C ILE A 372 35.23 36.16 46.33
N TRP A 373 36.03 36.49 47.35
CA TRP A 373 37.31 35.82 47.53
C TRP A 373 37.18 34.39 48.03
N ASN A 374 36.23 34.11 48.92
CA ASN A 374 36.08 32.77 49.48
C ASN A 374 34.90 32.00 48.91
N GLN A 375 34.34 32.44 47.78
CA GLN A 375 33.36 31.67 47.01
C GLN A 375 32.03 31.51 47.73
N LYS A 376 31.78 32.29 48.77
CA LYS A 376 30.58 32.13 49.59
C LYS A 376 29.51 33.11 49.10
N ILE A 377 28.48 32.58 48.45
CA ILE A 377 27.37 33.39 47.94
C ILE A 377 26.24 33.49 48.95
N LEU A 378 25.94 32.39 49.64
CA LEU A 378 24.92 32.39 50.69
C LEU A 378 25.59 32.73 52.01
N PHE A 379 25.15 33.81 52.65
CA PHE A 379 25.80 34.35 53.83
C PHE A 379 25.03 33.98 55.09
N GLU A 380 25.77 33.63 56.13
CA GLU A 380 25.20 33.29 57.43
C GLU A 380 25.29 34.50 58.37
N GLU A 381 24.56 34.41 59.48
CA GLU A 381 24.56 35.50 60.44
C GLU A 381 25.89 35.61 61.18
N SER A 382 26.61 34.50 61.34
CA SER A 382 27.94 34.57 61.92
C SER A 382 28.88 35.36 61.02
N ASP A 383 28.86 35.08 59.72
CA ASP A 383 29.66 35.85 58.78
C ASP A 383 29.15 37.29 58.70
N LEU A 384 27.83 37.49 58.86
CA LEU A 384 27.29 38.84 58.87
C LEU A 384 27.85 39.65 60.05
N ARG A 385 27.95 39.03 61.22
CA ARG A 385 28.54 39.72 62.37
C ARG A 385 30.05 39.88 62.20
N ASN A 386 30.69 38.96 61.47
CA ASN A 386 32.13 39.01 61.30
C ASN A 386 32.57 40.29 60.60
N HIS A 387 31.71 40.88 59.77
CA HIS A 387 32.05 42.06 58.99
C HIS A 387 31.45 43.34 59.56
N GLY A 388 31.23 43.39 60.87
CA GLY A 388 30.74 44.60 61.49
C GLY A 388 29.35 45.01 61.08
N LEU A 389 28.51 44.07 60.67
CA LEU A 389 27.14 44.35 60.25
C LEU A 389 26.19 43.75 61.27
N GLN A 390 25.31 44.57 61.82
CA GLN A 390 24.36 44.15 62.83
C GLN A 390 23.06 43.67 62.18
N LYS A 391 22.20 43.06 62.99
CA LYS A 391 20.89 42.64 62.49
C LYS A 391 20.01 43.86 62.19
N ALA A 392 20.26 44.98 62.87
CA ALA A 392 19.57 46.22 62.55
C ALA A 392 20.10 46.86 61.27
N ASP A 393 21.20 46.36 60.73
CA ASP A 393 21.79 46.90 59.50
C ASP A 393 21.26 46.22 58.25
N VAL A 394 20.31 45.30 58.38
CA VAL A 394 19.76 44.62 57.21
C VAL A 394 19.06 45.64 56.33
N SER A 395 19.52 45.76 55.09
CA SER A 395 19.04 46.77 54.17
C SER A 395 18.05 46.16 53.19
N ALA A 396 17.66 46.94 52.18
CA ALA A 396 16.69 46.49 51.19
C ALA A 396 17.32 45.68 50.07
N PHE A 397 18.62 45.41 50.13
CA PHE A 397 19.30 44.62 49.10
C PHE A 397 19.37 43.14 49.43
N LEU A 398 19.77 42.79 50.65
CA LEU A 398 19.97 41.40 51.02
C LEU A 398 18.64 40.66 51.08
N ARG A 399 18.50 39.66 50.21
CA ARG A 399 17.34 38.77 50.22
C ARG A 399 17.61 37.59 51.16
N MET A 400 16.59 37.25 51.95
CA MET A 400 16.72 36.19 52.93
C MET A 400 16.12 34.89 52.41
N ASN A 401 16.77 33.78 52.74
CA ASN A 401 16.25 32.45 52.42
C ASN A 401 16.49 31.56 53.63
N LEU A 402 15.41 31.08 54.23
CA LEU A 402 15.48 30.31 55.47
C LEU A 402 15.61 28.83 55.12
N PHE A 403 16.75 28.25 55.47
CA PHE A 403 16.99 26.83 55.24
C PHE A 403 17.41 26.13 56.53
N LYS A 411 18.21 29.81 57.54
CA LYS A 411 18.72 31.16 57.77
C LYS A 411 19.92 31.40 56.88
N PHE A 412 19.73 32.20 55.83
CA PHE A 412 20.78 32.57 54.90
C PHE A 412 20.46 33.91 54.27
N TYR A 413 21.51 34.66 53.94
CA TYR A 413 21.39 35.94 53.27
C TYR A 413 22.14 35.90 51.96
N SER A 414 21.58 36.54 50.93
CA SER A 414 22.26 36.63 49.64
C SER A 414 21.92 37.97 49.01
N PHE A 415 22.55 38.24 47.87
CA PHE A 415 22.28 39.46 47.14
C PHE A 415 21.18 39.21 46.10
N ILE A 416 20.61 40.31 45.60
CA ILE A 416 19.58 40.21 44.57
C ILE A 416 20.13 39.48 43.36
N HIS A 417 21.32 39.85 42.91
CA HIS A 417 22.02 39.15 41.84
C HIS A 417 23.51 39.20 42.15
N MET A 418 24.25 38.25 41.55
CA MET A 418 25.70 38.22 41.75
C MET A 418 26.35 39.50 41.24
N THR A 419 25.71 40.19 40.30
CA THR A 419 26.25 41.46 39.82
C THR A 419 26.28 42.50 40.93
N PHE A 420 25.37 42.42 41.90
CA PHE A 420 25.40 43.36 43.02
C PHE A 420 26.57 43.07 43.95
N GLN A 421 26.85 41.79 44.21
CA GLN A 421 28.04 41.43 44.98
C GLN A 421 29.30 41.89 44.26
N GLU A 422 29.34 41.72 42.95
CA GLU A 422 30.38 42.32 42.11
C GLU A 422 30.52 43.82 42.33
N PHE A 423 29.42 44.57 42.23
CA PHE A 423 29.50 46.01 42.33
C PHE A 423 29.99 46.45 43.71
N PHE A 424 29.54 45.76 44.76
CA PHE A 424 29.97 46.12 46.10
C PHE A 424 31.42 45.70 46.37
N ALA A 425 31.89 44.61 45.76
CA ALA A 425 33.31 44.29 45.84
C ALA A 425 34.15 45.37 45.19
N ALA A 426 33.71 45.89 44.04
CA ALA A 426 34.43 47.00 43.42
C ALA A 426 34.42 48.23 44.32
N MET A 427 33.26 48.56 44.89
CA MET A 427 33.17 49.69 45.80
C MET A 427 34.11 49.52 46.98
N TYR A 428 34.25 48.29 47.47
CA TYR A 428 35.23 48.00 48.52
C TYR A 428 36.64 48.29 48.02
N TYR A 429 36.96 47.82 46.82
CA TYR A 429 38.30 48.05 46.28
C TYR A 429 38.61 49.52 46.13
N LEU A 430 37.60 50.38 45.98
CA LEU A 430 37.87 51.81 45.98
C LEU A 430 37.79 52.44 47.37
N LEU A 431 37.08 51.83 48.30
CA LEU A 431 36.93 52.42 49.63
C LEU A 431 38.03 51.99 50.59
N PRO A 449 40.37 40.43 53.03
CA PRO A 449 40.62 40.47 51.59
C PRO A 449 41.74 41.44 51.23
N SER A 450 42.65 41.01 50.34
CA SER A 450 43.73 41.88 49.91
C SER A 450 43.19 43.08 49.14
N ARG A 451 43.76 44.25 49.40
CA ARG A 451 43.31 45.48 48.78
C ARG A 451 44.13 45.88 47.56
N ASP A 452 45.07 45.03 47.14
CA ASP A 452 45.90 45.32 45.98
C ASP A 452 45.22 44.77 44.73
N VAL A 453 45.12 45.60 43.69
CA VAL A 453 44.43 45.18 42.48
C VAL A 453 45.27 44.23 41.64
N THR A 454 46.59 44.22 41.82
CA THR A 454 47.43 43.35 41.01
C THR A 454 47.13 41.88 41.27
N VAL A 455 46.97 41.50 42.54
CA VAL A 455 46.64 40.12 42.86
C VAL A 455 45.23 39.80 42.39
N LEU A 456 44.34 40.79 42.37
CA LEU A 456 43.02 40.59 41.80
C LEU A 456 43.12 40.25 40.31
N LEU A 457 43.97 40.96 39.59
CA LEU A 457 44.07 40.78 38.15
C LEU A 457 44.83 39.50 37.79
N GLU A 458 45.77 39.07 38.63
CA GLU A 458 46.59 37.93 38.27
C GLU A 458 45.79 36.62 38.27
N ASN A 459 45.00 36.39 39.32
CA ASN A 459 44.36 35.09 39.50
C ASN A 459 43.05 35.03 38.71
N TYR A 460 43.05 34.23 37.66
CA TYR A 460 41.89 34.00 36.81
C TYR A 460 41.65 32.51 36.62
N GLY A 461 40.41 32.18 36.28
CA GLY A 461 40.04 30.80 36.01
C GLY A 461 38.54 30.60 35.98
N LYS A 462 38.09 29.58 35.25
CA LYS A 462 36.69 29.16 35.20
C LYS A 462 35.84 30.33 34.68
N PHE A 463 34.61 30.48 35.15
CA PHE A 463 33.83 31.66 34.85
C PHE A 463 34.44 32.91 35.47
N GLU A 464 34.92 32.79 36.70
CA GLU A 464 35.27 33.93 37.55
C GLU A 464 36.21 34.90 36.88
N LYS A 465 37.14 34.42 36.04
CA LYS A 465 38.01 35.34 35.31
C LYS A 465 37.20 36.43 34.64
N GLY A 466 36.29 36.06 33.73
CA GLY A 466 35.40 37.04 33.15
C GLY A 466 34.61 37.79 34.21
N TYR A 467 34.09 37.07 35.21
CA TYR A 467 33.42 37.71 36.31
C TYR A 467 34.35 38.69 37.02
N LEU A 468 35.60 38.28 37.27
CA LEU A 468 36.56 39.22 37.83
C LEU A 468 36.80 40.38 36.88
N ILE A 469 36.88 40.09 35.57
CA ILE A 469 36.88 41.19 34.61
C ILE A 469 35.57 41.95 34.70
N PHE A 470 34.45 41.23 34.83
CA PHE A 470 33.19 41.90 35.15
C PHE A 470 33.37 42.77 36.39
N VAL A 471 34.07 42.26 37.40
CA VAL A 471 34.42 43.08 38.56
C VAL A 471 35.06 44.38 38.10
N VAL A 472 36.20 44.29 37.40
CA VAL A 472 36.89 45.53 37.04
C VAL A 472 36.02 46.35 36.10
N ARG A 473 35.09 45.72 35.38
CA ARG A 473 34.19 46.48 34.53
C ARG A 473 33.48 47.55 35.34
N PHE A 474 32.83 47.15 36.43
CA PHE A 474 32.20 48.16 37.28
C PHE A 474 33.24 49.06 37.90
N LEU A 475 34.39 48.51 38.26
CA LEU A 475 35.51 49.34 38.71
C LEU A 475 35.85 50.37 37.65
N PHE A 476 35.92 49.95 36.39
CA PHE A 476 36.19 50.88 35.30
C PHE A 476 35.16 51.99 35.27
N GLY A 477 33.91 51.66 35.57
CA GLY A 477 32.88 52.69 35.63
C GLY A 477 33.06 53.64 36.79
N LEU A 478 33.50 53.12 37.94
CA LEU A 478 33.49 53.94 39.15
C LEU A 478 34.63 54.96 39.16
N VAL A 479 35.76 54.64 38.53
CA VAL A 479 36.90 55.56 38.49
C VAL A 479 36.68 56.48 37.30
N ASN A 480 35.92 57.54 37.53
CA ASN A 480 35.59 58.51 36.49
C ASN A 480 35.58 59.91 37.09
N GLN A 481 36.00 60.89 36.29
CA GLN A 481 36.06 62.27 36.74
C GLN A 481 34.68 62.84 37.08
N GLU A 482 33.60 62.22 36.61
CA GLU A 482 32.25 62.73 36.82
C GLU A 482 31.50 61.95 37.90
N ARG A 483 31.41 60.62 37.76
CA ARG A 483 30.60 59.84 38.68
C ARG A 483 31.22 59.74 40.06
N THR A 484 32.55 59.76 40.16
CA THR A 484 33.20 59.61 41.46
C THR A 484 32.85 60.76 42.39
N SER A 485 32.86 61.99 41.87
CA SER A 485 32.56 63.15 42.71
C SER A 485 31.13 63.09 43.25
N TYR A 486 30.17 62.78 42.38
CA TYR A 486 28.78 62.69 42.82
C TYR A 486 28.59 61.55 43.82
N LEU A 487 29.23 60.41 43.56
CA LEU A 487 29.12 59.28 44.49
C LEU A 487 29.70 59.63 45.86
N GLU A 488 30.85 60.31 45.88
CA GLU A 488 31.46 60.71 47.14
C GLU A 488 30.60 61.73 47.87
N LYS A 489 30.00 62.67 47.14
CA LYS A 489 29.10 63.64 47.76
C LYS A 489 27.88 62.95 48.35
N LYS A 490 27.31 61.98 47.63
CA LYS A 490 26.08 61.33 48.08
C LYS A 490 26.34 60.43 49.28
N LEU A 491 27.39 59.61 49.23
CA LEU A 491 27.63 58.60 50.25
C LEU A 491 28.72 58.98 51.23
N SER A 492 29.28 60.19 51.15
CA SER A 492 30.30 60.68 52.09
C SER A 492 31.48 59.72 52.16
N CYS A 493 32.12 59.46 51.02
CA CYS A 493 33.23 58.53 50.92
C CYS A 493 34.40 59.18 50.21
N LYS A 494 35.56 58.52 50.29
CA LYS A 494 36.78 58.99 49.64
C LYS A 494 37.35 57.89 48.77
N ILE A 495 37.89 58.29 47.60
CA ILE A 495 38.41 57.36 46.61
C ILE A 495 39.64 57.97 45.97
N SER A 496 40.66 57.15 45.74
CA SER A 496 41.90 57.57 45.08
C SER A 496 41.88 57.20 43.61
N GLN A 497 42.94 57.60 42.90
CA GLN A 497 43.00 57.45 41.45
C GLN A 497 44.22 56.73 40.91
N GLN A 498 45.10 56.19 41.77
CA GLN A 498 46.20 55.38 41.26
C GLN A 498 45.69 54.07 40.66
N ILE A 499 44.52 53.62 41.12
CA ILE A 499 43.94 52.38 40.62
C ILE A 499 43.58 52.51 39.14
N ARG A 500 43.21 53.72 38.71
CA ARG A 500 42.95 53.94 37.29
C ARG A 500 44.22 53.75 36.46
N LEU A 501 45.35 54.26 36.95
CA LEU A 501 46.63 54.05 36.26
C LEU A 501 46.98 52.57 36.25
N GLU A 502 46.72 51.86 37.35
CA GLU A 502 46.98 50.42 37.37
C GLU A 502 46.12 49.67 36.36
N LEU A 503 44.85 50.06 36.21
CA LEU A 503 44.00 49.45 35.18
C LEU A 503 44.52 49.77 33.79
N LEU A 504 45.02 50.99 33.58
CA LEU A 504 45.61 51.34 32.29
C LEU A 504 46.82 50.46 31.99
N LYS A 505 47.67 50.21 33.00
CA LYS A 505 48.79 49.31 32.81
C LYS A 505 48.30 47.89 32.50
N TRP A 506 47.21 47.48 33.15
CA TRP A 506 46.67 46.14 32.90
C TRP A 506 46.20 46.00 31.47
N ILE A 507 45.48 46.99 30.94
CA ILE A 507 45.04 46.92 29.55
C ILE A 507 46.23 47.03 28.61
N GLU A 508 47.25 47.80 28.96
CA GLU A 508 48.48 47.84 28.19
C GLU A 508 49.06 46.44 28.05
N VAL A 509 49.18 45.73 29.16
CA VAL A 509 49.72 44.37 29.15
C VAL A 509 48.84 43.45 28.33
N LYS A 510 47.51 43.56 28.50
CA LYS A 510 46.60 42.67 27.80
C LYS A 510 46.66 42.87 26.29
N ALA A 511 46.74 44.12 25.84
CA ALA A 511 46.85 44.39 24.42
C ALA A 511 48.19 43.93 23.86
N LYS A 512 49.28 44.21 24.59
CA LYS A 512 50.59 43.75 24.13
C LYS A 512 50.70 42.23 24.16
N ALA A 513 50.12 41.59 25.17
CA ALA A 513 50.13 40.13 25.22
C ALA A 513 49.40 39.55 24.02
N LYS A 514 50.01 38.54 23.40
CA LYS A 514 49.43 37.93 22.21
C LYS A 514 48.18 37.15 22.56
N LYS A 515 48.34 36.07 23.32
CA LYS A 515 47.26 35.35 24.00
C LYS A 515 46.03 35.15 23.09
N LEU A 516 46.30 34.66 21.88
CA LEU A 516 45.22 34.42 20.93
C LEU A 516 44.34 33.26 21.37
N GLN A 517 43.02 33.44 21.21
CA GLN A 517 42.02 32.41 21.47
C GLN A 517 42.08 31.93 22.93
N ILE A 518 42.52 32.79 23.83
CA ILE A 518 42.56 32.50 25.27
C ILE A 518 41.86 33.63 26.00
N GLN A 519 40.90 33.27 26.87
CA GLN A 519 40.12 34.11 27.78
C GLN A 519 39.41 35.25 27.04
N PRO A 520 38.51 36.01 27.70
CA PRO A 520 37.86 37.13 27.00
C PRO A 520 38.83 38.24 26.62
N SER A 521 38.92 38.56 25.33
CA SER A 521 40.06 39.28 24.81
C SER A 521 39.74 40.70 24.34
N GLN A 522 38.77 40.88 23.43
CA GLN A 522 38.63 42.16 22.73
C GLN A 522 37.37 42.93 23.11
N LEU A 523 36.20 42.31 22.91
CA LEU A 523 34.95 43.04 23.10
C LEU A 523 34.74 43.45 24.56
N GLU A 524 35.14 42.60 25.51
CA GLU A 524 34.97 42.92 26.92
C GLU A 524 35.81 44.13 27.32
N LEU A 525 37.02 44.24 26.78
CA LEU A 525 37.82 45.44 27.02
C LEU A 525 37.11 46.68 26.48
N PHE A 526 36.43 46.53 25.34
CA PHE A 526 35.63 47.63 24.82
C PHE A 526 34.50 47.98 25.77
N TYR A 527 33.87 46.97 26.36
CA TYR A 527 32.82 47.22 27.34
C TYR A 527 33.35 48.00 28.53
N CYS A 528 34.53 47.62 29.03
CA CYS A 528 35.12 48.34 30.16
C CYS A 528 35.43 49.78 29.79
N LEU A 529 36.03 50.00 28.61
CA LEU A 529 36.37 51.35 28.19
C LEU A 529 35.12 52.21 28.01
N TYR A 530 34.07 51.64 27.43
CA TYR A 530 32.81 52.36 27.31
C TYR A 530 32.19 52.61 28.68
N GLU A 531 32.43 51.71 29.64
CA GLU A 531 31.95 51.94 31.00
C GLU A 531 32.62 53.16 31.62
N MET A 532 33.92 53.34 31.40
CA MET A 532 34.61 54.47 32.02
C MET A 532 34.12 55.80 31.45
N GLN A 533 33.89 55.87 30.13
CA GLN A 533 33.38 57.08 29.47
C GLN A 533 34.30 58.27 29.62
N GLU A 534 35.62 58.05 29.68
CA GLU A 534 36.59 59.14 29.75
C GLU A 534 37.34 59.18 28.43
N GLU A 535 37.15 60.27 27.67
CA GLU A 535 37.74 60.36 26.34
C GLU A 535 39.26 60.33 26.40
N ASP A 536 39.85 60.99 27.40
CA ASP A 536 41.31 60.99 27.52
C ASP A 536 41.84 59.59 27.80
N PHE A 537 41.24 58.90 28.77
CA PHE A 537 41.69 57.56 29.11
C PHE A 537 41.48 56.60 27.95
N VAL A 538 40.33 56.68 27.29
CA VAL A 538 40.07 55.80 26.15
C VAL A 538 41.08 56.06 25.04
N GLN A 539 41.34 57.33 24.75
CA GLN A 539 42.28 57.67 23.68
C GLN A 539 43.69 57.18 24.03
N ARG A 540 44.07 57.26 25.31
CA ARG A 540 45.40 56.78 25.70
C ARG A 540 45.46 55.26 25.71
N ALA A 541 44.33 54.59 25.94
CA ALA A 541 44.33 53.14 26.09
C ALA A 541 44.21 52.41 24.75
N MET A 542 43.50 52.98 23.79
CA MET A 542 43.27 52.30 22.52
C MET A 542 44.41 52.46 21.53
N ASP A 543 45.48 53.17 21.90
CA ASP A 543 46.61 53.33 20.99
C ASP A 543 47.41 52.05 20.83
N TYR A 544 47.14 51.02 21.63
CA TYR A 544 47.89 49.77 21.60
C TYR A 544 47.10 48.60 21.05
N PHE A 545 45.89 48.86 20.54
CA PHE A 545 44.98 47.89 19.93
C PHE A 545 45.32 47.41 18.51
N PRO A 546 46.10 48.18 17.70
CA PRO A 546 45.74 48.37 16.28
C PRO A 546 45.01 47.24 15.57
N LYS A 547 45.49 46.00 15.67
CA LYS A 547 44.82 44.90 14.99
C LYS A 547 43.61 44.46 15.81
N ILE A 548 42.42 44.82 15.35
CA ILE A 548 41.17 44.59 16.07
C ILE A 548 40.38 43.53 15.34
N GLU A 549 39.90 42.53 16.06
CA GLU A 549 39.04 41.49 15.52
C GLU A 549 37.93 41.23 16.52
N ILE A 550 36.68 41.50 16.13
CA ILE A 550 35.56 41.47 17.06
C ILE A 550 34.35 40.84 16.40
N ASN A 551 33.45 40.28 17.23
CA ASN A 551 32.22 39.66 16.78
C ASN A 551 31.06 40.32 17.50
N LEU A 552 30.05 40.74 16.75
CA LEU A 552 28.93 41.51 17.26
C LEU A 552 27.65 40.70 17.13
N SER A 553 26.83 40.73 18.18
CA SER A 553 25.56 40.00 18.18
C SER A 553 24.38 40.82 18.68
N THR A 554 24.60 41.91 19.41
CA THR A 554 23.52 42.70 19.97
C THR A 554 23.75 44.17 19.64
N ARG A 555 22.68 44.97 19.80
CA ARG A 555 22.79 46.40 19.57
C ARG A 555 23.76 47.05 20.55
N MET A 556 23.81 46.52 21.78
CA MET A 556 24.77 47.03 22.75
C MET A 556 26.20 46.79 22.28
N ASP A 557 26.46 45.62 21.70
CA ASP A 557 27.77 45.35 21.10
C ASP A 557 28.09 46.36 20.00
N HIS A 558 27.11 46.64 19.14
CA HIS A 558 27.32 47.61 18.07
C HIS A 558 27.68 48.98 18.65
N MET A 559 26.96 49.41 19.68
CA MET A 559 27.19 50.74 20.23
C MET A 559 28.56 50.84 20.91
N VAL A 560 28.91 49.83 21.72
CA VAL A 560 30.20 49.89 22.40
C VAL A 560 31.35 49.82 21.40
N SER A 561 31.23 48.95 20.39
CA SER A 561 32.27 48.87 19.37
C SER A 561 32.39 50.17 18.60
N SER A 562 31.25 50.79 18.25
CA SER A 562 31.30 52.06 17.53
C SER A 562 31.98 53.14 18.36
N PHE A 563 31.64 53.22 19.64
CA PHE A 563 32.26 54.20 20.52
C PHE A 563 33.77 53.99 20.58
N CYS A 564 34.20 52.75 20.82
CA CYS A 564 35.63 52.47 20.95
C CYS A 564 36.37 52.76 19.66
N ILE A 565 35.81 52.34 18.52
CA ILE A 565 36.48 52.56 17.23
C ILE A 565 36.56 54.05 16.93
N GLU A 566 35.49 54.79 17.19
CA GLU A 566 35.51 56.22 16.95
C GLU A 566 36.57 56.91 17.81
N ASN A 567 36.68 56.51 19.08
CA ASN A 567 37.67 57.13 19.94
C ASN A 567 39.08 56.64 19.66
N CYS A 568 39.24 55.57 18.89
CA CYS A 568 40.58 55.06 18.57
C CYS A 568 41.27 55.96 17.56
N HIS A 569 42.61 55.93 17.57
CA HIS A 569 43.40 56.72 16.64
C HIS A 569 44.58 55.96 16.05
N ARG A 570 44.79 54.70 16.41
CA ARG A 570 45.91 53.92 15.89
C ARG A 570 45.47 52.57 15.35
N VAL A 571 44.25 52.46 14.84
CA VAL A 571 43.77 51.21 14.28
C VAL A 571 44.17 51.12 12.81
N GLU A 572 44.67 49.95 12.40
CA GLU A 572 45.04 49.71 11.02
C GLU A 572 44.19 48.63 10.37
N SER A 573 44.12 47.44 10.96
CA SER A 573 43.31 46.35 10.47
C SER A 573 42.09 46.20 11.37
N LEU A 574 40.94 45.86 10.77
CA LEU A 574 39.70 45.73 11.51
C LEU A 574 38.88 44.60 10.92
N SER A 575 38.61 43.57 11.73
CA SER A 575 37.84 42.42 11.30
C SER A 575 36.53 42.38 12.09
N LEU A 576 35.41 42.35 11.37
CA LEU A 576 34.09 42.33 11.96
C LEU A 576 33.41 41.01 11.66
N GLY A 577 32.77 40.43 12.67
CA GLY A 577 31.89 39.30 12.46
C GLY A 577 30.49 39.66 12.89
N PHE A 578 29.49 39.24 12.13
CA PHE A 578 28.10 39.53 12.44
C PHE A 578 27.35 38.22 12.67
N LEU A 579 26.44 38.23 13.64
CA LEU A 579 25.64 37.06 14.00
C LEU A 579 24.18 37.45 14.01
N HIS A 580 23.34 36.59 13.45
CA HIS A 580 21.89 36.83 13.35
C HIS A 580 21.59 38.14 12.64
N THR A 621 20.81 43.75 11.06
CA THR A 621 22.19 43.93 10.61
C THR A 621 22.43 45.37 10.15
N SER A 622 21.81 45.73 9.02
CA SER A 622 22.04 47.04 8.42
C SER A 622 21.60 48.18 9.34
N SER A 623 20.66 47.90 10.26
CA SER A 623 20.15 48.95 11.14
C SER A 623 21.26 49.53 12.00
N PHE A 624 22.14 48.69 12.53
CA PHE A 624 23.25 49.17 13.34
C PHE A 624 24.54 49.25 12.52
N CYS A 625 24.57 48.57 11.37
CA CYS A 625 25.66 48.74 10.44
C CYS A 625 25.72 50.18 9.93
N ARG A 626 24.55 50.80 9.74
CA ARG A 626 24.53 52.21 9.33
C ARG A 626 25.27 53.11 10.30
N GLY A 627 25.30 52.74 11.59
CA GLY A 627 26.00 53.53 12.58
C GLY A 627 27.46 53.14 12.72
N LEU A 628 27.75 51.84 12.64
CA LEU A 628 29.13 51.38 12.77
C LEU A 628 29.98 51.80 11.58
N PHE A 629 29.43 51.68 10.37
CA PHE A 629 30.20 52.01 9.18
C PHE A 629 30.52 53.50 9.10
N SER A 630 29.66 54.35 9.66
CA SER A 630 29.93 55.79 9.64
C SER A 630 31.20 56.10 10.42
N VAL A 631 31.33 55.56 11.63
CA VAL A 631 32.54 55.80 12.41
C VAL A 631 33.73 55.04 11.83
N LEU A 632 33.49 53.95 11.09
CA LEU A 632 34.57 53.34 10.33
C LEU A 632 35.11 54.30 9.27
N SER A 633 34.20 54.97 8.55
CA SER A 633 34.61 55.91 7.51
C SER A 633 35.33 57.12 8.09
N THR A 634 34.81 57.66 9.19
CA THR A 634 35.41 58.88 9.75
C THR A 634 36.84 58.64 10.23
N SER A 635 37.20 57.40 10.53
CA SER A 635 38.55 57.11 10.99
C SER A 635 39.58 57.42 9.90
N GLN A 636 40.66 58.09 10.29
CA GLN A 636 41.72 58.47 9.36
C GLN A 636 42.95 57.58 9.46
N SER A 637 42.89 56.49 10.23
CA SER A 637 44.03 55.59 10.37
C SER A 637 43.75 54.19 9.84
N LEU A 638 42.50 53.83 9.60
CA LEU A 638 42.16 52.50 9.13
C LEU A 638 42.64 52.29 7.69
N THR A 639 43.25 51.15 7.43
CA THR A 639 43.68 50.78 6.08
C THR A 639 43.06 49.49 5.57
N GLU A 640 42.90 48.47 6.40
CA GLU A 640 42.26 47.23 5.99
C GLU A 640 40.86 47.15 6.59
N LEU A 641 40.03 46.32 5.98
CA LEU A 641 38.67 46.12 6.47
C LEU A 641 38.21 44.74 6.00
N ASP A 642 38.25 43.77 6.91
CA ASP A 642 37.93 42.38 6.59
C ASP A 642 36.49 42.09 7.02
N LEU A 643 35.68 41.63 6.09
CA LEU A 643 34.30 41.22 6.37
C LEU A 643 34.00 39.83 5.82
N SER A 644 35.01 38.99 5.71
CA SER A 644 34.82 37.67 5.13
C SER A 644 33.91 36.82 6.00
N ASP A 645 33.18 35.91 5.36
CA ASP A 645 32.33 34.92 6.04
C ASP A 645 31.22 35.56 6.85
N ASN A 646 30.51 36.53 6.27
CA ASN A 646 29.33 37.11 6.89
C ASN A 646 28.13 36.96 5.97
N SER A 647 26.94 37.14 6.54
CA SER A 647 25.72 37.28 5.76
C SER A 647 25.41 38.76 5.51
N LEU A 648 26.41 39.45 4.96
CA LEU A 648 26.30 40.89 4.77
C LEU A 648 25.15 41.23 3.83
N GLY A 649 25.03 40.51 2.73
CA GLY A 649 23.91 40.67 1.82
C GLY A 649 24.00 41.93 0.99
N ASP A 650 23.07 42.04 0.03
CA ASP A 650 23.02 43.19 -0.85
C ASP A 650 22.72 44.50 -0.12
N PRO A 651 21.72 44.60 0.76
CA PRO A 651 21.52 45.86 1.48
C PRO A 651 22.71 46.26 2.34
N GLY A 652 23.35 45.28 2.99
CA GLY A 652 24.54 45.59 3.76
C GLY A 652 25.67 46.10 2.90
N MET A 653 25.86 45.49 1.73
CA MET A 653 26.91 45.95 0.83
C MET A 653 26.58 47.34 0.28
N ARG A 654 25.30 47.63 0.07
CA ARG A 654 24.90 48.96 -0.34
C ARG A 654 25.21 50.00 0.72
N VAL A 655 24.94 49.69 1.99
CA VAL A 655 25.28 50.60 3.07
C VAL A 655 26.79 50.80 3.15
N LEU A 656 27.54 49.71 3.02
CA LEU A 656 29.00 49.82 3.06
C LEU A 656 29.52 50.66 1.90
N CYS A 657 28.90 50.54 0.72
CA CYS A 657 29.31 51.34 -0.42
C CYS A 657 28.99 52.81 -0.23
N GLU A 658 27.82 53.11 0.34
CA GLU A 658 27.52 54.50 0.70
C GLU A 658 28.55 55.03 1.68
N THR A 659 29.02 54.18 2.59
CA THR A 659 30.08 54.55 3.50
C THR A 659 31.39 54.85 2.76
N LEU A 660 31.77 53.98 1.82
CA LEU A 660 33.08 54.08 1.19
C LEU A 660 33.19 55.31 0.29
N GLN A 661 32.08 55.90 -0.11
CA GLN A 661 32.12 57.08 -0.97
C GLN A 661 32.40 58.36 -0.19
N HIS A 662 32.50 58.27 1.14
CA HIS A 662 32.81 59.46 1.93
C HIS A 662 34.19 60.00 1.54
N PRO A 663 34.34 61.31 1.43
CA PRO A 663 35.66 61.87 1.06
C PRO A 663 36.76 61.53 2.05
N GLY A 664 36.44 61.41 3.33
CA GLY A 664 37.42 61.13 4.34
C GLY A 664 37.79 59.68 4.53
N CYS A 665 37.20 58.77 3.76
CA CYS A 665 37.52 57.35 3.90
C CYS A 665 38.97 57.09 3.52
N ASN A 666 39.59 56.16 4.25
CA ASN A 666 41.00 55.83 4.05
C ASN A 666 41.23 54.33 3.87
N ILE A 667 40.16 53.55 3.67
CA ILE A 667 40.32 52.11 3.54
C ILE A 667 41.02 51.80 2.23
N ARG A 668 42.10 51.01 2.31
CA ARG A 668 42.89 50.67 1.13
C ARG A 668 42.76 49.22 0.71
N ARG A 669 42.40 48.32 1.62
CA ARG A 669 42.16 46.92 1.28
C ARG A 669 40.81 46.51 1.84
N LEU A 670 40.03 45.78 1.05
CA LEU A 670 38.67 45.41 1.43
C LEU A 670 38.43 43.97 0.99
N TRP A 671 38.32 43.07 1.96
CA TRP A 671 38.08 41.66 1.68
C TRP A 671 36.63 41.33 1.92
N LEU A 672 35.99 40.67 0.95
CA LEU A 672 34.57 40.38 1.00
C LEU A 672 34.30 38.94 0.58
N GLY A 673 35.09 38.00 1.11
CA GLY A 673 34.89 36.61 0.74
C GLY A 673 33.65 36.03 1.39
N ARG A 674 32.82 35.36 0.58
CA ARG A 674 31.66 34.62 1.05
C ARG A 674 30.72 35.49 1.87
N CYS A 675 30.50 36.73 1.41
CA CYS A 675 29.56 37.64 2.04
C CYS A 675 28.14 37.46 1.53
N GLY A 676 27.85 36.37 0.82
CA GLY A 676 26.52 36.17 0.29
C GLY A 676 26.12 37.19 -0.76
N LEU A 677 27.08 37.89 -1.35
CA LEU A 677 26.78 38.93 -2.32
C LEU A 677 26.27 38.33 -3.62
N SER A 678 25.58 39.16 -4.39
CA SER A 678 25.08 38.77 -5.70
C SER A 678 25.42 39.86 -6.71
N HIS A 679 24.85 39.76 -7.92
CA HIS A 679 25.16 40.75 -8.95
C HIS A 679 24.63 42.13 -8.58
N GLU A 680 23.71 42.20 -7.61
CA GLU A 680 23.12 43.48 -7.24
C GLU A 680 24.14 44.39 -6.56
N CYS A 681 25.04 43.81 -5.77
CA CYS A 681 26.03 44.61 -5.06
C CYS A 681 27.10 45.15 -6.00
N CYS A 682 27.27 44.52 -7.16
CA CYS A 682 28.30 44.94 -8.10
C CYS A 682 28.06 46.35 -8.64
N PHE A 683 26.80 46.78 -8.75
CA PHE A 683 26.52 48.14 -9.15
C PHE A 683 27.11 49.14 -8.16
N ASP A 684 26.86 48.91 -6.87
CA ASP A 684 27.38 49.80 -5.84
C ASP A 684 28.90 49.73 -5.76
N ILE A 685 29.46 48.53 -5.93
CA ILE A 685 30.91 48.40 -5.90
C ILE A 685 31.54 49.14 -7.07
N SER A 686 30.88 49.12 -8.23
CA SER A 686 31.37 49.89 -9.38
C SER A 686 31.28 51.38 -9.11
N LEU A 687 30.21 51.82 -8.45
CA LEU A 687 30.12 53.23 -8.06
C LEU A 687 31.28 53.61 -7.15
N VAL A 688 31.58 52.76 -6.18
CA VAL A 688 32.70 53.02 -5.27
C VAL A 688 34.01 53.10 -6.05
N LEU A 689 34.24 52.13 -6.93
CA LEU A 689 35.48 52.11 -7.72
C LEU A 689 35.61 53.32 -8.61
N SER A 690 34.51 53.86 -9.11
CA SER A 690 34.53 55.08 -9.90
C SER A 690 34.59 56.33 -9.04
N SER A 691 34.35 56.22 -7.73
CA SER A 691 34.37 57.40 -6.86
C SER A 691 35.54 57.36 -5.89
N ASN A 692 35.82 56.20 -5.30
CA ASN A 692 36.88 56.06 -4.29
C ASN A 692 38.21 55.83 -4.99
N GLN A 693 39.12 56.78 -4.85
CA GLN A 693 40.42 56.73 -5.51
C GLN A 693 41.50 56.09 -4.64
N LYS A 694 41.20 55.79 -3.38
CA LYS A 694 42.20 55.22 -2.47
C LYS A 694 42.15 53.70 -2.39
N LEU A 695 41.05 53.08 -2.78
CA LEU A 695 40.95 51.62 -2.73
C LEU A 695 42.02 51.01 -3.63
N VAL A 696 42.74 50.02 -3.09
CA VAL A 696 43.87 49.42 -3.78
C VAL A 696 43.65 47.93 -4.04
N GLU A 697 43.15 47.20 -3.05
CA GLU A 697 42.88 45.78 -3.19
C GLU A 697 41.41 45.50 -2.91
N LEU A 698 40.91 44.42 -3.50
CA LEU A 698 39.51 44.05 -3.35
C LEU A 698 39.38 42.55 -3.58
N ASP A 699 38.64 41.88 -2.69
CA ASP A 699 38.44 40.44 -2.76
C ASP A 699 36.95 40.17 -2.77
N LEU A 700 36.51 39.34 -3.72
CA LEU A 700 35.11 38.97 -3.83
C LEU A 700 34.96 37.46 -4.03
N SER A 701 35.80 36.68 -3.38
CA SER A 701 35.80 35.24 -3.57
C SER A 701 34.52 34.63 -3.01
N ASP A 702 34.06 33.55 -3.64
CA ASP A 702 32.93 32.74 -3.16
C ASP A 702 31.65 33.56 -3.06
N ASN A 703 31.46 34.49 -3.99
CA ASN A 703 30.20 35.21 -4.12
C ASN A 703 29.65 34.98 -5.53
N ALA A 704 28.34 34.72 -5.62
CA ALA A 704 27.71 34.40 -6.89
C ALA A 704 27.44 35.68 -7.69
N LEU A 705 28.53 36.36 -8.06
CA LEU A 705 28.41 37.56 -8.87
C LEU A 705 27.85 37.25 -10.26
N GLY A 706 28.45 36.29 -10.94
CA GLY A 706 27.99 35.89 -12.25
C GLY A 706 28.51 36.78 -13.37
N ASP A 707 28.13 36.40 -14.59
CA ASP A 707 28.54 37.15 -15.77
C ASP A 707 28.00 38.57 -15.73
N PHE A 708 26.74 38.74 -15.35
CA PHE A 708 26.18 40.08 -15.27
C PHE A 708 26.85 40.88 -14.16
N GLY A 709 27.19 40.23 -13.04
CA GLY A 709 27.93 40.92 -12.00
C GLY A 709 29.27 41.43 -12.49
N ILE A 710 29.99 40.62 -13.25
CA ILE A 710 31.27 41.05 -13.79
C ILE A 710 31.07 42.17 -14.81
N ARG A 711 29.99 42.08 -15.59
CA ARG A 711 29.70 43.14 -16.56
C ARG A 711 29.46 44.48 -15.85
N LEU A 712 28.73 44.44 -14.74
CA LEU A 712 28.52 45.66 -13.96
C LEU A 712 29.81 46.15 -13.33
N LEU A 713 30.64 45.23 -12.84
CA LEU A 713 31.89 45.62 -12.17
C LEU A 713 32.85 46.27 -13.14
N CYS A 714 32.94 45.75 -14.37
CA CYS A 714 33.90 46.27 -15.34
C CYS A 714 33.61 47.70 -15.74
N VAL A 715 32.41 48.20 -15.47
CA VAL A 715 32.12 49.62 -15.71
C VAL A 715 32.94 50.49 -14.79
N GLY A 716 32.93 50.17 -13.48
CA GLY A 716 33.79 50.87 -12.55
C GLY A 716 35.26 50.57 -12.76
N LEU A 717 35.57 49.33 -13.12
CA LEU A 717 36.97 48.94 -13.30
C LEU A 717 37.63 49.69 -14.44
N LYS A 718 36.87 50.10 -15.45
CA LYS A 718 37.41 50.81 -16.60
C LYS A 718 37.41 52.32 -16.42
N HIS A 719 36.99 52.82 -15.25
CA HIS A 719 36.95 54.25 -15.03
C HIS A 719 38.36 54.81 -14.89
N LEU A 720 38.48 56.12 -15.11
CA LEU A 720 39.78 56.78 -15.02
C LEU A 720 40.26 56.96 -13.59
N LEU A 721 39.34 56.99 -12.62
CA LEU A 721 39.70 57.19 -11.22
C LEU A 721 39.87 55.88 -10.46
N CYS A 722 39.81 54.74 -11.14
CA CYS A 722 39.96 53.45 -10.49
C CYS A 722 41.44 53.13 -10.33
N ASN A 723 41.90 53.10 -9.07
CA ASN A 723 43.28 52.79 -8.76
C ASN A 723 43.47 51.36 -8.27
N LEU A 724 42.45 50.52 -8.43
CA LEU A 724 42.52 49.15 -7.94
C LEU A 724 43.67 48.41 -8.60
N LYS A 725 44.42 47.66 -7.79
CA LYS A 725 45.58 46.92 -8.26
C LYS A 725 45.39 45.42 -8.24
N LYS A 726 44.86 44.86 -7.16
CA LYS A 726 44.66 43.43 -7.03
C LYS A 726 43.17 43.14 -6.94
N LEU A 727 42.74 42.07 -7.61
CA LEU A 727 41.34 41.68 -7.63
C LEU A 727 41.25 40.16 -7.54
N TRP A 728 40.42 39.68 -6.62
CA TRP A 728 40.16 38.25 -6.46
C TRP A 728 38.74 37.96 -6.92
N LEU A 729 38.59 36.94 -7.76
CA LEU A 729 37.28 36.50 -8.22
C LEU A 729 37.16 34.99 -8.17
N VAL A 730 37.75 34.37 -7.15
CA VAL A 730 37.78 32.92 -7.06
C VAL A 730 36.39 32.40 -6.76
N SER A 731 35.94 31.43 -7.57
CA SER A 731 34.66 30.75 -7.36
C SER A 731 33.50 31.74 -7.33
N CYS A 732 33.45 32.61 -8.34
CA CYS A 732 32.37 33.59 -8.47
C CYS A 732 31.29 33.13 -9.44
N CYS A 733 31.24 31.84 -9.76
CA CYS A 733 30.25 31.28 -10.68
C CYS A 733 30.30 31.97 -12.04
N LEU A 734 31.50 32.26 -12.51
CA LEU A 734 31.68 32.88 -13.81
C LEU A 734 31.71 31.83 -14.91
N THR A 735 31.55 32.29 -16.16
CA THR A 735 31.65 31.44 -17.32
C THR A 735 32.50 32.13 -18.38
N SER A 736 32.50 31.59 -19.60
CA SER A 736 33.26 32.21 -20.68
C SER A 736 32.61 33.49 -21.19
N ALA A 737 31.33 33.72 -20.86
CA ALA A 737 30.65 34.93 -21.33
C ALA A 737 31.29 36.18 -20.74
N CYS A 738 31.60 36.16 -19.44
CA CYS A 738 32.18 37.33 -18.80
C CYS A 738 33.61 37.59 -19.25
N CYS A 739 34.27 36.62 -19.88
CA CYS A 739 35.67 36.77 -20.26
C CYS A 739 35.85 37.89 -21.28
N GLN A 740 34.81 38.18 -22.07
CA GLN A 740 34.91 39.30 -23.01
C GLN A 740 35.03 40.63 -22.29
N ASP A 741 34.49 40.73 -21.07
CA ASP A 741 34.53 41.99 -20.33
C ASP A 741 35.85 42.14 -19.58
N LEU A 742 36.26 41.10 -18.85
CA LEU A 742 37.51 41.17 -18.10
C LEU A 742 38.68 41.53 -18.99
N ALA A 743 38.73 40.96 -20.20
CA ALA A 743 39.80 41.30 -21.14
C ALA A 743 39.80 42.78 -21.45
N SER A 744 38.62 43.37 -21.64
CA SER A 744 38.54 44.81 -21.89
C SER A 744 39.12 45.61 -20.74
N VAL A 745 39.08 45.07 -19.52
CA VAL A 745 39.72 45.73 -18.40
C VAL A 745 41.25 45.65 -18.54
N LEU A 746 41.76 44.50 -18.97
CA LEU A 746 43.21 44.30 -19.01
C LEU A 746 43.88 45.25 -19.99
N SER A 747 43.25 45.48 -21.14
CA SER A 747 43.80 46.41 -22.13
C SER A 747 43.56 47.87 -21.78
N THR A 748 42.72 48.16 -20.79
CA THR A 748 42.36 49.53 -20.45
C THR A 748 42.85 49.95 -19.08
N SER A 749 42.71 49.08 -18.07
CA SER A 749 43.07 49.45 -16.70
C SER A 749 44.57 49.69 -16.60
N HIS A 750 44.94 50.92 -16.25
CA HIS A 750 46.34 51.30 -16.11
C HIS A 750 46.95 50.84 -14.80
N SER A 751 46.17 50.30 -13.87
CA SER A 751 46.65 49.97 -12.54
C SER A 751 46.46 48.50 -12.16
N LEU A 752 45.45 47.83 -12.70
CA LEU A 752 45.20 46.43 -12.34
C LEU A 752 46.36 45.55 -12.78
N THR A 753 47.11 45.02 -11.82
CA THR A 753 48.27 44.18 -12.10
C THR A 753 48.06 42.71 -11.78
N ARG A 754 47.35 42.38 -10.71
CA ARG A 754 47.21 41.02 -10.24
C ARG A 754 45.75 40.61 -10.26
N LEU A 755 45.41 39.66 -11.13
CA LEU A 755 44.04 39.20 -11.30
C LEU A 755 43.97 37.70 -11.03
N TYR A 756 43.04 37.31 -10.15
CA TYR A 756 42.85 35.91 -9.79
C TYR A 756 41.42 35.51 -10.14
N VAL A 757 41.27 34.68 -11.17
CA VAL A 757 39.96 34.26 -11.64
C VAL A 757 39.84 32.74 -11.62
N GLY A 758 40.53 32.11 -10.68
CA GLY A 758 40.51 30.65 -10.61
C GLY A 758 39.17 30.11 -10.15
N GLU A 759 39.06 28.78 -10.21
CA GLU A 759 37.89 28.04 -9.73
C GLU A 759 36.61 28.43 -10.46
N ASN A 760 36.75 29.00 -11.65
CA ASN A 760 35.62 29.36 -12.49
C ASN A 760 35.66 28.55 -13.78
N ALA A 761 34.48 28.26 -14.31
CA ALA A 761 34.37 27.49 -15.55
C ALA A 761 34.61 28.39 -16.76
N LEU A 762 35.78 29.03 -16.75
CA LEU A 762 36.14 29.93 -17.85
C LEU A 762 36.30 29.16 -19.16
N GLY A 763 37.05 28.06 -19.12
CA GLY A 763 37.24 27.23 -20.29
C GLY A 763 38.34 27.73 -21.20
N ASP A 764 38.65 26.90 -22.20
CA ASP A 764 39.71 27.22 -23.15
C ASP A 764 39.36 28.47 -23.95
N SER A 765 38.10 28.61 -24.36
CA SER A 765 37.68 29.80 -25.11
C SER A 765 37.81 31.05 -24.27
N GLY A 766 37.40 30.99 -23.00
CA GLY A 766 37.54 32.14 -22.14
C GLY A 766 38.98 32.53 -21.89
N VAL A 767 39.85 31.54 -21.68
CA VAL A 767 41.26 31.83 -21.49
C VAL A 767 41.87 32.40 -22.75
N ALA A 768 41.43 31.93 -23.92
CA ALA A 768 41.90 32.51 -25.18
C ALA A 768 41.45 33.97 -25.29
N ILE A 769 40.22 34.27 -24.86
CA ILE A 769 39.73 35.65 -24.92
C ILE A 769 40.56 36.54 -23.99
N LEU A 770 40.87 36.04 -22.79
CA LEU A 770 41.75 36.82 -21.90
C LEU A 770 43.13 37.03 -22.52
N CYS A 771 43.70 35.96 -23.11
CA CYS A 771 45.07 36.04 -23.59
C CYS A 771 45.21 36.93 -24.81
N GLU A 772 44.21 36.95 -25.70
CA GLU A 772 44.32 37.75 -26.91
C GLU A 772 44.41 39.24 -26.58
N LYS A 773 43.95 39.62 -25.38
CA LYS A 773 44.18 40.98 -24.90
C LYS A 773 45.39 41.08 -23.99
N ALA A 774 45.77 39.98 -23.32
CA ALA A 774 46.94 40.00 -22.45
C ALA A 774 48.25 39.98 -23.22
N LYS A 775 48.23 39.64 -24.50
CA LYS A 775 49.45 39.64 -25.30
C LYS A 775 50.00 41.04 -25.52
N ASN A 776 49.19 42.07 -25.28
CA ASN A 776 49.62 43.44 -25.55
C ASN A 776 50.82 43.78 -24.68
N PRO A 777 51.92 44.27 -25.27
CA PRO A 777 53.10 44.61 -24.46
C PRO A 777 52.83 45.66 -23.39
N GLN A 778 51.90 46.58 -23.62
CA GLN A 778 51.61 47.62 -22.63
C GLN A 778 50.74 47.14 -21.49
N CYS A 779 50.24 45.90 -21.54
CA CYS A 779 49.45 45.37 -20.44
C CYS A 779 50.29 45.29 -19.17
N ASN A 780 49.72 45.74 -18.06
CA ASN A 780 50.43 45.80 -16.79
C ASN A 780 50.21 44.57 -15.92
N LEU A 781 49.51 43.56 -16.43
CA LEU A 781 49.24 42.36 -15.64
C LEU A 781 50.55 41.67 -15.26
N GLN A 782 50.67 41.33 -13.98
CA GLN A 782 51.86 40.67 -13.45
C GLN A 782 51.58 39.25 -12.97
N LYS A 783 50.60 39.07 -12.09
CA LYS A 783 50.23 37.76 -11.59
C LYS A 783 48.85 37.39 -12.11
N LEU A 784 48.74 36.20 -12.69
CA LEU A 784 47.47 35.70 -13.22
C LEU A 784 47.20 34.34 -12.60
N GLY A 785 45.99 34.17 -12.05
CA GLY A 785 45.59 32.92 -11.44
C GLY A 785 44.49 32.25 -12.24
N LEU A 786 44.70 30.98 -12.56
CA LEU A 786 43.73 30.18 -13.29
C LEU A 786 43.57 28.81 -12.65
N VAL A 787 43.70 28.75 -11.33
CA VAL A 787 43.63 27.49 -10.61
C VAL A 787 42.26 26.84 -10.82
N ASN A 788 42.26 25.58 -11.21
CA ASN A 788 41.04 24.78 -11.33
C ASN A 788 40.02 25.46 -12.24
N SER A 789 40.51 26.08 -13.32
CA SER A 789 39.67 26.83 -14.23
C SER A 789 39.14 25.97 -15.38
N GLY A 790 39.19 24.64 -15.24
CA GLY A 790 38.66 23.76 -16.27
C GLY A 790 39.34 23.90 -17.61
N LEU A 791 40.67 23.88 -17.63
CA LEU A 791 41.44 24.12 -18.84
C LEU A 791 42.00 22.82 -19.40
N THR A 792 42.17 22.81 -20.72
CA THR A 792 42.83 21.73 -21.44
C THR A 792 44.07 22.31 -22.14
N SER A 793 44.73 21.47 -22.92
CA SER A 793 45.92 21.91 -23.64
C SER A 793 45.61 22.89 -24.76
N VAL A 794 44.36 22.95 -25.22
CA VAL A 794 44.02 23.77 -26.38
C VAL A 794 44.36 25.22 -26.14
N CYS A 795 44.01 25.74 -24.96
CA CYS A 795 44.31 27.12 -24.63
C CYS A 795 45.78 27.36 -24.33
N CYS A 796 46.55 26.30 -24.07
CA CYS A 796 47.93 26.48 -23.61
C CYS A 796 48.76 27.27 -24.61
N SER A 797 48.63 26.95 -25.90
CA SER A 797 49.33 27.71 -26.94
C SER A 797 49.06 29.20 -26.79
N ALA A 798 47.79 29.57 -26.59
CA ALA A 798 47.46 30.98 -26.39
C ALA A 798 48.23 31.55 -25.22
N LEU A 799 48.24 30.84 -24.08
CA LEU A 799 49.03 31.29 -22.94
C LEU A 799 50.49 31.46 -23.34
N SER A 800 51.02 30.51 -24.11
CA SER A 800 52.39 30.61 -24.57
C SER A 800 52.64 31.95 -25.26
N SER A 801 51.69 32.39 -26.10
CA SER A 801 51.87 33.66 -26.79
C SER A 801 52.05 34.80 -25.80
N VAL A 802 51.24 34.83 -24.75
CA VAL A 802 51.41 35.85 -23.71
C VAL A 802 52.80 35.75 -23.12
N LEU A 803 53.25 34.54 -22.81
CA LEU A 803 54.58 34.36 -22.24
C LEU A 803 55.65 34.87 -23.17
N SER A 804 55.40 34.85 -24.48
CA SER A 804 56.37 35.36 -25.43
C SER A 804 56.31 36.87 -25.57
N THR A 805 55.15 37.47 -25.30
CA THR A 805 54.93 38.88 -25.61
C THR A 805 54.89 39.78 -24.38
N ASN A 806 54.22 39.35 -23.31
CA ASN A 806 54.06 40.20 -22.14
C ASN A 806 55.32 40.15 -21.29
N GLN A 807 56.00 41.30 -21.17
CA GLN A 807 57.20 41.39 -20.36
C GLN A 807 56.91 41.55 -18.87
N ASN A 808 55.65 41.74 -18.49
CA ASN A 808 55.29 42.02 -17.11
C ASN A 808 54.81 40.80 -16.35
N LEU A 809 54.33 39.76 -17.03
CA LEU A 809 53.82 38.57 -16.36
C LEU A 809 54.95 37.85 -15.65
N THR A 810 54.98 37.92 -14.32
CA THR A 810 56.00 37.25 -13.53
C THR A 810 55.51 35.98 -12.86
N HIS A 811 54.21 35.86 -12.59
CA HIS A 811 53.66 34.69 -11.94
C HIS A 811 52.52 34.14 -12.78
N LEU A 812 52.26 32.84 -12.63
CA LEU A 812 51.17 32.20 -13.35
C LEU A 812 50.84 30.90 -12.64
N TYR A 813 49.62 30.79 -12.11
CA TYR A 813 49.17 29.62 -11.38
C TYR A 813 48.20 28.82 -12.25
N LEU A 814 48.51 27.55 -12.47
CA LEU A 814 47.69 26.69 -13.31
C LEU A 814 47.31 25.39 -12.60
N ARG A 815 47.34 25.39 -11.27
CA ARG A 815 47.03 24.19 -10.51
C ARG A 815 45.63 23.69 -10.81
N GLY A 816 45.50 22.36 -10.94
CA GLY A 816 44.21 21.74 -11.12
C GLY A 816 43.70 21.65 -12.55
N ASN A 817 44.42 22.20 -13.51
CA ASN A 817 44.00 22.17 -14.90
C ASN A 817 44.69 21.01 -15.62
N THR A 818 43.89 20.18 -16.29
CA THR A 818 44.40 18.99 -16.98
C THR A 818 45.05 19.42 -18.30
N LEU A 819 46.21 20.07 -18.17
CA LEU A 819 46.93 20.53 -19.35
C LEU A 819 47.51 19.35 -20.14
N GLY A 820 48.17 18.43 -19.45
CA GLY A 820 48.78 17.29 -20.10
C GLY A 820 50.19 17.59 -20.61
N ASP A 821 50.85 16.53 -21.08
CA ASP A 821 52.22 16.66 -21.56
C ASP A 821 52.29 17.55 -22.80
N LYS A 822 51.29 17.43 -23.70
CA LYS A 822 51.25 18.30 -24.86
C LYS A 822 51.07 19.75 -24.47
N GLY A 823 50.22 20.01 -23.47
CA GLY A 823 50.07 21.36 -22.97
C GLY A 823 51.35 21.91 -22.36
N ILE A 824 52.07 21.07 -21.61
CA ILE A 824 53.34 21.49 -21.03
C ILE A 824 54.35 21.81 -22.12
N LYS A 825 54.38 20.99 -23.17
CA LYS A 825 55.28 21.27 -24.29
C LYS A 825 54.92 22.58 -24.96
N LEU A 826 53.63 22.83 -25.17
CA LEU A 826 53.19 24.09 -25.78
C LEU A 826 53.58 25.27 -24.91
N LEU A 827 53.43 25.15 -23.59
CA LEU A 827 53.85 26.22 -22.69
C LEU A 827 55.36 26.44 -22.75
N CYS A 828 56.13 25.35 -22.65
CA CYS A 828 57.58 25.45 -22.68
C CYS A 828 58.07 26.03 -24.00
N GLU A 829 57.29 25.91 -25.07
CA GLU A 829 57.57 26.67 -26.28
C GLU A 829 57.62 28.17 -25.99
N GLY A 830 56.86 28.62 -25.00
CA GLY A 830 56.81 30.02 -24.65
C GLY A 830 57.74 30.43 -23.52
N LEU A 831 57.85 29.61 -22.48
CA LEU A 831 58.77 29.95 -21.39
C LEU A 831 60.22 29.98 -21.85
N LEU A 832 60.56 29.21 -22.88
CA LEU A 832 61.93 29.20 -23.40
C LEU A 832 62.23 30.40 -24.28
N HIS A 833 61.25 31.24 -24.56
CA HIS A 833 61.49 32.43 -25.36
C HIS A 833 62.44 33.36 -24.62
N PRO A 834 63.35 34.04 -25.34
CA PRO A 834 64.28 34.95 -24.65
C PRO A 834 63.60 36.07 -23.89
N ASP A 835 62.47 36.56 -24.37
CA ASP A 835 61.80 37.70 -23.77
C ASP A 835 60.90 37.33 -22.60
N CYS A 836 60.69 36.05 -22.34
CA CYS A 836 59.83 35.64 -21.24
C CYS A 836 60.49 36.01 -19.91
N LYS A 837 59.70 36.61 -19.01
CA LYS A 837 60.19 37.05 -17.71
C LYS A 837 59.45 36.40 -16.54
N LEU A 838 58.82 35.24 -16.76
CA LEU A 838 58.12 34.57 -15.68
C LEU A 838 59.09 34.17 -14.59
N GLN A 839 58.63 34.24 -13.34
CA GLN A 839 59.44 33.90 -12.18
C GLN A 839 58.87 32.77 -11.35
N VAL A 840 57.56 32.64 -11.25
CA VAL A 840 56.91 31.57 -10.48
C VAL A 840 55.87 30.91 -11.36
N LEU A 841 55.89 29.58 -11.40
CA LEU A 841 54.92 28.80 -12.16
C LEU A 841 54.47 27.62 -11.33
N GLU A 842 53.16 27.42 -11.25
CA GLU A 842 52.59 26.29 -10.52
C GLU A 842 51.90 25.37 -11.51
N LEU A 843 52.10 24.05 -11.33
CA LEU A 843 51.50 23.06 -12.21
C LEU A 843 50.99 21.86 -11.42
N ASP A 844 50.63 22.06 -10.15
CA ASP A 844 50.16 20.97 -9.33
C ASP A 844 48.88 20.37 -9.90
N ASN A 845 48.78 19.05 -9.82
CA ASN A 845 47.58 18.32 -10.21
C ASN A 845 47.18 18.62 -11.64
N CYS A 846 48.17 18.85 -12.50
CA CYS A 846 47.94 19.15 -13.90
C CYS A 846 47.85 17.90 -14.77
N ASN A 847 47.81 16.72 -14.16
CA ASN A 847 47.75 15.45 -14.89
C ASN A 847 48.97 15.32 -15.82
N LEU A 848 50.14 15.25 -15.20
CA LEU A 848 51.40 15.19 -15.91
C LEU A 848 52.09 13.86 -15.62
N THR A 849 52.49 13.17 -16.69
CA THR A 849 53.16 11.88 -16.59
C THR A 849 54.66 12.06 -16.80
N SER A 850 55.38 10.94 -16.88
CA SER A 850 56.82 10.98 -17.08
C SER A 850 57.21 11.51 -18.45
N HIS A 851 56.31 11.43 -19.44
CA HIS A 851 56.66 11.81 -20.81
C HIS A 851 57.14 13.25 -20.89
N CYS A 852 56.53 14.14 -20.12
CA CYS A 852 56.89 15.56 -20.15
C CYS A 852 58.14 15.87 -19.33
N CYS A 853 58.65 14.91 -18.55
CA CYS A 853 59.75 15.20 -17.65
C CYS A 853 60.98 15.72 -18.38
N TRP A 854 61.16 15.32 -19.64
CA TRP A 854 62.28 15.84 -20.43
C TRP A 854 62.08 17.32 -20.74
N ASP A 855 60.87 17.70 -21.14
CA ASP A 855 60.60 19.07 -21.56
C ASP A 855 60.97 20.06 -20.46
N LEU A 856 60.45 19.84 -19.25
CA LEU A 856 60.77 20.73 -18.14
C LEU A 856 62.26 20.76 -17.88
N SER A 857 62.95 19.63 -18.08
CA SER A 857 64.40 19.62 -17.92
C SER A 857 65.04 20.59 -18.90
N THR A 858 64.58 20.59 -20.16
CA THR A 858 65.08 21.57 -21.12
C THR A 858 64.81 22.98 -20.64
N LEU A 859 63.70 23.19 -19.92
CA LEU A 859 63.43 24.49 -19.32
C LEU A 859 64.48 24.86 -18.30
N LEU A 860 64.85 23.90 -17.44
CA LEU A 860 65.68 24.22 -16.28
C LEU A 860 67.04 24.77 -16.69
N THR A 861 67.64 24.18 -17.72
CA THR A 861 68.95 24.65 -18.17
C THR A 861 68.85 25.96 -18.96
N SER A 862 67.66 26.27 -19.48
CA SER A 862 67.54 27.38 -20.42
C SER A 862 66.81 28.60 -19.85
N SER A 863 65.88 28.42 -18.92
CA SER A 863 65.13 29.55 -18.39
C SER A 863 66.02 30.38 -17.48
N GLN A 864 66.32 31.60 -17.90
CA GLN A 864 67.19 32.50 -17.15
C GLN A 864 66.43 33.38 -16.17
N SER A 865 65.11 33.28 -16.11
CA SER A 865 64.29 34.13 -15.25
C SER A 865 63.49 33.37 -14.21
N LEU A 866 63.07 32.14 -14.51
CA LEU A 866 62.25 31.37 -13.58
C LEU A 866 63.00 31.14 -12.27
N ARG A 867 62.27 31.23 -11.15
CA ARG A 867 62.87 31.07 -9.83
C ARG A 867 62.14 30.01 -9.02
N LYS A 868 60.85 29.83 -9.27
CA LYS A 868 60.04 28.88 -8.52
C LYS A 868 59.23 28.04 -9.48
N LEU A 869 58.98 26.79 -9.08
CA LEU A 869 58.22 25.86 -9.90
C LEU A 869 57.66 24.77 -8.99
N SER A 870 56.35 24.59 -9.01
CA SER A 870 55.68 23.60 -8.19
C SER A 870 55.07 22.52 -9.07
N LEU A 871 55.31 21.25 -8.70
CA LEU A 871 54.89 20.14 -9.55
C LEU A 871 54.27 18.99 -8.77
N GLY A 872 53.66 19.26 -7.62
CA GLY A 872 53.06 18.19 -6.83
C GLY A 872 51.85 17.58 -7.52
N ASN A 873 51.31 16.56 -6.87
CA ASN A 873 50.10 15.86 -7.33
C ASN A 873 50.25 15.35 -8.76
N ASN A 874 51.39 14.74 -9.06
CA ASN A 874 51.66 14.20 -10.38
C ASN A 874 52.28 12.82 -10.27
N ASP A 875 52.10 12.00 -11.30
CA ASP A 875 52.82 10.74 -11.43
C ASP A 875 54.00 10.94 -12.37
N LEU A 876 54.95 11.76 -11.92
CA LEU A 876 56.10 12.10 -12.75
C LEU A 876 57.05 10.93 -12.93
N GLY A 877 57.13 10.04 -11.95
CA GLY A 877 57.99 8.88 -12.09
C GLY A 877 59.40 9.11 -11.56
N ASP A 878 60.06 8.01 -11.22
CA ASP A 878 61.39 8.10 -10.61
C ASP A 878 62.44 8.53 -11.63
N LEU A 879 62.28 8.11 -12.89
CA LEU A 879 63.21 8.52 -13.93
C LEU A 879 63.13 10.03 -14.17
N GLY A 880 61.93 10.59 -14.04
CA GLY A 880 61.79 12.04 -14.20
C GLY A 880 62.53 12.82 -13.12
N VAL A 881 62.40 12.39 -11.86
CA VAL A 881 63.10 13.10 -10.79
C VAL A 881 64.60 12.86 -10.89
N MET A 882 65.03 11.69 -11.37
CA MET A 882 66.44 11.47 -11.65
C MET A 882 66.95 12.44 -12.71
N MET A 883 66.18 12.64 -13.79
CA MET A 883 66.59 13.59 -14.82
C MET A 883 66.65 15.00 -14.25
N PHE A 884 65.66 15.37 -13.43
CA PHE A 884 65.66 16.69 -12.81
C PHE A 884 66.89 16.89 -11.92
N CYS A 885 67.22 15.89 -11.10
CA CYS A 885 68.37 16.00 -10.21
C CYS A 885 69.67 16.06 -11.00
N GLU A 886 69.77 15.29 -12.09
CA GLU A 886 70.95 15.37 -12.94
C GLU A 886 71.10 16.75 -13.56
N VAL A 887 69.98 17.35 -13.95
CA VAL A 887 70.02 18.71 -14.52
C VAL A 887 70.40 19.72 -13.45
N LEU A 888 69.89 19.55 -12.23
CA LEU A 888 70.00 20.61 -11.22
C LEU A 888 71.41 20.72 -10.65
N LYS A 889 72.19 19.64 -10.69
CA LYS A 889 73.53 19.69 -10.10
C LYS A 889 74.47 20.60 -10.87
N GLN A 890 74.10 21.02 -12.07
CA GLN A 890 74.87 22.01 -12.80
C GLN A 890 74.76 23.38 -12.13
N GLN A 891 75.77 24.22 -12.37
CA GLN A 891 75.78 25.55 -11.80
C GLN A 891 74.94 26.53 -12.62
N SER A 892 74.56 26.16 -13.85
CA SER A 892 73.81 27.05 -14.72
C SER A 892 72.35 27.20 -14.30
N CYS A 893 71.88 26.43 -13.33
CA CYS A 893 70.48 26.50 -12.92
C CYS A 893 70.29 27.66 -11.96
N LEU A 894 69.43 28.60 -12.34
CA LEU A 894 69.07 29.74 -11.49
C LEU A 894 67.82 29.47 -10.65
N LEU A 895 67.22 28.29 -10.79
CA LEU A 895 66.03 27.96 -10.02
C LEU A 895 66.37 27.86 -8.53
N GLN A 896 65.36 28.15 -7.69
CA GLN A 896 65.55 28.11 -6.26
C GLN A 896 64.54 27.24 -5.51
N ASN A 897 63.47 26.78 -6.14
CA ASN A 897 62.47 25.97 -5.45
C ASN A 897 61.80 25.02 -6.42
N LEU A 898 61.60 23.78 -5.97
CA LEU A 898 60.74 22.82 -6.65
C LEU A 898 59.79 22.19 -5.64
N GLY A 899 58.51 22.18 -5.99
CA GLY A 899 57.51 21.57 -5.14
C GLY A 899 57.14 20.18 -5.62
N LEU A 900 57.71 19.16 -4.98
CA LEU A 900 57.42 17.77 -5.31
C LEU A 900 56.64 17.08 -4.20
N SER A 901 55.97 17.85 -3.35
CA SER A 901 55.20 17.28 -2.26
C SER A 901 54.02 16.47 -2.79
N GLU A 902 53.56 15.54 -1.96
CA GLU A 902 52.47 14.62 -2.29
C GLU A 902 52.83 13.71 -3.46
N MET A 903 54.09 13.75 -3.90
CA MET A 903 54.60 12.85 -4.92
C MET A 903 55.48 11.81 -4.24
N TYR A 904 55.18 10.54 -4.45
CA TYR A 904 55.72 9.45 -3.65
C TYR A 904 56.83 8.76 -4.42
N PHE A 905 58.00 8.65 -3.79
CA PHE A 905 59.21 8.15 -4.43
C PHE A 905 59.87 7.11 -3.54
N ASN A 906 60.67 6.24 -4.15
CA ASN A 906 61.35 5.18 -3.43
C ASN A 906 62.62 5.71 -2.77
N TYR A 907 63.26 4.84 -1.99
CA TYR A 907 64.34 5.29 -1.10
C TYR A 907 65.57 5.78 -1.86
N GLU A 908 65.87 5.18 -3.01
CA GLU A 908 67.00 5.68 -3.80
C GLU A 908 66.76 7.11 -4.26
N THR A 909 65.56 7.37 -4.78
CA THR A 909 65.19 8.72 -5.18
C THR A 909 65.18 9.68 -4.00
N LYS A 910 64.68 9.22 -2.85
CA LYS A 910 64.74 10.04 -1.65
C LYS A 910 66.18 10.45 -1.35
N SER A 911 67.07 9.47 -1.22
CA SER A 911 68.45 9.74 -0.84
C SER A 911 69.11 10.66 -1.85
N ALA A 912 68.82 10.47 -3.13
CA ALA A 912 69.31 11.41 -4.13
C ALA A 912 68.78 12.82 -3.87
N LEU A 913 67.51 12.92 -3.46
CA LEU A 913 66.94 14.25 -3.19
C LEU A 913 67.63 14.94 -2.03
N GLU A 914 67.91 14.23 -0.94
CA GLU A 914 68.67 14.89 0.13
C GLU A 914 70.07 15.24 -0.36
N THR A 915 70.78 14.31 -0.99
CA THR A 915 72.13 14.62 -1.44
C THR A 915 72.15 15.88 -2.30
N LEU A 916 71.09 16.08 -3.09
CA LEU A 916 70.97 17.32 -3.85
C LEU A 916 70.67 18.52 -2.95
N GLN A 917 69.82 18.33 -1.93
CA GLN A 917 69.37 19.48 -1.14
C GLN A 917 70.48 20.01 -0.23
N GLU A 918 71.25 19.12 0.40
CA GLU A 918 72.46 19.56 1.08
C GLU A 918 73.61 19.85 0.11
N GLU A 919 73.52 19.37 -1.12
CA GLU A 919 74.53 19.73 -2.11
C GLU A 919 74.40 21.19 -2.53
N LYS A 920 73.17 21.66 -2.73
CA LYS A 920 72.88 23.03 -3.12
C LYS A 920 72.00 23.67 -2.05
N PRO A 921 72.61 24.40 -1.11
CA PRO A 921 71.80 25.02 -0.04
C PRO A 921 70.78 26.03 -0.54
N GLU A 922 71.09 26.77 -1.61
CA GLU A 922 70.19 27.82 -2.07
C GLU A 922 68.96 27.26 -2.79
N LEU A 923 69.00 26.00 -3.22
CA LEU A 923 67.90 25.38 -3.94
C LEU A 923 67.16 24.48 -2.95
N THR A 924 65.85 24.70 -2.80
CA THR A 924 65.04 23.98 -1.84
C THR A 924 64.03 23.10 -2.56
N VAL A 925 63.94 21.84 -2.15
CA VAL A 925 62.96 20.90 -2.67
C VAL A 925 62.17 20.32 -1.51
N VAL A 926 60.85 20.29 -1.65
CA VAL A 926 59.96 19.73 -0.64
C VAL A 926 59.48 18.38 -1.14
N PHE A 927 59.77 17.32 -0.38
CA PHE A 927 59.42 15.96 -0.75
C PHE A 927 59.02 15.13 0.46
N GLU A 928 58.48 15.77 1.49
CA GLU A 928 58.22 15.08 2.74
C GLU A 928 57.21 13.96 2.54
N PRO A 929 57.40 12.81 3.19
CA PRO A 929 56.47 11.67 3.10
C PRO A 929 55.24 11.85 3.99
N ASP B 30 41.70 15.98 2.82
CA ASP B 30 41.52 14.91 3.79
C ASP B 30 42.63 13.87 3.67
N TYR B 31 42.98 13.24 4.79
CA TYR B 31 44.04 12.24 4.79
C TYR B 31 43.61 10.99 4.03
N ARG B 32 42.30 10.79 3.86
CA ARG B 32 41.83 9.62 3.12
C ARG B 32 42.32 9.65 1.68
N LYS B 33 42.19 10.79 1.01
CA LYS B 33 42.66 10.90 -0.36
C LYS B 33 44.18 10.84 -0.44
N LYS B 34 44.88 11.36 0.58
CA LYS B 34 46.33 11.24 0.62
C LYS B 34 46.75 9.78 0.66
N TYR B 35 46.12 8.98 1.52
CA TYR B 35 46.43 7.56 1.62
C TYR B 35 46.05 6.83 0.33
N ARG B 36 44.92 7.20 -0.28
CA ARG B 36 44.53 6.60 -1.54
C ARG B 36 45.57 6.86 -2.62
N LYS B 37 46.04 8.10 -2.72
CA LYS B 37 47.09 8.43 -3.68
C LYS B 37 48.37 7.66 -3.37
N TYR B 38 48.69 7.51 -2.08
CA TYR B 38 49.90 6.78 -1.71
C TYR B 38 49.83 5.33 -2.16
N VAL B 39 48.72 4.65 -1.89
CA VAL B 39 48.61 3.24 -2.28
C VAL B 39 48.51 3.11 -3.79
N ARG B 40 47.87 4.06 -4.45
CA ARG B 40 47.80 4.03 -5.91
C ARG B 40 49.17 4.17 -6.53
N SER B 41 50.01 5.04 -5.97
CA SER B 41 51.38 5.19 -6.47
C SER B 41 52.20 3.95 -6.16
N ARG B 42 52.02 3.37 -4.97
CA ARG B 42 52.84 2.24 -4.57
C ARG B 42 52.52 0.99 -5.38
N PHE B 43 51.23 0.74 -5.62
CA PHE B 43 50.79 -0.49 -6.27
C PHE B 43 50.52 -0.30 -7.76
N GLN B 44 50.97 0.81 -8.35
CA GLN B 44 50.78 1.01 -9.78
C GLN B 44 51.53 -0.03 -10.60
N CYS B 45 52.75 -0.35 -10.19
CA CYS B 45 53.60 -1.30 -10.90
C CYS B 45 53.93 -2.48 -10.01
N ILE B 46 54.33 -3.58 -10.65
CA ILE B 46 54.68 -4.80 -9.95
C ILE B 46 56.19 -5.04 -10.01
N SER B 56 60.08 -1.08 -14.35
CA SER B 56 58.89 -1.81 -13.90
C SER B 56 57.83 -1.85 -15.01
N VAL B 57 56.77 -2.61 -14.76
CA VAL B 57 55.68 -2.75 -15.72
C VAL B 57 54.36 -2.44 -15.03
N SER B 58 53.43 -1.89 -15.80
CA SER B 58 52.15 -1.48 -15.25
C SER B 58 51.30 -2.68 -14.88
N LEU B 59 50.74 -2.65 -13.66
CA LEU B 59 49.86 -3.73 -13.22
C LEU B 59 48.59 -3.80 -14.08
N ASN B 60 48.02 -2.64 -14.41
CA ASN B 60 46.80 -2.64 -15.22
C ASN B 60 47.04 -3.23 -16.59
N LYS B 61 48.18 -2.92 -17.20
CA LYS B 61 48.54 -3.53 -18.48
C LYS B 61 48.79 -5.02 -18.33
N ARG B 62 49.45 -5.42 -17.24
CA ARG B 62 49.82 -6.81 -17.04
C ARG B 62 48.66 -7.68 -16.59
N TYR B 63 47.71 -7.13 -15.84
CA TYR B 63 46.69 -7.94 -15.18
C TYR B 63 45.82 -8.69 -16.18
N THR B 64 45.56 -9.96 -15.86
CA THR B 64 44.64 -10.80 -16.61
C THR B 64 43.66 -11.44 -15.64
N ARG B 65 42.40 -11.51 -16.02
CA ARG B 65 41.35 -11.96 -15.11
C ARG B 65 41.55 -13.42 -14.75
N LEU B 66 41.32 -13.75 -13.47
CA LEU B 66 41.43 -15.10 -12.96
C LEU B 66 40.05 -15.68 -12.71
N ARG B 67 39.99 -17.02 -12.67
CA ARG B 67 38.74 -17.73 -12.42
C ARG B 67 38.53 -17.85 -10.91
N LEU B 68 37.47 -17.21 -10.41
CA LEU B 68 37.13 -17.24 -8.99
C LEU B 68 35.80 -17.94 -8.81
N ILE B 69 35.76 -18.93 -7.92
CA ILE B 69 34.55 -19.70 -7.66
C ILE B 69 34.35 -19.87 -6.16
N LYS B 70 33.09 -19.81 -5.75
CA LYS B 70 32.73 -20.12 -4.37
C LYS B 70 32.95 -21.60 -4.10
N GLU B 71 33.37 -21.91 -2.88
CA GLU B 71 33.69 -23.28 -2.48
C GLU B 71 32.63 -23.95 -1.65
N HIS B 72 32.28 -23.38 -0.50
CA HIS B 72 31.48 -24.08 0.50
C HIS B 72 30.04 -24.18 0.02
N ARG B 73 29.54 -25.41 -0.04
CA ARG B 73 28.22 -25.68 -0.58
C ARG B 73 27.39 -26.44 0.46
N SER B 74 26.11 -26.11 0.53
CA SER B 74 25.21 -26.72 1.50
C SER B 74 24.61 -28.01 0.93
N PRO B 97 30.14 -17.59 -11.43
CA PRO B 97 31.32 -16.88 -10.91
C PRO B 97 30.99 -15.96 -9.75
N ILE B 98 32.01 -15.47 -9.06
CA ILE B 98 31.85 -14.59 -7.91
C ILE B 98 32.63 -13.31 -8.18
N LYS B 99 31.99 -12.17 -7.93
CA LYS B 99 32.62 -10.86 -8.07
C LYS B 99 32.89 -10.27 -6.69
N MET B 100 33.92 -9.42 -6.61
CA MET B 100 34.36 -8.88 -5.33
C MET B 100 33.26 -8.05 -4.67
N GLU B 101 32.53 -7.27 -5.48
CA GLU B 101 31.45 -6.46 -4.94
C GLU B 101 30.43 -7.32 -4.22
N LEU B 102 29.99 -8.41 -4.86
CA LEU B 102 29.10 -9.34 -4.17
C LEU B 102 29.86 -10.22 -3.19
N LEU B 103 31.18 -10.36 -3.37
CA LEU B 103 31.97 -11.17 -2.46
C LEU B 103 31.92 -10.61 -1.04
N PHE B 104 32.11 -9.30 -0.89
CA PHE B 104 31.97 -8.73 0.45
C PHE B 104 30.51 -8.52 0.82
N ASP B 105 29.61 -8.49 -0.16
CA ASP B 105 28.20 -8.39 0.14
C ASP B 105 27.70 -9.68 0.79
N PRO B 106 26.80 -9.59 1.77
CA PRO B 106 26.29 -10.79 2.42
C PRO B 106 25.23 -11.47 1.56
N ASP B 107 25.41 -12.77 1.31
CA ASP B 107 24.40 -13.52 0.58
C ASP B 107 23.09 -13.56 1.37
N ASP B 108 23.17 -13.81 2.66
CA ASP B 108 22.02 -13.75 3.57
C ASP B 108 22.36 -12.82 4.72
N GLU B 109 21.46 -11.87 5.00
CA GLU B 109 21.68 -10.96 6.13
C GLU B 109 21.65 -11.69 7.46
N HIS B 110 21.04 -12.88 7.52
CA HIS B 110 21.03 -13.67 8.74
C HIS B 110 22.35 -14.37 8.99
N SER B 111 23.25 -14.38 8.00
CA SER B 111 24.50 -15.12 8.13
C SER B 111 25.42 -14.46 9.15
N GLU B 112 26.12 -15.30 9.95
CA GLU B 112 27.18 -14.92 10.87
C GLU B 112 28.36 -14.37 10.07
N PRO B 113 29.28 -13.62 10.71
CA PRO B 113 29.94 -12.50 10.02
C PRO B 113 30.51 -12.80 8.64
N VAL B 114 29.95 -12.12 7.65
CA VAL B 114 30.36 -12.28 6.25
C VAL B 114 31.76 -11.73 6.03
N HIS B 115 32.12 -10.65 6.72
CA HIS B 115 33.30 -9.87 6.35
C HIS B 115 34.60 -10.66 6.46
N THR B 116 34.58 -11.90 6.94
CA THR B 116 35.76 -12.76 6.92
C THR B 116 35.75 -13.55 5.61
N VAL B 117 36.74 -13.31 4.77
CA VAL B 117 36.85 -13.95 3.46
C VAL B 117 38.24 -14.57 3.35
N VAL B 118 38.29 -15.81 2.91
CA VAL B 118 39.54 -16.54 2.76
C VAL B 118 39.72 -16.97 1.31
N PHE B 119 40.82 -16.55 0.70
CA PHE B 119 41.15 -16.91 -0.67
C PHE B 119 42.11 -18.10 -0.68
N GLN B 120 41.83 -19.06 -1.55
CA GLN B 120 42.53 -20.33 -1.56
C GLN B 120 43.22 -20.47 -2.91
N GLY B 121 44.52 -20.75 -2.91
CA GLY B 121 45.24 -20.88 -4.16
C GLY B 121 46.52 -21.66 -4.01
N ALA B 122 46.98 -22.19 -5.14
CA ALA B 122 48.26 -22.86 -5.21
C ALA B 122 49.39 -21.83 -5.19
N ALA B 123 50.62 -22.33 -5.11
CA ALA B 123 51.78 -21.45 -5.19
C ALA B 123 51.87 -20.83 -6.58
N GLY B 124 51.87 -19.51 -6.65
CA GLY B 124 51.96 -18.83 -7.91
C GLY B 124 50.67 -18.68 -8.67
N ILE B 125 49.52 -18.97 -8.04
CA ILE B 125 48.25 -18.86 -8.74
C ILE B 125 47.84 -17.39 -8.91
N GLY B 126 48.41 -16.50 -8.11
CA GLY B 126 48.12 -15.08 -8.25
C GLY B 126 47.31 -14.50 -7.12
N LYS B 127 47.52 -14.99 -5.90
CA LYS B 127 46.84 -14.41 -4.75
C LYS B 127 47.39 -13.02 -4.42
N THR B 128 48.72 -12.88 -4.39
CA THR B 128 49.33 -11.59 -4.13
C THR B 128 48.98 -10.58 -5.22
N ILE B 129 49.06 -11.01 -6.48
CA ILE B 129 48.70 -10.12 -7.58
C ILE B 129 47.23 -9.74 -7.50
N LEU B 130 46.38 -10.69 -7.10
CA LEU B 130 44.96 -10.36 -6.96
C LEU B 130 44.72 -9.32 -5.88
N ALA B 131 45.37 -9.46 -4.73
CA ALA B 131 45.21 -8.47 -3.66
C ALA B 131 45.74 -7.11 -4.09
N ARG B 132 46.89 -7.08 -4.76
CA ARG B 132 47.44 -5.82 -5.21
C ARG B 132 46.55 -5.16 -6.26
N LYS B 133 45.95 -5.96 -7.14
CA LYS B 133 45.01 -5.42 -8.11
C LYS B 133 43.75 -4.89 -7.44
N MET B 134 43.29 -5.56 -6.38
CA MET B 134 42.15 -5.03 -5.63
C MET B 134 42.47 -3.67 -5.02
N MET B 135 43.66 -3.53 -4.43
CA MET B 135 44.04 -2.22 -3.90
C MET B 135 44.16 -1.17 -5.00
N LEU B 136 44.75 -1.55 -6.13
CA LEU B 136 44.89 -0.59 -7.23
C LEU B 136 43.53 -0.13 -7.74
N ASP B 137 42.58 -1.05 -7.87
CA ASP B 137 41.24 -0.69 -8.33
C ASP B 137 40.51 0.15 -7.30
N TRP B 138 40.65 -0.19 -6.01
CA TRP B 138 40.00 0.57 -4.96
C TRP B 138 40.53 1.99 -4.88
N ALA B 139 41.85 2.16 -5.03
CA ALA B 139 42.44 3.50 -5.01
C ALA B 139 42.07 4.28 -6.26
N SER B 140 42.08 3.62 -7.42
CA SER B 140 41.78 4.30 -8.68
C SER B 140 40.31 4.68 -8.79
N GLY B 141 39.45 4.17 -7.92
CA GLY B 141 38.05 4.55 -7.94
C GLY B 141 37.15 3.56 -8.65
N THR B 142 37.30 2.28 -8.35
CA THR B 142 36.50 1.25 -9.00
C THR B 142 35.85 0.26 -8.04
N LEU B 143 36.43 0.02 -6.87
CA LEU B 143 35.92 -0.98 -5.94
C LEU B 143 35.45 -0.29 -4.66
N TYR B 144 34.16 -0.42 -4.37
CA TYR B 144 33.52 0.14 -3.18
C TYR B 144 33.85 1.63 -3.02
N GLN B 145 33.51 2.38 -4.07
CA GLN B 145 33.51 3.83 -3.95
C GLN B 145 32.25 4.32 -3.25
N ASP B 146 31.26 3.44 -3.08
CA ASP B 146 30.05 3.79 -2.34
C ASP B 146 30.41 4.27 -0.94
N ARG B 147 30.87 3.34 -0.10
CA ARG B 147 31.54 3.71 1.15
C ARG B 147 32.32 2.53 1.67
N PHE B 148 33.65 2.65 1.68
CA PHE B 148 34.51 1.74 2.43
C PHE B 148 35.84 2.44 2.60
N ASP B 149 36.18 2.80 3.85
CA ASP B 149 37.22 3.79 4.10
C ASP B 149 38.62 3.34 3.72
N TYR B 150 39.14 2.29 4.37
CA TYR B 150 40.56 1.97 4.26
C TYR B 150 40.78 0.48 4.01
N LEU B 151 41.85 0.19 3.28
CA LEU B 151 42.36 -1.16 3.08
C LEU B 151 43.82 -1.19 3.51
N PHE B 152 44.17 -2.12 4.39
CA PHE B 152 45.53 -2.23 4.90
C PHE B 152 46.14 -3.54 4.41
N TYR B 153 47.30 -3.44 3.76
CA TYR B 153 47.96 -4.59 3.13
C TYR B 153 48.97 -5.17 4.12
N ILE B 154 48.53 -6.16 4.90
CA ILE B 154 49.41 -6.84 5.84
C ILE B 154 50.08 -7.98 5.08
N HIS B 155 51.29 -7.73 4.57
CA HIS B 155 52.08 -8.75 3.90
C HIS B 155 52.78 -9.56 4.97
N CYS B 156 52.37 -10.83 5.12
CA CYS B 156 52.85 -11.65 6.23
C CYS B 156 54.33 -11.99 6.13
N ARG B 157 54.97 -11.76 4.99
CA ARG B 157 56.42 -11.91 4.92
C ARG B 157 57.11 -10.92 5.83
N GLU B 158 56.59 -9.69 5.91
CA GLU B 158 57.15 -8.68 6.80
C GLU B 158 56.83 -8.96 8.26
N VAL B 159 55.63 -9.49 8.54
CA VAL B 159 55.23 -9.75 9.91
C VAL B 159 56.04 -10.92 10.47
N SER B 160 56.59 -10.74 11.66
CA SER B 160 57.35 -11.78 12.34
C SER B 160 56.81 -11.95 13.75
N LEU B 161 56.99 -13.16 14.31
CA LEU B 161 56.44 -13.45 15.62
C LEU B 161 57.26 -12.83 16.74
N VAL B 162 58.58 -12.80 16.59
CA VAL B 162 59.45 -12.35 17.68
C VAL B 162 59.20 -10.88 18.01
N THR B 163 59.09 -10.05 16.99
CA THR B 163 58.85 -8.63 17.22
C THR B 163 57.51 -8.42 17.91
N GLN B 164 57.49 -7.57 18.93
CA GLN B 164 56.28 -7.24 19.67
C GLN B 164 55.80 -5.87 19.24
N ARG B 165 54.68 -5.82 18.51
CA ARG B 165 54.15 -4.59 17.97
C ARG B 165 52.63 -4.59 18.11
N SER B 166 52.05 -3.40 18.07
CA SER B 166 50.62 -3.23 18.20
C SER B 166 49.98 -3.04 16.82
N LEU B 167 48.64 -3.05 16.80
CA LEU B 167 47.93 -2.77 15.56
C LEU B 167 48.20 -1.35 15.07
N GLY B 168 48.28 -0.39 16.00
CA GLY B 168 48.64 0.95 15.61
C GLY B 168 50.01 1.03 14.97
N ASP B 169 50.98 0.28 15.51
CA ASP B 169 52.31 0.26 14.91
C ASP B 169 52.28 -0.43 13.55
N LEU B 170 51.44 -1.46 13.40
CA LEU B 170 51.30 -2.10 12.10
C LEU B 170 50.74 -1.13 11.06
N ILE B 171 49.74 -0.34 11.45
CA ILE B 171 49.20 0.67 10.54
C ILE B 171 50.24 1.73 10.25
N MET B 172 51.04 2.10 11.27
CA MET B 172 52.17 2.99 11.06
C MET B 172 53.09 2.48 9.97
N SER B 173 53.42 1.18 10.03
CA SER B 173 54.23 0.56 8.98
C SER B 173 53.52 0.59 7.63
N CYS B 174 52.20 0.42 7.63
CA CYS B 174 51.42 0.47 6.41
C CYS B 174 51.06 1.89 5.98
N CYS B 175 51.31 2.90 6.83
CA CYS B 175 51.00 4.27 6.46
C CYS B 175 52.23 4.99 5.91
N PRO B 176 52.04 5.97 5.02
CA PRO B 176 53.18 6.73 4.51
C PRO B 176 53.70 7.79 5.46
N ASP B 177 52.87 8.27 6.40
CA ASP B 177 53.29 9.34 7.28
C ASP B 177 53.82 8.80 8.60
N PRO B 178 54.84 9.45 9.17
CA PRO B 178 55.31 9.04 10.50
C PRO B 178 54.27 9.18 11.59
N ASN B 179 53.28 10.07 11.43
CA ASN B 179 52.24 10.27 12.44
C ASN B 179 50.87 10.38 11.76
N PRO B 180 50.34 9.26 11.26
CA PRO B 180 48.97 9.27 10.74
C PRO B 180 47.95 9.36 11.85
N PRO B 181 46.74 9.85 11.57
CA PRO B 181 45.71 9.97 12.62
C PRO B 181 45.05 8.63 12.94
N ILE B 182 45.71 7.87 13.82
CA ILE B 182 45.27 6.52 14.13
C ILE B 182 43.94 6.53 14.88
N HIS B 183 43.73 7.50 15.77
CA HIS B 183 42.50 7.53 16.55
C HIS B 183 41.27 7.68 15.67
N LYS B 184 41.36 8.53 14.63
CA LYS B 184 40.25 8.65 13.69
C LYS B 184 40.00 7.33 12.98
N ILE B 185 41.06 6.57 12.68
CA ILE B 185 40.88 5.26 12.06
C ILE B 185 40.14 4.31 13.01
N VAL B 186 40.56 4.29 14.28
CA VAL B 186 39.93 3.40 15.25
C VAL B 186 38.50 3.82 15.51
N ARG B 187 38.17 5.11 15.31
CA ARG B 187 36.81 5.58 15.51
C ARG B 187 35.84 5.01 14.49
N LYS B 188 36.35 4.35 13.45
CA LYS B 188 35.54 3.81 12.35
C LYS B 188 35.84 2.33 12.09
N PRO B 189 35.79 1.49 13.14
CA PRO B 189 36.29 0.11 12.98
C PRO B 189 35.53 -0.70 11.95
N SER B 190 34.28 -0.34 11.65
CA SER B 190 33.51 -1.10 10.66
C SER B 190 34.00 -0.81 9.24
N ARG B 191 34.67 0.32 9.03
CA ARG B 191 35.17 0.71 7.71
C ARG B 191 36.66 0.42 7.55
N ILE B 192 37.15 -0.63 8.20
CA ILE B 192 38.57 -1.02 8.14
C ILE B 192 38.64 -2.44 7.61
N LEU B 193 39.58 -2.68 6.68
CA LEU B 193 39.79 -3.99 6.11
C LEU B 193 41.28 -4.32 6.15
N PHE B 194 41.59 -5.60 6.37
CA PHE B 194 42.96 -6.08 6.43
C PHE B 194 43.14 -7.16 5.38
N LEU B 195 44.01 -6.90 4.40
CA LEU B 195 44.37 -7.89 3.38
C LEU B 195 45.58 -8.66 3.89
N MET B 196 45.32 -9.77 4.59
CA MET B 196 46.38 -10.63 5.09
C MET B 196 46.82 -11.56 3.96
N ASP B 197 47.94 -11.23 3.33
CA ASP B 197 48.41 -11.95 2.17
C ASP B 197 49.52 -12.92 2.59
N GLY B 198 49.38 -14.18 2.20
CA GLY B 198 50.44 -15.14 2.42
C GLY B 198 50.55 -15.65 3.84
N PHE B 199 49.55 -16.40 4.32
CA PHE B 199 49.58 -16.96 5.66
C PHE B 199 50.70 -18.00 5.81
N ASP B 200 51.56 -18.10 4.80
CA ASP B 200 52.63 -19.09 4.74
C ASP B 200 53.95 -18.49 5.21
N GLU B 201 53.91 -17.66 6.26
CA GLU B 201 55.11 -16.95 6.70
C GLU B 201 56.16 -17.90 7.27
N LEU B 202 55.83 -18.64 8.33
CA LEU B 202 56.83 -19.46 9.01
C LEU B 202 56.18 -20.63 9.74
N GLN B 203 57.00 -21.35 10.50
CA GLN B 203 56.62 -22.55 11.22
C GLN B 203 56.44 -22.29 12.72
N GLY B 204 55.55 -23.08 13.33
CA GLY B 204 55.32 -23.00 14.76
C GLY B 204 54.52 -21.80 15.21
N ALA B 205 53.89 -21.07 14.29
CA ALA B 205 53.14 -19.88 14.67
C ALA B 205 51.94 -20.23 15.55
N PHE B 206 51.21 -21.30 15.19
CA PHE B 206 49.97 -21.60 15.88
C PHE B 206 49.85 -23.06 16.28
N ASP B 207 50.88 -23.87 16.10
CA ASP B 207 50.80 -25.29 16.44
C ASP B 207 50.64 -25.53 17.93
N GLU B 208 50.96 -24.55 18.76
CA GLU B 208 50.77 -24.64 20.20
C GLU B 208 49.44 -24.01 20.58
N HIS B 209 49.06 -24.20 21.85
CA HIS B 209 47.84 -23.60 22.37
C HIS B 209 47.96 -22.08 22.33
N ILE B 210 46.90 -21.42 21.86
CA ILE B 210 46.91 -19.97 21.72
C ILE B 210 46.87 -19.34 23.11
N GLY B 211 47.75 -18.37 23.34
CA GLY B 211 47.80 -17.70 24.61
C GLY B 211 46.66 -16.70 24.77
N PRO B 212 46.78 -15.84 25.78
CA PRO B 212 45.73 -14.85 26.00
C PRO B 212 45.56 -13.93 24.80
N LEU B 213 44.30 -13.62 24.50
CA LEU B 213 43.96 -12.80 23.34
C LEU B 213 43.90 -11.34 23.74
N CYS B 214 44.49 -10.47 22.91
CA CYS B 214 44.62 -9.05 23.21
C CYS B 214 43.53 -8.27 22.48
N THR B 215 42.76 -7.49 23.24
CA THR B 215 41.74 -6.61 22.68
C THR B 215 42.15 -5.15 22.73
N ASP B 216 43.14 -4.80 23.55
CA ASP B 216 43.58 -3.42 23.73
C ASP B 216 44.62 -3.11 22.65
N TRP B 217 44.21 -2.38 21.62
CA TRP B 217 45.08 -2.25 20.45
C TRP B 217 46.30 -1.39 20.71
N GLN B 218 46.27 -0.51 21.72
CA GLN B 218 47.49 0.19 22.09
C GLN B 218 48.55 -0.74 22.63
N LYS B 219 48.16 -1.83 23.28
CA LYS B 219 49.12 -2.77 23.87
C LYS B 219 49.95 -3.43 22.79
N ALA B 220 51.25 -3.55 23.04
CA ALA B 220 52.14 -4.25 22.12
C ALA B 220 52.16 -5.74 22.45
N GLU B 221 51.93 -6.57 21.43
CA GLU B 221 51.89 -8.01 21.59
C GLU B 221 52.76 -8.65 20.52
N ARG B 222 53.05 -9.94 20.71
CA ARG B 222 53.85 -10.68 19.75
C ARG B 222 53.09 -10.85 18.44
N GLY B 223 53.84 -11.12 17.38
CA GLY B 223 53.22 -11.27 16.06
C GLY B 223 52.17 -12.35 16.02
N ASP B 224 52.49 -13.52 16.59
CA ASP B 224 51.53 -14.63 16.58
C ASP B 224 50.28 -14.29 17.39
N ILE B 225 50.45 -13.72 18.58
CA ILE B 225 49.30 -13.40 19.42
C ILE B 225 48.49 -12.27 18.80
N LEU B 226 49.16 -11.26 18.24
CA LEU B 226 48.45 -10.17 17.59
C LEU B 226 47.64 -10.67 16.40
N LEU B 227 48.24 -11.52 15.56
CA LEU B 227 47.53 -12.05 14.40
C LEU B 227 46.37 -12.94 14.82
N SER B 228 46.56 -13.74 15.87
CA SER B 228 45.48 -14.58 16.37
C SER B 228 44.32 -13.73 16.88
N SER B 229 44.63 -12.69 17.64
CA SER B 229 43.57 -11.81 18.16
C SER B 229 42.84 -11.09 17.04
N LEU B 230 43.58 -10.62 16.03
CA LEU B 230 42.96 -9.94 14.90
C LEU B 230 42.09 -10.89 14.10
N ILE B 231 42.56 -12.12 13.89
CA ILE B 231 41.82 -13.08 13.07
C ILE B 231 40.56 -13.55 13.79
N ARG B 232 40.68 -13.86 15.09
CA ARG B 232 39.56 -14.37 15.86
C ARG B 232 38.55 -13.30 16.22
N LYS B 233 38.67 -12.09 15.66
CA LYS B 233 37.72 -11.00 15.87
C LYS B 233 37.61 -10.59 17.34
N LYS B 234 38.72 -10.71 18.07
CA LYS B 234 38.75 -10.18 19.43
C LYS B 234 39.31 -8.77 19.48
N LEU B 235 40.32 -8.49 18.65
CA LEU B 235 40.90 -7.16 18.53
C LEU B 235 40.23 -6.48 17.34
N LEU B 236 39.43 -5.44 17.64
CA LEU B 236 38.59 -4.77 16.65
C LEU B 236 37.71 -5.77 15.92
N PRO B 237 36.69 -6.31 16.58
CA PRO B 237 35.81 -7.27 15.90
C PRO B 237 35.12 -6.72 14.67
N GLU B 238 34.85 -5.40 14.64
CA GLU B 238 34.18 -4.80 13.50
C GLU B 238 35.07 -4.73 12.27
N ALA B 239 36.38 -4.98 12.41
CA ALA B 239 37.27 -4.94 11.26
C ALA B 239 37.04 -6.13 10.35
N SER B 240 37.17 -5.89 9.04
CA SER B 240 37.01 -6.94 8.04
C SER B 240 38.36 -7.54 7.67
N LEU B 241 38.33 -8.79 7.23
CA LEU B 241 39.53 -9.53 6.89
C LEU B 241 39.41 -10.14 5.51
N LEU B 242 40.55 -10.31 4.84
CA LEU B 242 40.66 -11.08 3.61
C LEU B 242 42.01 -11.75 3.61
N ILE B 243 42.03 -13.07 3.75
CA ILE B 243 43.27 -13.83 3.93
C ILE B 243 43.50 -14.67 2.69
N THR B 244 44.63 -14.46 2.03
CA THR B 244 45.06 -15.32 0.93
C THR B 244 45.99 -16.39 1.48
N THR B 245 45.66 -17.65 1.22
CA THR B 245 46.28 -18.74 1.95
C THR B 245 46.36 -19.98 1.07
N ARG B 246 46.96 -21.04 1.62
CA ARG B 246 47.10 -22.36 1.03
C ARG B 246 46.12 -23.33 1.67
N PRO B 247 45.81 -24.45 0.99
CA PRO B 247 44.84 -25.41 1.57
C PRO B 247 45.22 -25.95 2.95
N VAL B 248 46.49 -26.24 3.18
CA VAL B 248 46.90 -26.69 4.51
C VAL B 248 46.81 -25.54 5.52
N ALA B 249 47.29 -24.35 5.13
CA ALA B 249 47.05 -23.18 5.96
C ALA B 249 45.56 -22.85 6.01
N LEU B 250 44.80 -23.28 5.01
CA LEU B 250 43.34 -23.21 5.12
C LEU B 250 42.83 -24.07 6.26
N GLU B 251 43.37 -25.28 6.42
CA GLU B 251 42.99 -26.10 7.55
C GLU B 251 43.34 -25.40 8.86
N LYS B 252 44.52 -24.77 8.92
CA LYS B 252 44.91 -24.05 10.12
C LYS B 252 43.95 -22.91 10.42
N LEU B 253 43.54 -22.14 9.39
CA LEU B 253 42.55 -21.10 9.58
C LEU B 253 41.21 -21.66 10.04
N GLN B 254 40.76 -22.76 9.42
CA GLN B 254 39.52 -23.40 9.85
C GLN B 254 39.58 -23.78 11.30
N HIS B 255 40.76 -24.13 11.79
CA HIS B 255 40.91 -24.30 13.23
C HIS B 255 40.91 -22.96 14.01
N LEU B 256 40.94 -21.80 13.34
CA LEU B 256 41.00 -20.51 14.02
C LEU B 256 39.92 -19.53 13.53
N LEU B 257 38.91 -20.00 12.80
CA LEU B 257 37.89 -19.13 12.25
C LEU B 257 36.50 -19.56 12.70
N ASP B 258 35.53 -18.68 12.45
CA ASP B 258 34.13 -18.93 12.77
C ASP B 258 33.28 -18.39 11.63
N HIS B 259 32.72 -19.30 10.84
CA HIS B 259 31.92 -19.00 9.65
C HIS B 259 32.61 -18.02 8.72
N PRO B 260 33.69 -18.40 8.04
CA PRO B 260 34.24 -17.56 6.99
C PRO B 260 33.68 -17.94 5.62
N ARG B 261 33.84 -17.01 4.68
CA ARG B 261 33.44 -17.24 3.30
C ARG B 261 34.69 -17.61 2.49
N HIS B 262 34.67 -18.80 1.90
CA HIS B 262 35.83 -19.33 1.18
C HIS B 262 35.66 -19.08 -0.31
N VAL B 263 36.72 -18.60 -0.96
CA VAL B 263 36.74 -18.38 -2.40
C VAL B 263 38.00 -19.00 -2.94
N GLU B 264 37.87 -19.76 -4.02
CA GLU B 264 38.98 -20.44 -4.67
C GLU B 264 39.45 -19.65 -5.88
N ILE B 265 40.76 -19.63 -6.11
CA ILE B 265 41.35 -19.04 -7.29
C ILE B 265 41.85 -20.17 -8.19
N LEU B 266 41.36 -20.21 -9.43
CA LEU B 266 41.73 -21.26 -10.36
C LEU B 266 42.81 -20.83 -11.36
N GLY B 267 42.87 -19.54 -11.70
CA GLY B 267 43.90 -19.07 -12.61
C GLY B 267 43.39 -18.66 -13.97
N PHE B 268 44.11 -19.07 -15.01
CA PHE B 268 43.83 -18.65 -16.37
C PHE B 268 43.08 -19.74 -17.14
N SER B 269 42.05 -19.33 -17.87
CA SER B 269 41.45 -20.19 -18.87
C SER B 269 42.21 -20.04 -20.19
N GLU B 270 41.74 -20.73 -21.23
CA GLU B 270 42.40 -20.63 -22.53
C GLU B 270 42.33 -19.22 -23.10
N ALA B 271 41.17 -18.57 -22.97
CA ALA B 271 41.05 -17.19 -23.41
C ALA B 271 41.96 -16.27 -22.60
N LYS B 272 42.06 -16.50 -21.29
CA LYS B 272 42.97 -15.70 -20.48
C LYS B 272 44.43 -15.99 -20.82
N ARG B 273 44.74 -17.21 -21.25
CA ARG B 273 46.09 -17.48 -21.75
C ARG B 273 46.37 -16.71 -23.03
N LYS B 274 45.40 -16.67 -23.96
CA LYS B 274 45.49 -15.78 -25.10
C LYS B 274 45.79 -14.35 -24.67
N GLU B 275 45.00 -13.85 -23.72
CA GLU B 275 45.15 -12.47 -23.29
C GLU B 275 46.52 -12.22 -22.69
N TYR B 276 47.01 -13.12 -21.85
CA TYR B 276 48.30 -12.92 -21.21
C TYR B 276 49.45 -12.99 -22.21
N PHE B 277 49.39 -13.96 -23.12
CA PHE B 277 50.46 -14.08 -24.10
C PHE B 277 50.47 -12.90 -25.07
N PHE B 278 49.31 -12.30 -25.34
CA PHE B 278 49.28 -11.10 -26.17
C PHE B 278 49.75 -9.88 -25.39
N LYS B 279 49.44 -9.82 -24.09
CA LYS B 279 49.83 -8.68 -23.26
C LYS B 279 51.31 -8.68 -22.94
N TYR B 280 51.95 -9.85 -22.84
CA TYR B 280 53.35 -9.90 -22.44
C TYR B 280 54.25 -9.39 -23.56
N PHE B 281 54.18 -10.00 -24.73
CA PHE B 281 54.99 -9.58 -25.86
C PHE B 281 54.44 -8.28 -26.44
N SER B 282 55.29 -7.26 -26.50
CA SER B 282 54.85 -5.96 -27.02
C SER B 282 54.51 -6.02 -28.50
N ASP B 283 55.16 -6.90 -29.26
CA ASP B 283 54.88 -7.05 -30.68
C ASP B 283 53.84 -8.15 -30.88
N GLU B 284 52.80 -7.83 -31.63
CA GLU B 284 51.68 -8.77 -31.77
C GLU B 284 52.09 -10.00 -32.55
N ALA B 285 52.93 -9.84 -33.59
CA ALA B 285 53.39 -11.00 -34.35
C ALA B 285 54.25 -11.91 -33.48
N GLN B 286 55.11 -11.33 -32.65
CA GLN B 286 55.92 -12.14 -31.74
C GLN B 286 55.05 -12.88 -30.74
N ALA B 287 54.01 -12.23 -30.22
CA ALA B 287 53.09 -12.90 -29.30
C ALA B 287 52.38 -14.06 -29.98
N ARG B 288 51.92 -13.84 -31.23
CA ARG B 288 51.26 -14.91 -31.96
C ARG B 288 52.21 -16.08 -32.18
N ALA B 289 53.46 -15.80 -32.57
CA ALA B 289 54.42 -16.87 -32.79
C ALA B 289 54.71 -17.64 -31.51
N ALA B 290 54.89 -16.93 -30.39
CA ALA B 290 55.17 -17.60 -29.13
C ALA B 290 53.99 -18.48 -28.70
N PHE B 291 52.77 -17.97 -28.81
CA PHE B 291 51.62 -18.79 -28.42
C PHE B 291 51.44 -19.97 -29.35
N SER B 292 51.69 -19.77 -30.64
CA SER B 292 51.58 -20.88 -31.60
C SER B 292 52.59 -21.96 -31.29
N LEU B 293 53.81 -21.57 -30.89
CA LEU B 293 54.81 -22.54 -30.49
C LEU B 293 54.43 -23.22 -29.18
N ILE B 294 53.71 -22.50 -28.30
CA ILE B 294 53.22 -23.11 -27.07
C ILE B 294 52.17 -24.17 -27.37
N GLN B 295 51.32 -23.92 -28.37
CA GLN B 295 50.13 -24.75 -28.58
C GLN B 295 50.45 -26.22 -28.79
N GLU B 296 51.42 -26.56 -29.65
CA GLU B 296 51.59 -27.96 -30.01
C GLU B 296 52.09 -28.81 -28.85
N ASN B 297 52.55 -28.20 -27.77
CA ASN B 297 52.91 -28.92 -26.55
C ASN B 297 51.74 -28.80 -25.59
N GLU B 298 50.97 -29.88 -25.45
CA GLU B 298 49.76 -29.83 -24.64
C GLU B 298 50.10 -29.72 -23.15
N VAL B 299 51.23 -30.30 -22.74
CA VAL B 299 51.59 -30.28 -21.32
C VAL B 299 51.82 -28.85 -20.84
N LEU B 300 52.55 -28.05 -21.62
CA LEU B 300 52.77 -26.66 -21.25
C LEU B 300 51.46 -25.88 -21.22
N PHE B 301 50.61 -26.08 -22.23
CA PHE B 301 49.36 -25.34 -22.28
C PHE B 301 48.44 -25.71 -21.13
N THR B 302 48.51 -26.95 -20.66
CA THR B 302 47.71 -27.35 -19.50
C THR B 302 48.31 -26.81 -18.21
N MET B 303 49.65 -26.81 -18.10
CA MET B 303 50.30 -26.30 -16.91
C MET B 303 50.13 -24.79 -16.78
N CYS B 304 49.97 -24.09 -17.90
CA CYS B 304 49.85 -22.64 -17.92
C CYS B 304 48.59 -22.12 -17.27
N PHE B 305 47.72 -22.92 -16.66
CA PHE B 305 46.61 -22.36 -15.91
C PHE B 305 47.10 -21.57 -14.70
N ILE B 306 48.33 -21.82 -14.25
CA ILE B 306 48.96 -21.04 -13.19
C ILE B 306 49.71 -19.87 -13.83
N PRO B 307 49.44 -18.64 -13.40
CA PRO B 307 50.12 -17.48 -14.01
C PRO B 307 51.63 -17.50 -13.85
N LEU B 308 52.15 -18.10 -12.77
CA LEU B 308 53.59 -18.09 -12.55
C LEU B 308 54.33 -18.86 -13.64
N VAL B 309 53.78 -20.00 -14.06
CA VAL B 309 54.41 -20.76 -15.15
C VAL B 309 54.34 -19.98 -16.44
N CYS B 310 53.23 -19.26 -16.67
CA CYS B 310 53.14 -18.39 -17.84
C CYS B 310 54.24 -17.34 -17.81
N TRP B 311 54.45 -16.71 -16.66
CA TRP B 311 55.47 -15.68 -16.55
C TRP B 311 56.85 -16.25 -16.80
N ILE B 312 57.14 -17.43 -16.23
CA ILE B 312 58.47 -18.02 -16.39
C ILE B 312 58.71 -18.38 -17.85
N VAL B 313 57.74 -19.01 -18.50
CA VAL B 313 57.95 -19.43 -19.89
C VAL B 313 58.01 -18.20 -20.81
N CYS B 314 57.23 -17.17 -20.51
CA CYS B 314 57.30 -15.95 -21.31
C CYS B 314 58.64 -15.25 -21.15
N THR B 315 59.17 -15.20 -19.93
CA THR B 315 60.48 -14.62 -19.71
C THR B 315 61.56 -15.39 -20.45
N GLY B 316 61.49 -16.73 -20.40
CA GLY B 316 62.46 -17.54 -21.13
C GLY B 316 62.39 -17.28 -22.62
N LEU B 317 61.18 -17.28 -23.19
CA LEU B 317 61.02 -17.05 -24.62
C LEU B 317 61.49 -15.66 -25.01
N LYS B 318 61.16 -14.64 -24.22
CA LYS B 318 61.59 -13.28 -24.52
C LYS B 318 63.10 -13.16 -24.48
N GLN B 319 63.74 -13.75 -23.48
CA GLN B 319 65.20 -13.65 -23.37
C GLN B 319 65.88 -14.41 -24.50
N GLN B 320 65.34 -15.56 -24.90
CA GLN B 320 65.93 -16.29 -26.02
C GLN B 320 65.73 -15.55 -27.34
N MET B 321 64.57 -14.90 -27.51
CA MET B 321 64.31 -14.17 -28.74
C MET B 321 65.17 -12.91 -28.83
N GLU B 322 65.40 -12.24 -27.70
CA GLU B 322 66.27 -11.08 -27.69
C GLU B 322 67.69 -11.45 -28.11
N SER B 323 68.13 -12.67 -27.78
CA SER B 323 69.43 -13.16 -28.19
C SER B 323 69.42 -13.76 -29.59
N GLY B 324 68.26 -13.80 -30.25
CA GLY B 324 68.18 -14.35 -31.60
C GLY B 324 68.46 -15.83 -31.69
N LYS B 325 67.91 -16.61 -30.78
CA LYS B 325 68.11 -18.06 -30.75
C LYS B 325 66.78 -18.78 -30.83
N SER B 326 66.86 -20.08 -31.08
CA SER B 326 65.65 -20.90 -31.26
C SER B 326 64.85 -20.99 -29.96
N LEU B 327 63.52 -20.98 -30.11
CA LEU B 327 62.61 -21.07 -28.99
C LEU B 327 61.96 -22.45 -28.86
N ALA B 328 62.48 -23.46 -29.56
CA ALA B 328 61.78 -24.73 -29.69
C ALA B 328 61.90 -25.64 -28.48
N GLN B 329 62.60 -25.22 -27.42
CA GLN B 329 62.78 -26.09 -26.27
C GLN B 329 61.45 -26.41 -25.61
N THR B 330 61.34 -27.63 -25.10
CA THR B 330 60.12 -28.11 -24.46
C THR B 330 60.46 -28.71 -23.10
N SER B 331 59.56 -28.51 -22.14
CA SER B 331 59.75 -28.96 -20.77
C SER B 331 58.62 -29.90 -20.39
N LYS B 332 58.95 -31.14 -20.05
CA LYS B 332 57.92 -32.12 -19.74
C LYS B 332 57.20 -31.77 -18.43
N THR B 333 57.93 -31.36 -17.41
CA THR B 333 57.36 -31.10 -16.10
C THR B 333 57.75 -29.70 -15.63
N THR B 334 57.34 -29.38 -14.39
CA THR B 334 57.70 -28.09 -13.80
C THR B 334 59.21 -27.99 -13.55
N THR B 335 59.82 -29.09 -13.12
CA THR B 335 61.26 -29.07 -12.87
C THR B 335 62.03 -28.74 -14.14
N ALA B 336 61.60 -29.28 -15.28
CA ALA B 336 62.25 -28.94 -16.54
C ALA B 336 62.06 -27.47 -16.89
N VAL B 337 60.87 -26.92 -16.62
CA VAL B 337 60.63 -25.50 -16.84
C VAL B 337 61.63 -24.66 -16.03
N TYR B 338 61.76 -24.98 -14.74
CA TYR B 338 62.66 -24.22 -13.88
C TYR B 338 64.11 -24.38 -14.33
N VAL B 339 64.48 -25.60 -14.73
CA VAL B 339 65.86 -25.85 -15.16
C VAL B 339 66.19 -25.05 -16.41
N PHE B 340 65.28 -25.03 -17.39
CA PHE B 340 65.53 -24.23 -18.59
C PHE B 340 65.52 -22.74 -18.29
N PHE B 341 64.67 -22.29 -17.35
CA PHE B 341 64.70 -20.88 -16.95
C PHE B 341 66.06 -20.51 -16.37
N LEU B 342 66.56 -21.34 -15.44
CA LEU B 342 67.88 -21.08 -14.85
C LEU B 342 68.98 -21.12 -15.91
N SER B 343 68.92 -22.09 -16.82
CA SER B 343 69.93 -22.19 -17.87
C SER B 343 69.92 -20.96 -18.78
N SER B 344 68.73 -20.46 -19.12
CA SER B 344 68.65 -19.21 -19.88
C SER B 344 69.23 -18.04 -19.08
N LEU B 345 68.96 -17.99 -17.78
CA LEU B 345 69.50 -16.91 -16.96
C LEU B 345 70.92 -17.17 -16.46
N LEU B 346 71.47 -18.34 -16.74
CA LEU B 346 72.88 -18.61 -16.41
C LEU B 346 73.69 -18.78 -17.69
N LEU B 357 81.93 -19.51 -10.89
CA LEU B 357 80.49 -19.58 -11.12
C LEU B 357 79.84 -20.62 -10.24
N CYS B 358 80.45 -21.82 -10.19
CA CYS B 358 79.91 -22.90 -9.36
C CYS B 358 79.90 -22.50 -7.89
N ALA B 359 80.87 -21.69 -7.46
CA ALA B 359 80.86 -21.18 -6.11
C ALA B 359 79.63 -20.31 -5.86
N HIS B 360 79.24 -19.50 -6.84
CA HIS B 360 78.02 -18.71 -6.71
C HIS B 360 76.79 -19.60 -6.63
N LEU B 361 76.75 -20.68 -7.41
CA LEU B 361 75.62 -21.61 -7.33
C LEU B 361 75.54 -22.25 -5.95
N TRP B 362 76.68 -22.69 -5.41
CA TRP B 362 76.68 -23.28 -4.08
C TRP B 362 76.26 -22.26 -3.03
N GLY B 363 76.70 -21.01 -3.18
CA GLY B 363 76.29 -19.97 -2.25
C GLY B 363 74.79 -19.74 -2.29
N LEU B 364 74.22 -19.67 -3.48
CA LEU B 364 72.77 -19.51 -3.61
C LEU B 364 72.03 -20.69 -2.99
N CYS B 365 72.51 -21.91 -3.25
CA CYS B 365 71.85 -23.10 -2.71
C CYS B 365 71.89 -23.12 -1.19
N SER B 366 73.06 -22.81 -0.62
CA SER B 366 73.17 -22.77 0.84
C SER B 366 72.34 -21.64 1.43
N LEU B 367 72.26 -20.51 0.73
CA LEU B 367 71.42 -19.40 1.19
C LEU B 367 69.95 -19.82 1.25
N ALA B 368 69.48 -20.49 0.19
CA ALA B 368 68.10 -20.96 0.17
C ALA B 368 67.84 -21.99 1.26
N ALA B 369 68.78 -22.92 1.45
CA ALA B 369 68.61 -23.93 2.50
C ALA B 369 68.56 -23.29 3.88
N ASP B 370 69.43 -22.32 4.13
CA ASP B 370 69.41 -21.61 5.41
C ASP B 370 68.08 -20.89 5.61
N GLY B 371 67.60 -20.21 4.57
CA GLY B 371 66.32 -19.52 4.68
C GLY B 371 65.18 -20.48 4.94
N ILE B 372 65.20 -21.65 4.30
CA ILE B 372 64.14 -22.63 4.51
C ILE B 372 64.17 -23.16 5.93
N TRP B 373 65.37 -23.51 6.42
CA TRP B 373 65.48 -24.08 7.76
C TRP B 373 65.20 -23.07 8.87
N ASN B 374 65.59 -21.81 8.70
CA ASN B 374 65.44 -20.82 9.75
C ASN B 374 64.35 -19.79 9.49
N GLN B 375 63.41 -20.08 8.59
CA GLN B 375 62.18 -19.30 8.42
C GLN B 375 62.45 -17.89 7.90
N LYS B 376 63.65 -17.63 7.40
CA LYS B 376 64.05 -16.29 6.99
C LYS B 376 63.89 -16.16 5.48
N ILE B 377 62.91 -15.34 5.06
CA ILE B 377 62.63 -15.12 3.65
C ILE B 377 63.28 -13.86 3.13
N LEU B 378 63.23 -12.78 3.91
CA LEU B 378 63.90 -11.53 3.57
C LEU B 378 65.33 -11.59 4.09
N PHE B 379 66.30 -11.48 3.17
CA PHE B 379 67.69 -11.74 3.48
C PHE B 379 68.46 -10.43 3.60
N GLU B 380 69.31 -10.36 4.62
CA GLU B 380 70.13 -9.19 4.87
C GLU B 380 71.52 -9.37 4.26
N GLU B 381 72.28 -8.27 4.22
CA GLU B 381 73.62 -8.31 3.66
C GLU B 381 74.57 -9.14 4.50
N SER B 382 74.42 -9.11 5.84
CA SER B 382 75.27 -9.95 6.69
C SER B 382 75.04 -11.42 6.42
N ASP B 383 73.78 -11.85 6.37
CA ASP B 383 73.48 -13.24 6.07
C ASP B 383 73.95 -13.61 4.66
N LEU B 384 73.82 -12.67 3.72
CA LEU B 384 74.30 -12.91 2.36
C LEU B 384 75.82 -13.14 2.36
N ARG B 385 76.54 -12.38 3.18
CA ARG B 385 77.99 -12.55 3.27
C ARG B 385 78.36 -13.87 3.94
N ASN B 386 77.56 -14.30 4.93
CA ASN B 386 77.88 -15.53 5.64
C ASN B 386 77.92 -16.74 4.72
N HIS B 387 77.20 -16.70 3.59
CA HIS B 387 77.09 -17.83 2.69
C HIS B 387 78.05 -17.73 1.50
N GLY B 388 79.20 -17.09 1.70
CA GLY B 388 80.23 -17.06 0.67
C GLY B 388 79.84 -16.38 -0.62
N LEU B 389 78.89 -15.45 -0.58
CA LEU B 389 78.45 -14.72 -1.76
C LEU B 389 78.77 -13.26 -1.59
N GLN B 390 79.38 -12.67 -2.61
CA GLN B 390 79.78 -11.27 -2.58
C GLN B 390 78.71 -10.38 -3.18
N LYS B 391 78.94 -9.06 -3.10
CA LYS B 391 78.02 -8.11 -3.72
C LYS B 391 78.10 -8.19 -5.23
N ALA B 392 79.27 -8.55 -5.77
CA ALA B 392 79.41 -8.75 -7.20
C ALA B 392 78.73 -10.03 -7.69
N ASP B 393 78.27 -10.89 -6.77
CA ASP B 393 77.61 -12.13 -7.11
C ASP B 393 76.10 -11.98 -7.26
N VAL B 394 75.57 -10.78 -7.12
CA VAL B 394 74.12 -10.57 -7.20
C VAL B 394 73.67 -10.84 -8.64
N SER B 395 72.76 -11.79 -8.79
CA SER B 395 72.23 -12.19 -10.09
C SER B 395 70.83 -11.61 -10.27
N ALA B 396 70.18 -12.03 -11.36
CA ALA B 396 68.82 -11.60 -11.65
C ALA B 396 67.76 -12.39 -10.88
N PHE B 397 68.19 -13.38 -10.10
CA PHE B 397 67.27 -14.19 -9.30
C PHE B 397 66.83 -13.47 -8.03
N LEU B 398 67.73 -12.74 -7.38
CA LEU B 398 67.42 -12.05 -6.14
C LEU B 398 66.81 -10.69 -6.45
N ARG B 399 65.64 -10.44 -5.89
CA ARG B 399 64.95 -9.16 -6.02
C ARG B 399 65.15 -8.35 -4.75
N MET B 400 65.46 -7.07 -4.92
CA MET B 400 65.82 -6.21 -3.79
C MET B 400 64.64 -5.37 -3.33
N ASN B 401 64.56 -5.17 -2.02
CA ASN B 401 63.56 -4.27 -1.43
C ASN B 401 64.24 -3.51 -0.31
N LEU B 402 64.27 -2.19 -0.42
CA LEU B 402 64.98 -1.33 0.52
C LEU B 402 64.04 -0.91 1.64
N PHE B 403 64.35 -1.31 2.87
CA PHE B 403 63.54 -0.96 4.03
C PHE B 403 64.42 -0.37 5.14
N LYS B 411 67.17 -2.20 3.12
CA LYS B 411 68.14 -3.10 2.50
C LYS B 411 67.73 -4.54 2.83
N PHE B 412 67.16 -5.22 1.84
CA PHE B 412 66.75 -6.61 1.96
C PHE B 412 66.76 -7.27 0.59
N TYR B 413 67.08 -8.55 0.57
CA TYR B 413 67.04 -9.36 -0.64
C TYR B 413 66.07 -10.52 -0.44
N SER B 414 65.37 -10.88 -1.51
CA SER B 414 64.47 -12.02 -1.46
C SER B 414 64.46 -12.69 -2.83
N PHE B 415 63.69 -13.77 -2.94
CA PHE B 415 63.53 -14.43 -4.22
C PHE B 415 62.29 -13.90 -4.94
N ILE B 416 62.25 -14.15 -6.26
CA ILE B 416 61.10 -13.74 -7.04
C ILE B 416 59.83 -14.42 -6.51
N HIS B 417 59.92 -15.72 -6.23
CA HIS B 417 58.86 -16.45 -5.56
C HIS B 417 59.49 -17.47 -4.64
N MET B 418 58.74 -17.86 -3.60
CA MET B 418 59.25 -18.84 -2.65
C MET B 418 59.56 -20.17 -3.30
N THR B 419 58.91 -20.45 -4.44
CA THR B 419 59.21 -21.69 -5.16
C THR B 419 60.64 -21.71 -5.67
N PHE B 420 61.23 -20.54 -5.93
CA PHE B 420 62.62 -20.50 -6.35
C PHE B 420 63.56 -20.83 -5.19
N GLN B 421 63.26 -20.30 -3.99
CA GLN B 421 64.01 -20.69 -2.80
C GLN B 421 63.90 -22.20 -2.56
N GLU B 422 62.70 -22.74 -2.74
CA GLU B 422 62.48 -24.18 -2.75
C GLU B 422 63.40 -24.91 -3.74
N PHE B 423 63.41 -24.45 -4.99
CA PHE B 423 64.17 -25.15 -6.02
C PHE B 423 65.66 -25.13 -5.70
N PHE B 424 66.15 -23.99 -5.21
CA PHE B 424 67.56 -23.89 -4.85
C PHE B 424 67.90 -24.71 -3.62
N ALA B 425 66.98 -24.82 -2.66
CA ALA B 425 67.20 -25.71 -1.53
C ALA B 425 67.32 -27.16 -1.98
N ALA B 426 66.46 -27.58 -2.91
CA ALA B 426 66.56 -28.93 -3.46
C ALA B 426 67.91 -29.13 -4.16
N MET B 427 68.31 -28.15 -4.99
CA MET B 427 69.61 -28.22 -5.64
C MET B 427 70.72 -28.34 -4.62
N TYR B 428 70.58 -27.65 -3.48
CA TYR B 428 71.56 -27.79 -2.40
C TYR B 428 71.60 -29.21 -1.88
N TYR B 429 70.44 -29.79 -1.57
CA TYR B 429 70.41 -31.16 -1.09
C TYR B 429 70.99 -32.15 -2.10
N LEU B 430 71.02 -31.79 -3.38
CA LEU B 430 71.73 -32.64 -4.34
C LEU B 430 73.18 -32.25 -4.55
N LEU B 431 73.56 -31.01 -4.26
CA LEU B 431 74.94 -30.57 -4.48
C LEU B 431 75.84 -30.90 -3.30
N PRO B 449 73.01 -26.02 7.57
CA PRO B 449 71.87 -26.91 7.28
C PRO B 449 72.29 -28.36 7.16
N SER B 450 71.54 -29.26 7.80
CA SER B 450 71.84 -30.68 7.71
C SER B 450 71.60 -31.17 6.29
N ARG B 451 72.50 -32.05 5.81
CA ARG B 451 72.42 -32.56 4.45
C ARG B 451 71.72 -33.91 4.36
N ASP B 452 71.18 -34.43 5.47
CA ASP B 452 70.48 -35.70 5.46
C ASP B 452 69.02 -35.47 5.12
N VAL B 453 68.50 -36.23 4.16
CA VAL B 453 67.12 -36.05 3.73
C VAL B 453 66.13 -36.61 4.74
N THR B 454 66.56 -37.56 5.57
CA THR B 454 65.64 -38.18 6.53
C THR B 454 65.12 -37.17 7.54
N VAL B 455 66.01 -36.31 8.06
CA VAL B 455 65.57 -35.30 9.00
C VAL B 455 64.68 -34.28 8.32
N LEU B 456 64.91 -34.02 7.02
CA LEU B 456 64.02 -33.16 6.25
C LEU B 456 62.63 -33.77 6.17
N LEU B 457 62.55 -35.08 5.92
CA LEU B 457 61.26 -35.74 5.75
C LEU B 457 60.52 -35.88 7.08
N GLU B 458 61.24 -36.04 8.18
CA GLU B 458 60.57 -36.31 9.46
C GLU B 458 59.79 -35.10 9.96
N ASN B 459 60.41 -33.93 9.96
CA ASN B 459 59.84 -32.76 10.62
C ASN B 459 58.86 -32.06 9.68
N TYR B 460 57.57 -32.14 10.01
CA TYR B 460 56.50 -31.49 9.27
C TYR B 460 55.63 -30.69 10.22
N GLY B 461 54.94 -29.69 9.67
CA GLY B 461 54.04 -28.86 10.44
C GLY B 461 53.58 -27.64 9.67
N LYS B 462 52.40 -27.14 10.00
CA LYS B 462 51.83 -25.90 9.42
C LYS B 462 51.70 -26.10 7.92
N PHE B 463 51.89 -25.04 7.12
CA PHE B 463 51.93 -25.20 5.67
C PHE B 463 53.18 -25.93 5.21
N GLU B 464 54.31 -25.65 5.88
CA GLU B 464 55.63 -26.05 5.40
C GLU B 464 55.72 -27.54 5.07
N LYS B 465 54.99 -28.38 5.80
CA LYS B 465 54.98 -29.80 5.48
C LYS B 465 54.72 -30.02 4.00
N GLY B 466 53.56 -29.56 3.51
CA GLY B 466 53.31 -29.61 2.08
C GLY B 466 54.38 -28.89 1.28
N TYR B 467 54.78 -27.71 1.76
CA TYR B 467 55.89 -27.01 1.12
C TYR B 467 57.15 -27.87 1.13
N LEU B 468 57.45 -28.51 2.26
CA LEU B 468 58.56 -29.44 2.26
C LEU B 468 58.33 -30.59 1.30
N ILE B 469 57.10 -31.10 1.25
CA ILE B 469 56.77 -32.04 0.18
C ILE B 469 56.92 -31.35 -1.16
N PHE B 470 56.43 -30.11 -1.27
CA PHE B 470 56.73 -29.32 -2.46
C PHE B 470 58.24 -29.26 -2.69
N VAL B 471 59.02 -29.08 -1.62
CA VAL B 471 60.46 -29.21 -1.73
C VAL B 471 60.82 -30.51 -2.43
N VAL B 472 60.44 -31.65 -1.83
CA VAL B 472 60.85 -32.91 -2.42
C VAL B 472 60.26 -33.06 -3.81
N ARG B 473 59.15 -32.38 -4.10
CA ARG B 473 58.58 -32.44 -5.44
C ARG B 473 59.64 -32.04 -6.48
N PHE B 474 60.24 -30.86 -6.31
CA PHE B 474 61.32 -30.48 -7.21
C PHE B 474 62.48 -31.44 -7.09
N LEU B 475 62.78 -31.87 -5.86
CA LEU B 475 63.79 -32.90 -5.67
C LEU B 475 63.43 -34.14 -6.49
N PHE B 476 62.17 -34.56 -6.41
CA PHE B 476 61.73 -35.71 -7.19
C PHE B 476 61.99 -35.49 -8.67
N GLY B 477 61.82 -34.26 -9.13
CA GLY B 477 62.09 -33.97 -10.53
C GLY B 477 63.57 -34.04 -10.88
N LEU B 478 64.43 -33.59 -9.96
CA LEU B 478 65.83 -33.40 -10.32
C LEU B 478 66.57 -34.73 -10.38
N VAL B 479 66.15 -35.73 -9.62
CA VAL B 479 66.80 -37.03 -9.59
C VAL B 479 66.19 -37.85 -10.73
N ASN B 480 66.74 -37.67 -11.93
CA ASN B 480 66.25 -38.34 -13.12
C ASN B 480 67.43 -38.71 -14.01
N GLN B 481 67.28 -39.84 -14.72
CA GLN B 481 68.35 -40.32 -15.60
C GLN B 481 68.63 -39.37 -16.76
N GLU B 482 67.71 -38.47 -17.09
CA GLU B 482 67.88 -37.56 -18.21
C GLU B 482 68.22 -36.14 -17.77
N ARG B 483 67.40 -35.54 -16.91
CA ARG B 483 67.61 -34.14 -16.54
C ARG B 483 68.89 -33.94 -15.75
N THR B 484 69.26 -34.91 -14.89
CA THR B 484 70.44 -34.75 -14.07
C THR B 484 71.69 -34.65 -14.92
N SER B 485 71.81 -35.47 -15.96
CA SER B 485 73.01 -35.45 -16.79
C SER B 485 73.17 -34.11 -17.51
N TYR B 486 72.09 -33.62 -18.12
CA TYR B 486 72.17 -32.34 -18.81
C TYR B 486 72.42 -31.18 -17.84
N LEU B 487 71.81 -31.24 -16.66
CA LEU B 487 72.03 -30.20 -15.67
C LEU B 487 73.49 -30.18 -15.22
N GLU B 488 74.07 -31.36 -14.99
CA GLU B 488 75.47 -31.45 -14.59
C GLU B 488 76.38 -30.96 -15.71
N LYS B 489 76.06 -31.30 -16.96
CA LYS B 489 76.85 -30.80 -18.07
C LYS B 489 76.78 -29.28 -18.18
N LYS B 490 75.59 -28.71 -17.98
CA LYS B 490 75.42 -27.27 -18.14
C LYS B 490 76.09 -26.50 -17.01
N LEU B 491 75.89 -26.93 -15.76
CA LEU B 491 76.36 -26.18 -14.60
C LEU B 491 77.62 -26.74 -13.97
N SER B 492 78.23 -27.78 -14.57
CA SER B 492 79.48 -28.36 -14.08
C SER B 492 79.36 -28.78 -12.61
N CYS B 493 78.33 -29.58 -12.30
CA CYS B 493 78.06 -30.02 -10.94
C CYS B 493 78.00 -31.53 -10.88
N LYS B 494 77.98 -32.06 -9.66
CA LYS B 494 77.92 -33.49 -9.42
C LYS B 494 76.77 -33.81 -8.47
N ILE B 495 76.09 -34.92 -8.74
CA ILE B 495 74.91 -35.33 -7.98
C ILE B 495 74.92 -36.85 -7.84
N SER B 496 74.55 -37.34 -6.66
CA SER B 496 74.48 -38.77 -6.38
C SER B 496 73.03 -39.26 -6.50
N GLN B 497 72.85 -40.57 -6.33
CA GLN B 497 71.56 -41.19 -6.58
C GLN B 497 71.03 -42.07 -5.45
N GLN B 498 71.70 -42.12 -4.30
CA GLN B 498 71.13 -42.83 -3.16
C GLN B 498 69.91 -42.09 -2.61
N ILE B 499 69.85 -40.78 -2.86
CA ILE B 499 68.71 -39.97 -2.42
C ILE B 499 67.43 -40.45 -3.09
N ARG B 500 67.52 -40.92 -4.33
CA ARG B 500 66.36 -41.47 -5.01
C ARG B 500 65.85 -42.72 -4.30
N LEU B 501 66.76 -43.60 -3.87
CA LEU B 501 66.34 -44.78 -3.11
C LEU B 501 65.74 -44.39 -1.77
N GLU B 502 66.29 -43.37 -1.12
CA GLU B 502 65.71 -42.90 0.13
C GLU B 502 64.30 -42.33 -0.08
N LEU B 503 64.09 -41.61 -1.17
CA LEU B 503 62.75 -41.13 -1.50
C LEU B 503 61.79 -42.29 -1.78
N LEU B 504 62.29 -43.33 -2.44
CA LEU B 504 61.47 -44.52 -2.67
C LEU B 504 61.06 -45.16 -1.35
N LYS B 505 61.99 -45.27 -0.40
CA LYS B 505 61.64 -45.78 0.91
C LYS B 505 60.61 -44.89 1.60
N TRP B 506 60.77 -43.57 1.46
CA TRP B 506 59.82 -42.65 2.08
C TRP B 506 58.43 -42.81 1.51
N ILE B 507 58.30 -42.93 0.19
CA ILE B 507 56.98 -43.09 -0.41
C ILE B 507 56.40 -44.46 -0.05
N GLU B 508 57.25 -45.49 0.03
CA GLU B 508 56.79 -46.80 0.49
C GLU B 508 56.15 -46.68 1.88
N VAL B 509 56.86 -46.01 2.80
CA VAL B 509 56.35 -45.84 4.16
C VAL B 509 55.06 -45.03 4.14
N LYS B 510 55.01 -43.96 3.36
CA LYS B 510 53.82 -43.10 3.34
C LYS B 510 52.61 -43.85 2.80
N ALA B 511 52.80 -44.65 1.74
CA ALA B 511 51.69 -45.40 1.18
C ALA B 511 51.21 -46.49 2.12
N LYS B 512 52.14 -47.24 2.74
CA LYS B 512 51.72 -48.30 3.65
C LYS B 512 51.13 -47.72 4.93
N ALA B 513 51.63 -46.57 5.38
CA ALA B 513 51.05 -45.93 6.56
C ALA B 513 49.59 -45.58 6.32
N LYS B 514 48.76 -45.84 7.33
CA LYS B 514 47.32 -45.62 7.19
C LYS B 514 47.04 -44.12 7.09
N LYS B 515 47.28 -43.40 8.19
CA LYS B 515 47.27 -41.93 8.24
C LYS B 515 46.13 -41.32 7.43
N LEU B 516 44.93 -41.81 7.67
CA LEU B 516 43.76 -41.30 6.95
C LEU B 516 43.41 -39.88 7.40
N GLN B 517 43.09 -39.04 6.41
CA GLN B 517 42.63 -37.67 6.63
C GLN B 517 43.66 -36.83 7.40
N ILE B 518 44.94 -37.17 7.25
CA ILE B 518 46.02 -36.40 7.86
C ILE B 518 47.02 -36.06 6.77
N GLN B 519 47.38 -34.77 6.68
CA GLN B 519 48.38 -34.16 5.79
C GLN B 519 48.10 -34.47 4.32
N PRO B 520 48.80 -33.83 3.37
CA PRO B 520 48.57 -34.16 1.94
C PRO B 520 48.98 -35.59 1.60
N SER B 521 48.04 -36.37 1.09
CA SER B 521 48.18 -37.83 1.11
C SER B 521 48.37 -38.45 -0.28
N GLN B 522 47.47 -38.19 -1.23
CA GLN B 522 47.42 -39.02 -2.44
C GLN B 522 47.83 -38.26 -3.70
N LEU B 523 47.16 -37.15 -4.02
CA LEU B 523 47.41 -36.47 -5.28
C LEU B 523 48.81 -35.90 -5.36
N GLU B 524 49.34 -35.39 -4.24
CA GLU B 524 50.68 -34.81 -4.24
C GLU B 524 51.75 -35.84 -4.54
N LEU B 525 51.59 -37.07 -4.04
CA LEU B 525 52.52 -38.13 -4.41
C LEU B 525 52.48 -38.39 -5.91
N PHE B 526 51.30 -38.30 -6.50
CA PHE B 526 51.19 -38.43 -7.94
C PHE B 526 51.90 -37.28 -8.65
N TYR B 527 51.80 -36.06 -8.10
CA TYR B 527 52.57 -34.94 -8.61
C TYR B 527 54.06 -35.24 -8.61
N CYS B 528 54.56 -35.79 -7.49
CA CYS B 528 55.98 -36.11 -7.41
C CYS B 528 56.38 -37.15 -8.45
N LEU B 529 55.59 -38.22 -8.57
CA LEU B 529 55.92 -39.27 -9.53
C LEU B 529 55.88 -38.74 -10.96
N TYR B 530 54.89 -37.91 -11.28
CA TYR B 530 54.84 -37.29 -12.59
C TYR B 530 56.01 -36.34 -12.80
N GLU B 531 56.49 -35.72 -11.73
CA GLU B 531 57.66 -34.85 -11.83
C GLU B 531 58.89 -35.64 -12.22
N MET B 532 59.08 -36.83 -11.62
CA MET B 532 60.29 -37.59 -11.92
C MET B 532 60.30 -38.12 -13.35
N GLN B 533 59.16 -38.60 -13.85
CA GLN B 533 59.03 -39.08 -15.23
C GLN B 533 59.94 -40.27 -15.53
N GLU B 534 60.31 -41.04 -14.50
CA GLU B 534 61.12 -42.24 -14.69
C GLU B 534 60.21 -43.45 -14.55
N GLU B 535 59.99 -44.16 -15.67
CA GLU B 535 58.97 -45.20 -15.68
C GLU B 535 59.28 -46.32 -14.71
N ASP B 536 60.54 -46.75 -14.64
CA ASP B 536 60.90 -47.90 -13.78
C ASP B 536 60.67 -47.54 -12.32
N PHE B 537 61.10 -46.35 -11.91
CA PHE B 537 60.85 -45.92 -10.53
C PHE B 537 59.36 -45.82 -10.25
N VAL B 538 58.58 -45.33 -11.22
CA VAL B 538 57.14 -45.23 -11.04
C VAL B 538 56.52 -46.59 -10.81
N GLN B 539 56.94 -47.59 -11.61
CA GLN B 539 56.43 -48.94 -11.42
C GLN B 539 56.80 -49.49 -10.05
N ARG B 540 58.05 -49.27 -9.62
CA ARG B 540 58.46 -49.78 -8.32
C ARG B 540 57.76 -49.04 -7.19
N ALA B 541 57.36 -47.79 -7.42
CA ALA B 541 56.85 -46.95 -6.34
C ALA B 541 55.35 -47.09 -6.14
N MET B 542 54.58 -47.27 -7.21
CA MET B 542 53.14 -47.30 -7.03
C MET B 542 52.58 -48.70 -6.78
N ASP B 543 53.44 -49.69 -6.54
CA ASP B 543 52.94 -51.02 -6.20
C ASP B 543 52.45 -51.11 -4.77
N TYR B 544 52.54 -50.02 -4.00
CA TYR B 544 52.14 -50.01 -2.60
C TYR B 544 50.81 -49.31 -2.38
N PHE B 545 50.23 -48.73 -3.43
CA PHE B 545 49.02 -47.91 -3.45
C PHE B 545 47.68 -48.61 -3.30
N PRO B 546 47.53 -49.91 -3.64
CA PRO B 546 46.35 -50.37 -4.39
C PRO B 546 45.04 -49.62 -4.17
N LYS B 547 44.63 -49.39 -2.94
CA LYS B 547 43.40 -48.66 -2.69
C LYS B 547 43.65 -47.17 -2.91
N ILE B 548 43.28 -46.68 -4.09
CA ILE B 548 43.55 -45.30 -4.51
C ILE B 548 42.26 -44.50 -4.39
N GLU B 549 42.36 -43.33 -3.76
CA GLU B 549 41.22 -42.40 -3.66
C GLU B 549 41.75 -41.01 -3.96
N ILE B 550 41.22 -40.36 -4.98
CA ILE B 550 41.70 -39.05 -5.40
C ILE B 550 40.52 -38.10 -5.64
N ASN B 551 40.81 -36.81 -5.54
CA ASN B 551 39.81 -35.77 -5.73
C ASN B 551 40.41 -34.73 -6.69
N LEU B 552 39.89 -34.68 -7.91
CA LEU B 552 40.48 -33.91 -8.99
C LEU B 552 39.66 -32.64 -9.20
N SER B 553 40.36 -31.53 -9.51
CA SER B 553 39.69 -30.27 -9.77
C SER B 553 40.23 -29.51 -10.98
N THR B 554 41.39 -29.88 -11.51
CA THR B 554 41.99 -29.14 -12.61
C THR B 554 42.43 -30.11 -13.70
N ARG B 555 42.72 -29.54 -14.87
CA ARG B 555 43.18 -30.35 -16.00
C ARG B 555 44.51 -31.02 -15.69
N MET B 556 45.41 -30.31 -15.00
CA MET B 556 46.67 -30.90 -14.62
C MET B 556 46.47 -32.07 -13.65
N ASP B 557 45.49 -31.97 -12.75
CA ASP B 557 45.14 -33.09 -11.89
C ASP B 557 44.72 -34.29 -12.73
N HIS B 558 43.89 -34.05 -13.75
CA HIS B 558 43.45 -35.15 -14.61
C HIS B 558 44.63 -35.79 -15.31
N MET B 559 45.57 -34.98 -15.82
CA MET B 559 46.70 -35.53 -16.56
C MET B 559 47.62 -36.33 -15.65
N VAL B 560 47.94 -35.80 -14.46
CA VAL B 560 48.83 -36.53 -13.58
C VAL B 560 48.17 -37.81 -13.10
N SER B 561 46.88 -37.77 -12.78
CA SER B 561 46.17 -38.97 -12.36
C SER B 561 46.14 -40.00 -13.48
N SER B 562 45.92 -39.56 -14.71
CA SER B 562 45.92 -40.48 -15.84
C SER B 562 47.28 -41.13 -16.01
N PHE B 563 48.35 -40.34 -15.95
CA PHE B 563 49.70 -40.89 -16.07
C PHE B 563 49.96 -41.93 -14.99
N CYS B 564 49.64 -41.60 -13.74
CA CYS B 564 49.92 -42.52 -12.65
C CYS B 564 49.09 -43.80 -12.77
N ILE B 565 47.79 -43.66 -13.00
CA ILE B 565 46.93 -44.84 -13.07
C ILE B 565 47.33 -45.72 -14.24
N GLU B 566 47.72 -45.12 -15.37
CA GLU B 566 48.22 -45.91 -16.49
C GLU B 566 49.49 -46.66 -16.10
N ASN B 567 50.40 -45.99 -15.38
CA ASN B 567 51.65 -46.65 -15.02
C ASN B 567 51.48 -47.66 -13.88
N CYS B 568 50.39 -47.60 -13.14
CA CYS B 568 50.21 -48.52 -12.03
C CYS B 568 49.89 -49.92 -12.53
N HIS B 569 50.21 -50.91 -11.71
CA HIS B 569 49.94 -52.31 -12.04
C HIS B 569 49.40 -53.12 -10.86
N ARG B 570 49.15 -52.50 -9.71
CA ARG B 570 48.62 -53.20 -8.55
C ARG B 570 47.41 -52.49 -7.95
N VAL B 571 46.69 -51.72 -8.74
CA VAL B 571 45.52 -51.01 -8.24
C VAL B 571 44.31 -51.93 -8.32
N GLU B 572 43.52 -51.96 -7.23
CA GLU B 572 42.31 -52.76 -7.19
C GLU B 572 41.06 -51.88 -7.06
N SER B 573 41.01 -51.03 -6.05
CA SER B 573 39.89 -50.12 -5.83
C SER B 573 40.32 -48.70 -6.20
N LEU B 574 39.46 -47.99 -6.91
CA LEU B 574 39.77 -46.64 -7.36
C LEU B 574 38.56 -45.75 -7.14
N SER B 575 38.73 -44.71 -6.33
CA SER B 575 37.68 -43.75 -6.04
C SER B 575 38.04 -42.41 -6.64
N LEU B 576 37.14 -41.85 -7.45
CA LEU B 576 37.33 -40.57 -8.09
C LEU B 576 36.34 -39.55 -7.55
N GLY B 577 36.82 -38.36 -7.26
CA GLY B 577 35.94 -37.24 -6.97
C GLY B 577 36.14 -36.13 -7.98
N PHE B 578 35.07 -35.52 -8.46
CA PHE B 578 35.15 -34.45 -9.45
C PHE B 578 34.59 -33.17 -8.85
N LEU B 579 35.21 -32.04 -9.21
CA LEU B 579 34.78 -30.72 -8.74
C LEU B 579 34.64 -29.80 -9.94
N HIS B 580 33.57 -29.00 -9.93
CA HIS B 580 33.28 -28.05 -11.01
C HIS B 580 33.20 -28.75 -12.37
N THR B 621 34.26 -31.36 -17.54
CA THR B 621 34.30 -32.66 -16.89
C THR B 621 34.61 -33.77 -17.88
N SER B 622 33.69 -33.99 -18.82
CA SER B 622 33.82 -35.10 -19.75
C SER B 622 35.06 -34.95 -20.63
N SER B 623 35.52 -33.72 -20.85
CA SER B 623 36.67 -33.50 -21.73
C SER B 623 37.91 -34.23 -21.22
N PHE B 624 38.14 -34.21 -19.91
CA PHE B 624 39.27 -34.92 -19.34
C PHE B 624 38.86 -36.28 -18.79
N CYS B 625 37.57 -36.49 -18.58
CA CYS B 625 37.07 -37.82 -18.28
C CYS B 625 37.36 -38.77 -19.43
N ARG B 626 37.31 -38.28 -20.67
CA ARG B 626 37.67 -39.12 -21.81
C ARG B 626 39.11 -39.60 -21.73
N GLY B 627 39.99 -38.85 -21.07
CA GLY B 627 41.37 -39.28 -20.91
C GLY B 627 41.56 -40.19 -19.72
N LEU B 628 40.88 -39.88 -18.61
CA LEU B 628 40.95 -40.74 -17.43
C LEU B 628 40.40 -42.13 -17.71
N PHE B 629 39.23 -42.20 -18.35
CA PHE B 629 38.55 -43.47 -18.49
C PHE B 629 39.27 -44.40 -19.46
N SER B 630 39.99 -43.84 -20.43
CA SER B 630 40.75 -44.69 -21.34
C SER B 630 41.81 -45.49 -20.59
N VAL B 631 42.60 -44.81 -19.75
CA VAL B 631 43.62 -45.51 -18.99
C VAL B 631 43.00 -46.36 -17.88
N LEU B 632 41.80 -46.00 -17.42
CA LEU B 632 41.08 -46.90 -16.51
C LEU B 632 40.72 -48.21 -17.20
N SER B 633 40.26 -48.14 -18.45
CA SER B 633 39.89 -49.35 -19.19
C SER B 633 41.11 -50.18 -19.52
N THR B 634 42.21 -49.54 -19.94
CA THR B 634 43.39 -50.30 -20.34
C THR B 634 43.99 -51.06 -19.15
N SER B 635 43.73 -50.61 -17.93
CA SER B 635 44.28 -51.27 -16.75
C SER B 635 43.74 -52.68 -16.63
N GLN B 636 44.63 -53.64 -16.35
CA GLN B 636 44.27 -55.04 -16.23
C GLN B 636 44.18 -55.53 -14.80
N SER B 637 44.35 -54.65 -13.81
CA SER B 637 44.29 -55.04 -12.40
C SER B 637 43.13 -54.42 -11.66
N LEU B 638 42.46 -53.41 -12.23
CA LEU B 638 41.37 -52.74 -11.55
C LEU B 638 40.14 -53.65 -11.49
N THR B 639 39.54 -53.73 -10.30
CA THR B 639 38.31 -54.48 -10.11
C THR B 639 37.15 -53.66 -9.59
N GLU B 640 37.41 -52.58 -8.86
CA GLU B 640 36.37 -51.70 -8.33
C GLU B 640 36.50 -50.33 -8.95
N LEU B 641 35.38 -49.60 -9.00
CA LEU B 641 35.37 -48.26 -9.57
C LEU B 641 34.22 -47.48 -8.92
N ASP B 642 34.56 -46.61 -7.97
CA ASP B 642 33.57 -45.84 -7.22
C ASP B 642 33.52 -44.42 -7.77
N LEU B 643 32.33 -43.98 -8.15
CA LEU B 643 32.09 -42.61 -8.60
C LEU B 643 30.91 -41.98 -7.87
N SER B 644 30.65 -42.42 -6.66
CA SER B 644 29.48 -41.93 -5.93
C SER B 644 29.63 -40.44 -5.60
N ASP B 645 28.49 -39.77 -5.46
CA ASP B 645 28.41 -38.37 -5.04
C ASP B 645 29.15 -37.43 -6.00
N ASN B 646 29.03 -37.66 -7.30
CA ASN B 646 29.56 -36.75 -8.30
C ASN B 646 28.42 -36.20 -9.15
N SER B 647 28.74 -35.15 -9.90
CA SER B 647 27.84 -34.65 -10.95
C SER B 647 28.26 -35.23 -12.30
N LEU B 648 28.27 -36.57 -12.36
CA LEU B 648 28.74 -37.24 -13.56
C LEU B 648 27.88 -36.92 -14.77
N GLY B 649 26.56 -36.91 -14.59
CA GLY B 649 25.65 -36.50 -15.64
C GLY B 649 25.50 -37.54 -16.74
N ASP B 650 24.52 -37.28 -17.61
CA ASP B 650 24.27 -38.17 -18.74
C ASP B 650 25.43 -38.24 -19.73
N PRO B 651 26.02 -37.13 -20.19
CA PRO B 651 27.19 -37.26 -21.09
C PRO B 651 28.37 -37.96 -20.45
N GLY B 652 28.62 -37.69 -19.16
CA GLY B 652 29.69 -38.39 -18.47
C GLY B 652 29.44 -39.87 -18.38
N MET B 653 28.19 -40.26 -18.10
CA MET B 653 27.86 -41.67 -18.04
C MET B 653 27.96 -42.32 -19.42
N ARG B 654 27.62 -41.57 -20.48
CA ARG B 654 27.80 -42.08 -21.83
C ARG B 654 29.26 -42.35 -22.14
N VAL B 655 30.14 -41.42 -21.76
CA VAL B 655 31.57 -41.63 -21.95
C VAL B 655 32.05 -42.83 -21.15
N LEU B 656 31.61 -42.94 -19.90
CA LEU B 656 32.01 -44.07 -19.07
C LEU B 656 31.53 -45.40 -19.66
N CYS B 657 30.34 -45.39 -20.25
CA CYS B 657 29.81 -46.62 -20.85
C CYS B 657 30.55 -46.98 -22.13
N GLU B 658 30.91 -45.98 -22.92
CA GLU B 658 31.78 -46.24 -24.07
C GLU B 658 33.09 -46.85 -23.61
N THR B 659 33.60 -46.39 -22.46
CA THR B 659 34.80 -46.98 -21.89
C THR B 659 34.59 -48.44 -21.47
N LEU B 660 33.48 -48.70 -20.78
CA LEU B 660 33.26 -50.03 -20.20
C LEU B 660 33.06 -51.10 -21.26
N GLN B 661 32.73 -50.70 -22.49
CA GLN B 661 32.56 -51.67 -23.56
C GLN B 661 33.87 -52.14 -24.16
N HIS B 662 34.99 -51.59 -23.71
CA HIS B 662 36.30 -52.02 -24.21
C HIS B 662 36.51 -53.49 -23.90
N PRO B 663 37.06 -54.26 -24.83
CA PRO B 663 37.28 -55.70 -24.58
C PRO B 663 38.19 -55.97 -23.40
N GLY B 664 39.16 -55.09 -23.14
CA GLY B 664 40.11 -55.30 -22.06
C GLY B 664 39.69 -54.82 -20.71
N CYS B 665 38.47 -54.30 -20.56
CA CYS B 665 38.02 -53.81 -19.27
C CYS B 665 37.91 -54.95 -18.27
N ASN B 666 38.28 -54.65 -17.02
CA ASN B 666 38.28 -55.64 -15.95
C ASN B 666 37.47 -55.19 -14.74
N ILE B 667 36.71 -54.10 -14.86
CA ILE B 667 35.95 -53.61 -13.72
C ILE B 667 34.82 -54.58 -13.40
N ARG B 668 34.74 -54.97 -12.13
CA ARG B 668 33.74 -55.94 -11.69
C ARG B 668 32.67 -55.35 -10.79
N ARG B 669 32.95 -54.25 -10.10
CA ARG B 669 31.96 -53.57 -9.28
C ARG B 669 31.96 -52.10 -9.66
N LEU B 670 30.78 -51.50 -9.75
CA LEU B 670 30.65 -50.12 -10.20
C LEU B 670 29.59 -49.43 -9.36
N TRP B 671 30.02 -48.48 -8.52
CA TRP B 671 29.12 -47.71 -7.68
C TRP B 671 28.83 -46.37 -8.34
N LEU B 672 27.55 -46.02 -8.42
CA LEU B 672 27.11 -44.79 -9.08
C LEU B 672 26.04 -44.10 -8.25
N GLY B 673 26.20 -44.12 -6.92
CA GLY B 673 25.22 -43.49 -6.05
C GLY B 673 25.22 -41.99 -6.20
N ARG B 674 24.03 -41.42 -6.40
CA ARG B 674 23.83 -39.97 -6.44
C ARG B 674 24.74 -39.30 -7.48
N CYS B 675 24.87 -39.93 -8.64
CA CYS B 675 25.65 -39.37 -9.74
C CYS B 675 24.85 -38.37 -10.58
N GLY B 676 23.65 -37.98 -10.13
CA GLY B 676 22.85 -37.08 -10.92
C GLY B 676 22.33 -37.66 -12.21
N LEU B 677 22.35 -38.99 -12.35
CA LEU B 677 21.92 -39.63 -13.57
C LEU B 677 20.41 -39.55 -13.75
N SER B 678 19.96 -39.83 -14.97
CA SER B 678 18.55 -39.85 -15.29
C SER B 678 18.24 -41.07 -16.14
N HIS B 679 17.04 -41.11 -16.73
CA HIS B 679 16.67 -42.27 -17.55
C HIS B 679 17.52 -42.37 -18.80
N GLU B 680 18.21 -41.29 -19.18
CA GLU B 680 19.00 -41.30 -20.41
C GLU B 680 20.21 -42.21 -20.27
N CYS B 681 20.80 -42.27 -19.08
CA CYS B 681 22.00 -43.10 -18.89
C CYS B 681 21.66 -44.58 -18.90
N CYS B 682 20.40 -44.94 -18.64
CA CYS B 682 20.01 -46.34 -18.58
C CYS B 682 20.16 -47.04 -19.92
N PHE B 683 20.00 -46.32 -21.03
CA PHE B 683 20.24 -46.91 -22.34
C PHE B 683 21.68 -47.38 -22.47
N ASP B 684 22.63 -46.51 -22.13
CA ASP B 684 24.04 -46.86 -22.21
C ASP B 684 24.39 -47.97 -21.22
N ILE B 685 23.80 -47.93 -20.02
CA ILE B 685 24.06 -48.97 -19.04
C ILE B 685 23.56 -50.32 -19.54
N SER B 686 22.39 -50.32 -20.21
CA SER B 686 21.88 -51.56 -20.78
C SER B 686 22.79 -52.07 -21.88
N LEU B 687 23.34 -51.16 -22.70
CA LEU B 687 24.30 -51.56 -23.71
C LEU B 687 25.52 -52.22 -23.07
N VAL B 688 26.02 -51.62 -22.00
CA VAL B 688 27.17 -52.19 -21.28
C VAL B 688 26.83 -53.58 -20.75
N LEU B 689 25.67 -53.70 -20.11
CA LEU B 689 25.26 -54.98 -19.53
C LEU B 689 25.07 -56.06 -20.59
N SER B 690 24.64 -55.69 -21.79
CA SER B 690 24.54 -56.63 -22.88
C SER B 690 25.87 -56.87 -23.59
N SER B 691 26.89 -56.06 -23.30
CA SER B 691 28.18 -56.23 -23.96
C SER B 691 29.27 -56.71 -23.00
N ASN B 692 29.21 -56.26 -21.75
CA ASN B 692 30.26 -56.56 -20.77
C ASN B 692 29.87 -57.81 -19.98
N GLN B 693 30.72 -58.83 -20.06
CA GLN B 693 30.49 -60.09 -19.36
C GLN B 693 31.16 -60.17 -18.00
N LYS B 694 31.97 -59.17 -17.64
CA LYS B 694 32.72 -59.21 -16.39
C LYS B 694 32.07 -58.42 -15.26
N LEU B 695 31.19 -57.47 -15.57
CA LEU B 695 30.52 -56.70 -14.53
C LEU B 695 29.68 -57.63 -13.66
N VAL B 696 29.82 -57.50 -12.34
CA VAL B 696 29.18 -58.39 -11.38
C VAL B 696 28.22 -57.64 -10.47
N GLU B 697 28.63 -56.49 -9.94
CA GLU B 697 27.79 -55.69 -9.07
C GLU B 697 27.58 -54.31 -9.68
N LEU B 698 26.47 -53.68 -9.32
CA LEU B 698 26.13 -52.36 -9.84
C LEU B 698 25.26 -51.64 -8.82
N ASP B 699 25.47 -50.33 -8.70
CA ASP B 699 24.71 -49.50 -7.77
C ASP B 699 24.22 -48.28 -8.52
N LEU B 700 22.95 -47.92 -8.29
CA LEU B 700 22.35 -46.75 -8.92
C LEU B 700 21.49 -45.99 -7.93
N SER B 701 21.84 -46.07 -6.65
CA SER B 701 21.02 -45.44 -5.61
C SER B 701 20.98 -43.93 -5.78
N ASP B 702 19.84 -43.35 -5.43
CA ASP B 702 19.66 -41.89 -5.39
C ASP B 702 19.84 -41.26 -6.77
N ASN B 703 19.40 -41.97 -7.81
CA ASN B 703 19.35 -41.42 -9.16
C ASN B 703 17.91 -41.51 -9.66
N ALA B 704 17.41 -40.42 -10.22
CA ALA B 704 16.01 -40.36 -10.67
C ALA B 704 15.83 -41.09 -12.00
N LEU B 705 16.11 -42.39 -11.98
CA LEU B 705 15.93 -43.20 -13.18
C LEU B 705 14.46 -43.25 -13.60
N GLY B 706 13.58 -43.60 -12.67
CA GLY B 706 12.16 -43.64 -12.96
C GLY B 706 11.72 -44.94 -13.62
N ASP B 707 10.41 -45.01 -13.88
CA ASP B 707 9.84 -46.20 -14.49
C ASP B 707 10.42 -46.44 -15.88
N PHE B 708 10.57 -45.38 -16.67
CA PHE B 708 11.15 -45.54 -18.00
C PHE B 708 12.61 -45.93 -17.91
N GLY B 709 13.34 -45.39 -16.92
CA GLY B 709 14.70 -45.82 -16.71
C GLY B 709 14.81 -47.31 -16.42
N ILE B 710 13.93 -47.82 -15.56
CA ILE B 710 13.95 -49.25 -15.26
C ILE B 710 13.54 -50.06 -16.48
N ARG B 711 12.59 -49.54 -17.27
CA ARG B 711 12.19 -50.24 -18.49
C ARG B 711 13.36 -50.36 -19.46
N LEU B 712 14.15 -49.30 -19.59
CA LEU B 712 15.34 -49.36 -20.44
C LEU B 712 16.38 -50.30 -19.86
N LEU B 713 16.57 -50.28 -18.55
CA LEU B 713 17.60 -51.09 -17.91
C LEU B 713 17.29 -52.59 -18.04
N CYS B 714 16.02 -52.95 -17.91
CA CYS B 714 15.65 -54.37 -17.94
C CYS B 714 15.90 -55.02 -19.29
N VAL B 715 16.07 -54.22 -20.34
CA VAL B 715 16.44 -54.78 -21.64
C VAL B 715 17.85 -55.36 -21.58
N GLY B 716 18.79 -54.60 -21.02
CA GLY B 716 20.12 -55.13 -20.80
C GLY B 716 20.14 -56.23 -19.75
N LEU B 717 19.33 -56.07 -18.70
CA LEU B 717 19.32 -57.04 -17.62
C LEU B 717 18.86 -58.41 -18.07
N LYS B 718 18.02 -58.47 -19.11
CA LYS B 718 17.48 -59.73 -19.60
C LYS B 718 18.34 -60.39 -20.67
N HIS B 719 19.47 -59.80 -21.01
CA HIS B 719 20.34 -60.38 -22.02
C HIS B 719 21.01 -61.66 -21.50
N LEU B 720 21.46 -62.49 -22.44
CA LEU B 720 22.15 -63.72 -22.07
C LEU B 720 23.61 -63.48 -21.70
N LEU B 721 24.17 -62.33 -22.06
CA LEU B 721 25.54 -61.99 -21.71
C LEU B 721 25.63 -61.16 -20.43
N CYS B 722 24.50 -60.89 -19.78
CA CYS B 722 24.50 -60.12 -18.54
C CYS B 722 24.81 -61.04 -17.36
N ASN B 723 25.97 -60.86 -16.76
CA ASN B 723 26.39 -61.65 -15.60
C ASN B 723 26.20 -60.91 -14.29
N LEU B 724 25.44 -59.82 -14.30
CA LEU B 724 25.25 -59.01 -13.10
C LEU B 724 24.61 -59.86 -12.00
N LYS B 725 25.15 -59.74 -10.79
CA LYS B 725 24.67 -60.50 -9.64
C LYS B 725 23.94 -59.67 -8.62
N LYS B 726 24.45 -58.50 -8.27
CA LYS B 726 23.84 -57.61 -7.30
C LYS B 726 23.39 -56.34 -7.98
N LEU B 727 22.30 -55.75 -7.50
CA LEU B 727 21.76 -54.53 -8.08
C LEU B 727 21.13 -53.70 -6.99
N TRP B 728 21.53 -52.44 -6.90
CA TRP B 728 20.97 -51.49 -5.94
C TRP B 728 20.11 -50.48 -6.69
N LEU B 729 18.90 -50.25 -6.19
CA LEU B 729 17.99 -49.26 -6.76
C LEU B 729 17.33 -48.44 -5.68
N VAL B 730 18.01 -48.26 -4.56
CA VAL B 730 17.44 -47.57 -3.40
C VAL B 730 17.17 -46.11 -3.76
N SER B 731 15.92 -45.70 -3.60
CA SER B 731 15.50 -44.30 -3.80
C SER B 731 15.79 -43.84 -5.23
N CYS B 732 15.27 -44.59 -6.20
CA CYS B 732 15.40 -44.24 -7.61
C CYS B 732 14.15 -43.59 -8.18
N CYS B 733 13.26 -43.09 -7.31
CA CYS B 733 12.00 -42.47 -7.73
C CYS B 733 11.18 -43.42 -8.60
N LEU B 734 11.11 -44.68 -8.19
CA LEU B 734 10.30 -45.67 -8.90
C LEU B 734 8.88 -45.70 -8.36
N THR B 735 8.00 -46.34 -9.12
CA THR B 735 6.61 -46.53 -8.70
C THR B 735 6.19 -47.97 -8.96
N SER B 736 4.90 -48.25 -8.85
CA SER B 736 4.40 -49.60 -9.11
C SER B 736 4.39 -49.94 -10.59
N ALA B 737 4.48 -48.95 -11.47
CA ALA B 737 4.47 -49.22 -12.90
C ALA B 737 5.68 -50.04 -13.33
N CYS B 738 6.86 -49.71 -12.81
CA CYS B 738 8.09 -50.42 -13.19
C CYS B 738 8.14 -51.83 -12.62
N CYS B 739 7.27 -52.16 -11.66
CA CYS B 739 7.34 -53.46 -11.01
C CYS B 739 7.03 -54.58 -11.99
N GLN B 740 6.26 -54.30 -13.04
CA GLN B 740 6.01 -55.31 -14.06
C GLN B 740 7.29 -55.69 -14.79
N ASP B 741 8.24 -54.76 -14.89
CA ASP B 741 9.48 -55.02 -15.62
C ASP B 741 10.49 -55.79 -14.76
N LEU B 742 10.74 -55.29 -13.55
CA LEU B 742 11.71 -55.95 -12.66
C LEU B 742 11.34 -57.41 -12.43
N ALA B 743 10.05 -57.69 -12.26
CA ALA B 743 9.62 -59.08 -12.08
C ALA B 743 10.02 -59.93 -13.27
N SER B 744 9.87 -59.40 -14.49
CA SER B 744 10.27 -60.16 -15.67
C SER B 744 11.76 -60.46 -15.64
N VAL B 745 12.56 -59.63 -14.97
CA VAL B 745 13.98 -59.94 -14.81
C VAL B 745 14.16 -61.12 -13.86
N LEU B 746 13.38 -61.16 -12.77
CA LEU B 746 13.58 -62.17 -11.75
C LEU B 746 13.33 -63.57 -12.30
N SER B 747 12.31 -63.74 -13.13
CA SER B 747 12.02 -65.04 -13.72
C SER B 747 12.91 -65.37 -14.90
N THR B 748 13.70 -64.43 -15.38
CA THR B 748 14.55 -64.64 -16.55
C THR B 748 16.05 -64.59 -16.23
N SER B 749 16.48 -63.65 -15.41
CA SER B 749 17.91 -63.48 -15.13
C SER B 749 18.45 -64.71 -14.40
N HIS B 750 19.42 -65.37 -15.01
CA HIS B 750 20.04 -66.56 -14.43
C HIS B 750 21.10 -66.23 -13.40
N SER B 751 21.45 -64.96 -13.21
CA SER B 751 22.55 -64.58 -12.34
C SER B 751 22.17 -63.60 -11.25
N LEU B 752 21.19 -62.72 -11.48
CA LEU B 752 20.81 -61.73 -10.48
C LEU B 752 20.28 -62.39 -9.23
N THR B 753 20.99 -62.26 -8.12
CA THR B 753 20.60 -62.87 -6.85
C THR B 753 20.13 -61.88 -5.80
N ARG B 754 20.76 -60.71 -5.70
CA ARG B 754 20.49 -59.77 -4.63
C ARG B 754 19.97 -58.46 -5.22
N LEU B 755 18.70 -58.17 -4.96
CA LEU B 755 18.05 -56.98 -5.49
C LEU B 755 17.56 -56.11 -4.33
N TYR B 756 17.93 -54.83 -4.36
CA TYR B 756 17.52 -53.87 -3.34
C TYR B 756 16.73 -52.76 -4.01
N VAL B 757 15.43 -52.69 -3.73
CA VAL B 757 14.55 -51.71 -4.35
C VAL B 757 13.86 -50.86 -3.28
N GLY B 758 14.53 -50.66 -2.15
CA GLY B 758 13.93 -49.92 -1.06
C GLY B 758 13.77 -48.44 -1.36
N GLU B 759 13.07 -47.77 -0.44
CA GLU B 759 12.88 -46.32 -0.48
C GLU B 759 12.14 -45.87 -1.74
N ASN B 760 11.35 -46.75 -2.33
CA ASN B 760 10.54 -46.43 -3.50
C ASN B 760 9.07 -46.68 -3.19
N ALA B 761 8.21 -45.89 -3.82
CA ALA B 761 6.77 -46.02 -3.62
C ALA B 761 6.21 -47.19 -4.45
N LEU B 762 6.80 -48.36 -4.22
CA LEU B 762 6.37 -49.56 -4.94
C LEU B 762 4.94 -49.92 -4.60
N GLY B 763 4.62 -49.95 -3.31
CA GLY B 763 3.27 -50.23 -2.87
C GLY B 763 2.96 -51.71 -2.81
N ASP B 764 1.78 -52.01 -2.24
CA ASP B 764 1.36 -53.38 -2.07
C ASP B 764 1.17 -54.07 -3.42
N SER B 765 0.61 -53.36 -4.40
CA SER B 765 0.42 -53.92 -5.73
C SER B 765 1.76 -54.24 -6.38
N GLY B 766 2.73 -53.33 -6.27
CA GLY B 766 4.04 -53.59 -6.84
C GLY B 766 4.74 -54.77 -6.20
N VAL B 767 4.68 -54.86 -4.87
CA VAL B 767 5.30 -55.98 -4.19
C VAL B 767 4.60 -57.28 -4.55
N ALA B 768 3.27 -57.23 -4.73
CA ALA B 768 2.55 -58.42 -5.21
C ALA B 768 3.02 -58.83 -6.59
N ILE B 769 3.25 -57.85 -7.47
CA ILE B 769 3.73 -58.17 -8.82
C ILE B 769 5.10 -58.81 -8.77
N LEU B 770 6.00 -58.27 -7.94
CA LEU B 770 7.31 -58.89 -7.78
C LEU B 770 7.20 -60.31 -7.23
N CYS B 771 6.37 -60.50 -6.21
CA CYS B 771 6.29 -61.80 -5.57
C CYS B 771 5.62 -62.84 -6.47
N GLU B 772 4.74 -62.41 -7.37
CA GLU B 772 4.09 -63.35 -8.27
C GLU B 772 5.12 -64.09 -9.13
N LYS B 773 6.20 -63.40 -9.50
CA LYS B 773 7.29 -64.04 -10.21
C LYS B 773 8.34 -64.62 -9.27
N ALA B 774 8.45 -64.07 -8.06
CA ALA B 774 9.44 -64.59 -7.11
C ALA B 774 9.01 -65.92 -6.48
N LYS B 775 7.74 -66.29 -6.60
CA LYS B 775 7.29 -67.56 -6.05
C LYS B 775 7.88 -68.76 -6.78
N ASN B 776 8.33 -68.58 -8.01
CA ASN B 776 8.88 -69.69 -8.79
C ASN B 776 10.09 -70.27 -8.07
N PRO B 777 10.13 -71.58 -7.82
CA PRO B 777 11.31 -72.17 -7.19
C PRO B 777 12.59 -72.01 -7.99
N GLN B 778 12.49 -71.81 -9.31
CA GLN B 778 13.67 -71.62 -10.14
C GLN B 778 14.30 -70.25 -9.96
N CYS B 779 13.59 -69.30 -9.34
CA CYS B 779 14.14 -67.97 -9.11
C CYS B 779 15.37 -68.06 -8.21
N ASN B 780 16.43 -67.37 -8.60
CA ASN B 780 17.70 -67.42 -7.89
C ASN B 780 17.85 -66.29 -6.88
N LEU B 781 16.81 -65.47 -6.68
CA LEU B 781 16.89 -64.35 -5.75
C LEU B 781 17.19 -64.85 -4.34
N GLN B 782 18.17 -64.20 -3.69
CA GLN B 782 18.57 -64.57 -2.34
C GLN B 782 18.28 -63.47 -1.32
N LYS B 783 18.75 -62.26 -1.57
CA LYS B 783 18.49 -61.13 -0.69
C LYS B 783 17.55 -60.15 -1.38
N LEU B 784 16.49 -59.75 -0.69
CA LEU B 784 15.53 -58.79 -1.23
C LEU B 784 15.39 -57.64 -0.23
N GLY B 785 15.48 -56.42 -0.73
CA GLY B 785 15.39 -55.22 0.10
C GLY B 785 14.15 -54.43 -0.24
N LEU B 786 13.31 -54.22 0.76
CA LEU B 786 12.08 -53.43 0.61
C LEU B 786 11.97 -52.38 1.71
N VAL B 787 13.12 -51.85 2.14
CA VAL B 787 13.13 -50.87 3.23
C VAL B 787 12.36 -49.62 2.82
N ASN B 788 11.41 -49.22 3.67
CA ASN B 788 10.69 -47.97 3.49
C ASN B 788 9.98 -47.92 2.15
N SER B 789 9.52 -49.08 1.68
CA SER B 789 8.89 -49.20 0.38
C SER B 789 7.40 -48.93 0.39
N GLY B 790 6.90 -48.26 1.43
CA GLY B 790 5.49 -47.90 1.50
C GLY B 790 4.55 -49.09 1.49
N LEU B 791 4.82 -50.08 2.34
CA LEU B 791 4.06 -51.32 2.34
C LEU B 791 3.09 -51.37 3.51
N THR B 792 2.00 -52.08 3.31
CA THR B 792 1.02 -52.40 4.35
C THR B 792 0.96 -53.93 4.50
N SER B 793 0.03 -54.39 5.34
CA SER B 793 -0.13 -55.82 5.56
C SER B 793 -0.71 -56.54 4.35
N VAL B 794 -1.35 -55.81 3.43
CA VAL B 794 -2.05 -56.46 2.31
C VAL B 794 -1.10 -57.29 1.48
N CYS B 795 0.08 -56.75 1.19
CA CYS B 795 1.08 -57.48 0.39
C CYS B 795 1.76 -58.57 1.18
N CYS B 796 1.68 -58.55 2.52
CA CYS B 796 2.46 -59.48 3.33
C CYS B 796 2.13 -60.93 2.98
N SER B 797 0.84 -61.25 2.84
CA SER B 797 0.45 -62.61 2.43
C SER B 797 1.20 -63.03 1.18
N ALA B 798 1.26 -62.16 0.17
CA ALA B 798 2.00 -62.48 -1.04
C ALA B 798 3.45 -62.81 -0.71
N LEU B 799 4.11 -61.97 0.11
CA LEU B 799 5.46 -62.28 0.54
C LEU B 799 5.51 -63.65 1.21
N SER B 800 4.52 -63.95 2.05
CA SER B 800 4.47 -65.25 2.71
C SER B 800 4.54 -66.38 1.68
N SER B 801 3.82 -66.22 0.56
CA SER B 801 3.82 -67.26 -0.45
C SER B 801 5.24 -67.52 -0.95
N VAL B 802 6.00 -66.46 -1.22
CA VAL B 802 7.39 -66.63 -1.62
C VAL B 802 8.15 -67.39 -0.55
N LEU B 803 7.94 -67.02 0.71
CA LEU B 803 8.64 -67.68 1.81
C LEU B 803 8.29 -69.17 1.85
N SER B 804 7.09 -69.53 1.40
CA SER B 804 6.70 -70.93 1.38
C SER B 804 7.28 -71.67 0.17
N THR B 805 7.57 -70.96 -0.91
CA THR B 805 7.93 -71.61 -2.17
C THR B 805 9.39 -71.43 -2.56
N ASN B 806 9.95 -70.24 -2.35
CA ASN B 806 11.32 -69.97 -2.79
C ASN B 806 12.30 -70.57 -1.79
N GLN B 807 13.14 -71.48 -2.28
CA GLN B 807 14.16 -72.12 -1.44
C GLN B 807 15.45 -71.32 -1.40
N ASN B 808 15.55 -70.23 -2.14
CA ASN B 808 16.79 -69.46 -2.24
C ASN B 808 16.79 -68.19 -1.40
N LEU B 809 15.61 -67.64 -1.09
CA LEU B 809 15.55 -66.40 -0.33
C LEU B 809 16.06 -66.62 1.08
N THR B 810 17.27 -66.09 1.37
CA THR B 810 17.86 -66.22 2.69
C THR B 810 17.74 -64.95 3.53
N HIS B 811 17.64 -63.79 2.90
CA HIS B 811 17.54 -62.53 3.61
C HIS B 811 16.32 -61.76 3.11
N LEU B 812 15.77 -60.92 3.97
CA LEU B 812 14.62 -60.11 3.61
C LEU B 812 14.54 -58.94 4.58
N TYR B 813 14.61 -57.72 4.06
CA TYR B 813 14.57 -56.51 4.88
C TYR B 813 13.26 -55.79 4.65
N LEU B 814 12.57 -55.46 5.74
CA LEU B 814 11.27 -54.80 5.67
C LEU B 814 11.22 -53.57 6.58
N ARG B 815 12.36 -53.01 6.93
CA ARG B 815 12.42 -51.87 7.83
C ARG B 815 11.62 -50.69 7.28
N GLY B 816 10.87 -50.04 8.15
CA GLY B 816 10.15 -48.83 7.79
C GLY B 816 8.77 -49.04 7.21
N ASN B 817 8.35 -50.29 7.00
CA ASN B 817 7.05 -50.59 6.41
C ASN B 817 6.04 -50.84 7.52
N THR B 818 4.87 -50.20 7.42
CA THR B 818 3.82 -50.32 8.43
C THR B 818 3.04 -51.62 8.21
N LEU B 819 3.74 -52.74 8.44
CA LEU B 819 3.10 -54.03 8.27
C LEU B 819 2.00 -54.26 9.30
N GLY B 820 2.31 -54.04 10.58
CA GLY B 820 1.36 -54.27 11.65
C GLY B 820 1.36 -55.70 12.14
N ASP B 821 0.62 -55.91 13.23
CA ASP B 821 0.55 -57.24 13.83
C ASP B 821 -0.08 -58.26 12.89
N LYS B 822 -1.12 -57.86 12.15
CA LYS B 822 -1.73 -58.76 11.18
C LYS B 822 -0.75 -59.12 10.07
N GLY B 823 0.04 -58.15 9.61
CA GLY B 823 1.06 -58.43 8.62
C GLY B 823 2.12 -59.39 9.15
N ILE B 824 2.53 -59.21 10.40
CA ILE B 824 3.52 -60.10 10.99
C ILE B 824 2.95 -61.50 11.13
N LYS B 825 1.68 -61.62 11.49
CA LYS B 825 1.05 -62.94 11.57
C LYS B 825 0.99 -63.59 10.20
N LEU B 826 0.64 -62.83 9.17
CA LEU B 826 0.59 -63.37 7.82
C LEU B 826 1.97 -63.81 7.37
N LEU B 827 3.01 -63.06 7.71
CA LEU B 827 4.38 -63.46 7.39
C LEU B 827 4.76 -64.75 8.13
N CYS B 828 4.51 -64.78 9.44
CA CYS B 828 4.83 -65.96 10.23
C CYS B 828 4.09 -67.19 9.74
N GLU B 829 2.95 -67.00 9.09
CA GLU B 829 2.31 -68.12 8.39
C GLU B 829 3.27 -68.75 7.37
N GLY B 830 4.15 -67.94 6.80
CA GLY B 830 5.10 -68.44 5.81
C GLY B 830 6.45 -68.81 6.37
N LEU B 831 6.94 -68.04 7.34
CA LEU B 831 8.23 -68.37 7.96
C LEU B 831 8.18 -69.70 8.69
N LEU B 832 7.02 -70.08 9.21
CA LEU B 832 6.88 -71.34 9.92
C LEU B 832 6.76 -72.53 8.99
N HIS B 833 6.68 -72.30 7.68
CA HIS B 833 6.61 -73.41 6.73
C HIS B 833 7.89 -74.24 6.81
N PRO B 834 7.81 -75.56 6.65
CA PRO B 834 9.03 -76.38 6.70
C PRO B 834 10.06 -76.03 5.64
N ASP B 835 9.61 -75.58 4.47
CA ASP B 835 10.52 -75.32 3.36
C ASP B 835 11.15 -73.93 3.39
N CYS B 836 10.72 -73.06 4.31
CA CYS B 836 11.30 -71.73 4.40
C CYS B 836 12.76 -71.81 4.82
N LYS B 837 13.62 -71.09 4.10
CA LYS B 837 15.06 -71.09 4.38
C LYS B 837 15.59 -69.71 4.73
N LEU B 838 14.72 -68.78 5.12
CA LEU B 838 15.18 -67.44 5.48
C LEU B 838 16.12 -67.50 6.67
N GLN B 839 17.15 -66.65 6.64
CA GLN B 839 18.14 -66.60 7.71
C GLN B 839 18.21 -65.26 8.42
N VAL B 840 17.94 -64.16 7.73
CA VAL B 840 17.99 -62.83 8.32
C VAL B 840 16.70 -62.10 7.97
N LEU B 841 16.05 -61.53 8.97
CA LEU B 841 14.82 -60.76 8.77
C LEU B 841 14.90 -59.49 9.58
N GLU B 842 14.59 -58.35 8.95
CA GLU B 842 14.57 -57.07 9.62
C GLU B 842 13.13 -56.55 9.63
N LEU B 843 12.70 -56.03 10.78
CA LEU B 843 11.35 -55.49 10.93
C LEU B 843 11.36 -54.19 11.72
N ASP B 844 12.45 -53.44 11.66
CA ASP B 844 12.55 -52.20 12.41
C ASP B 844 11.50 -51.21 11.96
N ASN B 845 10.98 -50.43 12.91
CA ASN B 845 10.06 -49.34 12.63
C ASN B 845 8.84 -49.82 11.84
N CYS B 846 8.38 -51.03 12.14
CA CYS B 846 7.23 -51.62 11.48
C CYS B 846 5.93 -51.36 12.20
N ASN B 847 5.95 -50.56 13.27
CA ASN B 847 4.77 -50.28 14.09
C ASN B 847 4.16 -51.56 14.63
N LEU B 848 4.95 -52.25 15.46
CA LEU B 848 4.56 -53.52 16.05
C LEU B 848 4.34 -53.35 17.55
N THR B 849 3.17 -53.76 18.01
CA THR B 849 2.78 -53.66 19.41
C THR B 849 2.98 -55.01 20.11
N SER B 850 2.52 -55.08 21.36
CA SER B 850 2.67 -56.32 22.12
C SER B 850 1.80 -57.45 21.58
N HIS B 851 0.74 -57.13 20.83
CA HIS B 851 -0.18 -58.15 20.36
C HIS B 851 0.55 -59.21 19.54
N CYS B 852 1.52 -58.80 18.72
CA CYS B 852 2.26 -59.74 17.88
C CYS B 852 3.38 -60.45 18.62
N CYS B 853 3.71 -60.04 19.85
CA CYS B 853 4.88 -60.60 20.53
C CYS B 853 4.75 -62.10 20.74
N TRP B 854 3.52 -62.61 20.83
CA TRP B 854 3.33 -64.06 20.92
C TRP B 854 3.71 -64.75 19.62
N ASP B 855 3.27 -64.18 18.49
CA ASP B 855 3.51 -64.82 17.19
C ASP B 855 5.00 -65.05 16.96
N LEU B 856 5.81 -64.00 17.13
CA LEU B 856 7.25 -64.14 16.95
C LEU B 856 7.81 -65.20 17.90
N SER B 857 7.26 -65.30 19.11
CA SER B 857 7.69 -66.34 20.03
C SER B 857 7.45 -67.71 19.42
N THR B 858 6.27 -67.93 18.84
CA THR B 858 6.00 -69.17 18.14
C THR B 858 7.02 -69.40 17.03
N LEU B 859 7.48 -68.31 16.40
CA LEU B 859 8.54 -68.43 15.40
C LEU B 859 9.82 -68.95 16.02
N LEU B 860 10.21 -68.40 17.18
CA LEU B 860 11.53 -68.66 17.73
C LEU B 860 11.73 -70.15 18.02
N THR B 861 10.71 -70.81 18.59
CA THR B 861 10.83 -72.22 18.91
C THR B 861 10.72 -73.09 17.67
N SER B 862 10.15 -72.57 16.58
CA SER B 862 9.84 -73.41 15.43
C SER B 862 10.71 -73.17 14.22
N SER B 863 11.22 -71.96 14.01
CA SER B 863 12.03 -71.68 12.83
C SER B 863 13.39 -72.35 12.98
N GLN B 864 13.68 -73.32 12.13
CA GLN B 864 14.94 -74.05 12.17
C GLN B 864 16.02 -73.43 11.31
N SER B 865 15.71 -72.36 10.58
CA SER B 865 16.66 -71.72 9.68
C SER B 865 17.01 -70.29 10.06
N LEU B 866 16.07 -69.54 10.64
CA LEU B 866 16.32 -68.14 10.98
C LEU B 866 17.48 -68.03 11.96
N ARG B 867 18.38 -67.08 11.68
CA ARG B 867 19.56 -66.88 12.50
C ARG B 867 19.61 -65.47 13.08
N LYS B 868 19.08 -64.50 12.34
CA LYS B 868 19.11 -63.10 12.76
C LYS B 868 17.73 -62.51 12.64
N LEU B 869 17.42 -61.56 13.53
CA LEU B 869 16.13 -60.90 13.54
C LEU B 869 16.26 -59.57 14.27
N SER B 870 15.98 -58.48 13.55
CA SER B 870 16.07 -57.14 14.11
C SER B 870 14.67 -56.60 14.33
N LEU B 871 14.43 -56.04 15.54
CA LEU B 871 13.09 -55.61 15.91
C LEU B 871 13.07 -54.24 16.58
N GLY B 872 14.05 -53.39 16.32
CA GLY B 872 14.09 -52.08 16.95
C GLY B 872 12.94 -51.19 16.50
N ASN B 873 12.89 -50.01 17.13
CA ASN B 873 11.91 -48.97 16.80
C ASN B 873 10.47 -49.50 16.89
N ASN B 874 10.19 -50.26 17.94
CA ASN B 874 8.85 -50.79 18.17
C ASN B 874 8.44 -50.58 19.62
N ASP B 875 7.14 -50.47 19.85
CA ASP B 875 6.59 -50.45 21.19
C ASP B 875 6.07 -51.84 21.55
N LEU B 876 7.02 -52.78 21.63
CA LEU B 876 6.66 -54.16 21.92
C LEU B 876 6.22 -54.35 23.37
N GLY B 877 6.76 -53.56 24.28
CA GLY B 877 6.34 -53.67 25.67
C GLY B 877 7.21 -54.63 26.46
N ASP B 878 7.17 -54.47 27.78
CA ASP B 878 8.02 -55.27 28.66
C ASP B 878 7.55 -56.72 28.69
N LEU B 879 6.25 -56.96 28.60
CA LEU B 879 5.74 -58.33 28.61
C LEU B 879 6.20 -59.08 27.36
N GLY B 880 6.29 -58.39 26.23
CA GLY B 880 6.77 -59.04 25.02
C GLY B 880 8.21 -59.51 25.13
N VAL B 881 9.08 -58.63 25.65
CA VAL B 881 10.47 -59.04 25.81
C VAL B 881 10.62 -60.09 26.90
N MET B 882 9.75 -60.06 27.92
CA MET B 882 9.72 -61.16 28.88
C MET B 882 9.38 -62.48 28.22
N MET B 883 8.38 -62.48 27.34
CA MET B 883 8.04 -63.70 26.61
C MET B 883 9.20 -64.16 25.74
N PHE B 884 9.86 -63.21 25.07
CA PHE B 884 11.01 -63.56 24.23
C PHE B 884 12.13 -64.17 25.06
N CYS B 885 12.44 -63.59 26.22
CA CYS B 885 13.50 -64.11 27.07
C CYS B 885 13.14 -65.48 27.62
N GLU B 886 11.87 -65.68 27.99
CA GLU B 886 11.43 -66.99 28.45
C GLU B 886 11.57 -68.04 27.35
N VAL B 887 11.28 -67.65 26.11
CA VAL B 887 11.44 -68.58 24.98
C VAL B 887 12.91 -68.88 24.74
N LEU B 888 13.77 -67.87 24.83
CA LEU B 888 15.14 -68.02 24.38
C LEU B 888 16.00 -68.84 25.33
N LYS B 889 15.58 -68.97 26.59
CA LYS B 889 16.38 -69.73 27.55
C LYS B 889 16.39 -71.22 27.22
N GLN B 890 15.49 -71.67 26.36
CA GLN B 890 15.50 -73.07 25.92
C GLN B 890 16.68 -73.32 24.99
N GLN B 891 17.06 -74.59 24.89
CA GLN B 891 18.16 -74.98 23.99
C GLN B 891 17.66 -75.31 22.59
N SER B 892 16.36 -75.25 22.35
CA SER B 892 15.81 -75.57 21.04
C SER B 892 15.89 -74.41 20.05
N CYS B 893 16.35 -73.24 20.50
CA CYS B 893 16.43 -72.07 19.62
C CYS B 893 17.77 -72.07 18.89
N LEU B 894 17.72 -71.89 17.57
CA LEU B 894 18.92 -71.77 16.75
C LEU B 894 19.26 -70.33 16.43
N LEU B 895 18.49 -69.38 16.94
CA LEU B 895 18.74 -67.97 16.67
C LEU B 895 20.06 -67.53 17.29
N GLN B 896 20.69 -66.53 16.67
CA GLN B 896 21.96 -66.01 17.16
C GLN B 896 21.98 -64.51 17.39
N ASN B 897 21.00 -63.76 16.91
CA ASN B 897 21.01 -62.31 17.08
C ASN B 897 19.59 -61.77 17.13
N LEU B 898 19.35 -60.88 18.09
CA LEU B 898 18.14 -60.07 18.13
C LEU B 898 18.52 -58.60 18.28
N GLY B 899 17.96 -57.77 17.42
CA GLY B 899 18.21 -56.34 17.49
C GLY B 899 17.06 -55.61 18.16
N LEU B 900 17.25 -55.22 19.42
CA LEU B 900 16.25 -54.49 20.17
C LEU B 900 16.72 -53.09 20.53
N SER B 901 17.66 -52.53 19.75
CA SER B 901 18.17 -51.21 20.02
C SER B 901 17.07 -50.16 19.78
N GLU B 902 17.26 -49.00 20.40
CA GLU B 902 16.31 -47.89 20.35
C GLU B 902 14.96 -48.28 20.95
N MET B 903 14.91 -49.39 21.67
CA MET B 903 13.73 -49.84 22.38
C MET B 903 14.01 -49.72 23.88
N TYR B 904 13.15 -48.99 24.58
CA TYR B 904 13.42 -48.55 25.95
C TYR B 904 12.66 -49.44 26.92
N PHE B 905 13.38 -49.98 27.90
CA PHE B 905 12.84 -50.95 28.84
C PHE B 905 13.25 -50.57 30.26
N ASN B 906 12.46 -51.03 31.23
CA ASN B 906 12.74 -50.75 32.64
C ASN B 906 13.85 -51.67 33.15
N TYR B 907 14.33 -51.39 34.37
CA TYR B 907 15.55 -52.03 34.85
C TYR B 907 15.39 -53.52 35.06
N GLU B 908 14.20 -53.99 35.44
CA GLU B 908 14.00 -55.43 35.61
C GLU B 908 14.18 -56.16 34.29
N THR B 909 13.56 -55.64 33.22
CA THR B 909 13.73 -56.23 31.90
C THR B 909 15.19 -56.16 31.45
N LYS B 910 15.84 -55.02 31.65
CA LYS B 910 17.26 -54.93 31.30
C LYS B 910 18.06 -56.02 31.99
N SER B 911 17.90 -56.15 33.31
CA SER B 911 18.62 -57.17 34.07
C SER B 911 18.34 -58.56 33.52
N ALA B 912 17.08 -58.81 33.13
CA ALA B 912 16.77 -60.10 32.50
C ALA B 912 17.56 -60.30 31.21
N LEU B 913 17.72 -59.24 30.41
CA LEU B 913 18.51 -59.37 29.19
C LEU B 913 19.99 -59.62 29.48
N GLU B 914 20.57 -58.99 30.50
CA GLU B 914 21.96 -59.35 30.84
C GLU B 914 22.04 -60.80 31.33
N THR B 915 21.06 -61.24 32.14
CA THR B 915 21.07 -62.64 32.54
C THR B 915 21.05 -63.56 31.33
N LEU B 916 20.27 -63.21 30.32
CA LEU B 916 20.22 -64.02 29.10
C LEU B 916 21.53 -63.94 28.33
N GLN B 917 22.15 -62.75 28.26
CA GLN B 917 23.28 -62.58 27.37
C GLN B 917 24.54 -63.23 27.92
N GLU B 918 24.81 -63.12 29.22
CA GLU B 918 25.88 -63.97 29.76
C GLU B 918 25.41 -65.40 30.04
N GLU B 919 24.10 -65.67 29.98
CA GLU B 919 23.64 -67.05 30.06
C GLU B 919 23.94 -67.79 28.76
N LYS B 920 23.69 -67.15 27.61
CA LYS B 920 23.91 -67.73 26.29
C LYS B 920 24.92 -66.88 25.54
N PRO B 921 26.21 -67.27 25.58
CA PRO B 921 27.23 -66.46 24.89
C PRO B 921 27.03 -66.37 23.39
N GLU B 922 26.52 -67.43 22.75
CA GLU B 922 26.41 -67.43 21.29
C GLU B 922 25.27 -66.56 20.80
N LEU B 923 24.30 -66.22 21.65
CA LEU B 923 23.15 -65.41 21.26
C LEU B 923 23.41 -63.99 21.72
N THR B 924 23.36 -63.05 20.79
CA THR B 924 23.68 -61.65 21.06
C THR B 924 22.44 -60.79 20.94
N VAL B 925 22.20 -59.94 21.93
CA VAL B 925 21.10 -58.99 21.93
C VAL B 925 21.67 -57.60 22.18
N VAL B 926 21.25 -56.63 21.37
CA VAL B 926 21.67 -55.24 21.53
C VAL B 926 20.50 -54.47 22.11
N PHE B 927 20.71 -53.88 23.29
CA PHE B 927 19.67 -53.13 23.99
C PHE B 927 20.24 -51.90 24.69
N GLU B 928 21.32 -51.33 24.15
CA GLU B 928 22.02 -50.26 24.85
C GLU B 928 21.10 -49.05 25.00
N PRO B 929 21.17 -48.35 26.15
CA PRO B 929 20.35 -47.17 26.42
C PRO B 929 20.92 -45.90 25.78
N ASP C 30 18.89 -38.12 14.14
CA ASP C 30 19.20 -37.03 15.06
C ASP C 30 18.86 -37.42 16.49
N TYR C 31 19.62 -36.88 17.44
CA TYR C 31 19.38 -37.20 18.86
C TYR C 31 18.05 -36.63 19.34
N ARG C 32 17.51 -35.62 18.64
CA ARG C 32 16.22 -35.05 19.03
C ARG C 32 15.12 -36.09 18.95
N LYS C 33 15.07 -36.84 17.84
CA LYS C 33 14.04 -37.87 17.71
C LYS C 33 14.28 -39.03 18.67
N LYS C 34 15.55 -39.34 18.97
CA LYS C 34 15.84 -40.36 19.96
C LYS C 34 15.30 -39.98 21.33
N TYR C 35 15.52 -38.73 21.73
CA TYR C 35 15.02 -38.26 23.02
C TYR C 35 13.49 -38.20 23.03
N ARG C 36 12.90 -37.79 21.90
CA ARG C 36 11.44 -37.79 21.80
C ARG C 36 10.87 -39.20 21.96
N LYS C 37 11.49 -40.18 21.31
CA LYS C 37 11.05 -41.56 21.47
C LYS C 37 11.23 -42.02 22.91
N TYR C 38 12.33 -41.61 23.56
CA TYR C 38 12.57 -42.00 24.94
C TYR C 38 11.48 -41.47 25.86
N VAL C 39 11.15 -40.18 25.75
CA VAL C 39 10.13 -39.61 26.63
C VAL C 39 8.76 -40.15 26.29
N ARG C 40 8.49 -40.42 25.01
CA ARG C 40 7.21 -41.00 24.62
C ARG C 40 7.04 -42.40 25.20
N SER C 41 8.12 -43.19 25.22
CA SER C 41 8.06 -44.51 25.84
C SER C 41 7.92 -44.40 27.35
N ARG C 42 8.63 -43.44 27.97
CA ARG C 42 8.62 -43.35 29.42
C ARG C 42 7.26 -42.87 29.95
N PHE C 43 6.66 -41.90 29.28
CA PHE C 43 5.43 -41.27 29.75
C PHE C 43 4.18 -41.82 29.07
N GLN C 44 4.30 -42.96 28.39
CA GLN C 44 3.13 -43.56 27.74
C GLN C 44 2.10 -44.01 28.77
N CYS C 45 2.56 -44.58 29.87
CA CYS C 45 1.69 -45.11 30.91
C CYS C 45 1.96 -44.43 32.24
N ILE C 46 0.97 -44.50 33.13
CA ILE C 46 1.09 -43.90 34.46
C ILE C 46 1.18 -44.97 35.53
N SER C 56 0.14 -51.71 33.86
CA SER C 56 -0.02 -50.27 33.73
C SER C 56 -1.21 -49.92 32.85
N VAL C 57 -1.57 -48.63 32.82
CA VAL C 57 -2.69 -48.14 32.03
C VAL C 57 -2.22 -47.00 31.16
N SER C 58 -2.84 -46.89 29.99
CA SER C 58 -2.45 -45.87 29.03
C SER C 58 -2.86 -44.49 29.51
N LEU C 59 -1.92 -43.54 29.42
CA LEU C 59 -2.22 -42.16 29.81
C LEU C 59 -3.27 -41.54 28.89
N ASN C 60 -3.15 -41.78 27.59
CA ASN C 60 -4.12 -41.22 26.64
C ASN C 60 -5.52 -41.76 26.91
N LYS C 61 -5.62 -43.05 27.22
CA LYS C 61 -6.91 -43.63 27.60
C LYS C 61 -7.43 -43.02 28.89
N ARG C 62 -6.55 -42.84 29.87
CA ARG C 62 -6.94 -42.35 31.19
C ARG C 62 -7.21 -40.86 31.23
N TYR C 63 -6.50 -40.07 30.41
CA TYR C 63 -6.50 -38.62 30.56
C TYR C 63 -7.90 -38.03 30.35
N THR C 64 -8.24 -37.06 31.18
CA THR C 64 -9.48 -36.30 31.06
C THR C 64 -9.17 -34.82 31.21
N ARG C 65 -9.85 -33.99 30.43
CA ARG C 65 -9.54 -32.57 30.41
C ARG C 65 -9.86 -31.91 31.75
N LEU C 66 -8.99 -30.99 32.15
CA LEU C 66 -9.14 -30.24 33.39
C LEU C 66 -9.53 -28.79 33.07
N ARG C 67 -10.15 -28.13 34.06
CA ARG C 67 -10.53 -26.74 33.92
C ARG C 67 -9.34 -25.85 34.27
N LEU C 68 -8.83 -25.13 33.28
CA LEU C 68 -7.68 -24.24 33.44
C LEU C 68 -8.12 -22.81 33.17
N ILE C 69 -7.81 -21.91 34.10
CA ILE C 69 -8.18 -20.50 33.97
C ILE C 69 -6.97 -19.63 34.31
N LYS C 70 -6.95 -18.43 33.73
CA LYS C 70 -5.97 -17.43 34.07
C LYS C 70 -6.31 -16.81 35.42
N GLU C 71 -5.27 -16.42 36.17
CA GLU C 71 -5.45 -15.89 37.51
C GLU C 71 -5.29 -14.37 37.60
N HIS C 72 -4.15 -13.84 37.18
CA HIS C 72 -3.82 -12.44 37.44
C HIS C 72 -4.65 -11.54 36.53
N ARG C 73 -5.36 -10.59 37.13
CA ARG C 73 -6.24 -9.69 36.39
C ARG C 73 -5.86 -8.26 36.71
N SER C 74 -5.93 -7.41 35.69
CA SER C 74 -5.58 -5.99 35.84
C SER C 74 -6.76 -5.21 36.40
N PRO C 97 -11.41 -19.92 28.72
CA PRO C 97 -10.38 -20.93 28.99
C PRO C 97 -9.04 -20.58 28.36
N ILE C 98 -7.98 -21.23 28.82
CA ILE C 98 -6.62 -21.01 28.31
C ILE C 98 -6.09 -22.33 27.79
N LYS C 99 -5.38 -22.28 26.66
CA LYS C 99 -4.73 -23.45 26.08
C LYS C 99 -3.22 -23.25 26.06
N MET C 100 -2.49 -24.36 26.03
CA MET C 100 -1.04 -24.32 26.21
C MET C 100 -0.36 -23.50 25.12
N GLU C 101 -0.82 -23.65 23.87
CA GLU C 101 -0.23 -22.90 22.78
C GLU C 101 -0.29 -21.40 23.05
N LEU C 102 -1.46 -20.88 23.43
CA LEU C 102 -1.55 -19.48 23.82
C LEU C 102 -0.96 -19.25 25.20
N LEU C 103 -0.85 -20.31 26.01
CA LEU C 103 -0.28 -20.16 27.35
C LEU C 103 1.17 -19.72 27.28
N PHE C 104 1.97 -20.34 26.41
CA PHE C 104 3.35 -19.88 26.28
C PHE C 104 3.46 -18.74 25.27
N ASP C 105 2.47 -18.58 24.41
CA ASP C 105 2.46 -17.42 23.52
C ASP C 105 2.25 -16.14 24.34
N PRO C 106 2.93 -15.05 23.98
CA PRO C 106 2.79 -13.80 24.74
C PRO C 106 1.48 -13.10 24.40
N ASP C 107 0.69 -12.77 25.42
CA ASP C 107 -0.51 -11.98 25.19
C ASP C 107 -0.16 -10.61 24.64
N ASP C 108 0.85 -9.97 25.21
CA ASP C 108 1.40 -8.71 24.70
C ASP C 108 2.90 -8.90 24.47
N GLU C 109 3.36 -8.54 23.28
CA GLU C 109 4.79 -8.64 22.98
C GLU C 109 5.62 -7.70 23.84
N HIS C 110 5.00 -6.66 24.40
CA HIS C 110 5.72 -5.75 25.29
C HIS C 110 5.92 -6.34 26.68
N SER C 111 5.27 -7.45 26.98
CA SER C 111 5.32 -8.02 28.32
C SER C 111 6.71 -8.57 28.63
N GLU C 112 7.17 -8.34 29.88
CA GLU C 112 8.38 -8.88 30.48
C GLU C 112 8.22 -10.40 30.63
N PRO C 113 9.34 -11.16 30.75
CA PRO C 113 9.38 -12.53 30.20
C PRO C 113 8.15 -13.39 30.41
N VAL C 114 7.50 -13.73 29.29
CA VAL C 114 6.30 -14.57 29.32
C VAL C 114 6.65 -16.00 29.71
N HIS C 115 7.82 -16.48 29.30
CA HIS C 115 8.11 -17.92 29.36
C HIS C 115 8.12 -18.48 30.77
N THR C 116 8.00 -17.65 31.80
CA THR C 116 7.85 -18.14 33.17
C THR C 116 6.37 -18.33 33.45
N VAL C 117 5.96 -19.59 33.66
CA VAL C 117 4.57 -19.95 33.90
C VAL C 117 4.49 -20.76 35.17
N VAL C 118 3.53 -20.43 36.03
CA VAL C 118 3.36 -21.11 37.31
C VAL C 118 1.94 -21.65 37.39
N PHE C 119 1.83 -22.95 37.65
CA PHE C 119 0.54 -23.62 37.79
C PHE C 119 0.21 -23.81 39.27
N GLN C 120 -1.04 -23.51 39.63
CA GLN C 120 -1.51 -23.62 41.00
C GLN C 120 -2.61 -24.66 41.06
N GLY C 121 -2.46 -25.63 41.96
CA GLY C 121 -3.51 -26.62 42.15
C GLY C 121 -3.47 -27.20 43.54
N ALA C 122 -4.61 -27.74 43.95
CA ALA C 122 -4.69 -28.44 45.22
C ALA C 122 -3.95 -29.77 45.14
N ALA C 123 -3.75 -30.39 46.30
CA ALA C 123 -3.15 -31.71 46.34
C ALA C 123 -4.03 -32.71 45.60
N GLY C 124 -3.50 -33.32 44.56
CA GLY C 124 -4.27 -34.25 43.77
C GLY C 124 -5.13 -33.63 42.70
N ILE C 125 -4.93 -32.35 42.37
CA ILE C 125 -5.74 -31.73 41.33
C ILE C 125 -5.31 -32.20 39.95
N GLY C 126 -4.11 -32.75 39.81
CA GLY C 126 -3.66 -33.24 38.52
C GLY C 126 -2.55 -32.43 37.89
N LYS C 127 -1.70 -31.81 38.71
CA LYS C 127 -0.57 -31.06 38.17
C LYS C 127 0.46 -32.00 37.54
N THR C 128 0.83 -33.06 38.26
CA THR C 128 1.80 -34.02 37.73
C THR C 128 1.25 -34.72 36.49
N ILE C 129 -0.01 -35.14 36.53
CA ILE C 129 -0.61 -35.78 35.37
C ILE C 129 -0.68 -34.81 34.20
N LEU C 130 -0.96 -33.53 34.47
CA LEU C 130 -0.99 -32.55 33.40
C LEU C 130 0.39 -32.38 32.77
N ALA C 131 1.44 -32.31 33.59
CA ALA C 131 2.79 -32.18 33.05
C ALA C 131 3.18 -33.41 32.22
N ARG C 132 2.84 -34.60 32.72
CA ARG C 132 3.17 -35.82 31.99
C ARG C 132 2.38 -35.91 30.68
N LYS C 133 1.13 -35.44 30.68
CA LYS C 133 0.36 -35.41 29.46
C LYS C 133 0.95 -34.41 28.46
N MET C 134 1.45 -33.28 28.94
CA MET C 134 2.15 -32.35 28.06
C MET C 134 3.38 -32.99 27.45
N MET C 135 4.15 -33.72 28.25
CA MET C 135 5.30 -34.46 27.72
C MET C 135 4.87 -35.45 26.65
N LEU C 136 3.83 -36.24 26.94
CA LEU C 136 3.38 -37.25 25.99
C LEU C 136 2.89 -36.62 24.69
N ASP C 137 2.13 -35.52 24.79
CA ASP C 137 1.61 -34.87 23.60
C ASP C 137 2.72 -34.21 22.78
N TRP C 138 3.70 -33.61 23.46
CA TRP C 138 4.83 -33.02 22.74
C TRP C 138 5.67 -34.08 22.04
N ALA C 139 5.86 -35.23 22.69
CA ALA C 139 6.63 -36.31 22.07
C ALA C 139 5.88 -36.93 20.90
N SER C 140 4.57 -37.15 21.07
CA SER C 140 3.77 -37.81 20.04
C SER C 140 3.59 -36.96 18.79
N GLY C 141 3.90 -35.67 18.85
CA GLY C 141 3.78 -34.81 17.69
C GLY C 141 2.49 -34.03 17.65
N THR C 142 2.11 -33.43 18.78
CA THR C 142 0.88 -32.65 18.85
C THR C 142 1.06 -31.28 19.48
N LEU C 143 2.05 -31.09 20.36
CA LEU C 143 2.18 -29.86 21.13
C LEU C 143 3.48 -29.17 20.75
N TYR C 144 3.38 -27.93 20.26
CA TYR C 144 4.50 -27.10 19.83
C TYR C 144 5.39 -27.85 18.83
N GLN C 145 4.72 -28.39 17.81
CA GLN C 145 5.45 -29.00 16.70
C GLN C 145 6.01 -27.95 15.75
N ASP C 146 5.54 -26.71 15.87
CA ASP C 146 6.06 -25.64 15.03
C ASP C 146 7.57 -25.50 15.21
N ARG C 147 8.00 -25.06 16.40
CA ARG C 147 9.40 -25.19 16.78
C ARG C 147 9.52 -25.01 18.29
N PHE C 148 9.91 -26.08 18.97
CA PHE C 148 10.36 -25.98 20.36
C PHE C 148 11.13 -27.26 20.66
N ASP C 149 12.44 -27.14 20.88
CA ASP C 149 13.34 -28.28 20.79
C ASP C 149 13.11 -29.33 21.87
N TYR C 150 13.31 -28.97 23.14
CA TYR C 150 13.36 -29.94 24.22
C TYR C 150 12.51 -29.51 25.41
N LEU C 151 11.95 -30.51 26.08
CA LEU C 151 11.29 -30.34 27.37
C LEU C 151 11.99 -31.23 28.38
N PHE C 152 12.41 -30.64 29.50
CA PHE C 152 13.10 -31.39 30.56
C PHE C 152 12.19 -31.46 31.77
N TYR C 153 11.88 -32.68 32.21
CA TYR C 153 10.94 -32.91 33.30
C TYR C 153 11.72 -33.04 34.60
N ILE C 154 11.90 -31.92 35.31
CA ILE C 154 12.59 -31.90 36.59
C ILE C 154 11.54 -32.21 37.66
N HIS C 155 11.53 -33.47 38.12
CA HIS C 155 10.64 -33.88 39.20
C HIS C 155 11.34 -33.56 40.52
N CYS C 156 10.81 -32.58 41.25
CA CYS C 156 11.50 -32.05 42.43
C CYS C 156 11.55 -33.04 43.59
N ARG C 157 10.81 -34.14 43.52
CA ARG C 157 10.92 -35.15 44.58
C ARG C 157 12.33 -35.72 44.65
N GLU C 158 12.95 -35.99 43.50
CA GLU C 158 14.32 -36.50 43.49
C GLU C 158 15.34 -35.40 43.77
N VAL C 159 15.05 -34.16 43.36
CA VAL C 159 15.97 -33.06 43.59
C VAL C 159 16.10 -32.81 45.08
N SER C 160 17.34 -32.75 45.56
CA SER C 160 17.64 -32.57 46.98
C SER C 160 18.66 -31.47 47.14
N LEU C 161 18.66 -30.85 48.33
CA LEU C 161 19.57 -29.74 48.59
C LEU C 161 21.00 -30.20 48.82
N VAL C 162 21.17 -31.32 49.53
CA VAL C 162 22.51 -31.74 49.94
C VAL C 162 23.39 -32.05 48.73
N THR C 163 22.84 -32.78 47.76
CA THR C 163 23.62 -33.16 46.59
C THR C 163 24.03 -31.91 45.81
N GLN C 164 25.29 -31.84 45.42
CA GLN C 164 25.83 -30.73 44.65
C GLN C 164 26.05 -31.16 43.21
N ARG C 165 25.21 -30.66 42.31
CA ARG C 165 25.25 -31.07 40.90
C ARG C 165 24.96 -29.86 40.03
N SER C 166 25.34 -29.96 38.76
CA SER C 166 25.17 -28.88 37.81
C SER C 166 23.92 -29.09 36.97
N LEU C 167 23.59 -28.09 36.15
CA LEU C 167 22.45 -28.20 35.24
C LEU C 167 22.70 -29.31 34.23
N GLY C 168 23.92 -29.42 33.72
CA GLY C 168 24.25 -30.52 32.83
C GLY C 168 24.06 -31.87 33.49
N ASP C 169 24.41 -31.97 34.78
CA ASP C 169 24.19 -33.21 35.51
C ASP C 169 22.71 -33.54 35.60
N LEU C 170 21.87 -32.54 35.86
CA LEU C 170 20.43 -32.77 35.92
C LEU C 170 19.88 -33.20 34.58
N ILE C 171 20.35 -32.57 33.49
CA ILE C 171 19.91 -32.96 32.16
C ILE C 171 20.34 -34.39 31.85
N MET C 172 21.57 -34.75 32.24
CA MET C 172 22.06 -36.10 32.05
C MET C 172 21.20 -37.11 32.81
N SER C 173 20.80 -36.76 34.03
CA SER C 173 19.86 -37.60 34.77
C SER C 173 18.53 -37.72 34.04
N CYS C 174 18.08 -36.64 33.41
CA CYS C 174 16.86 -36.66 32.62
C CYS C 174 17.06 -37.20 31.21
N CYS C 175 18.33 -37.38 30.77
CA CYS C 175 18.61 -37.92 29.45
C CYS C 175 18.73 -39.44 29.49
N PRO C 176 18.36 -40.12 28.40
CA PRO C 176 18.52 -41.58 28.37
C PRO C 176 19.94 -42.05 28.17
N ASP C 177 20.82 -41.22 27.64
CA ASP C 177 22.20 -41.62 27.37
C ASP C 177 23.14 -41.08 28.43
N PRO C 178 24.14 -41.87 28.82
CA PRO C 178 25.14 -41.36 29.78
C PRO C 178 25.93 -40.18 29.26
N ASN C 179 26.07 -40.04 27.95
CA ASN C 179 26.82 -38.93 27.35
C ASN C 179 25.98 -38.28 26.26
N PRO C 180 24.99 -37.49 26.64
CA PRO C 180 24.19 -36.75 25.66
C PRO C 180 24.96 -35.56 25.13
N PRO C 181 24.61 -35.06 23.93
CA PRO C 181 25.30 -33.88 23.38
C PRO C 181 24.88 -32.59 24.09
N ILE C 182 25.46 -32.37 25.27
CA ILE C 182 25.06 -31.26 26.13
C ILE C 182 25.44 -29.91 25.51
N HIS C 183 26.58 -29.85 24.82
CA HIS C 183 27.02 -28.57 24.26
C HIS C 183 26.05 -28.07 23.20
N LYS C 184 25.57 -28.95 22.33
CA LYS C 184 24.56 -28.54 21.36
C LYS C 184 23.26 -28.15 22.04
N ILE C 185 22.96 -28.75 23.19
CA ILE C 185 21.79 -28.34 23.97
C ILE C 185 21.94 -26.90 24.43
N VAL C 186 23.11 -26.56 24.99
CA VAL C 186 23.33 -25.21 25.49
C VAL C 186 23.43 -24.22 24.32
N ARG C 187 23.79 -24.71 23.14
CA ARG C 187 23.90 -23.84 21.96
C ARG C 187 22.54 -23.30 21.51
N LYS C 188 21.44 -23.82 22.06
CA LYS C 188 20.09 -23.45 21.67
C LYS C 188 19.26 -23.02 22.89
N PRO C 189 19.73 -21.98 23.61
CA PRO C 189 19.14 -21.68 24.92
C PRO C 189 17.68 -21.28 24.87
N SER C 190 17.22 -20.70 23.76
CA SER C 190 15.84 -20.24 23.69
C SER C 190 14.85 -21.40 23.53
N ARG C 191 15.35 -22.57 23.12
CA ARG C 191 14.50 -23.72 22.82
C ARG C 191 14.58 -24.79 23.91
N ILE C 192 14.77 -24.40 25.16
CA ILE C 192 14.86 -25.32 26.29
C ILE C 192 13.78 -24.96 27.29
N LEU C 193 13.10 -25.97 27.82
CA LEU C 193 12.04 -25.79 28.81
C LEU C 193 12.26 -26.74 29.98
N PHE C 194 11.90 -26.28 31.17
CA PHE C 194 12.03 -27.07 32.38
C PHE C 194 10.67 -27.16 33.06
N LEU C 195 10.12 -28.37 33.14
CA LEU C 195 8.85 -28.62 33.82
C LEU C 195 9.16 -28.94 35.28
N MET C 196 9.25 -27.90 36.10
CA MET C 196 9.53 -28.07 37.52
C MET C 196 8.24 -28.47 38.22
N ASP C 197 8.10 -29.76 38.49
CA ASP C 197 6.87 -30.33 39.03
C ASP C 197 7.06 -30.60 40.52
N GLY C 198 6.06 -30.23 41.31
CA GLY C 198 6.09 -30.54 42.72
C GLY C 198 7.07 -29.71 43.53
N PHE C 199 6.81 -28.40 43.65
CA PHE C 199 7.69 -27.51 44.39
C PHE C 199 7.63 -27.80 45.89
N ASP C 200 7.02 -28.92 46.25
CA ASP C 200 6.78 -29.32 47.63
C ASP C 200 7.78 -30.38 48.10
N GLU C 201 9.05 -30.25 47.70
CA GLU C 201 10.04 -31.28 47.99
C GLU C 201 10.35 -31.38 49.49
N LEU C 202 10.67 -30.27 50.15
CA LEU C 202 11.14 -30.32 51.53
C LEU C 202 11.00 -28.95 52.20
N GLN C 203 11.47 -28.90 53.45
CA GLN C 203 11.40 -27.74 54.32
C GLN C 203 12.75 -27.04 54.46
N GLY C 204 12.70 -25.73 54.68
CA GLY C 204 13.89 -24.95 54.93
C GLY C 204 14.75 -24.67 53.73
N ALA C 205 14.28 -24.97 52.52
CA ALA C 205 15.12 -24.80 51.34
C ALA C 205 15.43 -23.33 51.07
N PHE C 206 14.39 -22.48 51.04
CA PHE C 206 14.58 -21.10 50.62
C PHE C 206 14.24 -20.09 51.70
N ASP C 207 13.90 -20.55 52.92
CA ASP C 207 13.47 -19.63 53.97
C ASP C 207 14.57 -18.69 54.42
N GLU C 208 15.84 -19.04 54.19
CA GLU C 208 16.97 -18.19 54.53
C GLU C 208 17.34 -17.32 53.33
N HIS C 209 18.24 -16.37 53.57
CA HIS C 209 18.75 -15.54 52.50
C HIS C 209 19.48 -16.39 51.48
N ILE C 210 19.15 -16.21 50.21
CA ILE C 210 19.73 -17.01 49.14
C ILE C 210 21.16 -16.54 48.89
N GLY C 211 22.09 -17.49 48.82
CA GLY C 211 23.48 -17.18 48.63
C GLY C 211 23.76 -16.70 47.21
N PRO C 212 25.05 -16.69 46.85
CA PRO C 212 25.42 -16.26 45.50
C PRO C 212 24.79 -17.15 44.44
N LEU C 213 24.34 -16.52 43.36
CA LEU C 213 23.67 -17.22 42.28
C LEU C 213 24.67 -17.62 41.21
N CYS C 214 24.56 -18.86 40.73
CA CYS C 214 25.53 -19.43 39.82
C CYS C 214 25.03 -19.33 38.38
N THR C 215 25.84 -18.72 37.51
CA THR C 215 25.51 -18.57 36.10
C THR C 215 26.24 -19.58 35.21
N ASP C 216 27.31 -20.19 35.72
CA ASP C 216 28.12 -21.12 34.94
C ASP C 216 27.58 -22.53 35.15
N TRP C 217 26.97 -23.11 34.11
CA TRP C 217 26.35 -24.42 34.27
C TRP C 217 27.37 -25.55 34.39
N GLN C 218 28.65 -25.28 34.14
CA GLN C 218 29.68 -26.26 34.46
C GLN C 218 29.79 -26.49 35.97
N LYS C 219 29.70 -25.44 36.76
CA LYS C 219 29.93 -25.54 38.20
C LYS C 219 28.83 -26.35 38.87
N ALA C 220 29.23 -27.22 39.80
CA ALA C 220 28.28 -27.97 40.59
C ALA C 220 27.87 -27.16 41.82
N GLU C 221 26.56 -27.00 42.02
CA GLU C 221 26.04 -26.21 43.11
C GLU C 221 25.01 -27.04 43.88
N ARG C 222 24.68 -26.56 45.08
CA ARG C 222 23.67 -27.24 45.89
C ARG C 222 22.30 -27.13 45.24
N GLY C 223 21.41 -28.05 45.62
CA GLY C 223 20.09 -28.07 45.03
C GLY C 223 19.33 -26.77 45.19
N ASP C 224 19.37 -26.20 46.40
CA ASP C 224 18.66 -24.95 46.64
C ASP C 224 19.24 -23.81 45.80
N ILE C 225 20.57 -23.67 45.78
CA ILE C 225 21.18 -22.59 45.03
C ILE C 225 20.99 -22.79 43.53
N LEU C 226 21.13 -24.03 43.06
CA LEU C 226 20.92 -24.32 41.65
C LEU C 226 19.49 -23.99 41.22
N LEU C 227 18.51 -24.41 42.02
CA LEU C 227 17.12 -24.13 41.67
C LEU C 227 16.82 -22.65 41.74
N SER C 228 17.38 -21.94 42.73
CA SER C 228 17.16 -20.50 42.82
C SER C 228 17.76 -19.77 41.62
N SER C 229 18.97 -20.17 41.19
CA SER C 229 19.58 -19.55 40.04
C SER C 229 18.80 -19.84 38.77
N LEU C 230 18.32 -21.08 38.61
CA LEU C 230 17.53 -21.43 37.43
C LEU C 230 16.22 -20.66 37.41
N ILE C 231 15.57 -20.53 38.56
CA ILE C 231 14.26 -19.86 38.62
C ILE C 231 14.41 -18.37 38.36
N ARG C 232 15.40 -17.73 38.99
CA ARG C 232 15.58 -16.29 38.88
C ARG C 232 16.23 -15.87 37.56
N LYS C 233 16.35 -16.79 36.60
CA LYS C 233 16.88 -16.49 35.28
C LYS C 233 18.32 -15.96 35.35
N LYS C 234 19.08 -16.44 36.33
CA LYS C 234 20.51 -16.13 36.39
C LYS C 234 21.34 -17.24 35.78
N LEU C 235 20.87 -18.48 35.86
CA LEU C 235 21.51 -19.63 35.24
C LEU C 235 20.78 -19.93 33.93
N LEU C 236 21.45 -19.63 32.81
CA LEU C 236 20.90 -19.80 31.47
C LEU C 236 19.57 -19.06 31.37
N PRO C 237 19.59 -17.73 31.32
CA PRO C 237 18.33 -16.97 31.42
C PRO C 237 17.32 -17.26 30.31
N GLU C 238 17.78 -17.59 29.11
CA GLU C 238 16.87 -17.79 27.99
C GLU C 238 16.01 -19.05 28.13
N ALA C 239 16.33 -19.92 29.09
CA ALA C 239 15.54 -21.13 29.28
C ALA C 239 14.16 -20.80 29.81
N SER C 240 13.17 -21.57 29.39
CA SER C 240 11.80 -21.39 29.82
C SER C 240 11.48 -22.33 30.99
N LEU C 241 10.51 -21.90 31.81
CA LEU C 241 10.14 -22.64 33.01
C LEU C 241 8.63 -22.83 33.05
N LEU C 242 8.20 -23.91 33.70
CA LEU C 242 6.80 -24.11 34.04
C LEU C 242 6.78 -24.83 35.38
N ILE C 243 6.32 -24.16 36.43
CA ILE C 243 6.37 -24.68 37.79
C ILE C 243 4.95 -25.05 38.23
N THR C 244 4.76 -26.30 38.62
CA THR C 244 3.52 -26.74 39.24
C THR C 244 3.69 -26.69 40.75
N THR C 245 2.81 -25.95 41.43
CA THR C 245 3.06 -25.58 42.82
C THR C 245 1.76 -25.55 43.60
N ARG C 246 1.88 -25.19 44.88
CA ARG C 246 0.80 -25.00 45.82
C ARG C 246 0.64 -23.52 46.16
N PRO C 247 -0.53 -23.09 46.64
CA PRO C 247 -0.73 -21.65 46.90
C PRO C 247 0.26 -21.03 47.87
N VAL C 248 0.61 -21.73 48.96
CA VAL C 248 1.64 -21.20 49.85
C VAL C 248 3.01 -21.28 49.17
N ALA C 249 3.29 -22.38 48.49
CA ALA C 249 4.48 -22.43 47.65
C ALA C 249 4.38 -21.45 46.50
N LEU C 250 3.15 -21.09 46.09
CA LEU C 250 2.98 -19.97 45.17
C LEU C 250 3.51 -18.68 45.78
N GLU C 251 3.20 -18.43 47.05
CA GLU C 251 3.71 -17.22 47.70
C GLU C 251 5.24 -17.25 47.76
N LYS C 252 5.81 -18.42 48.09
CA LYS C 252 7.26 -18.53 48.15
C LYS C 252 7.88 -18.28 46.77
N LEU C 253 7.28 -18.82 45.71
CA LEU C 253 7.78 -18.56 44.36
C LEU C 253 7.64 -17.09 44.00
N GLN C 254 6.52 -16.47 44.37
CA GLN C 254 6.32 -15.04 44.09
C GLN C 254 7.40 -14.21 44.76
N HIS C 255 7.88 -14.65 45.92
CA HIS C 255 9.07 -14.01 46.48
C HIS C 255 10.36 -14.35 45.71
N LEU C 256 10.30 -15.15 44.64
CA LEU C 256 11.47 -15.51 43.86
C LEU C 256 11.27 -15.35 42.35
N LEU C 257 10.25 -14.60 41.93
CA LEU C 257 9.91 -14.46 40.52
C LEU C 257 9.82 -13.00 40.11
N ASP C 258 9.78 -12.77 38.80
CA ASP C 258 9.67 -11.44 38.23
C ASP C 258 8.74 -11.53 37.03
N HIS C 259 7.51 -11.04 37.18
CA HIS C 259 6.45 -11.08 36.17
C HIS C 259 6.24 -12.48 35.62
N PRO C 260 5.71 -13.42 36.42
CA PRO C 260 5.32 -14.71 35.86
C PRO C 260 3.86 -14.72 35.44
N ARG C 261 3.52 -15.69 34.61
CA ARG C 261 2.14 -15.90 34.17
C ARG C 261 1.56 -17.05 34.99
N HIS C 262 0.49 -16.75 35.74
CA HIS C 262 -0.11 -17.71 36.64
C HIS C 262 -1.30 -18.38 35.96
N VAL C 263 -1.41 -19.70 36.14
CA VAL C 263 -2.53 -20.48 35.63
C VAL C 263 -3.03 -21.37 36.76
N GLU C 264 -4.34 -21.39 36.96
CA GLU C 264 -4.96 -22.16 38.02
C GLU C 264 -5.64 -23.39 37.44
N ILE C 265 -5.50 -24.52 38.13
CA ILE C 265 -6.13 -25.78 37.73
C ILE C 265 -7.31 -26.02 38.66
N LEU C 266 -8.49 -26.23 38.08
CA LEU C 266 -9.70 -26.42 38.87
C LEU C 266 -10.11 -27.89 38.99
N GLY C 267 -9.86 -28.70 37.96
CA GLY C 267 -10.20 -30.10 38.04
C GLY C 267 -11.26 -30.53 37.06
N PHE C 268 -12.19 -31.37 37.51
CA PHE C 268 -13.21 -31.96 36.66
C PHE C 268 -14.54 -31.23 36.82
N SER C 269 -15.16 -30.91 35.69
CA SER C 269 -16.55 -30.51 35.69
C SER C 269 -17.45 -31.75 35.70
N GLU C 270 -18.76 -31.54 35.67
CA GLU C 270 -19.69 -32.68 35.69
C GLU C 270 -19.53 -33.54 34.45
N ALA C 271 -19.36 -32.91 33.28
CA ALA C 271 -19.13 -33.65 32.05
C ALA C 271 -17.81 -34.43 32.13
N LYS C 272 -16.78 -33.81 32.70
CA LYS C 272 -15.50 -34.50 32.86
C LYS C 272 -15.62 -35.63 33.87
N ARG C 273 -16.49 -35.49 34.88
CA ARG C 273 -16.74 -36.61 35.78
C ARG C 273 -17.43 -37.76 35.05
N LYS C 274 -18.40 -37.45 34.19
CA LYS C 274 -18.97 -38.46 33.31
C LYS C 274 -17.88 -39.16 32.51
N GLU C 275 -17.00 -38.38 31.88
CA GLU C 275 -15.96 -38.95 31.04
C GLU C 275 -15.03 -39.85 31.84
N TYR C 276 -14.64 -39.42 33.05
CA TYR C 276 -13.72 -40.23 33.85
C TYR C 276 -14.37 -41.51 34.34
N PHE C 277 -15.63 -41.41 34.81
CA PHE C 277 -16.30 -42.62 35.28
C PHE C 277 -16.56 -43.60 34.15
N PHE C 278 -16.76 -43.11 32.92
CA PHE C 278 -16.90 -44.03 31.79
C PHE C 278 -15.56 -44.60 31.36
N LYS C 279 -14.49 -43.82 31.47
CA LYS C 279 -13.17 -44.28 31.07
C LYS C 279 -12.56 -45.27 32.06
N TYR C 280 -12.93 -45.18 33.34
CA TYR C 280 -12.30 -46.05 34.33
C TYR C 280 -12.82 -47.47 34.22
N PHE C 281 -14.14 -47.64 34.33
CA PHE C 281 -14.73 -48.97 34.20
C PHE C 281 -14.76 -49.38 32.73
N SER C 282 -14.14 -50.52 32.42
CA SER C 282 -14.12 -51.00 31.04
C SER C 282 -15.50 -51.38 30.54
N ASP C 283 -16.39 -51.82 31.42
CA ASP C 283 -17.75 -52.20 31.06
C ASP C 283 -18.67 -51.00 31.25
N GLU C 284 -19.43 -50.66 30.21
CA GLU C 284 -20.26 -49.46 30.25
C GLU C 284 -21.39 -49.60 31.26
N ALA C 285 -21.97 -50.80 31.38
CA ALA C 285 -23.02 -51.01 32.36
C ALA C 285 -22.49 -50.82 33.79
N GLN C 286 -21.28 -51.35 34.06
CA GLN C 286 -20.68 -51.17 35.37
C GLN C 286 -20.40 -49.70 35.66
N ALA C 287 -19.89 -48.97 34.67
CA ALA C 287 -19.64 -47.55 34.85
C ALA C 287 -20.93 -46.79 35.11
N ARG C 288 -21.99 -47.12 34.37
CA ARG C 288 -23.27 -46.45 34.58
C ARG C 288 -23.81 -46.74 35.98
N ALA C 289 -23.71 -47.98 36.44
CA ALA C 289 -24.17 -48.32 37.78
C ALA C 289 -23.37 -47.58 38.84
N ALA C 290 -22.04 -47.53 38.67
CA ALA C 290 -21.20 -46.86 39.66
C ALA C 290 -21.51 -45.37 39.71
N PHE C 291 -21.68 -44.73 38.55
CA PHE C 291 -21.97 -43.30 38.56
C PHE C 291 -23.38 -43.03 39.09
N SER C 292 -24.34 -43.93 38.82
CA SER C 292 -25.67 -43.76 39.37
C SER C 292 -25.64 -43.85 40.89
N LEU C 293 -24.83 -44.76 41.44
CA LEU C 293 -24.68 -44.84 42.89
C LEU C 293 -23.98 -43.62 43.44
N ILE C 294 -22.99 -43.08 42.71
CA ILE C 294 -22.24 -41.93 43.20
C ILE C 294 -23.10 -40.68 43.21
N GLN C 295 -23.88 -40.47 42.13
CA GLN C 295 -24.57 -39.19 41.94
C GLN C 295 -25.58 -38.92 43.04
N GLU C 296 -26.23 -39.97 43.58
CA GLU C 296 -27.25 -39.74 44.60
C GLU C 296 -26.67 -39.19 45.89
N ASN C 297 -25.36 -39.22 46.06
CA ASN C 297 -24.68 -38.58 47.17
C ASN C 297 -24.06 -37.29 46.66
N GLU C 298 -24.61 -36.15 47.09
CA GLU C 298 -24.16 -34.86 46.57
C GLU C 298 -22.76 -34.52 47.06
N VAL C 299 -22.41 -34.91 48.29
CA VAL C 299 -21.11 -34.58 48.83
C VAL C 299 -20.00 -35.24 48.02
N LEU C 300 -20.16 -36.52 47.69
CA LEU C 300 -19.17 -37.21 46.87
C LEU C 300 -19.05 -36.57 45.49
N PHE C 301 -20.18 -36.26 44.87
CA PHE C 301 -20.13 -35.68 43.53
C PHE C 301 -19.51 -34.29 43.53
N THR C 302 -19.66 -33.56 44.63
CA THR C 302 -19.02 -32.25 44.73
C THR C 302 -17.53 -32.38 44.98
N MET C 303 -17.13 -33.34 45.82
CA MET C 303 -15.73 -33.54 46.10
C MET C 303 -15.00 -34.13 44.90
N CYS C 304 -15.72 -34.80 44.01
CA CYS C 304 -15.13 -35.40 42.82
C CYS C 304 -14.58 -34.40 41.84
N PHE C 305 -14.62 -33.09 42.08
CA PHE C 305 -13.92 -32.17 41.18
C PHE C 305 -12.42 -32.38 41.21
N ILE C 306 -11.90 -33.00 42.28
CA ILE C 306 -10.50 -33.38 42.37
C ILE C 306 -10.31 -34.76 41.77
N PRO C 307 -9.40 -34.92 40.79
CA PRO C 307 -9.21 -36.24 40.18
C PRO C 307 -8.78 -37.32 41.16
N LEU C 308 -8.01 -36.96 42.20
CA LEU C 308 -7.52 -37.97 43.13
C LEU C 308 -8.65 -38.66 43.87
N VAL C 309 -9.66 -37.88 44.29
CA VAL C 309 -10.81 -38.47 44.97
C VAL C 309 -11.58 -39.38 44.02
N CYS C 310 -11.70 -38.98 42.76
CA CYS C 310 -12.32 -39.84 41.76
C CYS C 310 -11.57 -41.16 41.63
N TRP C 311 -10.23 -41.09 41.57
CA TRP C 311 -9.43 -42.29 41.45
C TRP C 311 -9.61 -43.20 42.66
N ILE C 312 -9.60 -42.62 43.86
CA ILE C 312 -9.72 -43.43 45.07
C ILE C 312 -11.09 -44.11 45.13
N VAL C 313 -12.16 -43.35 44.85
CA VAL C 313 -13.49 -43.93 44.94
C VAL C 313 -13.70 -44.97 43.84
N CYS C 314 -13.14 -44.73 42.66
CA CYS C 314 -13.27 -45.70 41.58
C CYS C 314 -12.49 -46.98 41.89
N THR C 315 -11.31 -46.85 42.48
CA THR C 315 -10.56 -48.03 42.88
C THR C 315 -11.31 -48.83 43.93
N GLY C 316 -11.89 -48.13 44.92
CA GLY C 316 -12.68 -48.84 45.92
C GLY C 316 -13.87 -49.56 45.32
N LEU C 317 -14.61 -48.87 44.44
CA LEU C 317 -15.77 -49.49 43.82
C LEU C 317 -15.37 -50.68 42.95
N LYS C 318 -14.28 -50.54 42.19
CA LYS C 318 -13.81 -51.64 41.35
C LYS C 318 -13.40 -52.85 42.19
N GLN C 319 -12.69 -52.61 43.29
CA GLN C 319 -12.25 -53.72 44.13
C GLN C 319 -13.43 -54.39 44.81
N GLN C 320 -14.44 -53.62 45.22
CA GLN C 320 -15.62 -54.24 45.82
C GLN C 320 -16.43 -55.00 44.78
N MET C 321 -16.51 -54.49 43.56
CA MET C 321 -17.25 -55.17 42.51
C MET C 321 -16.56 -56.48 42.10
N GLU C 322 -15.22 -56.48 42.04
CA GLU C 322 -14.49 -57.70 41.73
C GLU C 322 -14.75 -58.78 42.77
N SER C 323 -14.92 -58.38 44.03
CA SER C 323 -15.24 -59.32 45.09
C SER C 323 -16.72 -59.64 45.18
N GLY C 324 -17.55 -59.03 44.35
CA GLY C 324 -18.99 -59.30 44.37
C GLY C 324 -19.68 -58.86 45.63
N LYS C 325 -19.38 -57.66 46.12
CA LYS C 325 -19.98 -57.12 47.33
C LYS C 325 -20.68 -55.81 47.04
N SER C 326 -21.47 -55.36 48.01
CA SER C 326 -22.27 -54.15 47.84
C SER C 326 -21.38 -52.92 47.74
N LEU C 327 -21.80 -51.96 46.92
CA LEU C 327 -21.08 -50.72 46.70
C LEU C 327 -21.73 -49.53 47.40
N ALA C 328 -22.67 -49.76 48.32
CA ALA C 328 -23.51 -48.70 48.84
C ALA C 328 -22.83 -47.85 49.92
N GLN C 329 -21.55 -48.07 50.20
CA GLN C 329 -20.88 -47.28 51.24
C GLN C 329 -20.82 -45.82 50.84
N THR C 330 -20.97 -44.94 51.83
CA THR C 330 -20.95 -43.50 51.63
C THR C 330 -20.00 -42.85 52.62
N SER C 331 -19.28 -41.83 52.16
CA SER C 331 -18.28 -41.14 52.95
C SER C 331 -18.64 -39.67 53.06
N LYS C 332 -18.83 -39.19 54.29
CA LYS C 332 -19.22 -37.80 54.47
C LYS C 332 -18.09 -36.85 54.12
N THR C 333 -16.86 -37.17 54.51
CA THR C 333 -15.72 -36.28 54.30
C THR C 333 -14.61 -37.02 53.57
N THR C 334 -13.49 -36.33 53.38
CA THR C 334 -12.32 -36.94 52.78
C THR C 334 -11.74 -38.04 53.67
N THR C 335 -11.72 -37.80 54.98
CA THR C 335 -11.17 -38.79 55.90
C THR C 335 -11.95 -40.10 55.83
N ALA C 336 -13.28 -40.02 55.69
CA ALA C 336 -14.07 -41.22 55.54
C ALA C 336 -13.74 -41.95 54.23
N VAL C 337 -13.50 -41.19 53.16
CA VAL C 337 -13.07 -41.79 51.90
C VAL C 337 -11.77 -42.57 52.10
N TYR C 338 -10.79 -41.94 52.75
CA TYR C 338 -9.50 -42.60 52.96
C TYR C 338 -9.64 -43.83 53.84
N VAL C 339 -10.46 -43.74 54.90
CA VAL C 339 -10.63 -44.87 55.80
C VAL C 339 -11.29 -46.04 55.07
N PHE C 340 -12.31 -45.77 54.26
CA PHE C 340 -12.93 -46.85 53.50
C PHE C 340 -11.98 -47.43 52.47
N PHE C 341 -11.12 -46.60 51.86
CA PHE C 341 -10.12 -47.13 50.93
C PHE C 341 -9.14 -48.05 51.63
N LEU C 342 -8.66 -47.65 52.81
CA LEU C 342 -7.81 -48.51 53.62
C LEU C 342 -8.53 -49.81 54.00
N SER C 343 -9.80 -49.72 54.41
CA SER C 343 -10.54 -50.92 54.77
C SER C 343 -10.69 -51.87 53.60
N SER C 344 -10.97 -51.33 52.40
CA SER C 344 -11.05 -52.16 51.22
C SER C 344 -9.70 -52.81 50.90
N LEU C 345 -8.60 -52.07 51.07
CA LEU C 345 -7.28 -52.64 50.80
C LEU C 345 -6.68 -53.37 52.00
N LEU C 346 -7.36 -53.38 53.14
CA LEU C 346 -6.88 -54.15 54.29
C LEU C 346 -7.89 -55.23 54.67
N LEU C 357 -0.41 -58.17 61.70
CA LEU C 357 -1.04 -57.13 60.89
C LEU C 357 -0.91 -55.77 61.55
N CYS C 358 -1.30 -55.68 62.82
CA CYS C 358 -1.21 -54.42 63.54
C CYS C 358 0.23 -53.93 63.63
N ALA C 359 1.18 -54.85 63.73
CA ALA C 359 2.59 -54.48 63.69
C ALA C 359 2.94 -53.83 62.35
N HIS C 360 2.39 -54.37 61.26
CA HIS C 360 2.61 -53.77 59.95
C HIS C 360 2.00 -52.38 59.86
N LEU C 361 0.81 -52.19 60.44
CA LEU C 361 0.20 -50.86 60.46
C LEU C 361 1.04 -49.88 61.23
N TRP C 362 1.55 -50.28 62.41
CA TRP C 362 2.41 -49.40 63.19
C TRP C 362 3.69 -49.09 62.43
N GLY C 363 4.25 -50.08 61.73
CA GLY C 363 5.44 -49.84 60.94
C GLY C 363 5.20 -48.83 59.84
N LEU C 364 4.08 -48.97 59.13
CA LEU C 364 3.73 -48.01 58.08
C LEU C 364 3.55 -46.61 58.66
N CYS C 365 2.84 -46.51 59.78
CA CYS C 365 2.59 -45.21 60.39
C CYS C 365 3.88 -44.54 60.83
N SER C 366 4.77 -45.30 61.47
CA SER C 366 6.05 -44.76 61.89
C SER C 366 6.92 -44.39 60.69
N LEU C 367 6.83 -45.19 59.62
CA LEU C 367 7.57 -44.88 58.40
C LEU C 367 7.12 -43.54 57.83
N ALA C 368 5.81 -43.33 57.75
CA ALA C 368 5.29 -42.06 57.23
C ALA C 368 5.67 -40.90 58.14
N ALA C 369 5.60 -41.10 59.46
CA ALA C 369 5.97 -40.04 60.39
C ALA C 369 7.44 -39.67 60.24
N ASP C 370 8.31 -40.67 60.09
CA ASP C 370 9.72 -40.43 59.88
C ASP C 370 9.95 -39.67 58.58
N GLY C 371 9.27 -40.07 57.51
CA GLY C 371 9.39 -39.36 56.25
C GLY C 371 8.96 -37.91 56.36
N ILE C 372 7.88 -37.66 57.10
CA ILE C 372 7.38 -36.29 57.26
C ILE C 372 8.38 -35.45 58.05
N TRP C 373 8.87 -35.99 59.17
CA TRP C 373 9.76 -35.21 60.03
C TRP C 373 11.15 -35.01 59.46
N ASN C 374 11.69 -35.97 58.69
CA ASN C 374 13.03 -35.82 58.14
C ASN C 374 13.06 -35.61 56.64
N GLN C 375 11.96 -35.16 56.03
CA GLN C 375 11.92 -34.66 54.66
C GLN C 375 12.18 -35.73 53.62
N LYS C 376 12.03 -37.01 53.96
CA LYS C 376 12.37 -38.09 53.03
C LYS C 376 11.08 -38.68 52.45
N ILE C 377 10.88 -38.49 51.15
CA ILE C 377 9.71 -38.99 50.45
C ILE C 377 10.00 -40.33 49.76
N LEU C 378 11.16 -40.46 49.14
CA LEU C 378 11.58 -41.71 48.51
C LEU C 378 12.33 -42.53 49.56
N PHE C 379 11.85 -43.75 49.81
CA PHE C 379 12.32 -44.55 50.93
C PHE C 379 13.21 -45.68 50.42
N GLU C 380 14.30 -45.94 51.16
CA GLU C 380 15.21 -47.03 50.85
C GLU C 380 14.87 -48.25 51.70
N GLU C 381 15.50 -49.37 51.36
CA GLU C 381 15.25 -50.61 52.10
C GLU C 381 15.84 -50.56 53.50
N SER C 382 16.95 -49.86 53.69
CA SER C 382 17.52 -49.72 55.03
C SER C 382 16.55 -48.98 55.96
N ASP C 383 15.99 -47.87 55.48
CA ASP C 383 15.01 -47.14 56.28
C ASP C 383 13.76 -47.97 56.53
N LEU C 384 13.35 -48.75 55.53
CA LEU C 384 12.20 -49.63 55.70
C LEU C 384 12.45 -50.66 56.79
N ARG C 385 13.67 -51.21 56.84
CA ARG C 385 14.02 -52.15 57.91
C ARG C 385 14.11 -51.45 59.26
N ASN C 386 14.51 -50.17 59.26
CA ASN C 386 14.63 -49.44 60.52
C ASN C 386 13.30 -49.35 61.26
N HIS C 387 12.18 -49.40 60.54
CA HIS C 387 10.86 -49.21 61.14
C HIS C 387 10.11 -50.52 61.32
N GLY C 388 10.83 -51.63 61.53
CA GLY C 388 10.20 -52.89 61.80
C GLY C 388 9.34 -53.44 60.68
N LEU C 389 9.70 -53.16 59.44
CA LEU C 389 8.95 -53.64 58.28
C LEU C 389 9.81 -54.63 57.52
N GLN C 390 9.23 -55.78 57.17
CA GLN C 390 9.92 -56.80 56.41
C GLN C 390 9.60 -56.66 54.92
N LYS C 391 10.33 -57.42 54.11
CA LYS C 391 10.05 -57.44 52.67
C LYS C 391 8.72 -58.12 52.39
N ALA C 392 8.31 -59.05 53.25
CA ALA C 392 7.01 -59.68 53.12
C ALA C 392 5.87 -58.75 53.52
N ASP C 393 6.18 -57.59 54.12
CA ASP C 393 5.18 -56.63 54.54
C ASP C 393 4.84 -55.61 53.48
N VAL C 394 5.40 -55.73 52.28
CA VAL C 394 5.13 -54.77 51.21
C VAL C 394 3.66 -54.88 50.81
N SER C 395 2.95 -53.76 50.87
CA SER C 395 1.54 -53.70 50.57
C SER C 395 1.32 -53.00 49.23
N ALA C 396 0.06 -52.84 48.86
CA ALA C 396 -0.33 -52.17 47.62
C ALA C 396 -0.30 -50.66 47.73
N PHE C 397 -0.02 -50.12 48.93
CA PHE C 397 0.06 -48.68 49.12
C PHE C 397 1.42 -48.11 48.76
N LEU C 398 2.49 -48.90 48.93
CA LEU C 398 3.82 -48.45 48.57
C LEU C 398 4.08 -48.77 47.10
N ARG C 399 4.41 -47.74 46.33
CA ARG C 399 4.73 -47.88 44.91
C ARG C 399 6.24 -47.87 44.74
N MET C 400 6.73 -48.77 43.89
CA MET C 400 8.17 -48.96 43.73
C MET C 400 8.70 -48.19 42.54
N ASN C 401 9.91 -47.66 42.69
CA ASN C 401 10.64 -47.02 41.60
C ASN C 401 12.11 -47.41 41.74
N LEU C 402 12.62 -48.13 40.76
CA LEU C 402 13.97 -48.67 40.80
C LEU C 402 14.94 -47.70 40.17
N PHE C 403 15.89 -47.19 40.96
CA PHE C 403 16.90 -46.27 40.46
C PHE C 403 18.29 -46.73 40.86
N LYS C 411 16.30 -48.82 43.47
CA LYS C 411 15.59 -49.36 44.62
C LYS C 411 15.07 -48.22 45.49
N PHE C 412 13.78 -47.91 45.33
CA PHE C 412 13.13 -46.89 46.13
C PHE C 412 11.65 -47.22 46.28
N TYR C 413 11.09 -46.87 47.43
CA TYR C 413 9.67 -47.01 47.70
C TYR C 413 9.09 -45.65 48.06
N SER C 414 7.87 -45.39 47.59
CA SER C 414 7.20 -44.14 47.90
C SER C 414 5.72 -44.42 48.08
N PHE C 415 4.97 -43.36 48.37
CA PHE C 415 3.52 -43.49 48.47
C PHE C 415 2.87 -43.11 47.15
N ILE C 416 1.63 -43.55 46.98
CA ILE C 416 0.88 -43.21 45.77
C ILE C 416 0.74 -41.69 45.64
N HIS C 417 0.40 -41.03 46.75
CA HIS C 417 0.41 -39.58 46.81
C HIS C 417 0.88 -39.16 48.20
N MET C 418 1.41 -37.94 48.29
CA MET C 418 1.87 -37.44 49.58
C MET C 418 0.72 -37.34 50.58
N THR C 419 -0.52 -37.26 50.10
CA THR C 419 -1.66 -37.26 50.99
C THR C 419 -1.76 -38.56 51.79
N PHE C 420 -1.31 -39.67 51.22
CA PHE C 420 -1.33 -40.94 51.95
C PHE C 420 -0.28 -40.95 53.06
N GLN C 421 0.90 -40.40 52.79
CA GLN C 421 1.91 -40.24 53.83
C GLN C 421 1.39 -39.34 54.94
N GLU C 422 0.73 -38.25 54.56
CA GLU C 422 -0.01 -37.42 55.50
C GLU C 422 -0.98 -38.22 56.37
N PHE C 423 -1.83 -39.02 55.74
CA PHE C 423 -2.86 -39.74 56.48
C PHE C 423 -2.23 -40.73 57.45
N PHE C 424 -1.17 -41.41 57.01
CA PHE C 424 -0.51 -42.38 57.88
C PHE C 424 0.26 -41.71 59.01
N ALA C 425 0.84 -40.53 58.77
CA ALA C 425 1.44 -39.78 59.86
C ALA C 425 0.41 -39.39 60.90
N ALA C 426 -0.77 -38.96 60.46
CA ALA C 426 -1.85 -38.66 61.39
C ALA C 426 -2.25 -39.90 62.18
N MET C 427 -2.41 -41.04 61.49
CA MET C 427 -2.75 -42.28 62.17
C MET C 427 -1.68 -42.64 63.21
N TYR C 428 -0.41 -42.41 62.89
CA TYR C 428 0.65 -42.62 63.87
C TYR C 428 0.46 -41.73 65.08
N TYR C 429 0.17 -40.44 64.84
CA TYR C 429 -0.06 -39.52 65.94
C TYR C 429 -1.22 -39.94 66.81
N LEU C 430 -2.17 -40.68 66.27
CA LEU C 430 -3.26 -41.17 67.12
C LEU C 430 -3.00 -42.55 67.72
N LEU C 431 -2.08 -43.32 67.15
CA LEU C 431 -1.84 -44.68 67.63
C LEU C 431 -0.78 -44.72 68.72
N PRO C 449 10.19 -40.24 65.99
CA PRO C 449 9.43 -39.00 65.91
C PRO C 449 8.71 -38.67 67.22
N SER C 450 8.68 -37.39 67.58
CA SER C 450 7.99 -36.98 68.79
C SER C 450 6.49 -37.21 68.66
N ARG C 451 5.87 -37.67 69.75
CA ARG C 451 4.45 -37.98 69.75
C ARG C 451 3.59 -36.86 70.32
N ASP C 452 4.18 -35.70 70.65
CA ASP C 452 3.44 -34.57 71.18
C ASP C 452 2.97 -33.69 70.02
N VAL C 453 1.68 -33.37 70.00
CA VAL C 453 1.13 -32.58 68.91
C VAL C 453 1.49 -31.11 69.02
N THR C 454 1.88 -30.64 70.21
CA THR C 454 2.22 -29.23 70.36
C THR C 454 3.43 -28.86 69.51
N VAL C 455 4.48 -29.69 69.53
CA VAL C 455 5.65 -29.41 68.71
C VAL C 455 5.32 -29.57 67.23
N LEU C 456 4.35 -30.44 66.90
CA LEU C 456 3.87 -30.53 65.53
C LEU C 456 3.24 -29.21 65.10
N LEU C 457 2.44 -28.61 65.98
CA LEU C 457 1.73 -27.38 65.63
C LEU C 457 2.64 -26.16 65.59
N GLU C 458 3.66 -26.12 66.46
CA GLU C 458 4.48 -24.92 66.56
C GLU C 458 5.29 -24.67 65.29
N ASN C 459 5.97 -25.70 64.79
CA ASN C 459 6.95 -25.54 63.72
C ASN C 459 6.26 -25.52 62.37
N TYR C 460 6.26 -24.35 61.73
CA TYR C 460 5.69 -24.16 60.41
C TYR C 460 6.69 -23.46 59.50
N GLY C 461 6.52 -23.68 58.19
CA GLY C 461 7.38 -23.07 57.19
C GLY C 461 7.16 -23.62 55.80
N LYS C 462 7.41 -22.81 54.79
CA LYS C 462 7.37 -23.23 53.37
C LYS C 462 5.94 -23.68 53.05
N PHE C 463 5.77 -24.66 52.17
CA PHE C 463 4.46 -25.26 51.93
C PHE C 463 4.01 -26.07 53.13
N GLU C 464 4.93 -26.79 53.76
CA GLU C 464 4.61 -27.84 54.72
C GLU C 464 3.71 -27.36 55.84
N LYS C 465 3.78 -26.07 56.23
CA LYS C 465 2.86 -25.56 57.23
C LYS C 465 1.42 -25.91 56.87
N GLY C 466 0.96 -25.46 55.71
CA GLY C 466 -0.35 -25.88 55.25
C GLY C 466 -0.47 -27.38 55.15
N TYR C 467 0.57 -28.04 54.62
CA TYR C 467 0.60 -29.49 54.61
C TYR C 467 0.51 -30.04 56.03
N LEU C 468 1.26 -29.45 56.97
CA LEU C 468 1.10 -29.86 58.36
C LEU C 468 -0.32 -29.57 58.85
N ILE C 469 -0.87 -28.42 58.45
CA ILE C 469 -2.31 -28.21 58.67
C ILE C 469 -3.10 -29.26 57.93
N PHE C 470 -2.73 -29.55 56.68
CA PHE C 470 -3.30 -30.71 56.00
C PHE C 470 -3.16 -31.95 56.87
N VAL C 471 -1.99 -32.14 57.48
CA VAL C 471 -1.81 -33.22 58.45
C VAL C 471 -2.95 -33.20 59.46
N VAL C 472 -3.06 -32.10 60.23
CA VAL C 472 -4.05 -32.10 61.28
C VAL C 472 -5.44 -32.17 60.69
N ARG C 473 -5.62 -31.76 59.43
CA ARG C 473 -6.93 -31.91 58.80
C ARG C 473 -7.40 -33.35 58.88
N PHE C 474 -6.57 -34.29 58.42
CA PHE C 474 -6.94 -35.69 58.56
C PHE C 474 -7.01 -36.08 60.03
N LEU C 475 -6.10 -35.56 60.84
CA LEU C 475 -6.20 -35.73 62.28
C LEU C 475 -7.55 -35.26 62.78
N PHE C 476 -7.98 -34.07 62.33
CA PHE C 476 -9.28 -33.54 62.71
C PHE C 476 -10.38 -34.53 62.34
N GLY C 477 -10.23 -35.19 61.18
CA GLY C 477 -11.23 -36.17 60.78
C GLY C 477 -11.22 -37.40 61.66
N LEU C 478 -10.04 -37.86 62.07
CA LEU C 478 -9.95 -39.16 62.72
C LEU C 478 -10.46 -39.12 64.16
N VAL C 479 -10.39 -37.96 64.80
CA VAL C 479 -10.87 -37.81 66.19
C VAL C 479 -12.36 -37.47 66.10
N ASN C 480 -13.17 -38.52 65.99
CA ASN C 480 -14.62 -38.36 65.87
C ASN C 480 -15.31 -39.48 66.63
N GLN C 481 -16.46 -39.16 67.21
CA GLN C 481 -17.23 -40.13 67.99
C GLN C 481 -17.73 -41.29 67.16
N GLU C 482 -17.79 -41.15 65.82
CA GLU C 482 -18.33 -42.18 64.96
C GLU C 482 -17.23 -42.95 64.22
N ARG C 483 -16.35 -42.26 63.50
CA ARG C 483 -15.37 -42.94 62.67
C ARG C 483 -14.30 -43.65 63.51
N THR C 484 -13.93 -43.08 64.66
CA THR C 484 -12.87 -43.69 65.46
C THR C 484 -13.26 -45.07 65.94
N SER C 485 -14.49 -45.25 66.41
CA SER C 485 -14.93 -46.55 66.90
C SER C 485 -14.90 -47.61 65.80
N TYR C 486 -15.41 -47.26 64.62
CA TYR C 486 -15.42 -48.20 63.51
C TYR C 486 -14.00 -48.54 63.07
N LEU C 487 -13.12 -47.53 63.02
CA LEU C 487 -11.74 -47.78 62.65
C LEU C 487 -11.05 -48.69 63.65
N GLU C 488 -11.29 -48.48 64.95
CA GLU C 488 -10.70 -49.33 65.97
C GLU C 488 -11.23 -50.76 65.85
N LYS C 489 -12.53 -50.92 65.58
CA LYS C 489 -13.09 -52.25 65.40
C LYS C 489 -12.49 -52.94 64.19
N LYS C 490 -12.31 -52.20 63.09
CA LYS C 490 -11.80 -52.81 61.86
C LYS C 490 -10.34 -53.19 61.97
N LEU C 491 -9.51 -52.29 62.51
CA LEU C 491 -8.07 -52.49 62.51
C LEU C 491 -7.51 -52.92 63.87
N SER C 492 -8.36 -53.12 64.87
CA SER C 492 -7.93 -53.58 66.20
C SER C 492 -6.88 -52.64 66.80
N CYS C 493 -7.24 -51.37 66.93
CA CYS C 493 -6.35 -50.35 67.46
C CYS C 493 -7.05 -49.58 68.57
N LYS C 494 -6.26 -48.76 69.29
CA LYS C 494 -6.74 -47.96 70.39
C LYS C 494 -6.39 -46.49 70.16
N ILE C 495 -7.31 -45.60 70.56
CA ILE C 495 -7.18 -44.18 70.30
C ILE C 495 -7.67 -43.40 71.52
N SER C 496 -6.94 -42.36 71.90
CA SER C 496 -7.31 -41.46 72.98
C SER C 496 -7.95 -40.19 72.43
N GLN C 497 -8.45 -39.35 73.34
CA GLN C 497 -9.19 -38.17 72.94
C GLN C 497 -8.73 -36.86 73.56
N GLN C 498 -7.62 -36.84 74.32
CA GLN C 498 -7.08 -35.57 74.78
C GLN C 498 -6.55 -34.74 73.61
N ILE C 499 -6.16 -35.41 72.53
CA ILE C 499 -5.65 -34.72 71.35
C ILE C 499 -6.73 -33.82 70.75
N ARG C 500 -7.99 -34.24 70.86
CA ARG C 500 -9.10 -33.40 70.39
C ARG C 500 -9.17 -32.10 71.19
N LEU C 501 -9.01 -32.18 72.50
CA LEU C 501 -8.99 -30.97 73.32
C LEU C 501 -7.79 -30.10 72.97
N GLU C 502 -6.64 -30.72 72.70
CA GLU C 502 -5.48 -29.95 72.28
C GLU C 502 -5.72 -29.24 70.96
N LEU C 503 -6.38 -29.90 70.01
CA LEU C 503 -6.73 -29.24 68.75
C LEU C 503 -7.71 -28.10 68.98
N LEU C 504 -8.65 -28.28 69.91
CA LEU C 504 -9.57 -27.18 70.25
C LEU C 504 -8.80 -25.98 70.80
N LYS C 505 -7.84 -26.23 71.68
CA LYS C 505 -7.01 -25.14 72.18
C LYS C 505 -6.24 -24.48 71.05
N TRP C 506 -5.74 -25.28 70.10
CA TRP C 506 -4.99 -24.73 68.98
C TRP C 506 -5.85 -23.83 68.12
N ILE C 507 -7.08 -24.25 67.82
CA ILE C 507 -7.95 -23.41 67.01
C ILE C 507 -8.37 -22.16 67.77
N GLU C 508 -8.59 -22.27 69.08
CA GLU C 508 -8.86 -21.09 69.89
C GLU C 508 -7.71 -20.09 69.77
N VAL C 509 -6.48 -20.57 69.92
CA VAL C 509 -5.32 -19.69 69.82
C VAL C 509 -5.23 -19.07 68.43
N LYS C 510 -5.46 -19.86 67.39
CA LYS C 510 -5.36 -19.35 66.02
C LYS C 510 -6.41 -18.28 65.75
N ALA C 511 -7.64 -18.50 66.22
CA ALA C 511 -8.71 -17.54 65.96
C ALA C 511 -8.50 -16.26 66.75
N LYS C 512 -8.14 -16.36 68.04
CA LYS C 512 -7.94 -15.16 68.83
C LYS C 512 -6.72 -14.37 68.37
N ALA C 513 -5.68 -15.06 67.92
CA ALA C 513 -4.52 -14.38 67.38
C ALA C 513 -4.89 -13.55 66.17
N LYS C 514 -4.33 -12.34 66.08
CA LYS C 514 -4.68 -11.44 64.98
C LYS C 514 -4.14 -11.97 63.66
N LYS C 515 -2.81 -12.00 63.52
CA LYS C 515 -2.09 -12.69 62.45
C LYS C 515 -2.75 -12.47 61.09
N LEU C 516 -3.04 -11.21 60.78
CA LEU C 516 -3.67 -10.88 59.50
C LEU C 516 -2.71 -11.09 58.34
N GLN C 517 -3.23 -11.66 57.26
CA GLN C 517 -2.49 -11.85 56.00
C GLN C 517 -1.23 -12.70 56.20
N ILE C 518 -1.25 -13.58 57.19
CA ILE C 518 -0.16 -14.51 57.44
C ILE C 518 -0.72 -15.92 57.51
N GLN C 519 -0.11 -16.85 56.75
CA GLN C 519 -0.37 -18.28 56.68
C GLN C 519 -1.84 -18.57 56.32
N PRO C 520 -2.20 -19.83 56.01
CA PRO C 520 -3.61 -20.13 55.72
C PRO C 520 -4.50 -20.00 56.95
N SER C 521 -5.48 -19.10 56.90
CA SER C 521 -6.09 -18.58 58.12
C SER C 521 -7.53 -19.04 58.33
N GLN C 522 -8.44 -18.81 57.37
CA GLN C 522 -9.86 -18.93 57.65
C GLN C 522 -10.50 -20.17 57.03
N LEU C 523 -10.38 -20.33 55.71
CA LEU C 523 -11.10 -21.41 55.03
C LEU C 523 -10.55 -22.78 55.43
N GLU C 524 -9.25 -22.89 55.68
CA GLU C 524 -8.66 -24.16 56.04
C GLU C 524 -9.21 -24.67 57.37
N LEU C 525 -9.42 -23.77 58.33
CA LEU C 525 -10.06 -24.17 59.57
C LEU C 525 -11.47 -24.68 59.32
N PHE C 526 -12.15 -24.09 58.33
CA PHE C 526 -13.47 -24.60 57.96
C PHE C 526 -13.38 -26.01 57.38
N TYR C 527 -12.35 -26.27 56.57
CA TYR C 527 -12.11 -27.64 56.12
C TYR C 527 -11.92 -28.59 57.30
N CYS C 528 -11.14 -28.18 58.28
CA CYS C 528 -10.90 -29.05 59.44
C CYS C 528 -12.19 -29.34 60.19
N LEU C 529 -12.97 -28.29 60.49
CA LEU C 529 -14.20 -28.47 61.24
C LEU C 529 -15.22 -29.29 60.47
N TYR C 530 -15.30 -29.09 59.16
CA TYR C 530 -16.17 -29.92 58.33
C TYR C 530 -15.66 -31.36 58.30
N GLU C 531 -14.34 -31.55 58.38
CA GLU C 531 -13.78 -32.89 58.42
C GLU C 531 -14.22 -33.63 59.68
N MET C 532 -14.22 -32.95 60.83
CA MET C 532 -14.61 -33.62 62.06
C MET C 532 -16.08 -34.02 62.05
N GLN C 533 -16.95 -33.16 61.52
CA GLN C 533 -18.39 -33.44 61.43
C GLN C 533 -19.04 -33.64 62.80
N GLU C 534 -18.46 -33.06 63.85
CA GLU C 534 -19.03 -33.14 65.18
C GLU C 534 -19.66 -31.80 65.52
N GLU C 535 -20.99 -31.78 65.63
CA GLU C 535 -21.70 -30.52 65.81
C GLU C 535 -21.32 -29.84 67.13
N ASP C 536 -21.13 -30.63 68.19
CA ASP C 536 -20.79 -30.05 69.48
C ASP C 536 -19.41 -29.39 69.44
N PHE C 537 -18.43 -30.08 68.86
CA PHE C 537 -17.09 -29.51 68.76
C PHE C 537 -17.08 -28.26 67.88
N VAL C 538 -17.80 -28.31 66.76
CA VAL C 538 -17.84 -27.15 65.86
C VAL C 538 -18.47 -25.96 66.59
N GLN C 539 -19.56 -26.20 67.31
CA GLN C 539 -20.22 -25.12 68.03
C GLN C 539 -19.33 -24.55 69.13
N ARG C 540 -18.59 -25.42 69.83
CA ARG C 540 -17.70 -24.92 70.87
C ARG C 540 -16.52 -24.16 70.29
N ALA C 541 -16.04 -24.58 69.12
CA ALA C 541 -14.84 -23.98 68.55
C ALA C 541 -15.14 -22.67 67.83
N MET C 542 -16.32 -22.54 67.24
CA MET C 542 -16.62 -21.38 66.41
C MET C 542 -17.15 -20.19 67.20
N ASP C 543 -17.19 -20.27 68.52
CA ASP C 543 -17.59 -19.12 69.32
C ASP C 543 -16.52 -18.03 69.32
N TYR C 544 -15.33 -18.32 68.81
CA TYR C 544 -14.20 -17.38 68.85
C TYR C 544 -13.94 -16.73 67.50
N PHE C 545 -14.73 -17.07 66.47
CA PHE C 545 -14.62 -16.59 65.10
C PHE C 545 -15.05 -15.16 64.80
N PRO C 546 -15.95 -14.53 65.61
CA PRO C 546 -17.04 -13.72 65.03
C PRO C 546 -16.78 -13.01 63.71
N LYS C 547 -15.69 -12.29 63.58
CA LYS C 547 -15.42 -11.57 62.34
C LYS C 547 -14.83 -12.53 61.31
N ILE C 548 -15.64 -12.91 60.33
CA ILE C 548 -15.27 -13.91 59.33
C ILE C 548 -15.08 -13.22 57.99
N GLU C 549 -13.98 -13.53 57.31
CA GLU C 549 -13.71 -13.03 55.97
C GLU C 549 -13.15 -14.19 55.15
N ILE C 550 -13.85 -14.59 54.10
CA ILE C 550 -13.50 -15.79 53.35
C ILE C 550 -13.67 -15.55 51.85
N ASN C 551 -12.90 -16.29 51.06
CA ASN C 551 -12.95 -16.25 49.60
C ASN C 551 -13.24 -17.65 49.10
N LEU C 552 -14.19 -17.78 48.18
CA LEU C 552 -14.68 -19.07 47.72
C LEU C 552 -14.47 -19.18 46.21
N SER C 553 -14.04 -20.36 45.77
CA SER C 553 -13.79 -20.60 44.36
C SER C 553 -14.38 -21.90 43.84
N THR C 554 -14.77 -22.84 44.70
CA THR C 554 -15.27 -24.13 44.27
C THR C 554 -16.57 -24.44 44.98
N ARG C 555 -17.31 -25.41 44.45
CA ARG C 555 -18.55 -25.84 45.08
C ARG C 555 -18.29 -26.44 46.45
N MET C 556 -17.16 -27.14 46.61
CA MET C 556 -16.81 -27.66 47.92
C MET C 556 -16.56 -26.54 48.93
N ASP C 557 -15.95 -25.44 48.48
CA ASP C 557 -15.79 -24.28 49.35
C ASP C 557 -17.14 -23.74 49.79
N HIS C 558 -18.09 -23.65 48.86
CA HIS C 558 -19.42 -23.18 49.21
C HIS C 558 -20.08 -24.10 50.22
N MET C 559 -19.95 -25.41 50.04
CA MET C 559 -20.60 -26.35 50.95
C MET C 559 -19.98 -26.30 52.35
N VAL C 560 -18.65 -26.27 52.42
CA VAL C 560 -18.01 -26.23 53.74
C VAL C 560 -18.31 -24.91 54.43
N SER C 561 -18.30 -23.80 53.68
CA SER C 561 -18.65 -22.52 54.28
C SER C 561 -20.08 -22.51 54.77
N SER C 562 -21.00 -23.10 54.01
CA SER C 562 -22.40 -23.15 54.43
C SER C 562 -22.54 -23.95 55.72
N PHE C 563 -21.94 -25.14 55.76
CA PHE C 563 -22.01 -25.96 56.97
C PHE C 563 -21.44 -25.21 58.17
N CYS C 564 -20.26 -24.61 57.99
CA CYS C 564 -19.56 -23.96 59.08
C CYS C 564 -20.34 -22.76 59.61
N ILE C 565 -20.86 -21.92 58.70
CA ILE C 565 -21.63 -20.75 59.10
C ILE C 565 -22.93 -21.17 59.77
N GLU C 566 -23.59 -22.20 59.23
CA GLU C 566 -24.84 -22.67 59.83
C GLU C 566 -24.60 -23.15 61.26
N ASN C 567 -23.49 -23.86 61.49
CA ASN C 567 -23.21 -24.34 62.84
C ASN C 567 -22.72 -23.24 63.77
N CYS C 568 -22.35 -22.08 63.24
CA CYS C 568 -21.87 -20.99 64.09
C CYS C 568 -23.03 -20.34 64.83
N HIS C 569 -22.71 -19.72 65.96
CA HIS C 569 -23.70 -19.02 66.77
C HIS C 569 -23.23 -17.68 67.30
N ARG C 570 -22.01 -17.24 66.96
CA ARG C 570 -21.50 -15.96 67.45
C ARG C 570 -20.88 -15.13 66.33
N VAL C 571 -21.36 -15.27 65.10
CA VAL C 571 -20.84 -14.49 63.99
C VAL C 571 -21.59 -13.16 63.91
N GLU C 572 -20.85 -12.07 63.73
CA GLU C 572 -21.44 -10.74 63.59
C GLU C 572 -21.19 -10.15 62.21
N SER C 573 -19.94 -10.06 61.79
CA SER C 573 -19.58 -9.56 60.46
C SER C 573 -19.16 -10.71 59.59
N LEU C 574 -19.54 -10.68 58.32
CA LEU C 574 -19.26 -11.76 57.40
C LEU C 574 -18.95 -11.18 56.02
N SER C 575 -17.71 -11.38 55.57
CA SER C 575 -17.27 -10.88 54.27
C SER C 575 -17.04 -12.07 53.33
N LEU C 576 -17.70 -12.04 52.19
CA LEU C 576 -17.60 -13.08 51.19
C LEU C 576 -16.92 -12.55 49.94
N GLY C 577 -16.03 -13.36 49.38
CA GLY C 577 -15.48 -13.08 48.07
C GLY C 577 -15.78 -14.23 47.13
N PHE C 578 -16.19 -13.92 45.91
CA PHE C 578 -16.53 -14.94 44.92
C PHE C 578 -15.56 -14.84 43.76
N LEU C 579 -15.16 -16.00 43.23
CA LEU C 579 -14.20 -16.09 42.13
C LEU C 579 -14.81 -16.94 41.03
N HIS C 580 -14.66 -16.48 39.79
CA HIS C 580 -15.19 -17.16 38.62
C HIS C 580 -16.69 -17.42 38.73
N THR C 621 -22.30 -19.49 40.04
CA THR C 621 -22.28 -18.60 41.19
C THR C 621 -23.60 -18.67 41.96
N SER C 622 -24.70 -18.33 41.28
CA SER C 622 -26.00 -18.29 41.94
C SER C 622 -26.43 -19.66 42.42
N SER C 623 -25.96 -20.73 41.76
CA SER C 623 -26.33 -22.08 42.17
C SER C 623 -25.84 -22.38 43.58
N PHE C 624 -24.64 -21.92 43.93
CA PHE C 624 -24.12 -22.10 45.28
C PHE C 624 -24.47 -20.92 46.18
N CYS C 625 -24.75 -19.76 45.58
CA CYS C 625 -25.25 -18.64 46.35
C CYS C 625 -26.59 -18.98 46.99
N ARG C 626 -27.43 -19.75 46.29
CA ARG C 626 -28.70 -20.18 46.87
C ARG C 626 -28.49 -21.00 48.14
N GLY C 627 -27.36 -21.70 48.27
CA GLY C 627 -27.07 -22.46 49.46
C GLY C 627 -26.45 -21.61 50.56
N LEU C 628 -25.52 -20.74 50.17
CA LEU C 628 -24.89 -19.85 51.15
C LEU C 628 -25.91 -18.92 51.80
N PHE C 629 -26.75 -18.28 50.99
CA PHE C 629 -27.62 -17.23 51.51
C PHE C 629 -28.72 -17.80 52.38
N SER C 630 -29.14 -19.05 52.14
CA SER C 630 -30.15 -19.65 53.01
C SER C 630 -29.65 -19.77 54.44
N VAL C 631 -28.45 -20.33 54.61
CA VAL C 631 -27.90 -20.45 55.96
C VAL C 631 -27.48 -19.09 56.52
N LEU C 632 -27.18 -18.11 55.65
CA LEU C 632 -26.98 -16.75 56.14
C LEU C 632 -28.27 -16.19 56.73
N SER C 633 -29.40 -16.42 56.07
CA SER C 633 -30.68 -15.92 56.57
C SER C 633 -31.08 -16.62 57.86
N THR C 634 -30.87 -17.94 57.94
CA THR C 634 -31.28 -18.68 59.13
C THR C 634 -30.51 -18.23 60.37
N SER C 635 -29.33 -17.67 60.18
CA SER C 635 -28.52 -17.23 61.31
C SER C 635 -29.20 -16.10 62.06
N GLN C 636 -29.18 -16.19 63.40
CA GLN C 636 -29.82 -15.19 64.25
C GLN C 636 -28.82 -14.24 64.92
N SER C 637 -27.53 -14.35 64.60
CA SER C 637 -26.52 -13.50 65.20
C SER C 637 -25.85 -12.56 64.21
N LEU C 638 -26.04 -12.77 62.92
CA LEU C 638 -25.38 -11.94 61.91
C LEU C 638 -26.02 -10.56 61.88
N THR C 639 -25.18 -9.53 61.85
CA THR C 639 -25.63 -8.15 61.72
C THR C 639 -25.06 -7.42 60.52
N GLU C 640 -23.89 -7.80 60.03
CA GLU C 640 -23.24 -7.17 58.90
C GLU C 640 -23.01 -8.19 57.79
N LEU C 641 -22.99 -7.71 56.55
CA LEU C 641 -22.78 -8.59 55.40
C LEU C 641 -22.11 -7.77 54.31
N ASP C 642 -20.80 -7.98 54.15
CA ASP C 642 -20.00 -7.24 53.18
C ASP C 642 -19.83 -8.11 51.94
N LEU C 643 -20.31 -7.62 50.80
CA LEU C 643 -20.20 -8.33 49.52
C LEU C 643 -19.54 -7.47 48.47
N SER C 644 -18.76 -6.47 48.89
CA SER C 644 -18.19 -5.51 47.95
C SER C 644 -17.16 -6.16 47.04
N ASP C 645 -16.94 -5.53 45.89
CA ASP C 645 -15.93 -5.93 44.92
C ASP C 645 -16.14 -7.36 44.41
N ASN C 646 -17.39 -7.72 44.13
CA ASN C 646 -17.70 -8.99 43.49
C ASN C 646 -18.42 -8.76 42.18
N SER C 647 -18.50 -9.82 41.37
CA SER C 647 -19.38 -9.82 40.20
C SER C 647 -20.71 -10.48 40.55
N LEU C 648 -21.37 -9.90 41.56
CA LEU C 648 -22.61 -10.49 42.07
C LEU C 648 -23.69 -10.51 40.99
N GLY C 649 -23.82 -9.42 40.23
CA GLY C 649 -24.74 -9.36 39.13
C GLY C 649 -26.20 -9.28 39.56
N ASP C 650 -27.05 -9.03 38.56
CA ASP C 650 -28.49 -8.92 38.82
C ASP C 650 -29.11 -10.22 39.32
N PRO C 651 -28.86 -11.39 38.71
CA PRO C 651 -29.44 -12.62 39.29
C PRO C 651 -28.95 -12.91 40.69
N GLY C 652 -27.67 -12.66 40.96
CA GLY C 652 -27.17 -12.85 42.31
C GLY C 652 -27.82 -11.92 43.31
N MET C 653 -28.01 -10.66 42.92
CA MET C 653 -28.68 -9.72 43.82
C MET C 653 -30.14 -10.09 44.01
N ARG C 654 -30.78 -10.66 42.98
CA ARG C 654 -32.15 -11.15 43.13
C ARG C 654 -32.22 -12.29 44.14
N VAL C 655 -31.27 -13.23 44.07
CA VAL C 655 -31.23 -14.32 45.04
C VAL C 655 -31.00 -13.77 46.43
N LEU C 656 -30.07 -12.82 46.57
CA LEU C 656 -29.82 -12.22 47.87
C LEU C 656 -31.06 -11.51 48.42
N CYS C 657 -31.81 -10.85 47.54
CA CYS C 657 -33.02 -10.17 47.97
C CYS C 657 -34.11 -11.15 48.39
N GLU C 658 -34.25 -12.25 47.65
CA GLU C 658 -35.18 -13.30 48.08
C GLU C 658 -34.78 -13.81 49.46
N THR C 659 -33.48 -13.91 49.71
CA THR C 659 -33.00 -14.30 51.04
C THR C 659 -33.36 -13.27 52.10
N LEU C 660 -33.15 -11.98 51.81
CA LEU C 660 -33.31 -10.94 52.82
C LEU C 660 -34.76 -10.77 53.24
N GLN C 661 -35.71 -11.26 52.44
CA GLN C 661 -37.11 -11.15 52.79
C GLN C 661 -37.56 -12.22 53.78
N HIS C 662 -36.65 -13.12 54.17
CA HIS C 662 -37.00 -14.13 55.15
C HIS C 662 -37.37 -13.47 56.48
N PRO C 663 -38.41 -13.95 57.17
CA PRO C 663 -38.80 -13.34 58.44
C PRO C 663 -37.70 -13.37 59.50
N GLY C 664 -36.87 -14.40 59.50
CA GLY C 664 -35.84 -14.55 60.50
C GLY C 664 -34.53 -13.83 60.21
N CYS C 665 -34.43 -13.12 59.10
CA CYS C 665 -33.19 -12.43 58.77
C CYS C 665 -32.90 -11.33 59.78
N ASN C 666 -31.61 -11.17 60.11
CA ASN C 666 -31.17 -10.20 61.11
C ASN C 666 -30.11 -9.28 60.58
N ILE C 667 -29.84 -9.28 59.27
CA ILE C 667 -28.79 -8.43 58.72
C ILE C 667 -29.21 -6.97 58.85
N ARG C 668 -28.33 -6.16 59.45
CA ARG C 668 -28.61 -4.75 59.68
C ARG C 668 -27.81 -3.80 58.81
N ARG C 669 -26.64 -4.23 58.32
CA ARG C 669 -25.83 -3.42 57.42
C ARG C 669 -25.47 -4.27 56.21
N LEU C 670 -25.58 -3.69 55.02
CA LEU C 670 -25.34 -4.42 53.78
C LEU C 670 -24.53 -3.55 52.85
N TRP C 671 -23.29 -3.94 52.58
CA TRP C 671 -22.40 -3.21 51.69
C TRP C 671 -22.34 -3.92 50.34
N LEU C 672 -22.51 -3.16 49.26
CA LEU C 672 -22.56 -3.70 47.91
C LEU C 672 -21.75 -2.83 46.96
N GLY C 673 -20.57 -2.41 47.38
CA GLY C 673 -19.75 -1.56 46.53
C GLY C 673 -19.21 -2.34 45.34
N ARG C 674 -19.40 -1.78 44.14
CA ARG C 674 -18.84 -2.33 42.90
C ARG C 674 -19.25 -3.78 42.69
N CYS C 675 -20.50 -4.09 42.98
CA CYS C 675 -21.04 -5.44 42.80
C CYS C 675 -21.50 -5.70 41.38
N GLY C 676 -21.20 -4.80 40.44
CA GLY C 676 -21.65 -4.98 39.08
C GLY C 676 -23.15 -4.87 38.89
N LEU C 677 -23.84 -4.26 39.85
CA LEU C 677 -25.28 -4.15 39.79
C LEU C 677 -25.72 -3.13 38.73
N SER C 678 -26.98 -3.20 38.36
CA SER C 678 -27.58 -2.24 37.43
C SER C 678 -28.95 -1.82 37.95
N HIS C 679 -29.73 -1.14 37.10
CA HIS C 679 -31.05 -0.69 37.53
C HIS C 679 -31.99 -1.86 37.81
N GLU C 680 -31.66 -3.04 37.32
CA GLU C 680 -32.53 -4.20 37.51
C GLU C 680 -32.56 -4.65 38.95
N CYS C 681 -31.44 -4.50 39.67
CA CYS C 681 -31.39 -4.93 41.06
C CYS C 681 -32.16 -4.00 41.97
N CYS C 682 -32.38 -2.75 41.53
CA CYS C 682 -33.06 -1.77 42.37
C CYS C 682 -34.50 -2.16 42.65
N PHE C 683 -35.16 -2.85 41.72
CA PHE C 683 -36.52 -3.33 41.98
C PHE C 683 -36.54 -4.28 43.17
N ASP C 684 -35.62 -5.25 43.17
CA ASP C 684 -35.55 -6.21 44.27
C ASP C 684 -35.14 -5.53 45.57
N ILE C 685 -34.21 -4.58 45.49
CA ILE C 685 -33.79 -3.86 46.70
C ILE C 685 -34.95 -3.06 47.28
N SER C 686 -35.77 -2.45 46.41
CA SER C 686 -36.94 -1.74 46.88
C SER C 686 -37.95 -2.68 47.53
N LEU C 687 -38.12 -3.88 46.95
CA LEU C 687 -38.97 -4.89 47.58
C LEU C 687 -38.46 -5.24 48.98
N VAL C 688 -37.14 -5.44 49.10
CA VAL C 688 -36.56 -5.74 50.41
C VAL C 688 -36.82 -4.60 51.39
N LEU C 689 -36.56 -3.36 50.95
CA LEU C 689 -36.76 -2.21 51.81
C LEU C 689 -38.21 -2.04 52.25
N SER C 690 -39.16 -2.40 51.40
CA SER C 690 -40.57 -2.39 51.77
C SER C 690 -40.98 -3.61 52.56
N SER C 691 -40.13 -4.63 52.65
CA SER C 691 -40.48 -5.84 53.40
C SER C 691 -39.62 -6.03 54.64
N ASN C 692 -38.32 -5.71 54.54
CA ASN C 692 -37.38 -5.92 55.64
C ASN C 692 -37.34 -4.67 56.51
N GLN C 693 -37.79 -4.81 57.75
CA GLN C 693 -37.86 -3.70 58.69
C GLN C 693 -36.63 -3.59 59.57
N LYS C 694 -35.70 -4.55 59.48
CA LYS C 694 -34.49 -4.53 60.31
C LYS C 694 -33.28 -3.91 59.62
N LEU C 695 -33.27 -3.87 58.28
CA LEU C 695 -32.17 -3.26 57.57
C LEU C 695 -32.05 -1.79 57.94
N VAL C 696 -30.83 -1.33 58.22
CA VAL C 696 -30.58 0.01 58.69
C VAL C 696 -29.66 0.78 57.74
N GLU C 697 -28.51 0.22 57.39
CA GLU C 697 -27.56 0.85 56.49
C GLU C 697 -27.51 0.09 55.17
N LEU C 698 -27.11 0.79 54.12
CA LEU C 698 -27.02 0.20 52.79
C LEU C 698 -26.03 1.00 51.97
N ASP C 699 -25.26 0.29 51.15
CA ASP C 699 -24.27 0.91 50.28
C ASP C 699 -24.45 0.37 48.87
N LEU C 700 -24.37 1.27 47.89
CA LEU C 700 -24.48 0.90 46.48
C LEU C 700 -23.46 1.65 45.65
N SER C 701 -22.32 2.00 46.25
CA SER C 701 -21.32 2.80 45.57
C SER C 701 -20.74 2.04 44.38
N ASP C 702 -20.42 2.79 43.32
CA ASP C 702 -19.75 2.25 42.14
C ASP C 702 -20.60 1.18 41.45
N ASN C 703 -21.92 1.36 41.46
CA ASN C 703 -22.84 0.53 40.69
C ASN C 703 -23.64 1.43 39.76
N ALA C 704 -23.72 1.04 38.49
CA ALA C 704 -24.37 1.85 37.47
C ALA C 704 -25.89 1.74 37.58
N LEU C 705 -26.43 2.21 38.71
CA LEU C 705 -27.86 2.19 38.91
C LEU C 705 -28.57 3.12 37.93
N GLY C 706 -28.12 4.36 37.84
CA GLY C 706 -28.71 5.32 36.94
C GLY C 706 -29.96 5.97 37.49
N ASP C 707 -30.50 6.90 36.69
CA ASP C 707 -31.70 7.63 37.08
C ASP C 707 -32.89 6.69 37.26
N PHE C 708 -33.05 5.73 36.35
CA PHE C 708 -34.15 4.78 36.49
C PHE C 708 -33.95 3.88 37.71
N GLY C 709 -32.71 3.50 37.99
CA GLY C 709 -32.43 2.75 39.20
C GLY C 709 -32.83 3.50 40.45
N ILE C 710 -32.50 4.79 40.50
CA ILE C 710 -32.88 5.59 41.66
C ILE C 710 -34.40 5.76 41.73
N ARG C 711 -35.06 5.89 40.57
CA ARG C 711 -36.52 5.99 40.56
C ARG C 711 -37.15 4.73 41.12
N LEU C 712 -36.61 3.56 40.76
CA LEU C 712 -37.11 2.31 41.32
C LEU C 712 -36.83 2.21 42.81
N LEU C 713 -35.64 2.63 43.24
CA LEU C 713 -35.26 2.50 44.64
C LEU C 713 -36.11 3.40 45.54
N CYS C 714 -36.42 4.60 45.07
CA CYS C 714 -37.17 5.55 45.90
C CYS C 714 -38.57 5.08 46.20
N VAL C 715 -39.10 4.10 45.45
CA VAL C 715 -40.39 3.52 45.78
C VAL C 715 -40.31 2.77 47.11
N GLY C 716 -39.30 1.92 47.25
CA GLY C 716 -39.07 1.26 48.53
C GLY C 716 -38.64 2.23 49.61
N LEU C 717 -37.82 3.22 49.25
CA LEU C 717 -37.33 4.17 50.24
C LEU C 717 -38.45 4.98 50.86
N LYS C 718 -39.55 5.18 50.13
CA LYS C 718 -40.67 5.97 50.62
C LYS C 718 -41.73 5.12 51.34
N HIS C 719 -41.49 3.82 51.49
CA HIS C 719 -42.45 2.96 52.17
C HIS C 719 -42.51 3.28 53.66
N LEU C 720 -43.60 2.87 54.30
CA LEU C 720 -43.78 3.11 55.72
C LEU C 720 -42.97 2.14 56.58
N LEU C 721 -42.57 1.00 56.03
CA LEU C 721 -41.80 0.01 56.77
C LEU C 721 -40.30 0.10 56.51
N CYS C 722 -39.85 1.12 55.77
CA CYS C 722 -38.43 1.29 55.49
C CYS C 722 -37.77 2.01 56.66
N ASN C 723 -36.87 1.32 57.35
CA ASN C 723 -36.15 1.87 58.48
C ASN C 723 -34.73 2.28 58.14
N LEU C 724 -34.41 2.39 56.84
CA LEU C 724 -33.06 2.73 56.42
C LEU C 724 -32.64 4.08 57.00
N LYS C 725 -31.40 4.15 57.47
CA LYS C 725 -30.84 5.38 58.04
C LYS C 725 -29.73 5.99 57.20
N LYS C 726 -28.75 5.20 56.80
CA LYS C 726 -27.64 5.67 55.99
C LYS C 726 -27.72 5.04 54.61
N LEU C 727 -27.40 5.83 53.58
CA LEU C 727 -27.45 5.35 52.20
C LEU C 727 -26.27 5.94 51.45
N TRP C 728 -25.49 5.08 50.80
CA TRP C 728 -24.38 5.50 49.97
C TRP C 728 -24.74 5.31 48.50
N LEU C 729 -24.57 6.37 47.71
CA LEU C 729 -24.81 6.31 46.27
C LEU C 729 -23.65 6.91 45.51
N VAL C 730 -22.44 6.73 46.02
CA VAL C 730 -21.26 7.39 45.44
C VAL C 730 -20.95 6.76 44.09
N SER C 731 -20.84 7.61 43.06
CA SER C 731 -20.45 7.19 41.72
C SER C 731 -21.39 6.14 41.15
N CYS C 732 -22.69 6.44 41.20
CA CYS C 732 -23.72 5.57 40.66
C CYS C 732 -24.18 5.99 39.26
N CYS C 733 -23.38 6.80 38.57
CA CYS C 733 -23.72 7.30 37.24
C CYS C 733 -25.06 8.04 37.23
N LEU C 734 -25.32 8.79 38.29
CA LEU C 734 -26.55 9.58 38.39
C LEU C 734 -26.40 10.91 37.66
N THR C 735 -27.53 11.56 37.43
CA THR C 735 -27.57 12.88 36.83
C THR C 735 -28.55 13.76 37.60
N SER C 736 -28.89 14.93 37.04
CA SER C 736 -29.83 15.82 37.70
C SER C 736 -31.27 15.32 37.60
N ALA C 737 -31.55 14.39 36.68
CA ALA C 737 -32.91 13.89 36.54
C ALA C 737 -33.38 13.15 37.80
N CYS C 738 -32.51 12.31 38.36
CA CYS C 738 -32.89 11.54 39.55
C CYS C 738 -33.06 12.41 40.78
N CYS C 739 -32.54 13.64 40.75
CA CYS C 739 -32.60 14.50 41.93
C CYS C 739 -34.03 14.84 42.31
N GLN C 740 -34.97 14.78 41.36
CA GLN C 740 -36.37 15.01 41.67
C GLN C 740 -36.91 13.92 42.58
N ASP C 741 -36.37 12.70 42.47
CA ASP C 741 -36.87 11.59 43.26
C ASP C 741 -36.27 11.58 44.67
N LEU C 742 -34.95 11.72 44.76
CA LEU C 742 -34.27 11.70 46.06
C LEU C 742 -34.84 12.76 46.99
N ALA C 743 -35.12 13.95 46.46
CA ALA C 743 -35.71 15.01 47.28
C ALA C 743 -37.04 14.56 47.87
N SER C 744 -37.87 13.87 47.07
CA SER C 744 -39.14 13.37 47.59
C SER C 744 -38.93 12.40 48.74
N VAL C 745 -37.79 11.71 48.76
CA VAL C 745 -37.48 10.85 49.91
C VAL C 745 -37.17 11.69 51.14
N LEU C 746 -36.43 12.79 50.96
CA LEU C 746 -35.99 13.58 52.10
C LEU C 746 -37.16 14.20 52.85
N SER C 747 -38.18 14.66 52.12
CA SER C 747 -39.35 15.24 52.75
C SER C 747 -40.31 14.19 53.29
N THR C 748 -40.13 12.92 52.95
CA THR C 748 -41.03 11.86 53.35
C THR C 748 -40.41 10.87 54.31
N SER C 749 -39.18 10.43 54.04
CA SER C 749 -38.55 9.39 54.87
C SER C 749 -38.30 9.91 56.28
N HIS C 750 -38.91 9.26 57.26
CA HIS C 750 -38.77 9.63 58.66
C HIS C 750 -37.49 9.08 59.30
N SER C 751 -36.72 8.28 58.58
CA SER C 751 -35.55 7.63 59.14
C SER C 751 -34.24 7.95 58.44
N LEU C 752 -34.27 8.20 57.13
CA LEU C 752 -33.05 8.51 56.39
C LEU C 752 -32.40 9.78 56.91
N THR C 753 -31.23 9.66 57.54
CA THR C 753 -30.51 10.79 58.08
C THR C 753 -29.21 11.11 57.36
N ARG C 754 -28.50 10.10 56.87
CA ARG C 754 -27.18 10.28 56.29
C ARG C 754 -27.20 9.83 54.83
N LEU C 755 -27.14 10.78 53.91
CA LEU C 755 -27.18 10.51 52.48
C LEU C 755 -25.90 11.00 51.84
N TYR C 756 -25.23 10.11 51.09
CA TYR C 756 -24.01 10.43 50.38
C TYR C 756 -24.24 10.21 48.89
N VAL C 757 -24.21 11.29 48.11
CA VAL C 757 -24.48 11.22 46.68
C VAL C 757 -23.32 11.80 45.89
N GLY C 758 -22.11 11.68 46.42
CA GLY C 758 -20.95 12.26 45.78
C GLY C 758 -20.58 11.55 44.49
N GLU C 759 -19.60 12.12 43.80
CA GLU C 759 -19.02 11.55 42.58
C GLU C 759 -20.05 11.40 41.47
N ASN C 760 -21.15 12.15 41.55
CA ASN C 760 -22.20 12.11 40.55
C ASN C 760 -22.35 13.49 39.90
N ALA C 761 -22.73 13.49 38.63
CA ALA C 761 -22.94 14.74 37.89
C ALA C 761 -24.31 15.34 38.20
N LEU C 762 -24.54 15.56 39.50
CA LEU C 762 -25.82 16.12 39.94
C LEU C 762 -25.99 17.55 39.41
N GLY C 763 -24.97 18.37 39.56
CA GLY C 763 -25.01 19.73 39.04
C GLY C 763 -25.72 20.69 39.97
N ASP C 764 -25.63 21.97 39.60
CA ASP C 764 -26.23 23.03 40.40
C ASP C 764 -27.75 22.87 40.46
N SER C 765 -28.38 22.54 39.34
CA SER C 765 -29.82 22.35 39.33
C SER C 765 -30.24 21.19 40.24
N GLY C 766 -29.51 20.08 40.18
CA GLY C 766 -29.83 18.95 41.04
C GLY C 766 -29.67 19.28 42.51
N VAL C 767 -28.58 19.97 42.86
CA VAL C 767 -28.38 20.33 44.25
C VAL C 767 -29.45 21.32 44.71
N ALA C 768 -29.87 22.22 43.82
CA ALA C 768 -30.98 23.11 44.15
C ALA C 768 -32.26 22.33 44.40
N ILE C 769 -32.51 21.30 43.60
CA ILE C 769 -33.71 20.48 43.79
C ILE C 769 -33.65 19.77 45.14
N LEU C 770 -32.50 19.21 45.49
CA LEU C 770 -32.36 18.59 46.81
C LEU C 770 -32.58 19.59 47.93
N CYS C 771 -31.96 20.77 47.82
CA CYS C 771 -32.03 21.75 48.90
C CYS C 771 -33.42 22.35 49.03
N GLU C 772 -34.21 22.33 47.95
CA GLU C 772 -35.57 22.86 48.03
C GLU C 772 -36.39 22.07 49.03
N LYS C 773 -36.20 20.75 49.07
CA LYS C 773 -36.88 19.93 50.06
C LYS C 773 -36.10 19.83 51.37
N ALA C 774 -34.78 20.00 51.33
CA ALA C 774 -33.99 19.90 52.56
C ALA C 774 -34.15 21.12 53.46
N LYS C 775 -34.75 22.21 52.96
CA LYS C 775 -34.95 23.38 53.80
C LYS C 775 -36.00 23.17 54.88
N ASN C 776 -36.87 22.17 54.70
CA ASN C 776 -37.94 21.94 55.67
C ASN C 776 -37.34 21.62 57.04
N PRO C 777 -37.73 22.32 58.10
CA PRO C 777 -37.22 21.98 59.44
C PRO C 777 -37.57 20.57 59.89
N GLN C 778 -38.63 19.97 59.34
CA GLN C 778 -39.00 18.61 59.69
C GLN C 778 -38.06 17.58 59.10
N CYS C 779 -37.24 17.95 58.12
CA CYS C 779 -36.30 17.01 57.53
C CYS C 779 -35.31 16.52 58.58
N ASN C 780 -35.07 15.21 58.59
CA ASN C 780 -34.19 14.59 59.56
C ASN C 780 -32.77 14.39 59.05
N LEU C 781 -32.44 14.89 57.86
CA LEU C 781 -31.11 14.70 57.30
C LEU C 781 -30.06 15.34 58.20
N GLN C 782 -28.99 14.59 58.48
CA GLN C 782 -27.91 15.08 59.32
C GLN C 782 -26.60 15.23 58.56
N LYS C 783 -26.14 14.19 57.89
CA LYS C 783 -24.91 14.22 57.11
C LYS C 783 -25.26 14.17 55.63
N LEU C 784 -24.72 15.11 54.85
CA LEU C 784 -24.94 15.15 53.42
C LEU C 784 -23.59 15.24 52.72
N GLY C 785 -23.38 14.37 51.73
CA GLY C 785 -22.13 14.33 50.99
C GLY C 785 -22.35 14.75 49.54
N LEU C 786 -21.51 15.67 49.08
CA LEU C 786 -21.54 16.15 47.70
C LEU C 786 -20.14 16.21 47.12
N VAL C 787 -19.29 15.26 47.50
CA VAL C 787 -17.90 15.27 47.05
C VAL C 787 -17.84 15.12 45.54
N ASN C 788 -17.13 16.04 44.89
CA ASN C 788 -16.89 15.98 43.44
C ASN C 788 -18.20 15.88 42.67
N SER C 789 -19.22 16.58 43.14
CA SER C 789 -20.55 16.53 42.55
C SER C 789 -20.71 17.51 41.38
N GLY C 790 -19.61 18.03 40.85
CA GLY C 790 -19.69 18.95 39.73
C GLY C 790 -20.45 20.22 40.03
N LEU C 791 -20.14 20.86 41.16
CA LEU C 791 -20.87 22.03 41.61
C LEU C 791 -20.10 23.31 41.35
N THR C 792 -20.84 24.39 41.16
CA THR C 792 -20.31 25.74 41.06
C THR C 792 -20.88 26.58 42.20
N SER C 793 -20.57 27.87 42.19
CA SER C 793 -21.07 28.76 43.22
C SER C 793 -22.57 29.02 43.11
N VAL C 794 -23.16 28.76 41.94
CA VAL C 794 -24.57 29.11 41.71
C VAL C 794 -25.47 28.38 42.71
N CYS C 795 -25.21 27.10 42.94
CA CYS C 795 -26.01 26.33 43.87
C CYS C 795 -25.71 26.65 45.33
N CYS C 796 -24.59 27.32 45.60
CA CYS C 796 -24.14 27.48 46.99
C CYS C 796 -25.18 28.21 47.83
N SER C 797 -25.76 29.28 47.30
CA SER C 797 -26.81 30.00 48.02
C SER C 797 -27.90 29.05 48.49
N ALA C 798 -28.29 28.11 47.63
CA ALA C 798 -29.31 27.13 48.01
C ALA C 798 -28.90 26.39 49.28
N LEU C 799 -27.68 25.86 49.31
CA LEU C 799 -27.20 25.20 50.53
C LEU C 799 -27.26 26.16 51.71
N SER C 800 -26.89 27.42 51.50
CA SER C 800 -26.97 28.41 52.56
C SER C 800 -28.36 28.43 53.16
N SER C 801 -29.40 28.41 52.32
CA SER C 801 -30.77 28.43 52.84
C SER C 801 -31.00 27.24 53.76
N VAL C 802 -30.58 26.05 53.34
CA VAL C 802 -30.68 24.88 54.21
C VAL C 802 -29.97 25.13 55.53
N LEU C 803 -28.75 25.68 55.44
CA LEU C 803 -27.99 25.95 56.65
C LEU C 803 -28.70 26.94 57.55
N SER C 804 -29.50 27.83 56.97
CA SER C 804 -30.26 28.77 57.79
C SER C 804 -31.52 28.15 58.37
N THR C 805 -32.05 27.10 57.74
CA THR C 805 -33.36 26.58 58.10
C THR C 805 -33.30 25.21 58.77
N ASN C 806 -32.47 24.30 58.28
CA ASN C 806 -32.41 22.95 58.83
C ASN C 806 -31.60 22.95 60.11
N GLN C 807 -32.22 22.52 61.21
CA GLN C 807 -31.55 22.44 62.50
C GLN C 807 -30.85 21.10 62.72
N ASN C 808 -30.99 20.16 61.79
CA ASN C 808 -30.45 18.82 61.96
C ASN C 808 -29.16 18.57 61.21
N LEU C 809 -28.87 19.36 60.17
CA LEU C 809 -27.67 19.14 59.37
C LEU C 809 -26.43 19.46 60.21
N THR C 810 -25.69 18.42 60.59
CA THR C 810 -24.47 18.61 61.37
C THR C 810 -23.20 18.48 60.55
N HIS C 811 -23.23 17.74 59.44
CA HIS C 811 -22.05 17.54 58.61
C HIS C 811 -22.40 17.92 57.17
N LEU C 812 -21.36 18.29 56.42
CA LEU C 812 -21.53 18.66 55.01
C LEU C 812 -20.18 18.59 54.33
N TYR C 813 -20.07 17.77 53.29
CA TYR C 813 -18.81 17.57 52.58
C TYR C 813 -18.95 18.13 51.17
N LEU C 814 -17.99 18.99 50.80
CA LEU C 814 -18.00 19.62 49.48
C LEU C 814 -16.65 19.49 48.77
N ARG C 815 -15.88 18.47 49.11
CA ARG C 815 -14.57 18.27 48.51
C ARG C 815 -14.68 18.11 47.00
N GLY C 816 -13.76 18.76 46.28
CA GLY C 816 -13.67 18.60 44.84
C GLY C 816 -14.60 19.47 44.03
N ASN C 817 -15.44 20.29 44.66
CA ASN C 817 -16.36 21.16 43.96
C ASN C 817 -15.75 22.55 43.81
N THR C 818 -15.77 23.07 42.59
CA THR C 818 -15.18 24.38 42.29
C THR C 818 -16.14 25.48 42.72
N LEU C 819 -16.32 25.60 44.04
CA LEU C 819 -17.23 26.61 44.58
C LEU C 819 -16.69 28.01 44.34
N GLY C 820 -15.43 28.25 44.70
CA GLY C 820 -14.83 29.56 44.55
C GLY C 820 -15.08 30.46 45.75
N ASP C 821 -14.41 31.61 45.74
CA ASP C 821 -14.52 32.55 46.86
C ASP C 821 -15.94 33.10 46.98
N LYS C 822 -16.59 33.38 45.86
CA LYS C 822 -17.98 33.84 45.91
C LYS C 822 -18.89 32.78 46.50
N GLY C 823 -18.68 31.51 46.13
CA GLY C 823 -19.45 30.44 46.73
C GLY C 823 -19.22 30.32 48.23
N ILE C 824 -17.96 30.46 48.65
CA ILE C 824 -17.66 30.39 50.08
C ILE C 824 -18.31 31.54 50.83
N LYS C 825 -18.32 32.73 50.22
CA LYS C 825 -19.00 33.86 50.85
C LYS C 825 -20.49 33.61 50.96
N LEU C 826 -21.10 33.04 49.91
CA LEU C 826 -22.52 32.73 49.95
C LEU C 826 -22.82 31.69 51.03
N LEU C 827 -21.93 30.69 51.18
CA LEU C 827 -22.11 29.71 52.24
C LEU C 827 -21.98 30.35 53.62
N CYS C 828 -20.93 31.14 53.82
CA CYS C 828 -20.72 31.82 55.10
C CYS C 828 -21.88 32.74 55.44
N GLU C 829 -22.61 33.23 54.45
CA GLU C 829 -23.85 33.94 54.72
C GLU C 829 -24.81 33.06 55.52
N GLY C 830 -24.75 31.74 55.30
CA GLY C 830 -25.62 30.81 56.00
C GLY C 830 -25.03 30.21 57.26
N LEU C 831 -23.72 29.90 57.23
CA LEU C 831 -23.07 29.36 58.43
C LEU C 831 -23.08 30.35 59.58
N LEU C 832 -23.05 31.64 59.28
CA LEU C 832 -23.06 32.66 60.32
C LEU C 832 -24.43 32.87 60.94
N HIS C 833 -25.47 32.23 60.39
CA HIS C 833 -26.81 32.38 60.94
C HIS C 833 -26.85 31.82 62.36
N PRO C 834 -27.62 32.43 63.26
CA PRO C 834 -27.69 31.90 64.63
C PRO C 834 -28.23 30.48 64.72
N ASP C 835 -29.12 30.09 63.80
CA ASP C 835 -29.77 28.79 63.88
C ASP C 835 -28.96 27.67 63.23
N CYS C 836 -27.87 27.98 62.56
CA CYS C 836 -27.04 26.95 61.93
C CYS C 836 -26.39 26.07 62.99
N LYS C 837 -26.48 24.75 62.79
CA LYS C 837 -25.92 23.79 63.73
C LYS C 837 -24.85 22.90 63.11
N LEU C 838 -24.24 23.34 62.01
CA LEU C 838 -23.20 22.54 61.37
C LEU C 838 -22.03 22.32 62.31
N GLN C 839 -21.46 21.11 62.27
CA GLN C 839 -20.31 20.77 63.09
C GLN C 839 -19.07 20.42 62.30
N VAL C 840 -19.20 19.78 61.14
CA VAL C 840 -18.07 19.41 60.31
C VAL C 840 -18.32 19.90 58.89
N LEU C 841 -17.34 20.59 58.33
CA LEU C 841 -17.42 21.09 56.95
C LEU C 841 -16.11 20.79 56.24
N GLU C 842 -16.18 20.23 55.06
CA GLU C 842 -15.01 19.95 54.24
C GLU C 842 -15.07 20.79 52.97
N LEU C 843 -13.94 21.38 52.59
CA LEU C 843 -13.86 22.22 51.42
C LEU C 843 -12.58 21.97 50.63
N ASP C 844 -12.05 20.75 50.72
CA ASP C 844 -10.80 20.44 50.03
C ASP C 844 -10.97 20.56 48.52
N ASN C 845 -9.91 21.05 47.86
CA ASN C 845 -9.85 21.12 46.41
C ASN C 845 -11.01 21.92 45.83
N CYS C 846 -11.42 22.95 46.55
CA CYS C 846 -12.52 23.81 46.14
C CYS C 846 -12.05 25.00 45.30
N ASN C 847 -10.76 25.08 44.98
CA ASN C 847 -10.18 26.20 44.25
C ASN C 847 -10.43 27.52 44.98
N LEU C 848 -9.87 27.61 46.18
CA LEU C 848 -10.05 28.76 47.06
C LEU C 848 -8.73 29.52 47.17
N THR C 849 -8.77 30.81 46.88
CA THR C 849 -7.61 31.69 46.92
C THR C 849 -7.57 32.44 48.25
N SER C 850 -6.62 33.36 48.36
CA SER C 850 -6.49 34.13 49.60
C SER C 850 -7.65 35.09 49.82
N HIS C 851 -8.39 35.44 48.77
CA HIS C 851 -9.46 36.43 48.89
C HIS C 851 -10.49 36.02 49.92
N CYS C 852 -10.83 34.73 49.96
CA CYS C 852 -11.83 34.23 50.89
C CYS C 852 -11.29 34.04 52.30
N CYS C 853 -9.97 34.12 52.49
CA CYS C 853 -9.39 33.83 53.81
C CYS C 853 -9.94 34.76 54.90
N TRP C 854 -10.36 35.96 54.52
CA TRP C 854 -10.98 36.85 55.50
C TRP C 854 -12.35 36.32 55.91
N ASP C 855 -13.16 35.90 54.95
CA ASP C 855 -14.51 35.41 55.24
C ASP C 855 -14.47 34.27 56.26
N LEU C 856 -13.63 33.26 55.99
CA LEU C 856 -13.50 32.14 56.91
C LEU C 856 -13.10 32.62 58.30
N SER C 857 -12.24 33.63 58.38
CA SER C 857 -11.88 34.20 59.66
C SER C 857 -13.10 34.75 60.38
N THR C 858 -13.95 35.49 59.66
CA THR C 858 -15.20 35.96 60.23
C THR C 858 -16.05 34.79 60.67
N LEU C 859 -15.95 33.66 59.97
CA LEU C 859 -16.62 32.44 60.39
C LEU C 859 -16.09 31.97 61.74
N LEU C 860 -14.76 31.92 61.88
CA LEU C 860 -14.16 31.24 63.03
C LEU C 860 -14.55 31.89 64.35
N THR C 861 -14.58 33.21 64.39
CA THR C 861 -14.91 33.91 65.62
C THR C 861 -16.41 33.86 65.92
N SER C 862 -17.23 33.55 64.92
CA SER C 862 -18.68 33.69 65.07
C SER C 862 -19.44 32.38 65.21
N SER C 863 -18.95 31.30 64.60
CA SER C 863 -19.67 30.03 64.66
C SER C 863 -19.54 29.42 66.04
N GLN C 864 -20.66 29.25 66.73
CA GLN C 864 -20.69 28.64 68.04
C GLN C 864 -20.89 27.12 67.99
N SER C 865 -21.07 26.55 66.80
CA SER C 865 -21.34 25.13 66.65
C SER C 865 -20.28 24.38 65.87
N LEU C 866 -19.61 25.02 64.90
CA LEU C 866 -18.63 24.33 64.07
C LEU C 866 -17.49 23.80 64.93
N ARG C 867 -17.06 22.57 64.63
CA ARG C 867 -16.02 21.92 65.42
C ARG C 867 -14.87 21.46 64.54
N LYS C 868 -15.15 21.17 63.27
CA LYS C 868 -14.15 20.68 62.35
C LYS C 868 -14.25 21.42 61.03
N LEU C 869 -13.12 21.57 60.35
CA LEU C 869 -13.09 22.26 59.07
C LEU C 869 -11.83 21.84 58.31
N SER C 870 -12.01 21.29 57.12
CA SER C 870 -10.91 20.83 56.29
C SER C 870 -10.77 21.76 55.10
N LEU C 871 -9.52 22.18 54.81
CA LEU C 871 -9.29 23.18 53.78
C LEU C 871 -8.09 22.86 52.89
N GLY C 872 -7.68 21.60 52.81
CA GLY C 872 -6.53 21.24 52.00
C GLY C 872 -6.76 21.49 50.53
N ASN C 873 -5.68 21.26 49.76
CA ASN C 873 -5.70 21.39 48.29
C ASN C 873 -6.18 22.77 47.85
N ASN C 874 -5.70 23.81 48.53
CA ASN C 874 -6.05 25.18 48.20
C ASN C 874 -4.80 26.04 48.18
N ASP C 875 -4.85 27.12 47.40
CA ASP C 875 -3.78 28.12 47.39
C ASP C 875 -4.19 29.33 48.23
N LEU C 876 -4.37 29.06 49.52
CA LEU C 876 -4.81 30.11 50.44
C LEU C 876 -3.73 31.14 50.69
N GLY C 877 -2.46 30.76 50.62
CA GLY C 877 -1.40 31.74 50.78
C GLY C 877 -0.97 31.91 52.23
N ASP C 878 0.22 32.48 52.40
CA ASP C 878 0.80 32.63 53.73
C ASP C 878 0.07 33.69 54.55
N LEU C 879 -0.39 34.76 53.89
CA LEU C 879 -1.13 35.79 54.61
C LEU C 879 -2.44 35.23 55.17
N GLY C 880 -3.09 34.35 54.42
CA GLY C 880 -4.32 33.74 54.91
C GLY C 880 -4.11 32.89 56.15
N VAL C 881 -3.03 32.09 56.16
CA VAL C 881 -2.78 31.25 57.32
C VAL C 881 -2.31 32.09 58.51
N MET C 882 -1.58 33.19 58.25
CA MET C 882 -1.28 34.13 59.34
C MET C 882 -2.56 34.73 59.92
N MET C 883 -3.51 35.10 59.06
CA MET C 883 -4.79 35.61 59.55
C MET C 883 -5.52 34.56 60.38
N PHE C 884 -5.51 33.30 59.91
CA PHE C 884 -6.15 32.23 60.66
C PHE C 884 -5.50 32.04 62.02
N CYS C 885 -4.17 32.06 62.08
CA CYS C 885 -3.47 31.90 63.35
C CYS C 885 -3.76 33.07 64.29
N GLU C 886 -3.81 34.28 63.75
CA GLU C 886 -4.16 35.44 64.57
C GLU C 886 -5.58 35.31 65.13
N VAL C 887 -6.51 34.78 64.32
CA VAL C 887 -7.88 34.59 64.79
C VAL C 887 -7.92 33.50 65.87
N LEU C 888 -7.17 32.42 65.69
CA LEU C 888 -7.34 31.25 66.53
C LEU C 888 -6.73 31.43 67.92
N LYS C 889 -5.78 32.36 68.08
CA LYS C 889 -5.15 32.53 69.38
C LYS C 889 -6.12 33.08 70.42
N GLN C 890 -7.26 33.60 69.99
CA GLN C 890 -8.29 34.02 70.93
C GLN C 890 -8.94 32.80 71.58
N GLN C 891 -9.52 33.03 72.76
CA GLN C 891 -10.20 31.95 73.48
C GLN C 891 -11.63 31.74 72.99
N SER C 892 -12.16 32.67 72.20
CA SER C 892 -13.53 32.58 71.71
C SER C 892 -13.72 31.52 70.63
N CYS C 893 -12.65 30.93 70.13
CA CYS C 893 -12.74 29.93 69.07
C CYS C 893 -13.10 28.57 69.69
N LEU C 894 -14.24 28.02 69.27
CA LEU C 894 -14.67 26.70 69.69
C LEU C 894 -14.23 25.60 68.72
N LEU C 895 -13.54 25.97 67.65
CA LEU C 895 -13.07 24.99 66.68
C LEU C 895 -12.03 24.06 67.31
N GLN C 896 -11.97 22.83 66.80
CA GLN C 896 -11.04 21.83 67.31
C GLN C 896 -10.15 21.20 66.26
N ASN C 897 -10.39 21.43 64.96
CA ASN C 897 -9.59 20.81 63.92
C ASN C 897 -9.58 21.68 62.68
N LEU C 898 -8.41 21.80 62.06
CA LEU C 898 -8.27 22.36 60.73
C LEU C 898 -7.44 21.42 59.87
N GLY C 899 -7.93 21.14 58.68
CA GLY C 899 -7.21 20.28 57.76
C GLY C 899 -6.48 21.10 56.71
N LEU C 900 -5.17 21.27 56.89
CA LEU C 900 -4.36 22.04 55.97
C LEU C 900 -3.31 21.18 55.28
N SER C 901 -3.54 19.87 55.22
CA SER C 901 -2.57 18.98 54.59
C SER C 901 -2.54 19.21 53.08
N GLU C 902 -1.44 18.77 52.46
CA GLU C 902 -1.18 18.94 51.04
C GLU C 902 -1.12 20.42 50.65
N MET C 903 -1.06 21.30 51.65
CA MET C 903 -0.92 22.73 51.43
C MET C 903 0.47 23.15 51.92
N TYR C 904 1.21 23.83 51.05
CA TYR C 904 2.64 24.02 51.21
C TYR C 904 2.94 25.45 51.65
N PHE C 905 3.69 25.59 52.74
CA PHE C 905 3.94 26.88 53.37
C PHE C 905 5.43 27.03 53.67
N ASN C 906 5.84 28.30 53.78
CA ASN C 906 7.21 28.65 54.11
C ASN C 906 7.45 28.58 55.61
N TYR C 907 8.70 28.77 56.03
CA TYR C 907 9.12 28.35 57.36
C TYR C 907 8.53 29.19 58.48
N GLU C 908 8.35 30.50 58.27
CA GLU C 908 7.78 31.31 59.34
C GLU C 908 6.33 30.94 59.60
N THR C 909 5.57 30.64 58.53
CA THR C 909 4.21 30.15 58.70
C THR C 909 4.20 28.81 59.42
N LYS C 910 5.13 27.91 59.06
CA LYS C 910 5.25 26.66 59.79
C LYS C 910 5.46 26.90 61.27
N SER C 911 6.45 27.73 61.61
CA SER C 911 6.76 28.00 63.01
C SER C 911 5.54 28.56 63.73
N ALA C 912 4.81 29.47 63.08
CA ALA C 912 3.56 29.95 63.66
C ALA C 912 2.58 28.80 63.90
N LEU C 913 2.54 27.84 62.98
CA LEU C 913 1.60 26.74 63.12
C LEU C 913 1.90 25.85 64.32
N GLU C 914 3.18 25.48 64.52
CA GLU C 914 3.46 24.67 65.70
C GLU C 914 3.39 25.50 66.99
N THR C 915 3.75 26.79 66.94
CA THR C 915 3.53 27.61 68.13
C THR C 915 2.05 27.63 68.50
N LEU C 916 1.17 27.64 67.50
CA LEU C 916 -0.26 27.56 67.77
C LEU C 916 -0.67 26.18 68.29
N GLN C 917 -0.09 25.11 67.74
CA GLN C 917 -0.57 23.78 68.08
C GLN C 917 -0.15 23.38 69.50
N GLU C 918 1.07 23.70 69.92
CA GLU C 918 1.38 23.53 71.34
C GLU C 918 0.91 24.70 72.19
N GLU C 919 0.49 25.81 71.57
CA GLU C 919 -0.16 26.87 72.34
C GLU C 919 -1.57 26.46 72.75
N LYS C 920 -2.30 25.82 71.85
CA LYS C 920 -3.66 25.33 72.11
C LYS C 920 -3.67 23.82 71.88
N PRO C 921 -3.48 23.03 72.94
CA PRO C 921 -3.45 21.56 72.77
C PRO C 921 -4.75 20.98 72.24
N GLU C 922 -5.90 21.58 72.59
CA GLU C 922 -7.17 21.01 72.19
C GLU C 922 -7.47 21.24 70.70
N LEU C 923 -6.76 22.15 70.05
CA LEU C 923 -6.97 22.46 68.65
C LEU C 923 -5.85 21.80 67.84
N THR C 924 -6.23 20.98 66.87
CA THR C 924 -5.29 20.20 66.08
C THR C 924 -5.26 20.70 64.64
N VAL C 925 -4.06 20.92 64.12
CA VAL C 925 -3.84 21.32 62.73
C VAL C 925 -2.87 20.34 62.10
N VAL C 926 -3.20 19.85 60.92
CA VAL C 926 -2.34 18.94 60.16
C VAL C 926 -1.68 19.75 59.05
N PHE C 927 -0.35 19.75 59.03
CA PHE C 927 0.42 20.52 58.06
C PHE C 927 1.66 19.77 57.59
N GLU C 928 1.64 18.44 57.64
CA GLU C 928 2.85 17.68 57.39
C GLU C 928 3.35 17.90 55.97
N PRO C 929 4.68 18.06 55.78
CA PRO C 929 5.28 18.24 54.46
C PRO C 929 5.48 16.93 53.72
N ASP D 30 -43.73 -10.95 -0.16
CA ASP D 30 -43.12 -10.56 -1.43
C ASP D 30 -43.39 -11.63 -2.49
N TYR D 31 -43.66 -11.18 -3.72
CA TYR D 31 -44.03 -12.11 -4.78
C TYR D 31 -42.87 -13.01 -5.19
N ARG D 32 -41.63 -12.57 -4.92
CA ARG D 32 -40.47 -13.42 -5.19
C ARG D 32 -40.58 -14.75 -4.45
N LYS D 33 -40.87 -14.70 -3.14
CA LYS D 33 -40.98 -15.91 -2.36
C LYS D 33 -42.22 -16.72 -2.76
N LYS D 34 -43.29 -16.05 -3.16
CA LYS D 34 -44.47 -16.76 -3.65
C LYS D 34 -44.14 -17.59 -4.88
N TYR D 35 -43.44 -16.98 -5.84
CA TYR D 35 -43.07 -17.70 -7.06
C TYR D 35 -42.05 -18.81 -6.75
N ARG D 36 -41.14 -18.55 -5.81
CA ARG D 36 -40.19 -19.58 -5.41
C ARG D 36 -40.92 -20.79 -4.82
N LYS D 37 -41.89 -20.55 -3.94
CA LYS D 37 -42.69 -21.64 -3.39
C LYS D 37 -43.46 -22.35 -4.48
N TYR D 38 -43.96 -21.60 -5.47
CA TYR D 38 -44.72 -22.20 -6.56
C TYR D 38 -43.85 -23.17 -7.35
N VAL D 39 -42.66 -22.73 -7.75
CA VAL D 39 -41.78 -23.60 -8.54
C VAL D 39 -41.27 -24.76 -7.70
N ARG D 40 -41.03 -24.52 -6.40
CA ARG D 40 -40.59 -25.60 -5.53
C ARG D 40 -41.65 -26.67 -5.39
N SER D 41 -42.92 -26.27 -5.32
CA SER D 41 -44.01 -27.25 -5.27
C SER D 41 -44.17 -27.94 -6.61
N ARG D 42 -44.06 -27.21 -7.71
CA ARG D 42 -44.30 -27.79 -9.03
C ARG D 42 -43.21 -28.79 -9.40
N PHE D 43 -41.95 -28.48 -9.12
CA PHE D 43 -40.83 -29.30 -9.55
C PHE D 43 -40.33 -30.24 -8.47
N GLN D 44 -41.09 -30.41 -7.37
CA GLN D 44 -40.67 -31.33 -6.32
C GLN D 44 -40.62 -32.77 -6.81
N CYS D 45 -41.60 -33.16 -7.63
CA CYS D 45 -41.70 -34.52 -8.14
C CYS D 45 -41.62 -34.53 -9.65
N ILE D 46 -41.25 -35.69 -10.19
CA ILE D 46 -41.14 -35.85 -11.64
C ILE D 46 -42.26 -36.73 -12.18
N SER D 56 -46.34 -40.17 -7.55
CA SER D 56 -45.11 -39.57 -8.05
C SER D 56 -43.93 -39.93 -7.16
N VAL D 57 -42.73 -39.55 -7.59
CA VAL D 57 -41.50 -39.83 -6.85
C VAL D 57 -40.73 -38.53 -6.67
N SER D 58 -39.96 -38.47 -5.58
CA SER D 58 -39.22 -37.26 -5.25
C SER D 58 -38.03 -37.09 -6.18
N LEU D 59 -37.88 -35.87 -6.73
CA LEU D 59 -36.74 -35.59 -7.59
C LEU D 59 -35.43 -35.67 -6.83
N ASN D 60 -35.40 -35.15 -5.60
CA ASN D 60 -34.19 -35.17 -4.80
C ASN D 60 -33.75 -36.60 -4.50
N LYS D 61 -34.72 -37.47 -4.19
CA LYS D 61 -34.40 -38.88 -3.98
C LYS D 61 -33.93 -39.54 -5.26
N ARG D 62 -34.56 -39.21 -6.39
CA ARG D 62 -34.25 -39.85 -7.67
C ARG D 62 -32.96 -39.33 -8.29
N TYR D 63 -32.63 -38.06 -8.08
CA TYR D 63 -31.56 -37.42 -8.83
C TYR D 63 -30.21 -38.10 -8.60
N THR D 64 -29.45 -38.25 -9.69
CA THR D 64 -28.09 -38.76 -9.65
C THR D 64 -27.21 -37.84 -10.48
N ARG D 65 -26.01 -37.57 -9.99
CA ARG D 65 -25.14 -36.59 -10.62
C ARG D 65 -24.68 -37.05 -12.00
N LEU D 66 -24.65 -36.11 -12.94
CA LEU D 66 -24.23 -36.36 -14.31
C LEU D 66 -22.85 -35.78 -14.57
N ARG D 67 -22.18 -36.29 -15.60
CA ARG D 67 -20.86 -35.80 -15.98
C ARG D 67 -21.01 -34.60 -16.92
N LEU D 68 -20.52 -33.45 -16.49
CA LEU D 68 -20.58 -32.22 -17.26
C LEU D 68 -19.18 -31.72 -17.54
N ILE D 69 -18.90 -31.36 -18.79
CA ILE D 69 -17.58 -30.88 -19.21
C ILE D 69 -17.74 -29.73 -20.19
N LYS D 70 -16.82 -28.78 -20.10
CA LYS D 70 -16.76 -27.69 -21.07
C LYS D 70 -16.38 -28.25 -22.45
N GLU D 71 -16.99 -27.69 -23.48
CA GLU D 71 -16.84 -28.20 -24.84
C GLU D 71 -15.84 -27.41 -25.68
N HIS D 72 -16.05 -26.10 -25.83
CA HIS D 72 -15.21 -25.29 -26.71
C HIS D 72 -13.84 -25.09 -26.09
N ARG D 73 -12.80 -25.38 -26.87
CA ARG D 73 -11.43 -25.25 -26.42
C ARG D 73 -10.65 -24.39 -27.40
N SER D 74 -9.71 -23.61 -26.87
CA SER D 74 -8.87 -22.75 -27.70
C SER D 74 -7.71 -23.52 -28.30
N PRO D 97 -14.00 -31.06 -14.31
CA PRO D 97 -15.45 -30.87 -14.39
C PRO D 97 -15.86 -29.40 -14.27
N ILE D 98 -17.12 -29.10 -14.59
CA ILE D 98 -17.65 -27.74 -14.53
C ILE D 98 -18.84 -27.74 -13.57
N LYS D 99 -18.87 -26.75 -12.68
CA LYS D 99 -19.96 -26.60 -11.73
C LYS D 99 -20.86 -25.43 -12.13
N MET D 100 -22.15 -25.55 -11.81
CA MET D 100 -23.14 -24.58 -12.27
C MET D 100 -22.81 -23.18 -11.77
N GLU D 101 -22.34 -23.08 -10.52
CA GLU D 101 -22.00 -21.77 -9.97
C GLU D 101 -20.96 -21.06 -10.83
N LEU D 102 -19.86 -21.75 -11.16
CA LEU D 102 -18.90 -21.17 -12.08
C LEU D 102 -19.40 -21.21 -13.52
N LEU D 103 -20.35 -22.10 -13.83
CA LEU D 103 -20.86 -22.19 -15.19
C LEU D 103 -21.56 -20.89 -15.60
N PHE D 104 -22.37 -20.32 -14.71
CA PHE D 104 -22.92 -19.00 -14.99
C PHE D 104 -21.87 -17.91 -14.79
N ASP D 105 -20.89 -18.14 -13.93
CA ASP D 105 -19.86 -17.13 -13.70
C ASP D 105 -18.97 -16.99 -14.93
N PRO D 106 -18.46 -15.78 -15.20
CA PRO D 106 -17.59 -15.58 -16.37
C PRO D 106 -16.17 -16.04 -16.07
N ASP D 107 -15.63 -16.89 -16.95
CA ASP D 107 -14.23 -17.29 -16.81
C ASP D 107 -13.32 -16.09 -16.98
N ASP D 108 -13.59 -15.25 -17.97
CA ASP D 108 -12.89 -13.99 -18.18
C ASP D 108 -13.89 -12.86 -18.22
N GLU D 109 -13.63 -11.80 -17.45
CA GLU D 109 -14.52 -10.65 -17.46
C GLU D 109 -14.54 -9.95 -18.81
N HIS D 110 -13.51 -10.18 -19.64
CA HIS D 110 -13.49 -9.62 -20.98
C HIS D 110 -14.41 -10.36 -21.93
N SER D 111 -14.86 -11.56 -21.55
CA SER D 111 -15.67 -12.38 -22.43
C SER D 111 -17.08 -11.80 -22.56
N GLU D 112 -17.56 -11.73 -23.79
CA GLU D 112 -18.75 -11.30 -24.50
C GLU D 112 -19.93 -12.25 -24.21
N PRO D 113 -21.18 -11.70 -24.14
CA PRO D 113 -22.28 -12.35 -23.38
C PRO D 113 -22.03 -13.73 -22.80
N VAL D 114 -21.31 -13.79 -21.67
CA VAL D 114 -21.07 -15.05 -20.98
C VAL D 114 -22.37 -15.71 -20.56
N HIS D 115 -23.41 -14.91 -20.29
CA HIS D 115 -24.64 -15.44 -19.72
C HIS D 115 -25.40 -16.37 -20.65
N THR D 116 -25.01 -16.45 -21.92
CA THR D 116 -25.62 -17.40 -22.86
C THR D 116 -24.91 -18.74 -22.73
N VAL D 117 -25.64 -19.75 -22.25
CA VAL D 117 -25.09 -21.08 -22.02
C VAL D 117 -25.96 -22.10 -22.76
N VAL D 118 -25.32 -23.01 -23.48
CA VAL D 118 -26.01 -24.01 -24.28
C VAL D 118 -25.55 -25.40 -23.84
N PHE D 119 -26.50 -26.27 -23.54
CA PHE D 119 -26.23 -27.63 -23.09
C PHE D 119 -26.45 -28.59 -24.25
N GLN D 120 -25.51 -29.52 -24.42
CA GLN D 120 -25.55 -30.52 -25.49
C GLN D 120 -25.69 -31.90 -24.85
N GLY D 121 -26.71 -32.63 -25.28
CA GLY D 121 -26.88 -33.99 -24.79
C GLY D 121 -27.65 -34.84 -25.78
N ALA D 122 -27.47 -36.15 -25.64
CA ALA D 122 -28.20 -37.10 -26.44
C ALA D 122 -29.65 -37.19 -25.96
N ALA D 123 -30.47 -37.90 -26.72
CA ALA D 123 -31.84 -38.14 -26.32
C ALA D 123 -31.86 -39.00 -25.06
N GLY D 124 -32.49 -38.48 -24.01
CA GLY D 124 -32.55 -39.20 -22.75
C GLY D 124 -31.32 -39.07 -21.88
N ILE D 125 -30.39 -38.18 -22.22
CA ILE D 125 -29.20 -37.99 -21.39
C ILE D 125 -29.54 -37.31 -20.08
N GLY D 126 -30.68 -36.63 -20.00
CA GLY D 126 -31.08 -35.98 -18.77
C GLY D 126 -30.96 -34.47 -18.80
N LYS D 127 -31.20 -33.87 -19.97
CA LYS D 127 -31.21 -32.41 -20.05
C LYS D 127 -32.40 -31.82 -19.29
N THR D 128 -33.59 -32.38 -19.53
CA THR D 128 -34.78 -31.90 -18.85
C THR D 128 -34.70 -32.12 -17.35
N ILE D 129 -34.24 -33.30 -16.93
CA ILE D 129 -34.10 -33.59 -15.51
C ILE D 129 -33.05 -32.69 -14.88
N LEU D 130 -31.96 -32.43 -15.60
CA LEU D 130 -30.94 -31.52 -15.07
C LEU D 130 -31.49 -30.12 -14.88
N ALA D 131 -32.25 -29.62 -15.87
CA ALA D 131 -32.84 -28.29 -15.74
C ALA D 131 -33.84 -28.23 -14.58
N ARG D 132 -34.67 -29.26 -14.44
CA ARG D 132 -35.65 -29.27 -13.36
C ARG D 132 -34.97 -29.37 -12.00
N LYS D 133 -33.86 -30.13 -11.92
CA LYS D 133 -33.11 -30.20 -10.67
C LYS D 133 -32.46 -28.87 -10.33
N MET D 134 -31.94 -28.17 -11.35
CA MET D 134 -31.40 -26.83 -11.10
C MET D 134 -32.48 -25.89 -10.58
N MET D 135 -33.68 -25.96 -11.17
CA MET D 135 -34.77 -25.11 -10.73
C MET D 135 -35.19 -25.44 -9.30
N LEU D 136 -35.29 -26.73 -8.98
CA LEU D 136 -35.68 -27.14 -7.63
C LEU D 136 -34.63 -26.72 -6.62
N ASP D 137 -33.34 -26.83 -6.97
CA ASP D 137 -32.28 -26.40 -6.06
C ASP D 137 -32.30 -24.89 -5.86
N TRP D 138 -32.55 -24.13 -6.93
CA TRP D 138 -32.64 -22.68 -6.81
C TRP D 138 -33.81 -22.28 -5.93
N ALA D 139 -34.95 -22.96 -6.07
CA ALA D 139 -36.11 -22.65 -5.25
C ALA D 139 -35.86 -23.03 -3.80
N SER D 140 -35.25 -24.19 -3.56
CA SER D 140 -35.00 -24.66 -2.21
C SER D 140 -33.92 -23.86 -1.48
N GLY D 141 -33.19 -23.02 -2.20
CA GLY D 141 -32.19 -22.19 -1.56
C GLY D 141 -30.79 -22.76 -1.62
N THR D 142 -30.34 -23.15 -2.81
CA THR D 142 -29.00 -23.72 -2.97
C THR D 142 -28.17 -23.05 -4.06
N LEU D 143 -28.79 -22.55 -5.13
CA LEU D 143 -28.06 -22.02 -6.27
C LEU D 143 -28.31 -20.52 -6.38
N TYR D 144 -27.23 -19.74 -6.24
CA TYR D 144 -27.26 -18.27 -6.26
C TYR D 144 -28.38 -17.72 -5.36
N GLN D 145 -28.21 -18.00 -4.07
CA GLN D 145 -28.95 -17.24 -3.06
C GLN D 145 -28.30 -15.89 -2.83
N ASP D 146 -27.10 -15.68 -3.39
CA ASP D 146 -26.45 -14.38 -3.32
C ASP D 146 -27.34 -13.31 -3.96
N ARG D 147 -27.49 -13.36 -5.28
CA ARG D 147 -28.55 -12.60 -5.94
C ARG D 147 -28.75 -13.14 -7.35
N PHE D 148 -29.92 -13.74 -7.60
CA PHE D 148 -30.38 -13.98 -8.97
C PHE D 148 -31.89 -14.18 -8.90
N ASP D 149 -32.64 -13.21 -9.41
CA ASP D 149 -34.07 -13.09 -9.09
C ASP D 149 -34.93 -14.24 -9.61
N TYR D 150 -35.04 -14.40 -10.92
CA TYR D 150 -36.04 -15.31 -11.49
C TYR D 150 -35.44 -16.22 -12.55
N LEU D 151 -35.98 -17.43 -12.61
CA LEU D 151 -35.73 -18.39 -13.68
C LEU D 151 -37.07 -18.81 -14.25
N PHE D 152 -37.22 -18.77 -15.57
CA PHE D 152 -38.47 -19.10 -16.23
C PHE D 152 -38.28 -20.37 -17.06
N TYR D 153 -39.13 -21.36 -16.82
CA TYR D 153 -39.03 -22.67 -17.46
C TYR D 153 -39.80 -22.64 -18.77
N ILE D 154 -39.13 -22.22 -19.84
CA ILE D 154 -39.73 -22.20 -21.17
C ILE D 154 -39.55 -23.59 -21.77
N HIS D 155 -40.55 -24.44 -21.60
CA HIS D 155 -40.54 -25.78 -22.17
C HIS D 155 -40.94 -25.66 -23.64
N CYS D 156 -39.99 -25.90 -24.54
CA CYS D 156 -40.21 -25.64 -25.96
C CYS D 156 -41.26 -26.56 -26.59
N ARG D 157 -41.64 -27.63 -25.91
CA ARG D 157 -42.76 -28.44 -26.41
C ARG D 157 -44.05 -27.63 -26.41
N GLU D 158 -44.27 -26.83 -25.38
CA GLU D 158 -45.47 -25.99 -25.31
C GLU D 158 -45.43 -24.85 -26.30
N VAL D 159 -44.26 -24.24 -26.52
CA VAL D 159 -44.14 -23.11 -27.43
C VAL D 159 -44.41 -23.58 -28.85
N SER D 160 -45.27 -22.85 -29.56
CA SER D 160 -45.61 -23.16 -30.94
C SER D 160 -45.44 -21.92 -31.80
N LEU D 161 -45.17 -22.13 -33.08
CA LEU D 161 -44.91 -21.02 -33.99
C LEU D 161 -46.19 -20.29 -34.37
N VAL D 162 -47.29 -21.01 -34.55
CA VAL D 162 -48.52 -20.41 -35.05
C VAL D 162 -49.07 -19.40 -34.07
N THR D 163 -49.09 -19.75 -32.78
CA THR D 163 -49.62 -18.85 -31.76
C THR D 163 -48.78 -17.58 -31.69
N GLN D 164 -49.45 -16.43 -31.64
CA GLN D 164 -48.79 -15.14 -31.56
C GLN D 164 -48.96 -14.58 -30.15
N ARG D 165 -47.88 -14.56 -29.38
CA ARG D 165 -47.92 -14.13 -27.99
C ARG D 165 -46.66 -13.35 -27.68
N SER D 166 -46.71 -12.58 -26.59
CA SER D 166 -45.60 -11.74 -26.18
C SER D 166 -44.80 -12.40 -25.06
N LEU D 167 -43.67 -11.78 -24.71
CA LEU D 167 -42.87 -12.28 -23.60
C LEU D 167 -43.64 -12.23 -22.29
N GLY D 168 -44.39 -11.15 -22.06
CA GLY D 168 -45.23 -11.08 -20.89
C GLY D 168 -46.26 -12.20 -20.86
N ASP D 169 -46.81 -12.55 -22.02
CA ASP D 169 -47.75 -13.67 -22.10
C ASP D 169 -47.07 -14.98 -21.71
N LEU D 170 -45.85 -15.19 -22.19
CA LEU D 170 -45.11 -16.41 -21.84
C LEU D 170 -44.83 -16.47 -20.35
N ILE D 171 -44.42 -15.34 -19.75
CA ILE D 171 -44.18 -15.30 -18.32
C ILE D 171 -45.45 -15.56 -17.55
N MET D 172 -46.56 -14.99 -18.01
CA MET D 172 -47.86 -15.26 -17.39
C MET D 172 -48.22 -16.73 -17.45
N SER D 173 -47.94 -17.39 -18.57
CA SER D 173 -48.12 -18.83 -18.66
C SER D 173 -47.22 -19.56 -17.67
N CYS D 174 -46.00 -19.06 -17.47
CA CYS D 174 -45.08 -19.63 -16.49
C CYS D 174 -45.34 -19.13 -15.08
N CYS D 175 -46.20 -18.11 -14.89
CA CYS D 175 -46.52 -17.60 -13.57
C CYS D 175 -47.76 -18.27 -13.02
N PRO D 176 -47.85 -18.43 -11.69
CA PRO D 176 -49.06 -19.02 -11.10
C PRO D 176 -50.22 -18.05 -10.99
N ASP D 177 -49.98 -16.74 -11.04
CA ASP D 177 -51.04 -15.77 -10.87
C ASP D 177 -51.49 -15.22 -12.21
N PRO D 178 -52.79 -14.98 -12.38
CA PRO D 178 -53.28 -14.38 -13.63
C PRO D 178 -52.74 -12.97 -13.87
N ASN D 179 -52.38 -12.24 -12.82
CA ASN D 179 -51.87 -10.88 -12.94
C ASN D 179 -50.59 -10.75 -12.13
N PRO D 180 -49.48 -11.30 -12.62
CA PRO D 180 -48.20 -11.12 -11.93
C PRO D 180 -47.66 -9.71 -12.14
N PRO D 181 -46.80 -9.23 -11.24
CA PRO D 181 -46.21 -7.88 -11.43
C PRO D 181 -45.16 -7.88 -12.54
N ILE D 182 -45.66 -7.85 -13.78
CA ILE D 182 -44.78 -7.99 -14.95
C ILE D 182 -43.87 -6.78 -15.09
N HIS D 183 -44.36 -5.58 -14.81
CA HIS D 183 -43.53 -4.39 -14.97
C HIS D 183 -42.34 -4.41 -14.02
N LYS D 184 -42.56 -4.87 -12.77
CA LYS D 184 -41.43 -5.02 -11.85
C LYS D 184 -40.42 -6.01 -12.38
N ILE D 185 -40.88 -7.07 -13.05
CA ILE D 185 -39.97 -8.04 -13.64
C ILE D 185 -39.15 -7.41 -14.74
N VAL D 186 -39.80 -6.65 -15.63
CA VAL D 186 -39.09 -6.00 -16.73
C VAL D 186 -38.13 -4.94 -16.21
N ARG D 187 -38.43 -4.37 -15.04
CA ARG D 187 -37.54 -3.35 -14.47
C ARG D 187 -36.19 -3.92 -14.05
N LYS D 188 -36.03 -5.24 -14.04
CA LYS D 188 -34.82 -5.92 -13.58
C LYS D 188 -34.31 -6.94 -14.61
N PRO D 189 -34.12 -6.51 -15.86
CA PRO D 189 -33.83 -7.48 -16.93
C PRO D 189 -32.52 -8.24 -16.73
N SER D 190 -31.60 -7.71 -15.93
CA SER D 190 -30.32 -8.38 -15.72
C SER D 190 -30.46 -9.56 -14.77
N ARG D 191 -31.53 -9.61 -13.99
CA ARG D 191 -31.76 -10.67 -13.02
C ARG D 191 -32.82 -11.67 -13.48
N ILE D 192 -32.93 -11.89 -14.79
CA ILE D 192 -33.91 -12.78 -15.38
C ILE D 192 -33.16 -13.85 -16.18
N LEU D 193 -33.55 -15.11 -15.99
CA LEU D 193 -33.00 -16.22 -16.75
C LEU D 193 -34.12 -16.91 -17.49
N PHE D 194 -33.88 -17.26 -18.75
CA PHE D 194 -34.82 -18.00 -19.57
C PHE D 194 -34.23 -19.38 -19.84
N LEU D 195 -34.93 -20.42 -19.41
CA LEU D 195 -34.46 -21.79 -19.53
C LEU D 195 -35.23 -22.45 -20.68
N MET D 196 -34.62 -22.44 -21.86
CA MET D 196 -35.22 -23.04 -23.05
C MET D 196 -34.82 -24.51 -23.11
N ASP D 197 -35.75 -25.39 -22.80
CA ASP D 197 -35.49 -26.83 -22.78
C ASP D 197 -36.02 -27.46 -24.06
N GLY D 198 -35.15 -28.17 -24.77
CA GLY D 198 -35.56 -28.87 -25.97
C GLY D 198 -35.70 -27.99 -27.19
N PHE D 199 -34.58 -27.43 -27.68
CA PHE D 199 -34.58 -26.59 -28.86
C PHE D 199 -34.90 -27.40 -30.12
N ASP D 200 -35.27 -28.66 -29.93
CA ASP D 200 -35.63 -29.59 -30.99
C ASP D 200 -37.14 -29.75 -31.12
N GLU D 201 -37.88 -28.65 -31.02
CA GLU D 201 -39.34 -28.71 -30.96
C GLU D 201 -39.95 -29.22 -32.26
N LEU D 202 -39.72 -28.52 -33.38
CA LEU D 202 -40.39 -28.87 -34.63
C LEU D 202 -39.56 -28.42 -35.83
N GLN D 203 -40.11 -28.68 -37.02
CA GLN D 203 -39.44 -28.42 -38.29
C GLN D 203 -39.87 -27.08 -38.90
N GLY D 204 -38.94 -26.48 -39.64
CA GLY D 204 -39.21 -25.24 -40.33
C GLY D 204 -39.22 -24.00 -39.47
N ALA D 205 -38.80 -24.11 -38.21
CA ALA D 205 -38.83 -22.95 -37.32
C ALA D 205 -37.88 -21.85 -37.79
N PHE D 206 -36.69 -22.23 -38.26
CA PHE D 206 -35.68 -21.23 -38.59
C PHE D 206 -34.98 -21.50 -39.91
N ASP D 207 -35.44 -22.48 -40.70
CA ASP D 207 -34.77 -22.81 -41.96
C ASP D 207 -34.86 -21.68 -42.98
N GLU D 208 -35.82 -20.79 -42.84
CA GLU D 208 -35.97 -19.65 -43.73
C GLU D 208 -35.24 -18.44 -43.15
N HIS D 209 -35.14 -17.39 -43.96
CA HIS D 209 -34.55 -16.14 -43.49
C HIS D 209 -35.37 -15.57 -42.35
N ILE D 210 -34.68 -15.15 -41.28
CA ILE D 210 -35.35 -14.66 -40.08
C ILE D 210 -35.99 -13.31 -40.38
N GLY D 211 -37.26 -13.16 -39.99
CA GLY D 211 -37.96 -11.94 -40.22
C GLY D 211 -37.52 -10.83 -39.28
N PRO D 212 -38.27 -9.74 -39.27
CA PRO D 212 -37.92 -8.61 -38.40
C PRO D 212 -37.91 -9.02 -36.94
N LEU D 213 -36.94 -8.51 -36.20
CA LEU D 213 -36.78 -8.84 -34.79
C LEU D 213 -37.50 -7.82 -33.91
N CYS D 214 -38.26 -8.34 -32.95
CA CYS D 214 -39.11 -7.51 -32.10
C CYS D 214 -38.40 -7.23 -30.78
N THR D 215 -38.28 -5.95 -30.44
CA THR D 215 -37.67 -5.52 -29.19
C THR D 215 -38.69 -5.12 -28.13
N ASP D 216 -39.92 -4.84 -28.54
CA ASP D 216 -40.97 -4.42 -27.61
C ASP D 216 -41.66 -5.65 -27.06
N TRP D 217 -41.40 -5.97 -25.79
CA TRP D 217 -41.96 -7.17 -25.18
C TRP D 217 -43.48 -7.11 -25.08
N GLN D 218 -44.07 -5.92 -25.15
CA GLN D 218 -45.53 -5.81 -25.17
C GLN D 218 -46.12 -6.39 -26.44
N LYS D 219 -45.44 -6.22 -27.58
CA LYS D 219 -46.00 -6.63 -28.86
C LYS D 219 -46.09 -8.14 -28.95
N ALA D 220 -47.19 -8.64 -29.51
CA ALA D 220 -47.38 -10.06 -29.72
C ALA D 220 -46.76 -10.48 -31.05
N GLU D 221 -45.90 -11.50 -31.02
CA GLU D 221 -45.21 -11.97 -32.20
C GLU D 221 -45.36 -13.49 -32.29
N ARG D 222 -45.03 -14.04 -33.46
CA ARG D 222 -45.09 -15.47 -33.65
C ARG D 222 -44.03 -16.17 -32.81
N GLY D 223 -44.24 -17.46 -32.57
CA GLY D 223 -43.32 -18.22 -31.75
C GLY D 223 -41.90 -18.20 -32.28
N ASP D 224 -41.75 -18.42 -33.59
CA ASP D 224 -40.41 -18.43 -34.18
C ASP D 224 -39.74 -17.06 -34.08
N ILE D 225 -40.47 -15.99 -34.40
CA ILE D 225 -39.89 -14.65 -34.34
C ILE D 225 -39.60 -14.25 -32.91
N LEU D 226 -40.50 -14.56 -31.98
CA LEU D 226 -40.27 -14.24 -30.58
C LEU D 226 -39.06 -14.98 -30.03
N LEU D 227 -38.93 -16.26 -30.35
CA LEU D 227 -37.77 -17.03 -29.89
C LEU D 227 -36.48 -16.52 -30.52
N SER D 228 -36.54 -16.14 -31.80
CA SER D 228 -35.35 -15.60 -32.45
C SER D 228 -34.92 -14.28 -31.80
N SER D 229 -35.88 -13.42 -31.49
CA SER D 229 -35.55 -12.15 -30.84
C SER D 229 -35.00 -12.38 -29.45
N LEU D 230 -35.60 -13.32 -28.70
CA LEU D 230 -35.12 -13.61 -27.35
C LEU D 230 -33.71 -14.20 -27.36
N ILE D 231 -33.45 -15.12 -28.28
CA ILE D 231 -32.16 -15.81 -28.31
C ILE D 231 -31.06 -14.86 -28.78
N ARG D 232 -31.33 -14.08 -29.83
CA ARG D 232 -30.34 -13.18 -30.39
C ARG D 232 -30.11 -11.93 -29.54
N LYS D 233 -30.67 -11.89 -28.32
CA LYS D 233 -30.46 -10.79 -27.38
C LYS D 233 -30.95 -9.46 -27.95
N LYS D 234 -32.01 -9.50 -28.76
CA LYS D 234 -32.63 -8.27 -29.21
C LYS D 234 -33.80 -7.88 -28.33
N LEU D 235 -34.54 -8.86 -27.82
CA LEU D 235 -35.64 -8.65 -26.89
C LEU D 235 -35.11 -8.88 -25.48
N LEU D 236 -35.00 -7.81 -24.69
CA LEU D 236 -34.37 -7.83 -23.37
C LEU D 236 -32.96 -8.42 -23.46
N PRO D 237 -32.00 -7.68 -24.03
CA PRO D 237 -30.63 -8.23 -24.12
C PRO D 237 -30.01 -8.56 -22.78
N GLU D 238 -30.37 -7.85 -21.71
CA GLU D 238 -29.79 -8.11 -20.41
C GLU D 238 -30.21 -9.45 -19.82
N ALA D 239 -31.24 -10.08 -20.37
CA ALA D 239 -31.69 -11.37 -19.86
C ALA D 239 -30.68 -12.47 -20.17
N SER D 240 -30.50 -13.38 -19.22
CA SER D 240 -29.62 -14.53 -19.40
C SER D 240 -30.41 -15.71 -19.97
N LEU D 241 -29.68 -16.63 -20.62
CA LEU D 241 -30.28 -17.76 -21.29
C LEU D 241 -29.59 -19.05 -20.89
N LEU D 242 -30.35 -20.15 -20.95
CA LEU D 242 -29.79 -21.49 -20.77
C LEU D 242 -30.62 -22.41 -21.67
N ILE D 243 -30.01 -22.93 -22.73
CA ILE D 243 -30.71 -23.72 -23.73
C ILE D 243 -30.15 -25.14 -23.71
N THR D 244 -31.05 -26.11 -23.55
CA THR D 244 -30.71 -27.52 -23.68
C THR D 244 -31.12 -27.98 -25.08
N THR D 245 -30.18 -28.60 -25.80
CA THR D 245 -30.38 -28.83 -27.22
C THR D 245 -29.70 -30.13 -27.64
N ARG D 246 -29.81 -30.44 -28.93
CA ARG D 246 -29.20 -31.58 -29.60
C ARG D 246 -28.08 -31.11 -30.51
N PRO D 247 -27.13 -32.00 -30.86
CA PRO D 247 -25.97 -31.56 -31.66
C PRO D 247 -26.33 -30.91 -33.00
N VAL D 248 -27.28 -31.48 -33.74
CA VAL D 248 -27.72 -30.82 -34.97
C VAL D 248 -28.50 -29.56 -34.66
N ALA D 249 -29.38 -29.63 -33.66
CA ALA D 249 -30.01 -28.42 -33.15
C ALA D 249 -28.98 -27.48 -32.55
N LEU D 250 -27.85 -28.02 -32.06
CA LEU D 250 -26.72 -27.17 -31.70
C LEU D 250 -26.20 -26.40 -32.89
N GLU D 251 -26.05 -27.07 -34.03
CA GLU D 251 -25.60 -26.37 -35.24
C GLU D 251 -26.56 -25.24 -35.61
N LYS D 252 -27.85 -25.55 -35.63
CA LYS D 252 -28.82 -24.52 -36.00
C LYS D 252 -28.83 -23.37 -35.00
N LEU D 253 -28.77 -23.68 -33.70
CA LEU D 253 -28.78 -22.65 -32.69
C LEU D 253 -27.52 -21.79 -32.76
N GLN D 254 -26.37 -22.42 -33.02
CA GLN D 254 -25.13 -21.67 -33.20
C GLN D 254 -25.20 -20.78 -34.43
N HIS D 255 -26.00 -21.17 -35.41
CA HIS D 255 -26.29 -20.21 -36.47
C HIS D 255 -27.19 -19.04 -36.00
N LEU D 256 -27.56 -19.01 -34.71
CA LEU D 256 -28.37 -17.93 -34.16
C LEU D 256 -27.77 -17.36 -32.88
N LEU D 257 -26.48 -17.58 -32.62
CA LEU D 257 -25.83 -17.18 -31.38
C LEU D 257 -24.59 -16.34 -31.66
N ASP D 258 -24.12 -15.66 -30.61
CA ASP D 258 -22.90 -14.86 -30.67
C ASP D 258 -22.13 -15.09 -29.37
N HIS D 259 -21.02 -15.82 -29.46
CA HIS D 259 -20.18 -16.21 -28.33
C HIS D 259 -20.99 -16.85 -27.21
N PRO D 260 -21.49 -18.07 -27.40
CA PRO D 260 -22.11 -18.80 -26.29
C PRO D 260 -21.11 -19.70 -25.59
N ARG D 261 -21.46 -20.11 -24.37
CA ARG D 261 -20.66 -21.06 -23.61
C ARG D 261 -21.31 -22.43 -23.72
N HIS D 262 -20.57 -23.39 -24.27
CA HIS D 262 -21.09 -24.72 -24.54
C HIS D 262 -20.70 -25.66 -23.40
N VAL D 263 -21.67 -26.45 -22.94
CA VAL D 263 -21.44 -27.46 -21.91
C VAL D 263 -22.06 -28.77 -22.38
N GLU D 264 -21.31 -29.86 -22.28
CA GLU D 264 -21.75 -31.17 -22.72
C GLU D 264 -22.16 -32.01 -21.52
N ILE D 265 -23.24 -32.77 -21.68
CA ILE D 265 -23.71 -33.70 -20.66
C ILE D 265 -23.41 -35.11 -21.14
N LEU D 266 -22.71 -35.89 -20.31
CA LEU D 266 -22.35 -37.25 -20.66
C LEU D 266 -23.22 -38.30 -20.00
N GLY D 267 -23.70 -38.05 -18.77
CA GLY D 267 -24.56 -38.99 -18.11
C GLY D 267 -23.97 -39.62 -16.87
N PHE D 268 -24.14 -40.93 -16.73
CA PHE D 268 -23.76 -41.66 -15.52
C PHE D 268 -22.43 -42.36 -15.71
N SER D 269 -21.55 -42.23 -14.72
CA SER D 269 -20.37 -43.07 -14.63
C SER D 269 -20.74 -44.39 -13.97
N GLU D 270 -19.75 -45.27 -13.79
CA GLU D 270 -20.01 -46.56 -13.16
C GLU D 270 -20.49 -46.38 -11.73
N ALA D 271 -19.84 -45.48 -10.98
CA ALA D 271 -20.29 -45.18 -9.63
C ALA D 271 -21.69 -44.59 -9.63
N LYS D 272 -21.97 -43.71 -10.60
CA LYS D 272 -23.32 -43.15 -10.69
C LYS D 272 -24.34 -44.20 -11.11
N ARG D 273 -23.95 -45.17 -11.93
CA ARG D 273 -24.85 -46.28 -12.23
C ARG D 273 -25.15 -47.10 -10.99
N LYS D 274 -24.13 -47.37 -10.16
CA LYS D 274 -24.35 -48.03 -8.88
C LYS D 274 -25.33 -47.23 -8.02
N GLU D 275 -25.10 -45.92 -7.94
CA GLU D 275 -25.96 -45.07 -7.12
C GLU D 275 -27.40 -45.09 -7.62
N TYR D 276 -27.60 -45.03 -8.94
CA TYR D 276 -28.95 -45.03 -9.48
C TYR D 276 -29.63 -46.37 -9.24
N PHE D 277 -28.90 -47.47 -9.42
CA PHE D 277 -29.50 -48.78 -9.19
C PHE D 277 -29.85 -48.99 -7.73
N PHE D 278 -29.07 -48.41 -6.80
CA PHE D 278 -29.44 -48.48 -5.40
C PHE D 278 -30.62 -47.58 -5.08
N LYS D 279 -30.68 -46.40 -5.70
CA LYS D 279 -31.75 -45.45 -5.43
C LYS D 279 -33.10 -45.91 -5.99
N TYR D 280 -33.10 -46.62 -7.12
CA TYR D 280 -34.36 -46.99 -7.75
C TYR D 280 -35.10 -48.04 -6.93
N PHE D 281 -34.43 -49.15 -6.62
CA PHE D 281 -35.04 -50.20 -5.84
C PHE D 281 -35.04 -49.82 -4.36
N SER D 282 -36.24 -49.80 -3.76
CA SER D 282 -36.35 -49.44 -2.35
C SER D 282 -35.67 -50.44 -1.43
N ASP D 283 -35.61 -51.71 -1.82
CA ASP D 283 -34.96 -52.75 -1.04
C ASP D 283 -33.51 -52.89 -1.47
N GLU D 284 -32.59 -52.84 -0.50
CA GLU D 284 -31.17 -52.86 -0.84
C GLU D 284 -30.75 -54.19 -1.44
N ALA D 285 -31.29 -55.30 -0.91
CA ALA D 285 -30.95 -56.61 -1.47
C ALA D 285 -31.44 -56.74 -2.91
N GLN D 286 -32.66 -56.27 -3.19
CA GLN D 286 -33.17 -56.31 -4.55
C GLN D 286 -32.33 -55.45 -5.48
N ALA D 287 -31.90 -54.28 -5.02
CA ALA D 287 -31.04 -53.42 -5.84
C ALA D 287 -29.71 -54.10 -6.12
N ARG D 288 -29.12 -54.74 -5.10
CA ARG D 288 -27.86 -55.45 -5.32
C ARG D 288 -28.04 -56.58 -6.32
N ALA D 289 -29.12 -57.35 -6.20
CA ALA D 289 -29.36 -58.44 -7.14
C ALA D 289 -29.54 -57.94 -8.56
N ALA D 290 -30.31 -56.86 -8.72
CA ALA D 290 -30.54 -56.31 -10.06
C ALA D 290 -29.24 -55.79 -10.67
N PHE D 291 -28.44 -55.07 -9.88
CA PHE D 291 -27.18 -54.56 -10.41
C PHE D 291 -26.22 -55.69 -10.74
N SER D 292 -26.20 -56.75 -9.91
CA SER D 292 -25.33 -57.88 -10.20
C SER D 292 -25.76 -58.57 -11.49
N LEU D 293 -27.07 -58.69 -11.72
CA LEU D 293 -27.54 -59.30 -12.96
C LEU D 293 -27.22 -58.42 -14.16
N ILE D 294 -27.31 -57.09 -13.99
CA ILE D 294 -27.03 -56.18 -15.10
C ILE D 294 -25.54 -56.18 -15.44
N GLN D 295 -24.69 -56.18 -14.41
CA GLN D 295 -23.26 -55.98 -14.60
C GLN D 295 -22.64 -57.07 -15.49
N GLU D 296 -23.09 -58.32 -15.36
CA GLU D 296 -22.52 -59.38 -16.17
C GLU D 296 -22.80 -59.20 -17.66
N ASN D 297 -23.73 -58.33 -18.02
CA ASN D 297 -23.97 -57.95 -19.41
C ASN D 297 -23.20 -56.67 -19.68
N GLU D 298 -22.13 -56.78 -20.48
CA GLU D 298 -21.24 -55.64 -20.67
C GLU D 298 -21.88 -54.59 -21.56
N VAL D 299 -22.63 -55.02 -22.58
CA VAL D 299 -23.28 -54.08 -23.50
C VAL D 299 -24.31 -53.24 -22.77
N LEU D 300 -25.13 -53.88 -21.93
CA LEU D 300 -26.11 -53.13 -21.15
C LEU D 300 -25.45 -52.16 -20.20
N PHE D 301 -24.38 -52.60 -19.54
CA PHE D 301 -23.69 -51.71 -18.60
C PHE D 301 -23.03 -50.53 -19.32
N THR D 302 -22.62 -50.71 -20.57
CA THR D 302 -22.10 -49.59 -21.34
C THR D 302 -23.24 -48.65 -21.76
N MET D 303 -24.36 -49.21 -22.21
CA MET D 303 -25.48 -48.39 -22.64
C MET D 303 -26.10 -47.64 -21.46
N CYS D 304 -25.91 -48.14 -20.25
CA CYS D 304 -26.44 -47.50 -19.06
C CYS D 304 -25.81 -46.15 -18.77
N PHE D 305 -24.87 -45.62 -19.56
CA PHE D 305 -24.43 -44.25 -19.31
C PHE D 305 -25.53 -43.24 -19.58
N ILE D 306 -26.54 -43.63 -20.35
CA ILE D 306 -27.72 -42.80 -20.57
C ILE D 306 -28.74 -43.08 -19.47
N PRO D 307 -29.20 -42.06 -18.75
CA PRO D 307 -30.17 -42.32 -17.68
C PRO D 307 -31.47 -42.92 -18.17
N LEU D 308 -31.90 -42.62 -19.40
CA LEU D 308 -33.18 -43.14 -19.90
C LEU D 308 -33.14 -44.66 -20.02
N VAL D 309 -32.03 -45.22 -20.50
CA VAL D 309 -31.91 -46.66 -20.60
C VAL D 309 -31.90 -47.29 -19.21
N CYS D 310 -31.26 -46.63 -18.25
CA CYS D 310 -31.30 -47.10 -16.87
C CYS D 310 -32.72 -47.14 -16.36
N TRP D 311 -33.49 -46.08 -16.61
CA TRP D 311 -34.87 -46.03 -16.15
C TRP D 311 -35.69 -47.14 -16.79
N ILE D 312 -35.52 -47.35 -18.09
CA ILE D 312 -36.31 -48.38 -18.79
C ILE D 312 -35.99 -49.76 -18.25
N VAL D 313 -34.69 -50.07 -18.11
CA VAL D 313 -34.31 -51.40 -17.65
C VAL D 313 -34.73 -51.61 -16.20
N CYS D 314 -34.65 -50.55 -15.38
CA CYS D 314 -35.06 -50.68 -13.99
C CYS D 314 -36.56 -50.87 -13.87
N THR D 315 -37.34 -50.16 -14.69
CA THR D 315 -38.78 -50.37 -14.70
C THR D 315 -39.13 -51.79 -15.12
N GLY D 316 -38.47 -52.29 -16.16
CA GLY D 316 -38.71 -53.67 -16.57
C GLY D 316 -38.39 -54.66 -15.48
N LEU D 317 -37.22 -54.51 -14.85
CA LEU D 317 -36.83 -55.43 -13.78
C LEU D 317 -37.77 -55.35 -12.60
N LYS D 318 -38.19 -54.14 -12.22
CA LYS D 318 -39.12 -53.97 -11.10
C LYS D 318 -40.46 -54.63 -11.41
N GLN D 319 -40.97 -54.44 -12.62
CA GLN D 319 -42.26 -55.02 -12.98
C GLN D 319 -42.19 -56.54 -13.04
N GLN D 320 -41.06 -57.08 -13.53
CA GLN D 320 -40.92 -58.53 -13.55
C GLN D 320 -40.77 -59.10 -12.15
N MET D 321 -40.06 -58.39 -11.26
CA MET D 321 -39.90 -58.85 -9.89
C MET D 321 -41.22 -58.80 -9.13
N GLU D 322 -42.02 -57.76 -9.36
CA GLU D 322 -43.33 -57.67 -8.70
C GLU D 322 -44.22 -58.84 -9.11
N SER D 323 -44.09 -59.31 -10.35
CA SER D 323 -44.85 -60.45 -10.82
C SER D 323 -44.21 -61.79 -10.45
N GLY D 324 -43.06 -61.76 -9.78
CA GLY D 324 -42.40 -62.99 -9.38
C GLY D 324 -41.89 -63.84 -10.53
N LYS D 325 -41.27 -63.22 -11.53
CA LYS D 325 -40.75 -63.93 -12.69
C LYS D 325 -39.25 -63.66 -12.82
N SER D 326 -38.61 -64.45 -13.69
CA SER D 326 -37.17 -64.37 -13.87
C SER D 326 -36.77 -63.03 -14.48
N LEU D 327 -35.61 -62.54 -14.06
CA LEU D 327 -35.06 -61.27 -14.56
C LEU D 327 -33.90 -61.48 -15.52
N ALA D 328 -33.72 -62.69 -16.06
CA ALA D 328 -32.51 -63.04 -16.79
C ALA D 328 -32.51 -62.56 -18.24
N GLN D 329 -33.55 -61.88 -18.69
CA GLN D 329 -33.59 -61.43 -20.08
C GLN D 329 -32.46 -60.46 -20.37
N THR D 330 -31.90 -60.56 -21.57
CA THR D 330 -30.78 -59.73 -21.99
C THR D 330 -31.09 -59.10 -23.34
N SER D 331 -30.70 -57.83 -23.48
CA SER D 331 -30.95 -57.05 -24.68
C SER D 331 -29.63 -56.66 -25.30
N LYS D 332 -29.43 -57.04 -26.58
CA LYS D 332 -28.18 -56.72 -27.24
C LYS D 332 -28.09 -55.24 -27.60
N THR D 333 -29.17 -54.66 -28.11
CA THR D 333 -29.16 -53.28 -28.59
C THR D 333 -30.29 -52.50 -27.90
N THR D 334 -30.43 -51.23 -28.32
CA THR D 334 -31.51 -50.40 -27.78
C THR D 334 -32.88 -50.92 -28.22
N THR D 335 -32.98 -51.37 -29.47
CA THR D 335 -34.26 -51.88 -29.97
C THR D 335 -34.72 -53.07 -29.15
N ALA D 336 -33.79 -53.95 -28.75
CA ALA D 336 -34.16 -55.08 -27.90
C ALA D 336 -34.65 -54.59 -26.54
N VAL D 337 -34.02 -53.55 -25.99
CA VAL D 337 -34.48 -52.97 -24.73
C VAL D 337 -35.91 -52.49 -24.86
N TYR D 338 -36.20 -51.73 -25.92
CA TYR D 338 -37.55 -51.20 -26.10
C TYR D 338 -38.56 -52.31 -26.33
N VAL D 339 -38.16 -53.35 -27.07
CA VAL D 339 -39.08 -54.45 -27.34
C VAL D 339 -39.40 -55.21 -26.06
N PHE D 340 -38.40 -55.47 -25.23
CA PHE D 340 -38.66 -56.14 -23.96
C PHE D 340 -39.48 -55.26 -23.02
N PHE D 341 -39.28 -53.94 -23.06
CA PHE D 341 -40.13 -53.03 -22.28
C PHE D 341 -41.58 -53.15 -22.74
N LEU D 342 -41.80 -53.15 -24.05
CA LEU D 342 -43.15 -53.35 -24.60
C LEU D 342 -43.74 -54.68 -24.16
N SER D 343 -42.95 -55.74 -24.22
CA SER D 343 -43.43 -57.06 -23.81
C SER D 343 -43.82 -57.08 -22.33
N SER D 344 -43.01 -56.44 -21.49
CA SER D 344 -43.35 -56.35 -20.07
C SER D 344 -44.64 -55.55 -19.85
N LEU D 345 -44.82 -54.44 -20.57
CA LEU D 345 -45.99 -53.61 -20.36
C LEU D 345 -47.15 -53.92 -21.30
N LEU D 346 -47.03 -54.95 -22.13
CA LEU D 346 -48.18 -55.40 -22.93
C LEU D 346 -48.55 -56.84 -22.56
N LEU D 357 -56.76 -55.97 -29.00
CA LEU D 357 -55.42 -55.55 -28.61
C LEU D 357 -54.62 -55.03 -29.81
N CYS D 358 -54.61 -55.83 -30.89
CA CYS D 358 -53.87 -55.43 -32.08
C CYS D 358 -54.41 -54.13 -32.66
N ALA D 359 -55.72 -53.91 -32.53
CA ALA D 359 -56.29 -52.64 -32.96
C ALA D 359 -55.72 -51.49 -32.14
N HIS D 360 -55.54 -51.70 -30.84
CA HIS D 360 -54.93 -50.68 -30.00
C HIS D 360 -53.47 -50.42 -30.40
N LEU D 361 -52.73 -51.47 -30.76
CA LEU D 361 -51.37 -51.29 -31.23
C LEU D 361 -51.33 -50.48 -32.51
N TRP D 362 -52.22 -50.79 -33.46
CA TRP D 362 -52.26 -50.02 -34.70
C TRP D 362 -52.66 -48.58 -34.43
N GLY D 363 -53.58 -48.37 -33.49
CA GLY D 363 -53.96 -47.00 -33.13
C GLY D 363 -52.80 -46.21 -32.57
N LEU D 364 -52.04 -46.83 -31.65
CA LEU D 364 -50.86 -46.18 -31.09
C LEU D 364 -49.84 -45.86 -32.17
N CYS D 365 -49.60 -46.82 -33.08
CA CYS D 365 -48.62 -46.61 -34.13
C CYS D 365 -49.03 -45.48 -35.07
N SER D 366 -50.31 -45.47 -35.45
CA SER D 366 -50.80 -44.41 -36.32
C SER D 366 -50.77 -43.06 -35.63
N LEU D 367 -51.09 -43.03 -34.32
CA LEU D 367 -51.00 -41.80 -33.56
C LEU D 367 -49.58 -41.25 -33.55
N ALA D 368 -48.61 -42.12 -33.30
CA ALA D 368 -47.22 -41.69 -33.29
C ALA D 368 -46.78 -41.20 -34.67
N ALA D 369 -47.18 -41.91 -35.73
CA ALA D 369 -46.81 -41.48 -37.07
C ALA D 369 -47.42 -40.13 -37.40
N ASP D 370 -48.68 -39.92 -37.05
CA ASP D 370 -49.34 -38.64 -37.30
C ASP D 370 -48.65 -37.52 -36.53
N GLY D 371 -48.28 -37.78 -35.28
CA GLY D 371 -47.57 -36.78 -34.50
C GLY D 371 -46.21 -36.45 -35.11
N ILE D 372 -45.50 -37.47 -35.59
CA ILE D 372 -44.19 -37.24 -36.21
C ILE D 372 -44.35 -36.39 -37.46
N TRP D 373 -45.33 -36.73 -38.30
CA TRP D 373 -45.50 -36.03 -39.57
C TRP D 373 -46.04 -34.61 -39.41
N ASN D 374 -46.97 -34.38 -38.48
CA ASN D 374 -47.56 -33.06 -38.33
C ASN D 374 -47.05 -32.31 -37.10
N GLN D 375 -45.93 -32.73 -36.51
CA GLN D 375 -45.21 -31.98 -35.50
C GLN D 375 -45.97 -31.87 -34.19
N LYS D 376 -46.99 -32.68 -33.99
CA LYS D 376 -47.84 -32.57 -32.81
C LYS D 376 -47.36 -33.57 -31.75
N ILE D 377 -46.76 -33.05 -30.68
CA ILE D 377 -46.25 -33.87 -29.60
C ILE D 377 -47.29 -34.02 -28.49
N LEU D 378 -48.02 -32.96 -28.18
CA LEU D 378 -49.10 -33.01 -27.19
C LEU D 378 -50.39 -33.37 -27.90
N PHE D 379 -51.01 -34.47 -27.51
CA PHE D 379 -52.16 -35.02 -28.21
C PHE D 379 -53.45 -34.70 -27.47
N GLU D 380 -54.48 -34.36 -28.23
CA GLU D 380 -55.80 -34.08 -27.69
C GLU D 380 -56.71 -35.30 -27.84
N GLU D 381 -57.84 -35.26 -27.13
CA GLU D 381 -58.77 -36.38 -27.19
C GLU D 381 -59.47 -36.47 -28.54
N SER D 382 -59.63 -35.34 -29.24
CA SER D 382 -60.17 -35.39 -30.59
C SER D 382 -59.23 -36.13 -31.52
N ASP D 383 -57.94 -35.82 -31.46
CA ASP D 383 -56.96 -36.56 -32.24
C ASP D 383 -56.86 -38.00 -31.77
N LEU D 384 -57.04 -38.24 -30.47
CA LEU D 384 -57.04 -39.60 -29.96
C LEU D 384 -58.17 -40.42 -30.57
N ARG D 385 -59.36 -39.84 -30.69
CA ARG D 385 -60.47 -40.53 -31.33
C ARG D 385 -60.26 -40.65 -32.83
N ASN D 386 -59.53 -39.69 -33.43
CA ASN D 386 -59.33 -39.70 -34.86
C ASN D 386 -58.58 -40.96 -35.32
N HIS D 387 -57.76 -41.55 -34.45
CA HIS D 387 -56.94 -42.69 -34.80
C HIS D 387 -57.49 -44.00 -34.25
N GLY D 388 -58.80 -44.10 -34.07
CA GLY D 388 -59.41 -45.33 -33.63
C GLY D 388 -59.03 -45.77 -32.24
N LEU D 389 -58.65 -44.83 -31.37
CA LEU D 389 -58.27 -45.15 -29.99
C LEU D 389 -59.34 -44.60 -29.05
N GLN D 390 -59.90 -45.46 -28.21
CA GLN D 390 -60.94 -45.08 -27.29
C GLN D 390 -60.34 -44.62 -25.95
N LYS D 391 -61.19 -44.05 -25.10
CA LYS D 391 -60.74 -43.66 -23.76
C LYS D 391 -60.42 -44.89 -22.91
N ALA D 392 -61.07 -46.02 -23.20
CA ALA D 392 -60.74 -47.27 -22.54
C ALA D 392 -59.43 -47.86 -23.05
N ASP D 393 -58.87 -47.32 -24.12
CA ASP D 393 -57.62 -47.81 -24.69
C ASP D 393 -56.39 -47.12 -24.11
N VAL D 394 -56.57 -46.23 -23.13
CA VAL D 394 -55.43 -45.53 -22.53
C VAL D 394 -54.55 -46.55 -21.84
N SER D 395 -53.29 -46.63 -22.26
CA SER D 395 -52.36 -47.63 -21.78
C SER D 395 -51.43 -47.00 -20.74
N ALA D 396 -50.41 -47.77 -20.35
CA ALA D 396 -49.46 -47.33 -19.34
C ALA D 396 -48.34 -46.47 -19.92
N PHE D 397 -48.37 -46.17 -21.22
CA PHE D 397 -47.35 -45.33 -21.84
C PHE D 397 -47.71 -43.86 -21.88
N LEU D 398 -48.93 -43.53 -22.30
CA LEU D 398 -49.34 -42.15 -22.49
C LEU D 398 -49.44 -41.45 -21.14
N ARG D 399 -48.61 -40.43 -20.94
CA ARG D 399 -48.68 -39.57 -19.77
C ARG D 399 -49.64 -38.42 -20.03
N MET D 400 -50.46 -38.11 -19.03
CA MET D 400 -51.47 -37.08 -19.16
C MET D 400 -51.00 -35.78 -18.50
N ASN D 401 -51.34 -34.66 -19.14
CA ASN D 401 -51.07 -33.34 -18.58
C ASN D 401 -52.30 -32.48 -18.83
N LEU D 402 -52.94 -32.05 -17.76
CA LEU D 402 -54.19 -31.30 -17.84
C LEU D 402 -53.88 -29.81 -17.92
N PHE D 403 -54.22 -29.20 -19.05
CA PHE D 403 -54.02 -27.77 -19.26
C PHE D 403 -55.31 -27.10 -19.69
N LYS D 411 -56.20 -30.78 -20.62
CA LYS D 411 -56.38 -32.12 -21.16
C LYS D 411 -55.45 -32.31 -22.35
N PHE D 412 -54.38 -33.08 -22.14
CA PHE D 412 -53.42 -33.40 -23.18
C PHE D 412 -52.76 -34.74 -22.87
N TYR D 413 -52.38 -35.45 -23.93
CA TYR D 413 -51.68 -36.71 -23.82
C TYR D 413 -50.35 -36.62 -24.54
N SER D 414 -49.33 -37.25 -23.97
CA SER D 414 -48.02 -37.29 -24.61
C SER D 414 -47.36 -38.62 -24.28
N PHE D 415 -46.19 -38.84 -24.89
CA PHE D 415 -45.44 -40.05 -24.63
C PHE D 415 -44.44 -39.81 -23.49
N ILE D 416 -43.93 -40.91 -22.94
CA ILE D 416 -42.93 -40.81 -21.88
C ILE D 416 -41.72 -40.03 -22.37
N HIS D 417 -41.23 -40.36 -23.56
CA HIS D 417 -40.16 -39.62 -24.21
C HIS D 417 -40.43 -39.63 -25.71
N MET D 418 -39.83 -38.65 -26.40
CA MET D 418 -39.99 -38.59 -27.86
C MET D 418 -39.43 -39.83 -28.53
N THR D 419 -38.49 -40.52 -27.88
CA THR D 419 -37.97 -41.76 -28.44
C THR D 419 -39.04 -42.83 -28.53
N PHE D 420 -40.04 -42.79 -27.64
CA PHE D 420 -41.13 -43.76 -27.73
C PHE D 420 -42.04 -43.47 -28.91
N GLN D 421 -42.32 -42.19 -29.17
CA GLN D 421 -43.06 -41.81 -30.37
C GLN D 421 -42.30 -42.24 -31.62
N GLU D 422 -40.99 -42.02 -31.61
CA GLU D 422 -40.11 -42.56 -32.65
C GLU D 422 -40.29 -44.07 -32.84
N PHE D 423 -40.20 -44.84 -31.75
CA PHE D 423 -40.26 -46.29 -31.88
C PHE D 423 -41.61 -46.74 -32.42
N PHE D 424 -42.69 -46.09 -31.98
CA PHE D 424 -44.01 -46.47 -32.46
C PHE D 424 -44.25 -46.02 -33.90
N ALA D 425 -43.65 -44.91 -34.33
CA ALA D 425 -43.70 -44.55 -35.73
C ALA D 425 -43.00 -45.59 -36.59
N ALA D 426 -41.85 -46.09 -36.13
CA ALA D 426 -41.18 -47.17 -36.85
C ALA D 426 -42.05 -48.42 -36.91
N MET D 427 -42.64 -48.80 -35.77
CA MET D 427 -43.52 -49.95 -35.74
C MET D 427 -44.69 -49.79 -36.70
N TYR D 428 -45.20 -48.57 -36.82
CA TYR D 428 -46.23 -48.28 -37.83
C TYR D 428 -45.68 -48.52 -39.23
N TYR D 429 -44.49 -48.01 -39.51
CA TYR D 429 -43.90 -48.19 -40.83
C TYR D 429 -43.70 -49.65 -41.18
N LEU D 430 -43.56 -50.53 -40.18
CA LEU D 430 -43.52 -51.95 -40.49
C LEU D 430 -44.89 -52.62 -40.47
N LEU D 431 -45.86 -52.05 -39.77
CA LEU D 431 -47.17 -52.68 -39.66
C LEU D 431 -48.11 -52.25 -40.79
N PRO D 449 -50.79 -40.70 -42.90
CA PRO D 449 -49.34 -40.70 -43.11
C PRO D 449 -48.93 -41.63 -44.25
N SER D 450 -48.02 -41.15 -45.11
CA SER D 450 -47.54 -41.97 -46.21
C SER D 450 -46.76 -43.17 -45.67
N ARG D 451 -46.97 -44.33 -46.28
CA ARG D 451 -46.33 -45.56 -45.84
C ARG D 451 -45.08 -45.90 -46.64
N ASP D 452 -44.65 -45.02 -47.55
CA ASP D 452 -43.46 -45.26 -48.35
C ASP D 452 -42.25 -44.69 -47.62
N VAL D 453 -41.19 -45.49 -47.51
CA VAL D 453 -40.01 -45.07 -46.78
C VAL D 453 -39.17 -44.07 -47.56
N THR D 454 -39.31 -44.03 -48.89
CA THR D 454 -38.51 -43.12 -49.68
C THR D 454 -38.81 -41.67 -49.35
N VAL D 455 -40.10 -41.33 -49.22
CA VAL D 455 -40.46 -39.96 -48.87
C VAL D 455 -40.04 -39.66 -47.44
N LEU D 456 -40.02 -40.67 -46.57
CA LEU D 456 -39.49 -40.49 -45.23
C LEU D 456 -38.01 -40.10 -45.28
N LEU D 457 -37.24 -40.79 -46.12
CA LEU D 457 -35.81 -40.57 -46.18
C LEU D 457 -35.45 -39.26 -46.88
N GLU D 458 -36.28 -38.82 -47.84
CA GLU D 458 -35.93 -37.65 -48.63
C GLU D 458 -35.99 -36.37 -47.79
N ASN D 459 -37.07 -36.18 -47.03
CA ASN D 459 -37.30 -34.90 -46.36
C ASN D 459 -36.55 -34.87 -45.03
N TYR D 460 -35.52 -34.03 -44.98
CA TYR D 460 -34.71 -33.82 -43.78
C TYR D 460 -34.58 -32.33 -43.50
N GLY D 461 -34.27 -32.02 -42.25
CA GLY D 461 -34.05 -30.65 -41.84
C GLY D 461 -34.07 -30.48 -40.33
N LYS D 462 -33.38 -29.46 -39.84
CA LYS D 462 -33.37 -29.07 -38.42
C LYS D 462 -32.85 -30.25 -37.59
N PHE D 463 -33.35 -30.44 -36.38
CA PHE D 463 -33.04 -31.64 -35.61
C PHE D 463 -33.61 -32.89 -36.28
N GLU D 464 -34.83 -32.79 -36.79
CA GLU D 464 -35.64 -33.93 -37.19
C GLU D 464 -34.92 -34.87 -38.14
N LYS D 465 -34.07 -34.34 -39.03
CA LYS D 465 -33.29 -35.21 -39.90
C LYS D 465 -32.61 -36.31 -39.10
N GLY D 466 -31.74 -35.94 -38.15
CA GLY D 466 -31.15 -36.93 -37.27
C GLY D 466 -32.22 -37.73 -36.54
N TYR D 467 -33.24 -37.04 -36.03
CA TYR D 467 -34.35 -37.73 -35.41
C TYR D 467 -35.00 -38.70 -36.39
N LEU D 468 -35.23 -38.27 -37.63
CA LEU D 468 -35.74 -39.20 -38.62
C LEU D 468 -34.75 -40.33 -38.87
N ILE D 469 -33.45 -40.00 -38.90
CA ILE D 469 -32.46 -41.07 -38.90
C ILE D 469 -32.57 -41.87 -37.61
N PHE D 470 -32.75 -41.19 -36.49
CA PHE D 470 -33.09 -41.90 -35.25
C PHE D 470 -34.30 -42.79 -35.48
N VAL D 471 -35.30 -42.29 -36.20
CA VAL D 471 -36.42 -43.13 -36.61
C VAL D 471 -35.92 -44.40 -37.26
N VAL D 472 -35.19 -44.27 -38.38
CA VAL D 472 -34.78 -45.47 -39.09
C VAL D 472 -33.84 -46.29 -38.22
N ARG D 473 -33.17 -45.67 -37.25
CA ARG D 473 -32.32 -46.43 -36.34
C ARG D 473 -33.12 -47.53 -35.69
N PHE D 474 -34.24 -47.19 -35.06
CA PHE D 474 -35.08 -48.23 -34.48
C PHE D 474 -35.65 -49.12 -35.56
N LEU D 475 -35.98 -48.55 -36.71
CA LEU D 475 -36.38 -49.36 -37.86
C LEU D 475 -35.29 -50.35 -38.20
N PHE D 476 -34.04 -49.90 -38.21
CA PHE D 476 -32.92 -50.79 -38.48
C PHE D 476 -32.89 -51.93 -37.47
N GLY D 477 -33.23 -51.64 -36.23
CA GLY D 477 -33.29 -52.70 -35.22
C GLY D 477 -34.42 -53.67 -35.47
N LEU D 478 -35.57 -53.17 -35.93
CA LEU D 478 -36.76 -54.02 -35.97
C LEU D 478 -36.71 -55.00 -37.14
N VAL D 479 -36.06 -54.65 -38.24
CA VAL D 479 -35.96 -55.53 -39.40
C VAL D 479 -34.75 -56.43 -39.17
N ASN D 480 -34.97 -57.52 -38.44
CA ASN D 480 -33.92 -58.47 -38.11
C ASN D 480 -34.49 -59.88 -38.15
N GLN D 481 -33.65 -60.82 -38.57
CA GLN D 481 -34.06 -62.22 -38.68
C GLN D 481 -34.42 -62.83 -37.33
N GLU D 482 -34.00 -62.23 -36.22
CA GLU D 482 -34.24 -62.78 -34.89
C GLU D 482 -35.35 -62.05 -34.15
N ARG D 483 -35.25 -60.72 -34.03
CA ARG D 483 -36.22 -59.98 -33.22
C ARG D 483 -37.58 -59.91 -33.88
N THR D 484 -37.64 -59.88 -35.21
CA THR D 484 -38.92 -59.75 -35.90
C THR D 484 -39.83 -60.94 -35.60
N SER D 485 -39.28 -62.16 -35.63
CA SER D 485 -40.10 -63.34 -35.38
C SER D 485 -40.68 -63.33 -33.97
N TYR D 486 -39.85 -63.02 -32.98
CA TYR D 486 -40.33 -62.98 -31.59
C TYR D 486 -41.36 -61.87 -31.40
N LEU D 487 -41.12 -60.71 -32.01
CA LEU D 487 -42.08 -59.61 -31.89
C LEU D 487 -43.42 -59.98 -32.52
N GLU D 488 -43.39 -60.63 -33.69
CA GLU D 488 -44.62 -61.05 -34.35
C GLU D 488 -45.35 -62.11 -33.53
N LYS D 489 -44.61 -63.04 -32.94
CA LYS D 489 -45.23 -64.05 -32.08
C LYS D 489 -45.87 -63.41 -30.86
N LYS D 490 -45.19 -62.44 -30.25
CA LYS D 490 -45.69 -61.83 -29.01
C LYS D 490 -46.91 -60.95 -29.28
N LEU D 491 -46.85 -60.11 -30.32
CA LEU D 491 -47.89 -59.12 -30.55
C LEU D 491 -48.84 -59.49 -31.68
N SER D 492 -48.70 -60.69 -32.27
CA SER D 492 -49.60 -61.16 -33.33
C SER D 492 -49.66 -60.18 -34.49
N CYS D 493 -48.52 -59.88 -35.08
CA CYS D 493 -48.42 -58.92 -36.17
C CYS D 493 -47.65 -59.52 -37.34
N LYS D 494 -47.72 -58.83 -38.48
CA LYS D 494 -47.02 -59.25 -39.69
C LYS D 494 -46.16 -58.11 -40.21
N ILE D 495 -44.97 -58.47 -40.72
CA ILE D 495 -43.98 -57.50 -41.19
C ILE D 495 -43.29 -58.06 -42.42
N SER D 496 -43.05 -57.21 -43.41
CA SER D 496 -42.35 -57.58 -44.64
C SER D 496 -40.88 -57.18 -44.56
N GLN D 497 -40.15 -57.52 -45.62
CA GLN D 497 -38.70 -57.34 -45.63
C GLN D 497 -38.14 -56.57 -46.82
N GLN D 498 -38.99 -56.04 -47.71
CA GLN D 498 -38.47 -55.18 -48.77
C GLN D 498 -37.93 -53.87 -48.21
N ILE D 499 -38.42 -53.46 -47.04
CA ILE D 499 -37.97 -52.22 -46.41
C ILE D 499 -36.50 -52.33 -46.02
N ARG D 500 -36.05 -53.53 -45.66
CA ARG D 500 -34.63 -53.73 -45.38
C ARG D 500 -33.78 -53.48 -46.61
N LEU D 501 -34.22 -53.97 -47.77
CA LEU D 501 -33.50 -53.71 -49.02
C LEU D 501 -33.52 -52.22 -49.34
N GLU D 502 -34.64 -51.55 -49.08
CA GLU D 502 -34.69 -50.10 -49.31
C GLU D 502 -33.73 -49.35 -48.40
N LEU D 503 -33.61 -49.77 -47.14
CA LEU D 503 -32.62 -49.16 -46.25
C LEU D 503 -31.20 -49.43 -46.74
N LEU D 504 -30.95 -50.62 -47.26
CA LEU D 504 -29.64 -50.93 -47.82
C LEU D 504 -29.33 -50.01 -49.00
N LYS D 505 -30.31 -49.77 -49.86
CA LYS D 505 -30.11 -48.83 -50.96
C LYS D 505 -29.86 -47.42 -50.42
N TRP D 506 -30.55 -47.05 -49.35
CA TRP D 506 -30.35 -45.72 -48.76
C TRP D 506 -28.93 -45.55 -48.25
N ILE D 507 -28.40 -46.55 -47.54
CA ILE D 507 -27.03 -46.46 -47.06
C ILE D 507 -26.05 -46.51 -48.22
N GLU D 508 -26.35 -47.27 -49.27
CA GLU D 508 -25.55 -47.25 -50.48
C GLU D 508 -25.42 -45.83 -51.01
N VAL D 509 -26.55 -45.15 -51.16
CA VAL D 509 -26.56 -43.77 -51.66
C VAL D 509 -25.79 -42.86 -50.73
N LYS D 510 -26.00 -43.01 -49.41
CA LYS D 510 -25.35 -42.12 -48.46
C LYS D 510 -23.83 -42.29 -48.48
N ALA D 511 -23.35 -43.52 -48.57
CA ALA D 511 -21.91 -43.75 -48.65
C ALA D 511 -21.33 -43.24 -49.97
N LYS D 512 -22.02 -43.51 -51.08
CA LYS D 512 -21.54 -43.00 -52.37
C LYS D 512 -21.60 -41.48 -52.44
N ALA D 513 -22.65 -40.88 -51.87
CA ALA D 513 -22.74 -39.43 -51.84
C ALA D 513 -21.57 -38.84 -51.07
N LYS D 514 -20.96 -37.79 -51.63
CA LYS D 514 -19.80 -37.17 -51.00
C LYS D 514 -20.21 -36.43 -49.74
N LYS D 515 -21.00 -35.37 -49.90
CA LYS D 515 -21.72 -34.69 -48.82
C LYS D 515 -20.85 -34.50 -47.56
N LEU D 516 -19.65 -33.97 -47.78
CA LEU D 516 -18.73 -33.74 -46.67
C LEU D 516 -19.23 -32.61 -45.77
N GLN D 517 -19.10 -32.83 -44.45
CA GLN D 517 -19.42 -31.83 -43.44
C GLN D 517 -20.89 -31.38 -43.53
N ILE D 518 -21.76 -32.26 -44.02
CA ILE D 518 -23.20 -32.00 -44.08
C ILE D 518 -23.92 -33.17 -43.44
N GLN D 519 -24.83 -32.85 -42.50
CA GLN D 519 -25.73 -33.74 -41.76
C GLN D 519 -24.98 -34.88 -41.06
N PRO D 520 -25.65 -35.68 -40.20
CA PRO D 520 -24.94 -36.80 -39.56
C PRO D 520 -24.50 -37.87 -40.54
N SER D 521 -23.20 -38.15 -40.60
CA SER D 521 -22.63 -38.84 -41.75
C SER D 521 -22.13 -40.25 -41.45
N GLN D 522 -21.25 -40.43 -40.46
CA GLN D 522 -20.52 -41.69 -40.34
C GLN D 522 -20.91 -42.50 -39.11
N LEU D 523 -20.77 -41.92 -37.91
CA LEU D 523 -20.97 -42.68 -36.69
C LEU D 523 -22.42 -43.14 -36.53
N GLU D 524 -23.38 -42.30 -36.94
CA GLU D 524 -24.79 -42.66 -36.82
C GLU D 524 -25.13 -43.85 -37.70
N LEU D 525 -24.56 -43.92 -38.90
CA LEU D 525 -24.74 -45.10 -39.73
C LEU D 525 -24.18 -46.34 -39.03
N PHE D 526 -23.07 -46.18 -38.33
CA PHE D 526 -22.54 -47.29 -37.54
C PHE D 526 -23.52 -47.70 -36.45
N TYR D 527 -24.15 -46.72 -35.81
CA TYR D 527 -25.16 -47.02 -34.79
C TYR D 527 -26.31 -47.82 -35.38
N CYS D 528 -26.78 -47.42 -36.56
CA CYS D 528 -27.87 -48.15 -37.20
C CYS D 528 -27.46 -49.58 -37.54
N LEU D 529 -26.26 -49.75 -38.11
CA LEU D 529 -25.80 -51.08 -38.48
C LEU D 529 -25.63 -51.97 -37.24
N TYR D 530 -25.09 -51.40 -36.15
CA TYR D 530 -24.99 -52.15 -34.91
C TYR D 530 -26.37 -52.46 -34.34
N GLU D 531 -27.34 -51.58 -34.59
CA GLU D 531 -28.71 -51.85 -34.15
C GLU D 531 -29.27 -53.08 -34.86
N MET D 532 -29.02 -53.21 -36.16
CA MET D 532 -29.59 -54.34 -36.90
C MET D 532 -29.00 -55.67 -36.43
N GLN D 533 -27.68 -55.71 -36.17
CA GLN D 533 -27.01 -56.91 -35.66
C GLN D 533 -27.10 -58.08 -36.62
N GLU D 534 -27.13 -57.83 -37.93
CA GLU D 534 -27.14 -58.89 -38.93
C GLU D 534 -25.80 -58.89 -39.65
N GLU D 535 -25.02 -59.96 -39.46
CA GLU D 535 -23.67 -60.00 -40.01
C GLU D 535 -23.69 -59.93 -41.54
N ASP D 536 -24.65 -60.60 -42.17
CA ASP D 536 -24.73 -60.56 -43.63
C ASP D 536 -25.03 -59.15 -44.13
N PHE D 537 -26.04 -58.51 -43.55
CA PHE D 537 -26.40 -57.16 -43.97
C PHE D 537 -25.28 -56.18 -43.70
N VAL D 538 -24.64 -56.27 -42.53
CA VAL D 538 -23.53 -55.38 -42.22
C VAL D 538 -22.39 -55.58 -43.20
N GLN D 539 -22.06 -56.83 -43.49
CA GLN D 539 -20.96 -57.12 -44.41
C GLN D 539 -21.28 -56.60 -45.81
N ARG D 540 -22.54 -56.70 -46.23
CA ARG D 540 -22.91 -56.20 -47.56
C ARG D 540 -22.96 -54.68 -47.58
N ALA D 541 -23.24 -54.05 -46.44
CA ALA D 541 -23.42 -52.60 -46.41
C ALA D 541 -22.11 -51.84 -46.23
N MET D 542 -21.15 -52.40 -45.50
CA MET D 542 -19.91 -51.70 -45.22
C MET D 542 -18.89 -51.81 -46.34
N ASP D 543 -19.21 -52.50 -47.44
CA ASP D 543 -18.26 -52.61 -48.54
C ASP D 543 -18.11 -51.30 -49.31
N TYR D 544 -18.94 -50.29 -49.03
CA TYR D 544 -18.93 -49.03 -49.76
C TYR D 544 -18.43 -47.87 -48.91
N PHE D 545 -17.95 -48.14 -47.69
CA PHE D 545 -17.39 -47.18 -46.75
C PHE D 545 -15.98 -46.66 -47.03
N PRO D 546 -15.12 -47.38 -47.80
CA PRO D 546 -13.71 -47.55 -47.41
C PRO D 546 -13.05 -46.42 -46.64
N LYS D 547 -13.16 -45.17 -47.08
CA LYS D 547 -12.54 -44.07 -46.36
C LYS D 547 -13.41 -43.69 -45.17
N ILE D 548 -12.97 -44.07 -43.98
CA ILE D 548 -13.73 -43.89 -42.76
C ILE D 548 -13.04 -42.83 -41.90
N GLU D 549 -13.81 -41.86 -41.42
CA GLU D 549 -13.31 -40.82 -40.52
C GLU D 549 -14.36 -40.63 -39.43
N ILE D 550 -13.99 -40.92 -38.18
CA ILE D 550 -14.96 -40.94 -37.09
C ILE D 550 -14.34 -40.32 -35.84
N ASN D 551 -15.21 -39.81 -34.96
CA ASN D 551 -14.82 -39.21 -33.69
C ASN D 551 -15.55 -39.92 -32.57
N LEU D 552 -14.81 -40.35 -31.56
CA LEU D 552 -15.34 -41.16 -30.47
C LEU D 552 -15.27 -40.39 -29.16
N SER D 553 -16.34 -40.46 -28.37
CA SER D 553 -16.40 -39.76 -27.09
C SER D 553 -16.90 -40.63 -25.94
N THR D 554 -17.60 -41.73 -26.21
CA THR D 554 -18.17 -42.56 -25.17
C THR D 554 -17.80 -44.02 -25.43
N ARG D 555 -17.96 -44.83 -24.39
CA ARG D 555 -17.69 -46.27 -24.52
C ARG D 555 -18.62 -46.91 -25.54
N MET D 556 -19.86 -46.42 -25.61
CA MET D 556 -20.80 -46.93 -26.61
C MET D 556 -20.29 -46.64 -28.02
N ASP D 557 -19.73 -45.45 -28.23
CA ASP D 557 -19.11 -45.13 -29.52
C ASP D 557 -17.98 -46.10 -29.83
N HIS D 558 -17.14 -46.39 -28.83
CA HIS D 558 -16.03 -47.32 -29.04
C HIS D 558 -16.57 -48.69 -29.45
N MET D 559 -17.61 -49.17 -28.77
CA MET D 559 -18.12 -50.51 -29.06
C MET D 559 -18.75 -50.58 -30.44
N VAL D 560 -19.58 -49.59 -30.79
CA VAL D 560 -20.22 -49.63 -32.10
C VAL D 560 -19.19 -49.51 -33.22
N SER D 561 -18.21 -48.62 -33.05
CA SER D 561 -17.16 -48.48 -34.05
C SER D 561 -16.36 -49.76 -34.18
N SER D 562 -16.02 -50.40 -33.06
CA SER D 562 -15.27 -51.65 -33.12
C SER D 562 -16.05 -52.73 -33.85
N PHE D 563 -17.34 -52.85 -33.54
CA PHE D 563 -18.17 -53.84 -34.21
C PHE D 563 -18.20 -53.59 -35.72
N CYS D 564 -18.45 -52.35 -36.12
CA CYS D 564 -18.55 -52.03 -37.55
C CYS D 564 -17.23 -52.27 -38.26
N ILE D 565 -16.12 -51.84 -37.65
CA ILE D 565 -14.81 -52.00 -38.30
C ILE D 565 -14.46 -53.47 -38.40
N GLU D 566 -14.74 -54.26 -37.36
CA GLU D 566 -14.46 -55.68 -37.41
C GLU D 566 -15.27 -56.36 -38.51
N ASN D 567 -16.54 -55.99 -38.65
CA ASN D 567 -17.36 -56.61 -39.68
C ASN D 567 -17.06 -56.07 -41.07
N CYS D 568 -16.31 -54.98 -41.18
CA CYS D 568 -15.97 -54.43 -42.49
C CYS D 568 -14.91 -55.28 -43.18
N HIS D 569 -14.89 -55.22 -44.51
CA HIS D 569 -13.92 -55.96 -45.30
C HIS D 569 -13.31 -55.16 -46.44
N ARG D 570 -13.70 -53.90 -46.63
CA ARG D 570 -13.17 -53.08 -47.71
C ARG D 570 -12.67 -51.73 -47.22
N VAL D 571 -12.20 -51.64 -45.99
CA VAL D 571 -11.69 -50.39 -45.46
C VAL D 571 -10.21 -50.25 -45.81
N GLU D 572 -9.82 -49.05 -46.27
CA GLU D 572 -8.43 -48.77 -46.60
C GLU D 572 -7.84 -47.69 -45.70
N SER D 573 -8.47 -46.53 -45.61
CA SER D 573 -8.03 -45.44 -44.76
C SER D 573 -8.96 -45.35 -43.56
N LEU D 574 -8.41 -45.03 -42.40
CA LEU D 574 -9.18 -44.94 -41.17
C LEU D 574 -8.65 -43.82 -40.31
N SER D 575 -9.49 -42.83 -40.03
CA SER D 575 -9.11 -41.68 -39.22
C SER D 575 -9.94 -41.70 -37.93
N LEU D 576 -9.25 -41.68 -36.79
CA LEU D 576 -9.88 -41.71 -35.49
C LEU D 576 -9.63 -40.40 -34.77
N GLY D 577 -10.67 -39.87 -34.15
CA GLY D 577 -10.52 -38.75 -33.23
C GLY D 577 -10.98 -39.16 -31.85
N PHE D 578 -10.26 -38.75 -30.82
CA PHE D 578 -10.60 -39.08 -29.45
C PHE D 578 -10.89 -37.80 -28.67
N LEU D 579 -11.88 -37.86 -27.79
CA LEU D 579 -12.29 -36.71 -26.98
C LEU D 579 -12.33 -37.14 -25.52
N HIS D 580 -11.82 -36.29 -24.64
CA HIS D 580 -11.75 -36.57 -23.20
C HIS D 580 -11.02 -37.87 -22.91
N THR D 621 -9.31 -43.46 -22.23
CA THR D 621 -8.82 -43.59 -23.60
C THR D 621 -8.31 -45.01 -23.86
N SER D 622 -7.19 -45.36 -23.22
CA SER D 622 -6.56 -46.65 -23.48
C SER D 622 -7.46 -47.82 -23.08
N SER D 623 -8.41 -47.59 -22.16
CA SER D 623 -9.28 -48.67 -21.71
C SER D 623 -10.09 -49.25 -22.86
N PHE D 624 -10.62 -48.39 -23.73
CA PHE D 624 -11.38 -48.87 -24.88
C PHE D 624 -10.53 -48.89 -26.14
N CYS D 625 -9.40 -48.18 -26.12
CA CYS D 625 -8.43 -48.30 -27.20
C CYS D 625 -7.88 -49.72 -27.27
N ARG D 626 -7.70 -50.37 -26.12
CA ARG D 626 -7.26 -51.76 -26.11
C ARG D 626 -8.19 -52.67 -26.90
N GLY D 627 -9.48 -52.34 -26.96
CA GLY D 627 -10.43 -53.13 -27.72
C GLY D 627 -10.54 -52.70 -29.16
N LEU D 628 -10.48 -51.39 -29.42
CA LEU D 628 -10.59 -50.90 -30.79
C LEU D 628 -9.36 -51.27 -31.62
N PHE D 629 -8.17 -51.14 -31.03
CA PHE D 629 -6.96 -51.42 -31.78
C PHE D 629 -6.83 -52.89 -32.12
N SER D 630 -7.39 -53.78 -31.30
CA SER D 630 -7.33 -55.21 -31.61
C SER D 630 -8.06 -55.50 -32.92
N VAL D 631 -9.28 -54.99 -33.07
CA VAL D 631 -10.01 -55.22 -34.30
C VAL D 631 -9.42 -54.42 -35.45
N LEU D 632 -8.72 -53.31 -35.16
CA LEU D 632 -7.95 -52.66 -36.22
C LEU D 632 -6.84 -53.57 -36.74
N SER D 633 -6.14 -54.25 -35.83
CA SER D 633 -5.06 -55.15 -36.23
C SER D 633 -5.59 -56.35 -37.00
N THR D 634 -6.69 -56.94 -36.53
CA THR D 634 -7.20 -58.15 -37.17
C THR D 634 -7.64 -57.89 -38.61
N SER D 635 -7.96 -56.65 -38.94
CA SER D 635 -8.40 -56.33 -40.30
C SER D 635 -7.27 -56.59 -41.30
N GLN D 636 -7.61 -57.24 -42.42
CA GLN D 636 -6.64 -57.57 -43.45
C GLN D 636 -6.73 -56.65 -44.67
N SER D 637 -7.53 -55.58 -44.60
CA SER D 637 -7.67 -54.65 -45.72
C SER D 637 -7.17 -53.25 -45.39
N LEU D 638 -6.97 -52.92 -44.11
CA LEU D 638 -6.55 -51.59 -43.74
C LEU D 638 -5.11 -51.33 -44.16
N THR D 639 -4.87 -50.16 -44.74
CA THR D 639 -3.51 -49.75 -45.12
C THR D 639 -3.05 -48.47 -44.45
N GLU D 640 -3.91 -47.47 -44.29
CA GLU D 640 -3.56 -46.24 -43.61
C GLU D 640 -4.20 -46.21 -42.23
N LEU D 641 -3.63 -45.37 -41.36
CA LEU D 641 -4.16 -45.23 -40.00
C LEU D 641 -3.74 -43.85 -39.50
N ASP D 642 -4.68 -42.91 -39.54
CA ASP D 642 -4.40 -41.52 -39.17
C ASP D 642 -4.88 -41.28 -37.75
N LEU D 643 -3.98 -40.81 -36.89
CA LEU D 643 -4.32 -40.45 -35.52
C LEU D 643 -3.81 -39.06 -35.15
N SER D 644 -3.69 -38.19 -36.15
CA SER D 644 -3.16 -36.86 -35.90
C SER D 644 -4.08 -36.05 -35.00
N ASP D 645 -3.48 -35.15 -34.22
CA ASP D 645 -4.21 -34.20 -33.37
C ASP D 645 -5.03 -34.89 -32.30
N ASN D 646 -4.44 -35.86 -31.61
CA ASN D 646 -5.08 -36.49 -30.46
C ASN D 646 -4.20 -36.34 -29.23
N SER D 647 -4.80 -36.57 -28.06
CA SER D 647 -4.05 -36.72 -26.82
C SER D 647 -3.77 -38.20 -26.55
N LEU D 648 -3.18 -38.86 -27.54
CA LEU D 648 -2.95 -40.29 -27.46
C LEU D 648 -2.03 -40.64 -26.30
N GLY D 649 -0.95 -39.89 -26.13
CA GLY D 649 -0.08 -40.06 -24.99
C GLY D 649 0.79 -41.31 -25.09
N ASP D 650 1.72 -41.40 -24.13
CA ASP D 650 2.64 -42.54 -24.08
C ASP D 650 1.93 -43.87 -23.84
N PRO D 651 1.02 -44.01 -22.86
CA PRO D 651 0.33 -45.30 -22.72
C PRO D 651 -0.48 -45.68 -23.94
N GLY D 652 -1.14 -44.71 -24.58
CA GLY D 652 -1.87 -45.01 -25.80
C GLY D 652 -0.96 -45.46 -26.92
N MET D 653 0.20 -44.82 -27.06
CA MET D 653 1.14 -45.23 -28.09
C MET D 653 1.71 -46.61 -27.78
N ARG D 654 1.89 -46.93 -26.49
CA ARG D 654 2.34 -48.26 -26.12
C ARG D 654 1.30 -49.32 -26.49
N VAL D 655 0.02 -49.05 -26.24
CA VAL D 655 -1.03 -49.98 -26.64
C VAL D 655 -1.06 -50.14 -28.16
N LEU D 656 -0.94 -49.03 -28.88
CA LEU D 656 -0.93 -49.10 -30.34
C LEU D 656 0.27 -49.89 -30.84
N CYS D 657 1.41 -49.76 -30.18
CA CYS D 657 2.60 -50.52 -30.59
C CYS D 657 2.43 -52.01 -30.31
N GLU D 658 1.84 -52.35 -29.16
CA GLU D 658 1.51 -53.76 -28.91
C GLU D 658 0.57 -54.28 -29.99
N THR D 659 -0.34 -53.44 -30.46
CA THR D 659 -1.22 -53.81 -31.56
C THR D 659 -0.43 -54.05 -32.85
N LEU D 660 0.50 -53.16 -33.18
CA LEU D 660 1.17 -53.20 -34.47
C LEU D 660 2.10 -54.40 -34.59
N GLN D 661 2.48 -55.01 -33.48
CA GLN D 661 3.37 -56.17 -33.53
C GLN D 661 2.63 -57.46 -33.86
N HIS D 662 1.31 -57.41 -34.00
CA HIS D 662 0.56 -58.60 -34.37
C HIS D 662 1.00 -59.09 -35.75
N PRO D 663 1.15 -60.40 -35.92
CA PRO D 663 1.57 -60.92 -37.24
C PRO D 663 0.61 -60.57 -38.37
N GLY D 664 -0.69 -60.49 -38.08
CA GLY D 664 -1.68 -60.21 -39.09
C GLY D 664 -1.90 -58.76 -39.42
N CYS D 665 -1.17 -57.85 -38.79
CA CYS D 665 -1.34 -56.43 -39.06
C CYS D 665 -0.92 -56.11 -40.50
N ASN D 666 -1.65 -55.19 -41.12
CA ASN D 666 -1.42 -54.81 -42.51
C ASN D 666 -1.27 -53.31 -42.69
N ILE D 667 -1.13 -52.55 -41.61
CA ILE D 667 -1.03 -51.10 -41.73
C ILE D 667 0.29 -50.74 -42.38
N ARG D 668 0.22 -49.93 -43.44
CA ARG D 668 1.41 -49.53 -44.19
C ARG D 668 1.79 -48.08 -44.01
N ARG D 669 0.85 -47.21 -43.65
CA ARG D 669 1.15 -45.81 -43.36
C ARG D 669 0.53 -45.45 -42.02
N LEU D 670 1.29 -44.72 -41.20
CA LEU D 670 0.85 -44.40 -39.84
C LEU D 670 1.25 -42.95 -39.56
N TRP D 671 0.25 -42.08 -39.45
CA TRP D 671 0.50 -40.67 -39.18
C TRP D 671 0.20 -40.39 -37.71
N LEU D 672 1.13 -39.71 -37.04
CA LEU D 672 1.03 -39.45 -35.61
C LEU D 672 1.40 -38.02 -35.29
N GLY D 673 0.88 -37.07 -36.08
CA GLY D 673 1.19 -35.67 -35.84
C GLY D 673 0.50 -35.15 -34.59
N ARG D 674 1.28 -34.49 -33.72
CA ARG D 674 0.75 -33.78 -32.55
C ARG D 674 -0.07 -34.72 -31.66
N CYS D 675 0.42 -35.93 -31.47
CA CYS D 675 -0.22 -36.88 -30.56
C CYS D 675 0.25 -36.73 -29.12
N GLY D 676 0.92 -35.63 -28.78
CA GLY D 676 1.41 -35.45 -27.44
C GLY D 676 2.47 -36.45 -27.04
N LEU D 677 3.11 -37.12 -27.99
CA LEU D 677 4.09 -38.14 -27.69
C LEU D 677 5.36 -37.52 -27.13
N SER D 678 6.14 -38.35 -26.43
CA SER D 678 7.43 -37.94 -25.88
C SER D 678 8.47 -38.99 -26.22
N HIS D 679 9.66 -38.87 -25.63
CA HIS D 679 10.72 -39.83 -25.92
C HIS D 679 10.37 -41.23 -25.44
N GLU D 680 9.38 -41.35 -24.56
CA GLU D 680 9.03 -42.67 -24.00
C GLU D 680 8.39 -43.56 -25.06
N CYS D 681 7.62 -42.97 -25.98
CA CYS D 681 6.96 -43.77 -27.01
C CYS D 681 7.94 -44.25 -28.07
N CYS D 682 9.10 -43.59 -28.18
CA CYS D 682 10.08 -43.96 -29.19
C CYS D 682 10.64 -45.36 -28.98
N PHE D 683 10.73 -45.82 -27.73
CA PHE D 683 11.16 -47.18 -27.46
C PHE D 683 10.21 -48.18 -28.11
N ASP D 684 8.91 -47.99 -27.89
CA ASP D 684 7.92 -48.90 -28.46
C ASP D 684 7.87 -48.79 -29.98
N ILE D 685 8.03 -47.57 -30.51
CA ILE D 685 8.04 -47.40 -31.95
C ILE D 685 9.25 -48.10 -32.57
N SER D 686 10.39 -48.06 -31.88
CA SER D 686 11.57 -48.78 -32.35
C SER D 686 11.34 -50.28 -32.31
N LEU D 687 10.66 -50.77 -31.27
CA LEU D 687 10.30 -52.19 -31.23
C LEU D 687 9.44 -52.57 -32.42
N VAL D 688 8.45 -51.73 -32.74
CA VAL D 688 7.58 -51.99 -33.88
C VAL D 688 8.40 -52.01 -35.16
N LEU D 689 9.26 -51.02 -35.35
CA LEU D 689 10.08 -50.94 -36.56
C LEU D 689 11.01 -52.13 -36.70
N SER D 690 11.49 -52.68 -35.60
CA SER D 690 12.32 -53.88 -35.63
C SER D 690 11.49 -55.16 -35.74
N SER D 691 10.17 -55.08 -35.54
CA SER D 691 9.33 -56.28 -35.62
C SER D 691 8.40 -56.24 -36.81
N ASN D 692 7.78 -55.08 -37.08
CA ASN D 692 6.80 -54.94 -38.16
C ASN D 692 7.54 -54.66 -39.47
N GLN D 693 7.44 -55.59 -40.41
CA GLN D 693 8.13 -55.48 -41.69
C GLN D 693 7.28 -54.84 -42.77
N LYS D 694 6.00 -54.58 -42.50
CA LYS D 694 5.11 -54.01 -43.51
C LYS D 694 4.98 -52.49 -43.43
N LEU D 695 5.33 -51.89 -42.30
CA LEU D 695 5.24 -50.44 -42.17
C LEU D 695 6.15 -49.77 -43.19
N VAL D 696 5.61 -48.78 -43.90
CA VAL D 696 6.32 -48.13 -45.00
C VAL D 696 6.52 -46.64 -44.73
N GLU D 697 5.50 -45.95 -44.24
CA GLU D 697 5.61 -44.53 -43.93
C GLU D 697 5.27 -44.30 -42.46
N LEU D 698 5.81 -43.22 -41.91
CA LEU D 698 5.61 -42.89 -40.50
C LEU D 698 5.80 -41.40 -40.33
N ASP D 699 4.88 -40.76 -39.61
CA ASP D 699 4.91 -39.33 -39.37
C ASP D 699 4.87 -39.09 -37.87
N LEU D 700 5.78 -38.25 -37.38
CA LEU D 700 5.84 -37.92 -35.97
C LEU D 700 6.00 -36.41 -35.77
N SER D 701 5.35 -35.62 -36.62
CA SER D 701 5.50 -34.17 -36.56
C SER D 701 4.88 -33.62 -35.28
N ASP D 702 5.48 -32.54 -34.79
CA ASP D 702 4.94 -31.77 -33.65
C ASP D 702 4.83 -32.63 -32.40
N ASN D 703 5.78 -33.53 -32.20
CA ASN D 703 5.90 -34.29 -30.96
C ASN D 703 7.28 -34.03 -30.36
N ALA D 704 7.32 -33.81 -29.05
CA ALA D 704 8.58 -33.47 -28.37
C ALA D 704 9.40 -34.74 -28.11
N LEU D 705 9.82 -35.37 -29.21
CA LEU D 705 10.65 -36.56 -29.09
C LEU D 705 12.01 -36.23 -28.49
N GLY D 706 12.69 -35.23 -29.04
CA GLY D 706 13.97 -34.81 -28.53
C GLY D 706 15.13 -35.66 -29.04
N ASP D 707 16.33 -35.26 -28.62
CA ASP D 707 17.54 -35.97 -29.01
C ASP D 707 17.53 -37.40 -28.52
N PHE D 708 17.11 -37.61 -27.27
CA PHE D 708 17.04 -38.97 -26.74
C PHE D 708 15.98 -39.78 -27.47
N GLY D 709 14.86 -39.16 -27.82
CA GLY D 709 13.86 -39.84 -28.61
C GLY D 709 14.39 -40.31 -29.95
N ILE D 710 15.15 -39.45 -30.63
CA ILE D 710 15.74 -39.85 -31.91
C ILE D 710 16.78 -40.94 -31.70
N ARG D 711 17.53 -40.86 -30.60
CA ARG D 711 18.51 -41.90 -30.32
C ARG D 711 17.84 -43.26 -30.12
N LEU D 712 16.70 -43.27 -29.42
CA LEU D 712 15.95 -44.52 -29.26
C LEU D 712 15.37 -44.99 -30.59
N LEU D 713 14.87 -44.06 -31.41
CA LEU D 713 14.26 -44.44 -32.68
C LEU D 713 15.27 -45.04 -33.64
N CYS D 714 16.49 -44.49 -33.67
CA CYS D 714 17.49 -44.95 -34.62
C CYS D 714 17.93 -46.38 -34.35
N VAL D 715 17.64 -46.92 -33.17
CA VAL D 715 17.91 -48.34 -32.92
C VAL D 715 17.03 -49.21 -33.79
N GLY D 716 15.72 -48.92 -33.81
CA GLY D 716 14.83 -49.63 -34.70
C GLY D 716 15.08 -49.27 -36.16
N LEU D 717 15.41 -48.02 -36.43
CA LEU D 717 15.62 -47.59 -37.81
C LEU D 717 16.80 -48.30 -38.46
N LYS D 718 17.79 -48.70 -37.68
CA LYS D 718 18.97 -49.37 -38.21
C LYS D 718 18.83 -50.88 -38.25
N HIS D 719 17.67 -51.41 -37.88
CA HIS D 719 17.48 -52.85 -37.88
C HIS D 719 17.40 -53.38 -39.31
N LEU D 720 17.66 -54.67 -39.46
CA LEU D 720 17.63 -55.31 -40.77
C LEU D 720 16.21 -55.51 -41.29
N LEU D 721 15.22 -55.59 -40.41
CA LEU D 721 13.83 -55.81 -40.81
C LEU D 721 13.05 -54.52 -40.97
N CYS D 722 13.70 -53.36 -40.86
CA CYS D 722 13.02 -52.09 -40.99
C CYS D 722 12.88 -51.74 -42.47
N ASN D 723 11.64 -51.73 -42.97
CA ASN D 723 11.36 -51.39 -44.35
C ASN D 723 10.84 -49.97 -44.51
N LEU D 724 10.95 -49.15 -43.47
CA LEU D 724 10.42 -47.80 -43.52
C LEU D 724 11.09 -47.01 -44.63
N LYS D 725 10.28 -46.26 -45.39
CA LYS D 725 10.77 -45.48 -46.51
C LYS D 725 10.71 -43.98 -46.28
N LYS D 726 9.59 -43.47 -45.78
CA LYS D 726 9.41 -42.04 -45.54
C LYS D 726 9.28 -41.79 -44.05
N LEU D 727 9.91 -40.71 -43.58
CA LEU D 727 9.88 -40.37 -42.16
C LEU D 727 9.75 -38.86 -42.03
N TRP D 728 8.79 -38.42 -41.22
CA TRP D 728 8.59 -37.00 -40.93
C TRP D 728 8.99 -36.73 -39.49
N LEU D 729 9.80 -35.70 -39.29
CA LEU D 729 10.22 -35.29 -37.95
C LEU D 729 10.13 -33.78 -37.80
N VAL D 730 9.11 -33.17 -38.40
CA VAL D 730 8.98 -31.72 -38.39
C VAL D 730 8.63 -31.24 -36.99
N SER D 731 9.40 -30.28 -36.50
CA SER D 731 9.13 -29.63 -35.21
C SER D 731 9.11 -30.65 -34.07
N CYS D 732 10.13 -31.49 -34.02
CA CYS D 732 10.26 -32.49 -32.96
C CYS D 732 11.19 -32.04 -31.84
N CYS D 733 11.46 -30.74 -31.75
CA CYS D 733 12.34 -30.18 -30.72
C CYS D 733 13.73 -30.84 -30.75
N LEU D 734 14.24 -31.09 -31.95
CA LEU D 734 15.55 -31.67 -32.10
C LEU D 734 16.63 -30.59 -32.07
N THR D 735 17.87 -31.02 -31.89
CA THR D 735 19.03 -30.13 -31.93
C THR D 735 20.13 -30.78 -32.77
N SER D 736 21.33 -30.21 -32.72
CA SER D 736 22.45 -30.79 -33.46
C SER D 736 22.98 -32.07 -32.83
N ALA D 737 22.62 -32.34 -31.57
CA ALA D 737 23.09 -33.55 -30.91
C ALA D 737 22.56 -34.80 -31.59
N CYS D 738 21.27 -34.80 -31.94
CA CYS D 738 20.67 -35.98 -32.57
C CYS D 738 21.16 -36.19 -34.00
N CYS D 739 21.79 -35.18 -34.61
CA CYS D 739 22.22 -35.29 -36.01
C CYS D 739 23.27 -36.37 -36.18
N GLN D 740 24.04 -36.67 -35.13
CA GLN D 740 25.01 -37.76 -35.22
C GLN D 740 24.33 -39.11 -35.40
N ASP D 741 23.10 -39.25 -34.90
CA ASP D 741 22.39 -40.53 -34.99
C ASP D 741 21.68 -40.67 -36.34
N LEU D 742 20.94 -39.64 -36.74
CA LEU D 742 20.22 -39.69 -38.02
C LEU D 742 21.16 -40.00 -39.17
N ALA D 743 22.36 -39.40 -39.17
CA ALA D 743 23.33 -39.67 -40.22
C ALA D 743 23.68 -41.15 -40.25
N SER D 744 23.85 -41.77 -39.08
CA SER D 744 24.14 -43.20 -39.03
C SER D 744 23.03 -44.02 -39.66
N VAL D 745 21.79 -43.51 -39.64
CA VAL D 745 20.70 -44.18 -40.34
C VAL D 745 20.89 -44.06 -41.85
N LEU D 746 21.30 -42.89 -42.33
CA LEU D 746 21.38 -42.64 -43.76
C LEU D 746 22.40 -43.55 -44.43
N SER D 747 23.53 -43.78 -43.77
CA SER D 747 24.57 -44.66 -44.32
C SER D 747 24.25 -46.13 -44.13
N THR D 748 23.25 -46.47 -43.32
CA THR D 748 22.93 -47.85 -43.01
C THR D 748 21.58 -48.30 -43.54
N SER D 749 20.55 -47.46 -43.41
CA SER D 749 19.20 -47.85 -43.82
C SER D 749 19.15 -48.05 -45.33
N HIS D 750 18.84 -49.28 -45.74
CA HIS D 750 18.75 -49.63 -47.15
C HIS D 750 17.45 -49.19 -47.80
N SER D 751 16.48 -48.70 -47.02
CA SER D 751 15.16 -48.38 -47.53
C SER D 751 14.73 -46.93 -47.31
N LEU D 752 15.22 -46.27 -46.27
CA LEU D 752 14.83 -44.89 -46.00
C LEU D 752 15.27 -43.97 -47.12
N THR D 753 14.32 -43.45 -47.89
CA THR D 753 14.61 -42.57 -49.02
C THR D 753 14.24 -41.12 -48.78
N ARG D 754 13.15 -40.84 -48.10
CA ARG D 754 12.63 -39.48 -47.94
C ARG D 754 12.61 -39.12 -46.46
N LEU D 755 13.44 -38.16 -46.07
CA LEU D 755 13.56 -37.73 -44.69
C LEU D 755 13.24 -36.25 -44.59
N TYR D 756 12.34 -35.89 -43.67
CA TYR D 756 11.93 -34.50 -43.45
C TYR D 756 12.24 -34.14 -42.00
N VAL D 757 13.23 -33.28 -41.81
CA VAL D 757 13.66 -32.88 -40.47
C VAL D 757 13.58 -31.37 -40.31
N GLY D 758 12.66 -30.74 -41.01
CA GLY D 758 12.54 -29.30 -40.96
C GLY D 758 12.03 -28.80 -39.62
N GLU D 759 12.06 -27.47 -39.48
CA GLU D 759 11.52 -26.78 -38.30
C GLU D 759 12.23 -27.18 -37.01
N ASN D 760 13.44 -27.70 -37.13
CA ASN D 760 14.26 -28.08 -35.98
C ASN D 760 15.52 -27.24 -35.96
N ALA D 761 16.01 -26.96 -34.76
CA ALA D 761 17.23 -26.17 -34.60
C ALA D 761 18.47 -27.03 -34.83
N LEU D 762 18.51 -27.64 -36.01
CA LEU D 762 19.64 -28.50 -36.37
C LEU D 762 20.93 -27.69 -36.47
N GLY D 763 20.88 -26.57 -37.19
CA GLY D 763 22.04 -25.71 -37.33
C GLY D 763 22.99 -26.16 -38.41
N ASP D 764 23.97 -25.30 -38.67
CA ASP D 764 24.97 -25.57 -39.71
C ASP D 764 25.79 -26.81 -39.37
N SER D 765 26.17 -26.96 -38.10
CA SER D 765 26.94 -28.13 -37.69
C SER D 765 26.13 -29.41 -37.88
N GLY D 766 24.85 -29.39 -37.50
CA GLY D 766 24.02 -30.56 -37.70
C GLY D 766 23.83 -30.92 -39.16
N VAL D 767 23.62 -29.91 -40.01
CA VAL D 767 23.47 -30.17 -41.43
C VAL D 767 24.77 -30.69 -42.01
N ALA D 768 25.91 -30.21 -41.53
CA ALA D 768 27.19 -30.74 -41.97
C ALA D 768 27.33 -32.21 -41.56
N ILE D 769 26.87 -32.55 -40.35
CA ILE D 769 26.95 -33.94 -39.89
C ILE D 769 26.08 -34.83 -40.77
N LEU D 770 24.87 -34.37 -41.11
CA LEU D 770 24.03 -35.14 -42.03
C LEU D 770 24.69 -35.29 -43.39
N CYS D 771 25.26 -34.19 -43.92
CA CYS D 771 25.78 -34.22 -45.28
C CYS D 771 27.04 -35.08 -45.40
N GLU D 772 27.89 -35.10 -44.38
CA GLU D 772 29.13 -35.87 -44.48
C GLU D 772 28.84 -37.36 -44.61
N LYS D 773 27.64 -37.79 -44.21
CA LYS D 773 27.20 -39.15 -44.48
C LYS D 773 26.33 -39.23 -45.72
N ALA D 774 25.65 -38.15 -46.08
CA ALA D 774 24.80 -38.17 -47.28
C ALA D 774 25.61 -38.08 -48.58
N LYS D 775 26.89 -37.71 -48.50
CA LYS D 775 27.71 -37.65 -49.70
C LYS D 775 27.98 -39.04 -50.27
N ASN D 776 27.76 -40.10 -49.50
CA ASN D 776 28.07 -41.45 -49.96
C ASN D 776 27.24 -41.78 -51.20
N PRO D 777 27.88 -42.23 -52.29
CA PRO D 777 27.11 -42.55 -53.50
C PRO D 777 26.06 -43.64 -53.29
N GLN D 778 26.28 -44.57 -52.37
CA GLN D 778 25.32 -45.65 -52.14
C GLN D 778 24.14 -45.22 -51.29
N CYS D 779 24.14 -44.00 -50.75
CA CYS D 779 23.01 -43.51 -49.99
C CYS D 779 21.77 -43.44 -50.86
N ASN D 780 20.65 -43.94 -50.33
CA ASN D 780 19.40 -44.01 -51.08
C ASN D 780 18.49 -42.81 -50.85
N LEU D 781 18.96 -41.80 -50.12
CA LEU D 781 18.13 -40.63 -49.84
C LEU D 781 17.77 -39.92 -51.14
N GLN D 782 16.48 -39.61 -51.29
CA GLN D 782 15.97 -38.93 -52.47
C GLN D 782 15.45 -37.53 -52.17
N LYS D 783 14.53 -37.40 -51.21
CA LYS D 783 13.98 -36.12 -50.82
C LYS D 783 14.46 -35.77 -49.42
N LEU D 784 15.00 -34.57 -49.27
CA LEU D 784 15.47 -34.09 -47.98
C LEU D 784 14.82 -32.75 -47.68
N GLY D 785 14.24 -32.63 -46.48
CA GLY D 785 13.58 -31.40 -46.07
C GLY D 785 14.34 -30.74 -44.93
N LEU D 786 14.62 -29.46 -45.10
CA LEU D 786 15.30 -28.66 -44.09
C LEU D 786 14.62 -27.32 -43.91
N VAL D 787 13.30 -27.29 -44.08
CA VAL D 787 12.55 -26.04 -43.99
C VAL D 787 12.70 -25.44 -42.60
N ASN D 788 13.07 -24.16 -42.56
CA ASN D 788 13.13 -23.39 -41.31
C ASN D 788 14.03 -24.08 -40.29
N SER D 789 15.13 -24.65 -40.76
CA SER D 789 16.04 -25.40 -39.91
C SER D 789 17.16 -24.52 -39.34
N GLY D 790 16.98 -23.20 -39.35
CA GLY D 790 17.97 -22.31 -38.77
C GLY D 790 19.33 -22.39 -39.42
N LEU D 791 19.38 -22.34 -40.74
CA LEU D 791 20.62 -22.53 -41.48
C LEU D 791 21.17 -21.20 -41.99
N THR D 792 22.49 -21.15 -42.12
CA THR D 792 23.20 -20.04 -42.74
C THR D 792 23.95 -20.56 -43.97
N SER D 793 24.73 -19.69 -44.59
CA SER D 793 25.49 -20.08 -45.77
C SER D 793 26.63 -21.04 -45.45
N VAL D 794 27.05 -21.12 -44.19
CA VAL D 794 28.23 -21.91 -43.83
C VAL D 794 28.03 -23.37 -44.22
N CYS D 795 26.86 -23.92 -43.92
CA CYS D 795 26.57 -25.30 -44.26
C CYS D 795 26.32 -25.51 -45.75
N CYS D 796 26.05 -24.44 -46.50
CA CYS D 796 25.64 -24.59 -47.89
C CYS D 796 26.68 -25.34 -48.71
N SER D 797 27.96 -24.99 -48.53
CA SER D 797 29.03 -25.70 -49.23
C SER D 797 28.92 -27.20 -49.00
N ALA D 798 28.69 -27.61 -47.75
CA ALA D 798 28.52 -29.03 -47.46
C ALA D 798 27.38 -29.62 -48.28
N LEU D 799 26.23 -28.93 -48.30
CA LEU D 799 25.12 -29.39 -49.13
C LEU D 799 25.57 -29.51 -50.58
N SER D 800 26.33 -28.53 -51.07
CA SER D 800 26.83 -28.58 -52.43
C SER D 800 27.56 -29.89 -52.69
N SER D 801 28.38 -30.34 -51.73
CA SER D 801 29.11 -31.58 -51.92
C SER D 801 28.16 -32.75 -52.16
N VAL D 802 27.09 -32.82 -51.38
CA VAL D 802 26.09 -33.86 -51.60
C VAL D 802 25.52 -33.75 -53.01
N LEU D 803 25.20 -32.53 -53.44
CA LEU D 803 24.66 -32.33 -54.78
C LEU D 803 25.64 -32.79 -55.84
N SER D 804 26.94 -32.74 -55.54
CA SER D 804 27.92 -33.19 -56.51
C SER D 804 28.11 -34.71 -56.48
N THR D 805 27.82 -35.34 -55.34
CA THR D 805 28.15 -36.75 -55.15
C THR D 805 26.95 -37.68 -55.16
N ASN D 806 25.86 -37.30 -54.51
CA ASN D 806 24.70 -38.18 -54.41
C ASN D 806 23.89 -38.12 -55.70
N GLN D 807 23.82 -39.25 -56.40
CA GLN D 807 23.04 -39.33 -57.63
C GLN D 807 21.55 -39.54 -57.39
N ASN D 808 21.14 -39.77 -56.14
CA ASN D 808 19.76 -40.09 -55.83
C ASN D 808 18.95 -38.91 -55.34
N LEU D 809 19.59 -37.87 -54.82
CA LEU D 809 18.87 -36.71 -54.29
C LEU D 809 18.18 -35.98 -55.43
N THR D 810 16.85 -36.07 -55.49
CA THR D 810 16.08 -35.40 -56.52
C THR D 810 15.36 -34.16 -56.02
N HIS D 811 15.05 -34.09 -54.73
CA HIS D 811 14.35 -32.94 -54.16
C HIS D 811 15.15 -32.40 -52.98
N LEU D 812 14.95 -31.12 -52.70
CA LEU D 812 15.62 -30.48 -51.57
C LEU D 812 14.87 -29.21 -51.23
N TYR D 813 14.30 -29.15 -50.03
CA TYR D 813 13.53 -28.01 -49.57
C TYR D 813 14.35 -27.22 -48.55
N LEU D 814 14.55 -25.93 -48.82
CA LEU D 814 15.35 -25.07 -47.95
C LEU D 814 14.60 -23.81 -47.56
N ARG D 815 13.27 -23.84 -47.62
CA ARG D 815 12.46 -22.67 -47.32
C ARG D 815 12.71 -22.18 -45.89
N GLY D 816 12.80 -20.87 -45.73
CA GLY D 816 12.92 -20.27 -44.41
C GLY D 816 14.33 -20.17 -43.86
N ASN D 817 15.33 -20.67 -44.57
CA ASN D 817 16.71 -20.61 -44.11
C ASN D 817 17.42 -19.42 -44.74
N THR D 818 18.05 -18.59 -43.90
CA THR D 818 18.72 -17.37 -44.37
C THR D 818 20.07 -17.75 -44.99
N LEU D 819 19.99 -18.37 -46.16
CA LEU D 819 21.20 -18.78 -46.86
C LEU D 819 21.97 -17.57 -47.39
N GLY D 820 21.28 -16.65 -48.05
CA GLY D 820 21.91 -15.48 -48.61
C GLY D 820 22.47 -15.73 -50.01
N ASP D 821 22.93 -14.63 -50.63
CA ASP D 821 23.45 -14.72 -51.99
C ASP D 821 24.72 -15.58 -52.04
N LYS D 822 25.58 -15.46 -51.02
CA LYS D 822 26.77 -16.30 -50.97
C LYS D 822 26.41 -17.77 -50.83
N GLY D 823 25.39 -18.08 -50.02
CA GLY D 823 24.93 -19.44 -49.92
C GLY D 823 24.36 -19.97 -51.23
N ILE D 824 23.61 -19.13 -51.95
CA ILE D 824 23.08 -19.53 -53.25
C ILE D 824 24.20 -19.79 -54.23
N LYS D 825 25.24 -18.95 -54.21
CA LYS D 825 26.39 -19.18 -55.08
C LYS D 825 27.08 -20.48 -54.74
N LEU D 826 27.26 -20.76 -53.45
CA LEU D 826 27.89 -22.01 -53.03
C LEU D 826 27.07 -23.21 -53.47
N LEU D 827 25.74 -23.12 -53.36
CA LEU D 827 24.88 -24.20 -53.83
C LEU D 827 24.99 -24.38 -55.34
N CYS D 828 24.88 -23.27 -56.08
CA CYS D 828 24.96 -23.34 -57.54
C CYS D 828 26.30 -23.87 -58.00
N GLU D 829 27.34 -23.75 -57.19
CA GLU D 829 28.58 -24.46 -57.45
C GLU D 829 28.33 -25.96 -57.55
N GLY D 830 27.33 -26.46 -56.83
CA GLY D 830 27.02 -27.87 -56.83
C GLY D 830 25.93 -28.29 -57.80
N LEU D 831 24.87 -27.49 -57.92
CA LEU D 831 23.81 -27.83 -58.88
C LEU D 831 24.31 -27.81 -60.31
N LEU D 832 25.33 -27.01 -60.61
CA LEU D 832 25.89 -26.95 -61.96
C LEU D 832 26.81 -28.12 -62.26
N HIS D 833 27.09 -28.97 -61.29
CA HIS D 833 27.92 -30.14 -61.54
C HIS D 833 27.24 -31.06 -62.54
N PRO D 834 28.00 -31.70 -63.44
CA PRO D 834 27.36 -32.60 -64.42
C PRO D 834 26.61 -33.76 -63.79
N ASP D 835 27.07 -34.27 -62.65
CA ASP D 835 26.48 -35.44 -62.03
C ASP D 835 25.27 -35.13 -61.16
N CYS D 836 24.98 -33.85 -60.92
CA CYS D 836 23.84 -33.50 -60.09
C CYS D 836 22.54 -33.88 -60.79
N LYS D 837 21.64 -34.53 -60.04
CA LYS D 837 20.36 -34.99 -60.58
C LYS D 837 19.16 -34.38 -59.86
N LEU D 838 19.33 -33.24 -59.20
CA LEU D 838 18.21 -32.62 -58.51
C LEU D 838 17.14 -32.21 -59.51
N GLN D 839 15.88 -32.33 -59.08
CA GLN D 839 14.74 -31.99 -59.92
C GLN D 839 13.86 -30.90 -59.34
N VAL D 840 13.73 -30.81 -58.02
CA VAL D 840 12.91 -29.78 -57.38
C VAL D 840 13.74 -29.13 -56.29
N LEU D 841 13.74 -27.79 -56.28
CA LEU D 841 14.46 -27.03 -55.27
C LEU D 841 13.57 -25.88 -54.81
N GLU D 842 13.45 -25.71 -53.49
CA GLU D 842 12.69 -24.62 -52.92
C GLU D 842 13.63 -23.69 -52.18
N LEU D 843 13.42 -22.37 -52.35
CA LEU D 843 14.26 -21.37 -51.70
C LEU D 843 13.42 -20.21 -51.18
N ASP D 844 12.15 -20.45 -50.87
CA ASP D 844 11.29 -19.39 -50.39
C ASP D 844 11.81 -18.81 -49.08
N ASN D 845 11.68 -17.50 -48.94
CA ASN D 845 12.02 -16.79 -47.72
C ASN D 845 13.45 -17.07 -47.28
N CYS D 846 14.34 -17.25 -48.26
CA CYS D 846 15.74 -17.52 -48.00
C CYS D 846 16.58 -16.25 -47.85
N ASN D 847 15.93 -15.09 -47.79
CA ASN D 847 16.63 -13.80 -47.69
C ASN D 847 17.59 -13.61 -48.87
N LEU D 848 17.00 -13.53 -50.06
CA LEU D 848 17.74 -13.42 -51.30
C LEU D 848 17.44 -12.08 -51.96
N THR D 849 18.50 -11.35 -52.30
CA THR D 849 18.38 -10.05 -52.95
C THR D 849 18.65 -10.18 -54.44
N SER D 850 18.72 -9.04 -55.13
CA SER D 850 18.96 -9.04 -56.56
C SER D 850 20.35 -9.52 -56.94
N HIS D 851 21.31 -9.44 -56.00
CA HIS D 851 22.69 -9.77 -56.32
C HIS D 851 22.83 -11.20 -56.84
N CYS D 852 22.07 -12.13 -56.27
CA CYS D 852 22.15 -13.53 -56.67
C CYS D 852 21.37 -13.83 -57.95
N CYS D 853 20.58 -12.88 -58.45
CA CYS D 853 19.71 -13.17 -59.60
C CYS D 853 20.50 -13.63 -60.81
N TRP D 854 21.75 -13.20 -60.95
CA TRP D 854 22.58 -13.67 -62.05
C TRP D 854 22.92 -15.14 -61.88
N ASP D 855 23.31 -15.54 -60.67
CA ASP D 855 23.75 -16.91 -60.42
C ASP D 855 22.69 -17.91 -60.85
N LEU D 856 21.46 -17.74 -60.36
CA LEU D 856 20.38 -18.65 -60.73
C LEU D 856 20.16 -18.65 -62.23
N SER D 857 20.35 -17.50 -62.88
CA SER D 857 20.24 -17.45 -64.33
C SER D 857 21.25 -18.38 -64.98
N THR D 858 22.50 -18.36 -64.48
CA THR D 858 23.50 -19.30 -64.97
C THR D 858 23.05 -20.73 -64.75
N LEU D 859 22.30 -20.98 -63.68
CA LEU D 859 21.74 -22.30 -63.45
C LEU D 859 20.75 -22.67 -64.54
N LEU D 860 19.88 -21.72 -64.91
CA LEU D 860 18.75 -22.06 -65.78
C LEU D 860 19.21 -22.56 -67.14
N THR D 861 20.25 -21.92 -67.70
CA THR D 861 20.75 -22.35 -69.01
C THR D 861 21.57 -23.64 -68.91
N SER D 862 22.06 -23.97 -67.73
CA SER D 862 23.02 -25.06 -67.60
C SER D 862 22.47 -26.32 -66.92
N SER D 863 21.51 -26.18 -66.01
CA SER D 863 20.98 -27.34 -65.31
C SER D 863 20.12 -28.17 -66.25
N GLN D 864 20.57 -29.37 -66.57
CA GLN D 864 19.88 -30.27 -67.48
C GLN D 864 18.89 -31.19 -66.78
N SER D 865 18.80 -31.13 -65.45
CA SER D 865 17.95 -32.02 -64.68
C SER D 865 16.87 -31.30 -63.89
N LEU D 866 17.11 -30.08 -63.43
CA LEU D 866 16.14 -29.36 -62.62
C LEU D 866 14.85 -29.15 -63.40
N ARG D 867 13.72 -29.28 -62.70
CA ARG D 867 12.41 -29.14 -63.34
C ARG D 867 11.55 -28.12 -62.61
N LYS D 868 11.76 -27.97 -61.30
CA LYS D 868 10.96 -27.06 -60.49
C LYS D 868 11.88 -26.21 -59.63
N LEU D 869 11.44 -24.98 -59.36
CA LEU D 869 12.21 -24.06 -58.55
C LEU D 869 11.26 -23.01 -57.99
N SER D 870 11.23 -22.86 -56.68
CA SER D 870 10.36 -21.91 -56.00
C SER D 870 11.20 -20.81 -55.35
N LEU D 871 10.81 -19.55 -55.56
CA LEU D 871 11.62 -18.44 -55.09
C LEU D 871 10.79 -17.31 -54.46
N GLY D 872 9.63 -17.63 -53.90
CA GLY D 872 8.80 -16.60 -53.29
C GLY D 872 9.44 -16.00 -52.04
N ASN D 873 8.74 -15.02 -51.50
CA ASN D 873 9.15 -14.34 -50.26
C ASN D 873 10.57 -13.80 -50.35
N ASN D 874 10.89 -13.15 -51.47
CA ASN D 874 12.21 -12.56 -51.67
C ASN D 874 12.07 -11.17 -52.27
N ASP D 875 13.07 -10.33 -52.03
CA ASP D 875 13.19 -9.05 -52.72
C ASP D 875 14.17 -9.19 -53.88
N LEU D 876 13.77 -10.00 -54.87
CA LEU D 876 14.64 -10.29 -56.00
C LEU D 876 14.81 -9.08 -56.91
N GLY D 877 13.81 -8.22 -57.00
CA GLY D 877 13.95 -7.03 -57.83
C GLY D 877 13.46 -7.25 -59.25
N ASP D 878 13.11 -6.14 -59.89
CA ASP D 878 12.54 -6.21 -61.25
C ASP D 878 13.60 -6.58 -62.28
N LEU D 879 14.84 -6.13 -62.07
CA LEU D 879 15.92 -6.49 -62.98
C LEU D 879 16.19 -8.00 -62.94
N GLY D 880 16.05 -8.60 -61.75
CA GLY D 880 16.24 -10.03 -61.65
C GLY D 880 15.21 -10.83 -62.43
N VAL D 881 13.93 -10.43 -62.33
CA VAL D 881 12.90 -11.15 -63.08
C VAL D 881 13.03 -10.87 -64.57
N MET D 882 13.50 -9.67 -64.95
CA MET D 882 13.82 -9.42 -66.35
C MET D 882 14.91 -10.34 -66.85
N MET D 883 15.97 -10.53 -66.06
CA MET D 883 17.04 -11.45 -66.47
C MET D 883 16.50 -12.87 -66.58
N PHE D 884 15.67 -13.28 -65.62
CA PHE D 884 15.09 -14.62 -65.68
C PHE D 884 14.23 -14.81 -66.93
N CYS D 885 13.40 -13.82 -67.26
CA CYS D 885 12.55 -13.92 -68.44
C CYS D 885 13.37 -13.94 -69.71
N GLU D 886 14.45 -13.13 -69.76
CA GLU D 886 15.33 -13.16 -70.92
C GLU D 886 15.99 -14.52 -71.08
N VAL D 887 16.37 -15.15 -69.96
CA VAL D 887 16.97 -16.48 -70.03
C VAL D 887 15.94 -17.51 -70.47
N LEU D 888 14.70 -17.39 -69.99
CA LEU D 888 13.73 -18.46 -70.16
C LEU D 888 13.19 -18.55 -71.59
N LYS D 889 13.23 -17.45 -72.33
CA LYS D 889 12.68 -17.48 -73.69
C LYS D 889 13.50 -18.34 -74.63
N GLN D 890 14.70 -18.75 -74.23
CA GLN D 890 15.47 -19.69 -75.01
C GLN D 890 14.84 -21.08 -74.96
N GLN D 891 15.13 -21.88 -75.98
CA GLN D 891 14.59 -23.24 -76.03
C GLN D 891 15.42 -24.22 -75.20
N SER D 892 16.63 -23.83 -74.78
CA SER D 892 17.49 -24.71 -74.02
C SER D 892 17.04 -24.91 -72.58
N CYS D 893 16.04 -24.18 -72.12
CA CYS D 893 15.59 -24.29 -70.73
C CYS D 893 14.66 -25.49 -70.60
N LEU D 894 15.03 -26.44 -69.75
CA LEU D 894 14.20 -27.60 -69.45
C LEU D 894 13.32 -27.39 -68.22
N LEU D 895 13.42 -26.23 -67.58
CA LEU D 895 12.61 -25.95 -66.41
C LEU D 895 11.13 -25.88 -66.78
N GLN D 896 10.27 -26.21 -65.81
CA GLN D 896 8.83 -26.20 -66.04
C GLN D 896 8.03 -25.38 -65.03
N ASN D 897 8.63 -24.93 -63.94
CA ASN D 897 7.88 -24.17 -62.93
C ASN D 897 8.82 -23.20 -62.22
N LEU D 898 8.32 -21.98 -61.99
CA LEU D 898 8.95 -21.03 -61.09
C LEU D 898 7.90 -20.46 -60.16
N GLY D 899 8.21 -20.47 -58.86
CA GLY D 899 7.32 -19.90 -57.87
C GLY D 899 7.75 -18.52 -57.45
N LEU D 900 7.11 -17.50 -58.01
CA LEU D 900 7.39 -16.11 -57.68
C LEU D 900 6.24 -15.47 -56.92
N SER D 901 5.39 -16.28 -56.29
CA SER D 901 4.26 -15.75 -55.54
C SER D 901 4.74 -14.97 -54.32
N GLU D 902 3.88 -14.07 -53.86
CA GLU D 902 4.15 -13.17 -52.74
C GLU D 902 5.30 -12.22 -53.04
N MET D 903 5.78 -12.21 -54.29
CA MET D 903 6.79 -11.28 -54.75
C MET D 903 6.10 -10.23 -55.63
N TYR D 904 6.28 -8.97 -55.28
CA TYR D 904 5.46 -7.88 -55.82
C TYR D 904 6.25 -7.14 -56.89
N PHE D 905 5.64 -7.02 -58.06
CA PHE D 905 6.31 -6.47 -59.25
C PHE D 905 5.40 -5.44 -59.91
N ASN D 906 6.02 -4.53 -60.67
CA ASN D 906 5.29 -3.47 -61.33
C ASN D 906 4.68 -3.98 -62.64
N TYR D 907 3.89 -3.12 -63.28
CA TYR D 907 3.04 -3.57 -64.40
C TYR D 907 3.85 -4.00 -65.62
N GLU D 908 4.99 -3.37 -65.87
CA GLU D 908 5.83 -3.80 -66.99
C GLU D 908 6.32 -5.24 -66.77
N THR D 909 6.82 -5.51 -65.56
CA THR D 909 7.24 -6.87 -65.22
C THR D 909 6.09 -7.85 -65.27
N LYS D 910 4.91 -7.43 -64.78
CA LYS D 910 3.73 -8.28 -64.90
C LYS D 910 3.47 -8.66 -66.35
N SER D 911 3.34 -7.66 -67.22
CA SER D 911 3.02 -7.91 -68.62
C SER D 911 4.08 -8.79 -69.28
N ALA D 912 5.34 -8.56 -68.95
CA ALA D 912 6.38 -9.47 -69.43
C ALA D 912 6.14 -10.89 -68.95
N LEU D 913 5.69 -11.05 -67.69
CA LEU D 913 5.45 -12.38 -67.16
C LEU D 913 4.33 -13.09 -67.90
N GLU D 914 3.22 -12.40 -68.19
CA GLU D 914 2.19 -13.07 -69.01
C GLU D 914 2.73 -13.38 -70.40
N THR D 915 3.35 -12.40 -71.07
CA THR D 915 3.85 -12.68 -72.41
C THR D 915 4.74 -13.90 -72.43
N LEU D 916 5.51 -14.12 -71.36
CA LEU D 916 6.30 -15.34 -71.25
C LEU D 916 5.42 -16.57 -71.01
N GLN D 917 4.37 -16.43 -70.18
CA GLN D 917 3.60 -17.61 -69.79
C GLN D 917 2.73 -18.14 -70.94
N GLU D 918 2.11 -17.23 -71.70
CA GLU D 918 1.47 -17.67 -72.94
C GLU D 918 2.48 -17.90 -74.06
N GLU D 919 3.70 -17.39 -73.93
CA GLU D 919 4.72 -17.69 -74.92
C GLU D 919 5.17 -19.15 -74.81
N LYS D 920 5.36 -19.65 -73.58
CA LYS D 920 5.78 -21.02 -73.32
C LYS D 920 4.70 -21.71 -72.50
N PRO D 921 3.79 -22.44 -73.15
CA PRO D 921 2.72 -23.11 -72.39
C PRO D 921 3.21 -24.13 -71.38
N GLU D 922 4.31 -24.84 -71.68
CA GLU D 922 4.78 -25.90 -70.79
C GLU D 922 5.44 -25.35 -69.53
N LEU D 923 5.84 -24.09 -69.52
CA LEU D 923 6.51 -23.47 -68.38
C LEU D 923 5.48 -22.62 -67.65
N THR D 924 5.30 -22.87 -66.36
CA THR D 924 4.30 -22.20 -65.55
C THR D 924 4.96 -21.33 -64.50
N VAL D 925 4.52 -20.08 -64.39
CA VAL D 925 4.99 -19.15 -63.38
C VAL D 925 3.79 -18.63 -62.60
N VAL D 926 3.89 -18.63 -61.28
CA VAL D 926 2.84 -18.12 -60.41
C VAL D 926 3.30 -16.77 -59.88
N PHE D 927 2.52 -15.72 -60.16
CA PHE D 927 2.84 -14.36 -59.76
C PHE D 927 1.60 -13.57 -59.37
N GLU D 928 0.57 -14.26 -58.88
CA GLU D 928 -0.70 -13.60 -58.64
C GLU D 928 -0.56 -12.51 -57.59
N PRO D 929 -1.24 -11.36 -57.77
CA PRO D 929 -1.21 -10.26 -56.82
C PRO D 929 -2.12 -10.49 -55.62
N ASP E 30 -1.23 -14.94 -42.15
CA ASP E 30 -2.22 -13.90 -41.97
C ASP E 30 -2.10 -12.83 -43.06
N TYR E 31 -3.23 -12.23 -43.43
CA TYR E 31 -3.23 -11.20 -44.46
C TYR E 31 -2.51 -9.94 -43.98
N ARG E 32 -2.38 -9.76 -42.66
CA ARG E 32 -1.69 -8.59 -42.13
C ARG E 32 -0.24 -8.57 -42.59
N LYS E 33 0.46 -9.70 -42.46
CA LYS E 33 1.85 -9.75 -42.90
C LYS E 33 1.97 -9.66 -44.41
N LYS E 34 0.98 -10.18 -45.15
CA LYS E 34 0.99 -10.02 -46.59
C LYS E 34 0.91 -8.56 -46.99
N TYR E 35 0.00 -7.80 -46.35
CA TYR E 35 -0.12 -6.37 -46.64
C TYR E 35 1.14 -5.62 -46.20
N ARG E 36 1.72 -6.01 -45.07
CA ARG E 36 2.97 -5.38 -44.62
C ARG E 36 4.08 -5.59 -45.63
N LYS E 37 4.21 -6.82 -46.14
CA LYS E 37 5.22 -7.09 -47.17
C LYS E 37 4.93 -6.31 -48.43
N TYR E 38 3.65 -6.17 -48.79
CA TYR E 38 3.29 -5.41 -49.98
C TYR E 38 3.70 -3.96 -49.87
N VAL E 39 3.38 -3.31 -48.75
CA VAL E 39 3.73 -1.89 -48.59
C VAL E 39 5.23 -1.73 -48.45
N ARG E 40 5.90 -2.68 -47.81
CA ARG E 40 7.35 -2.61 -47.69
C ARG E 40 8.02 -2.72 -49.05
N SER E 41 7.51 -3.58 -49.93
CA SER E 41 8.05 -3.67 -51.28
C SER E 41 7.73 -2.41 -52.08
N ARG E 42 6.52 -1.87 -51.92
CA ARG E 42 6.11 -0.73 -52.73
C ARG E 42 6.87 0.53 -52.34
N PHE E 43 7.07 0.76 -51.05
CA PHE E 43 7.68 1.99 -50.56
C PHE E 43 9.16 1.83 -50.25
N GLN E 44 9.80 0.75 -50.71
CA GLN E 44 11.23 0.58 -50.49
C GLN E 44 12.04 1.66 -51.19
N CYS E 45 11.65 2.01 -52.41
CA CYS E 45 12.36 2.99 -53.21
C CYS E 45 11.46 4.16 -53.54
N ILE E 46 12.08 5.29 -53.89
CA ILE E 46 11.34 6.49 -54.24
C ILE E 46 11.45 6.76 -55.73
N SER E 56 15.99 3.03 -59.60
CA SER E 56 15.50 3.71 -58.40
C SER E 56 16.57 3.75 -57.32
N VAL E 57 16.28 4.48 -56.24
CA VAL E 57 17.20 4.62 -55.11
C VAL E 57 16.47 4.24 -53.83
N SER E 58 17.24 3.70 -52.88
CA SER E 58 16.67 3.24 -51.63
C SER E 58 16.24 4.41 -50.77
N LEU E 59 15.01 4.34 -50.24
CA LEU E 59 14.52 5.38 -49.35
C LEU E 59 15.33 5.44 -48.06
N ASN E 60 15.68 4.28 -47.50
CA ASN E 60 16.45 4.26 -46.26
C ASN E 60 17.81 4.90 -46.45
N LYS E 61 18.47 4.63 -47.58
CA LYS E 61 19.74 5.28 -47.89
C LYS E 61 19.55 6.78 -48.10
N ARG E 62 18.47 7.15 -48.78
CA ARG E 62 18.24 8.55 -49.13
C ARG E 62 17.74 9.38 -47.95
N TYR E 63 16.99 8.79 -47.04
CA TYR E 63 16.27 9.55 -46.02
C TYR E 63 17.23 10.31 -45.11
N THR E 64 16.86 11.55 -44.81
CA THR E 64 17.57 12.40 -43.85
C THR E 64 16.55 12.98 -42.89
N ARG E 65 16.90 13.03 -41.61
CA ARG E 65 15.95 13.43 -40.58
C ARG E 65 15.55 14.90 -40.74
N LEU E 66 14.26 15.17 -40.55
CA LEU E 66 13.71 16.51 -40.64
C LEU E 66 13.41 17.06 -39.26
N ARG E 67 13.33 18.38 -39.15
CA ARG E 67 13.01 19.05 -37.90
C ARG E 67 11.50 19.14 -37.73
N LEU E 68 10.99 18.46 -36.72
CA LEU E 68 9.56 18.44 -36.42
C LEU E 68 9.32 19.10 -35.07
N ILE E 69 8.40 20.05 -35.03
CA ILE E 69 8.10 20.80 -33.81
C ILE E 69 6.60 20.92 -33.65
N LYS E 70 6.14 20.85 -32.40
CA LYS E 70 4.75 21.12 -32.07
C LYS E 70 4.46 22.62 -32.26
N GLU E 71 3.27 22.91 -32.78
CA GLU E 71 2.91 24.29 -33.10
C GLU E 71 1.93 24.92 -32.13
N HIS E 72 0.78 24.30 -31.90
CA HIS E 72 -0.26 24.90 -31.07
C HIS E 72 0.19 24.96 -29.62
N ARG E 73 0.18 26.15 -29.04
CA ARG E 73 0.66 26.38 -27.69
C ARG E 73 -0.42 27.06 -26.87
N SER E 74 -0.50 26.71 -25.60
CA SER E 74 -1.49 27.29 -24.69
C SER E 74 -0.97 28.59 -24.08
N PRO E 97 11.79 18.65 -29.34
CA PRO E 97 11.34 17.97 -30.55
C PRO E 97 10.18 17.01 -30.28
N ILE E 98 9.53 16.54 -31.33
CA ILE E 98 8.41 15.62 -31.23
C ILE E 98 8.72 14.36 -32.03
N LYS E 99 8.50 13.21 -31.43
CA LYS E 99 8.69 11.92 -32.09
C LYS E 99 7.34 11.29 -32.41
N MET E 100 7.31 10.48 -33.46
CA MET E 100 6.05 9.91 -33.95
C MET E 100 5.39 9.04 -32.89
N GLU E 101 6.18 8.25 -32.17
CA GLU E 101 5.65 7.41 -31.11
C GLU E 101 4.87 8.23 -30.09
N LEU E 102 5.48 9.33 -29.61
CA LEU E 102 4.74 10.22 -28.72
C LEU E 102 3.75 11.08 -29.50
N LEU E 103 3.97 11.26 -30.81
CA LEU E 103 3.06 12.06 -31.61
C LEU E 103 1.65 11.48 -31.61
N PHE E 104 1.54 10.17 -31.83
CA PHE E 104 0.22 9.55 -31.74
C PHE E 104 -0.18 9.30 -30.30
N ASP E 105 0.77 9.27 -29.37
CA ASP E 105 0.44 9.12 -27.97
C ASP E 105 -0.26 10.38 -27.46
N PRO E 106 -1.26 10.25 -26.59
CA PRO E 106 -1.97 11.42 -26.06
C PRO E 106 -1.15 12.09 -24.96
N ASP E 107 -0.92 13.39 -25.11
CA ASP E 107 -0.25 14.13 -24.05
C ASP E 107 -1.08 14.12 -22.76
N ASP E 108 -2.38 14.34 -22.88
CA ASP E 108 -3.31 14.22 -21.76
C ASP E 108 -4.42 13.26 -22.15
N GLU E 109 -4.70 12.28 -21.29
CA GLU E 109 -5.79 11.35 -21.56
C GLU E 109 -7.15 12.04 -21.56
N HIS E 110 -7.25 13.20 -20.93
CA HIS E 110 -8.49 13.96 -20.94
C HIS E 110 -8.73 14.67 -22.27
N SER E 111 -7.71 14.74 -23.13
CA SER E 111 -7.82 15.49 -24.37
C SER E 111 -8.80 14.83 -25.33
N GLU E 112 -9.60 15.67 -26.00
CA GLU E 112 -10.50 15.34 -27.09
C GLU E 112 -9.69 14.85 -28.29
N PRO E 113 -10.30 14.07 -29.23
CA PRO E 113 -9.55 13.01 -29.91
C PRO E 113 -8.16 13.37 -30.40
N VAL E 114 -7.16 12.69 -29.82
CA VAL E 114 -5.76 12.93 -30.17
C VAL E 114 -5.45 12.43 -31.57
N HIS E 115 -6.08 11.33 -31.99
CA HIS E 115 -5.64 10.60 -33.18
C HIS E 115 -5.74 11.42 -34.47
N THR E 116 -6.28 12.62 -34.43
CA THR E 116 -6.27 13.51 -35.59
C THR E 116 -4.99 14.34 -35.54
N VAL E 117 -4.11 14.14 -36.51
CA VAL E 117 -2.82 14.83 -36.58
C VAL E 117 -2.70 15.49 -37.94
N VAL E 118 -2.29 16.75 -37.95
CA VAL E 118 -2.14 17.52 -39.18
C VAL E 118 -0.70 18.00 -39.29
N PHE E 119 -0.05 17.66 -40.40
CA PHE E 119 1.31 18.09 -40.68
C PHE E 119 1.29 19.30 -41.60
N GLN E 120 2.06 20.32 -41.23
CA GLN E 120 2.10 21.58 -41.96
C GLN E 120 3.51 21.81 -42.48
N GLY E 121 3.63 22.03 -43.78
CA GLY E 121 4.94 22.25 -44.37
C GLY E 121 4.83 22.98 -45.69
N ALA E 122 5.94 23.57 -46.10
CA ALA E 122 6.02 24.25 -47.38
C ALA E 122 6.05 23.24 -48.53
N ALA E 123 5.95 23.76 -49.75
CA ALA E 123 6.06 22.89 -50.92
C ALA E 123 7.47 22.34 -51.03
N GLY E 124 7.58 21.01 -51.06
CA GLY E 124 8.88 20.37 -51.15
C GLY E 124 9.60 20.21 -49.84
N ILE E 125 8.94 20.46 -48.71
CA ILE E 125 9.61 20.32 -47.43
C ILE E 125 9.79 18.86 -47.06
N GLY E 126 9.05 17.96 -47.68
CA GLY E 126 9.21 16.55 -47.43
C GLY E 126 8.06 15.90 -46.68
N LYS E 127 6.83 16.38 -46.91
CA LYS E 127 5.68 15.76 -46.29
C LYS E 127 5.42 14.37 -46.89
N THR E 128 5.42 14.28 -48.22
CA THR E 128 5.22 12.99 -48.88
C THR E 128 6.32 12.00 -48.52
N ILE E 129 7.57 12.46 -48.55
CA ILE E 129 8.68 11.59 -48.18
C ILE E 129 8.57 11.17 -46.72
N LEU E 130 8.12 12.08 -45.86
CA LEU E 130 7.94 11.72 -44.46
C LEU E 130 6.89 10.64 -44.28
N ALA E 131 5.75 10.77 -44.96
CA ALA E 131 4.71 9.76 -44.86
C ALA E 131 5.19 8.42 -45.40
N ARG E 132 5.89 8.44 -46.54
CA ARG E 132 6.40 7.20 -47.12
C ARG E 132 7.42 6.54 -46.20
N LYS E 133 8.27 7.35 -45.55
CA LYS E 133 9.23 6.81 -44.60
C LYS E 133 8.53 6.23 -43.38
N MET E 134 7.44 6.86 -42.94
CA MET E 134 6.68 6.28 -41.83
C MET E 134 6.11 4.92 -42.21
N MET E 135 5.55 4.80 -43.41
CA MET E 135 5.07 3.48 -43.85
C MET E 135 6.21 2.47 -43.95
N LEU E 136 7.35 2.88 -44.50
CA LEU E 136 8.47 1.96 -44.63
C LEU E 136 8.95 1.48 -43.27
N ASP E 137 9.03 2.38 -42.29
CA ASP E 137 9.46 1.99 -40.96
C ASP E 137 8.43 1.11 -40.27
N TRP E 138 7.14 1.42 -40.45
CA TRP E 138 6.09 0.61 -39.84
C TRP E 138 6.07 -0.80 -40.41
N ALA E 139 6.26 -0.92 -41.73
CA ALA E 139 6.29 -2.25 -42.35
C ALA E 139 7.55 -3.01 -41.97
N SER E 140 8.69 -2.32 -41.93
CA SER E 140 9.96 -2.97 -41.61
C SER E 140 10.05 -3.39 -40.15
N GLY E 141 9.13 -2.93 -39.30
CA GLY E 141 9.13 -3.34 -37.91
C GLY E 141 9.78 -2.37 -36.97
N THR E 142 9.45 -1.08 -37.09
CA THR E 142 10.06 -0.05 -36.25
C THR E 142 9.05 0.89 -35.59
N LEU E 143 7.89 1.12 -36.21
CA LEU E 143 6.92 2.08 -35.70
C LEU E 143 5.65 1.35 -35.28
N TYR E 144 5.32 1.44 -34.00
CA TYR E 144 4.12 0.83 -33.41
C TYR E 144 4.01 -0.66 -33.78
N GLN E 145 5.07 -1.39 -33.42
CA GLN E 145 5.00 -2.84 -33.47
C GLN E 145 4.27 -3.39 -32.25
N ASP E 146 4.05 -2.53 -31.23
CA ASP E 146 3.29 -2.95 -30.06
C ASP E 146 1.90 -3.44 -30.46
N ARG E 147 1.05 -2.52 -30.93
CA ARG E 147 -0.16 -2.91 -31.64
C ARG E 147 -0.69 -1.71 -32.41
N PHE E 148 -0.67 -1.80 -33.74
CA PHE E 148 -1.41 -0.89 -34.59
C PHE E 148 -1.53 -1.56 -35.96
N ASP E 149 -2.75 -1.94 -36.33
CA ASP E 149 -2.94 -2.91 -37.40
C ASP E 149 -2.54 -2.41 -38.78
N TYR E 150 -3.20 -1.37 -39.30
CA TYR E 150 -3.06 -1.01 -40.70
C TYR E 150 -2.85 0.49 -40.88
N LEU E 151 -2.09 0.83 -41.93
CA LEU E 151 -1.92 2.20 -42.38
C LEU E 151 -2.31 2.25 -43.86
N PHE E 152 -3.20 3.17 -44.21
CA PHE E 152 -3.67 3.31 -45.58
C PHE E 152 -3.20 4.65 -46.15
N TYR E 153 -2.52 4.59 -47.29
CA TYR E 153 -1.90 5.77 -47.90
C TYR E 153 -2.88 6.36 -48.92
N ILE E 154 -3.69 7.32 -48.47
CA ILE E 154 -4.62 8.01 -49.35
C ILE E 154 -3.88 9.18 -49.97
N HIS E 155 -3.36 8.97 -51.18
CA HIS E 155 -2.69 10.03 -51.93
C HIS E 155 -3.76 10.85 -52.65
N CYS E 156 -3.96 12.10 -52.20
CA CYS E 156 -5.06 12.91 -52.70
C CYS E 156 -4.93 13.29 -54.16
N ARG E 157 -3.76 13.11 -54.77
CA ARG E 157 -3.64 13.31 -56.21
C ARG E 157 -4.51 12.32 -56.97
N GLU E 158 -4.55 11.07 -56.51
CA GLU E 158 -5.39 10.05 -57.14
C GLU E 158 -6.87 10.27 -56.84
N VAL E 159 -7.19 10.73 -55.62
CA VAL E 159 -8.58 10.93 -55.24
C VAL E 159 -9.15 12.11 -56.01
N SER E 160 -10.34 11.91 -56.59
CA SER E 160 -11.03 12.94 -57.36
C SER E 160 -12.46 13.08 -56.84
N LEU E 161 -13.03 14.27 -57.01
CA LEU E 161 -14.36 14.53 -56.48
C LEU E 161 -15.45 13.88 -57.33
N VAL E 162 -15.27 13.88 -58.66
CA VAL E 162 -16.35 13.46 -59.56
C VAL E 162 -16.67 11.99 -59.36
N THR E 163 -15.64 11.14 -59.30
CA THR E 163 -15.86 9.71 -59.16
C THR E 163 -16.52 9.40 -57.82
N GLN E 164 -17.53 8.55 -57.85
CA GLN E 164 -18.30 8.20 -56.66
C GLN E 164 -17.88 6.81 -56.19
N ARG E 165 -17.12 6.76 -55.10
CA ARG E 165 -16.63 5.51 -54.55
C ARG E 165 -16.74 5.54 -53.04
N SER E 166 -16.72 4.35 -52.43
CA SER E 166 -16.86 4.20 -50.99
C SER E 166 -15.49 4.01 -50.34
N LEU E 167 -15.51 3.96 -49.00
CA LEU E 167 -14.28 3.68 -48.27
C LEU E 167 -13.75 2.30 -48.59
N GLY E 168 -14.65 1.32 -48.74
CA GLY E 168 -14.22 -0.01 -49.15
C GLY E 168 -13.53 0.01 -50.50
N ASP E 169 -14.04 0.82 -51.43
CA ASP E 169 -13.39 0.93 -52.73
C ASP E 169 -12.03 1.61 -52.60
N LEU E 170 -11.91 2.58 -51.70
CA LEU E 170 -10.62 3.22 -51.44
C LEU E 170 -9.61 2.20 -50.90
N ILE E 171 -10.04 1.34 -49.98
CA ILE E 171 -9.16 0.31 -49.45
C ILE E 171 -8.81 -0.70 -50.55
N MET E 172 -9.79 -1.02 -51.40
CA MET E 172 -9.53 -1.86 -52.56
C MET E 172 -8.42 -1.28 -53.43
N SER E 173 -8.49 0.02 -53.69
CA SER E 173 -7.43 0.68 -54.46
C SER E 173 -6.10 0.65 -53.72
N CYS E 174 -6.14 0.76 -52.39
CA CYS E 174 -4.91 0.71 -51.59
C CYS E 174 -4.48 -0.71 -51.25
N CYS E 175 -5.31 -1.73 -51.56
CA CYS E 175 -4.91 -3.10 -51.27
C CYS E 175 -4.30 -3.76 -52.50
N PRO E 176 -3.40 -4.73 -52.30
CA PRO E 176 -2.83 -5.45 -53.45
C PRO E 176 -3.74 -6.52 -54.02
N ASP E 177 -4.69 -7.04 -53.23
CA ASP E 177 -5.53 -8.13 -53.70
C ASP E 177 -6.85 -7.60 -54.26
N PRO E 178 -7.37 -8.25 -55.29
CA PRO E 178 -8.70 -7.86 -55.80
C PRO E 178 -9.81 -8.05 -54.80
N ASN E 179 -9.68 -8.96 -53.83
CA ASN E 179 -10.71 -9.21 -52.82
C ASN E 179 -10.06 -9.33 -51.44
N PRO E 180 -9.62 -8.22 -50.87
CA PRO E 180 -9.11 -8.24 -49.49
C PRO E 180 -10.26 -8.39 -48.50
N PRO E 181 -9.98 -8.92 -47.30
CA PRO E 181 -11.05 -9.09 -46.28
C PRO E 181 -11.44 -7.77 -45.61
N ILE E 182 -12.31 -7.01 -46.29
CA ILE E 182 -12.68 -5.68 -45.81
C ILE E 182 -13.46 -5.75 -44.51
N HIS E 183 -14.32 -6.75 -44.35
CA HIS E 183 -15.14 -6.83 -43.14
C HIS E 183 -14.29 -7.00 -41.89
N LYS E 184 -13.24 -7.81 -41.98
CA LYS E 184 -12.31 -7.93 -40.85
C LYS E 184 -11.65 -6.61 -40.53
N ILE E 185 -11.34 -5.80 -41.56
CA ILE E 185 -10.77 -4.49 -41.33
C ILE E 185 -11.75 -3.59 -40.60
N VAL E 186 -13.01 -3.58 -41.06
CA VAL E 186 -14.02 -2.75 -40.43
C VAL E 186 -14.31 -3.20 -39.00
N ARG E 187 -14.09 -4.49 -38.71
CA ARG E 187 -14.32 -5.00 -37.37
C ARG E 187 -13.34 -4.43 -36.36
N LYS E 188 -12.30 -3.73 -36.82
CA LYS E 188 -11.24 -3.18 -35.96
C LYS E 188 -11.02 -1.70 -36.22
N PRO E 189 -12.08 -0.88 -36.17
CA PRO E 189 -11.94 0.51 -36.63
C PRO E 189 -10.96 1.33 -35.83
N SER E 190 -10.69 0.95 -34.58
CA SER E 190 -9.74 1.70 -33.77
C SER E 190 -8.30 1.46 -34.22
N ARG E 191 -8.04 0.35 -34.90
CA ARG E 191 -6.70 0.01 -35.37
C ARG E 191 -6.51 0.34 -36.86
N ILE E 192 -7.18 1.39 -37.34
CA ILE E 192 -7.08 1.81 -38.73
C ILE E 192 -6.58 3.25 -38.76
N LEU E 193 -5.64 3.52 -39.65
CA LEU E 193 -5.09 4.87 -39.81
C LEU E 193 -5.10 5.24 -41.29
N PHE E 194 -5.34 6.51 -41.58
CA PHE E 194 -5.37 7.02 -42.94
C PHE E 194 -4.35 8.15 -43.06
N LEU E 195 -3.32 7.92 -43.89
CA LEU E 195 -2.32 8.94 -44.20
C LEU E 195 -2.82 9.72 -45.41
N MET E 196 -3.55 10.80 -45.16
CA MET E 196 -4.04 11.67 -46.21
C MET E 196 -2.92 12.63 -46.58
N ASP E 197 -2.23 12.32 -47.68
CA ASP E 197 -1.04 13.06 -48.09
C ASP E 197 -1.42 14.06 -49.17
N GLY E 198 -1.05 15.32 -48.97
CA GLY E 198 -1.24 16.33 -49.98
C GLY E 198 -2.68 16.79 -50.13
N PHE E 199 -3.21 17.48 -49.12
CA PHE E 199 -4.58 17.99 -49.18
C PHE E 199 -4.73 19.04 -50.27
N ASP E 200 -3.65 19.31 -51.02
CA ASP E 200 -3.67 20.29 -52.10
C ASP E 200 -4.10 19.65 -53.41
N GLU E 201 -5.26 18.98 -53.40
CA GLU E 201 -5.71 18.22 -54.56
C GLU E 201 -6.21 19.10 -55.70
N LEU E 202 -7.23 19.93 -55.45
CA LEU E 202 -7.86 20.71 -56.50
C LEU E 202 -8.67 21.86 -55.90
N GLN E 203 -9.42 22.54 -56.77
CA GLN E 203 -10.18 23.73 -56.40
C GLN E 203 -11.67 23.41 -56.28
N GLY E 204 -12.33 24.16 -55.39
CA GLY E 204 -13.76 24.03 -55.20
C GLY E 204 -14.21 22.81 -54.42
N ALA E 205 -13.29 22.10 -53.76
CA ALA E 205 -13.67 20.89 -53.05
C ALA E 205 -14.58 21.18 -51.87
N PHE E 206 -14.28 22.24 -51.10
CA PHE E 206 -15.01 22.49 -49.87
C PHE E 206 -15.45 23.94 -49.72
N ASP E 207 -15.28 24.78 -50.75
CA ASP E 207 -15.66 26.19 -50.65
C ASP E 207 -17.16 26.38 -50.51
N GLU E 208 -17.96 25.38 -50.87
CA GLU E 208 -19.40 25.43 -50.72
C GLU E 208 -19.80 24.75 -49.41
N HIS E 209 -21.07 24.91 -49.05
CA HIS E 209 -21.60 24.26 -47.86
C HIS E 209 -21.53 22.75 -48.02
N ILE E 210 -21.07 22.08 -46.97
CA ILE E 210 -20.90 20.63 -47.01
C ILE E 210 -22.27 19.97 -47.02
N GLY E 211 -22.46 19.01 -47.92
CA GLY E 211 -23.71 18.31 -48.02
C GLY E 211 -23.88 17.29 -46.91
N PRO E 212 -24.86 16.40 -47.08
CA PRO E 212 -25.09 15.37 -46.06
C PRO E 212 -23.86 14.49 -45.88
N LEU E 213 -23.58 14.15 -44.62
CA LEU E 213 -22.42 13.35 -44.28
C LEU E 213 -22.78 11.87 -44.25
N CYS E 214 -21.92 11.05 -44.85
CA CYS E 214 -22.18 9.63 -45.02
C CYS E 214 -21.46 8.84 -43.93
N THR E 215 -22.21 8.01 -43.21
CA THR E 215 -21.67 7.14 -42.18
C THR E 215 -21.67 5.68 -42.63
N ASP E 216 -22.46 5.34 -43.64
CA ASP E 216 -22.59 3.96 -44.12
C ASP E 216 -21.48 3.71 -45.13
N TRP E 217 -20.43 2.98 -44.71
CA TRP E 217 -19.23 2.90 -45.53
C TRP E 217 -19.43 2.07 -46.79
N GLN E 218 -20.42 1.19 -46.83
CA GLN E 218 -20.73 0.50 -48.08
C GLN E 218 -21.25 1.47 -49.14
N LYS E 219 -21.96 2.51 -48.72
CA LYS E 219 -22.55 3.46 -49.67
C LYS E 219 -21.46 4.18 -50.46
N ALA E 220 -21.68 4.32 -51.76
CA ALA E 220 -20.75 5.06 -52.62
C ALA E 220 -21.12 6.54 -52.62
N GLU E 221 -20.13 7.39 -52.34
CA GLU E 221 -20.32 8.82 -52.27
C GLU E 221 -19.25 9.51 -53.11
N ARG E 222 -19.47 10.79 -53.36
CA ARG E 222 -18.50 11.57 -54.12
C ARG E 222 -17.22 11.77 -53.31
N GLY E 223 -16.14 12.09 -54.02
CA GLY E 223 -14.85 12.25 -53.37
C GLY E 223 -14.87 13.30 -52.29
N ASP E 224 -15.45 14.47 -52.58
CA ASP E 224 -15.49 15.54 -51.61
C ASP E 224 -16.32 15.16 -50.39
N ILE E 225 -17.50 14.57 -50.61
CA ILE E 225 -18.36 14.19 -49.49
C ILE E 225 -17.74 13.06 -48.69
N LEU E 226 -17.13 12.09 -49.37
CA LEU E 226 -16.48 10.99 -48.66
C LEU E 226 -15.32 11.50 -47.81
N LEU E 227 -14.49 12.38 -48.37
CA LEU E 227 -13.36 12.92 -47.61
C LEU E 227 -13.84 13.78 -46.45
N SER E 228 -14.90 14.56 -46.65
CA SER E 228 -15.45 15.36 -45.55
C SER E 228 -15.97 14.48 -44.43
N SER E 229 -16.70 13.41 -44.78
CA SER E 229 -17.22 12.51 -43.77
C SER E 229 -16.11 11.79 -43.03
N LEU E 230 -15.07 11.36 -43.75
CA LEU E 230 -13.95 10.69 -43.10
C LEU E 230 -13.19 11.65 -42.18
N ILE E 231 -12.99 12.89 -42.62
CA ILE E 231 -12.23 13.84 -41.83
C ILE E 231 -13.00 14.26 -40.58
N ARG E 232 -14.29 14.54 -40.73
CA ARG E 232 -15.11 15.00 -39.61
C ARG E 232 -15.48 13.88 -38.64
N LYS E 233 -14.88 12.70 -38.78
CA LYS E 233 -15.08 11.58 -37.87
C LYS E 233 -16.54 11.14 -37.82
N LYS E 234 -17.25 11.24 -38.95
CA LYS E 234 -18.59 10.69 -39.03
C LYS E 234 -18.58 9.30 -39.63
N LEU E 235 -17.72 9.06 -40.61
CA LEU E 235 -17.53 7.75 -41.23
C LEU E 235 -16.35 7.08 -40.52
N LEU E 236 -16.65 6.02 -39.77
CA LEU E 236 -15.68 5.35 -38.91
C LEU E 236 -15.00 6.35 -37.98
N PRO E 237 -15.70 6.86 -36.97
CA PRO E 237 -15.07 7.82 -36.05
C PRO E 237 -13.84 7.26 -35.34
N GLU E 238 -13.80 5.95 -35.09
CA GLU E 238 -12.66 5.35 -34.41
C GLU E 238 -11.40 5.34 -35.26
N ALA E 239 -11.51 5.62 -36.56
CA ALA E 239 -10.33 5.62 -37.43
C ALA E 239 -9.46 6.83 -37.14
N SER E 240 -8.15 6.64 -37.24
CA SER E 240 -7.18 7.70 -37.02
C SER E 240 -6.78 8.34 -38.34
N LEU E 241 -6.37 9.60 -38.28
CA LEU E 241 -6.01 10.38 -39.46
C LEU E 241 -4.65 11.02 -39.27
N LEU E 242 -3.96 11.23 -40.39
CA LEU E 242 -2.75 12.04 -40.43
C LEU E 242 -2.73 12.74 -41.78
N ILE E 243 -2.91 14.05 -41.78
CA ILE E 243 -3.08 14.83 -43.00
C ILE E 243 -1.87 15.73 -43.17
N THR E 244 -1.17 15.56 -44.29
CA THR E 244 -0.07 16.45 -44.66
C THR E 244 -0.61 17.53 -45.58
N THR E 245 -0.36 18.79 -45.23
CA THR E 245 -1.06 19.90 -45.86
C THR E 245 -0.20 21.15 -45.84
N ARG E 246 -0.73 22.21 -46.45
CA ARG E 246 -0.17 23.54 -46.51
C ARG E 246 -0.88 24.47 -45.54
N PRO E 247 -0.27 25.61 -45.16
CA PRO E 247 -0.90 26.50 -44.17
C PRO E 247 -2.29 27.00 -44.58
N VAL E 248 -2.50 27.32 -45.85
CA VAL E 248 -3.83 27.75 -46.29
C VAL E 248 -4.82 26.59 -46.25
N ALA E 249 -4.41 25.42 -46.76
CA ALA E 249 -5.24 24.24 -46.58
C ALA E 249 -5.30 23.83 -45.12
N LEU E 250 -4.31 24.25 -44.32
CA LEU E 250 -4.43 24.10 -42.87
C LEU E 250 -5.60 24.91 -42.33
N GLU E 251 -5.77 26.14 -42.81
CA GLU E 251 -6.93 26.94 -42.42
C GLU E 251 -8.22 26.25 -42.85
N LYS E 252 -8.22 25.70 -44.06
CA LYS E 252 -9.41 24.98 -44.52
C LYS E 252 -9.73 23.79 -43.61
N LEU E 253 -8.71 23.03 -43.21
CA LEU E 253 -8.91 21.94 -42.27
C LEU E 253 -9.42 22.45 -40.93
N GLN E 254 -8.84 23.54 -40.42
CA GLN E 254 -9.31 24.12 -39.16
C GLN E 254 -10.77 24.48 -39.25
N HIS E 255 -11.23 24.84 -40.44
CA HIS E 255 -12.67 25.00 -40.64
C HIS E 255 -13.42 23.65 -40.71
N LEU E 256 -12.72 22.50 -40.74
CA LEU E 256 -13.37 21.20 -40.84
C LEU E 256 -12.90 20.20 -39.79
N LEU E 257 -12.22 20.66 -38.73
CA LEU E 257 -11.66 19.78 -37.71
C LEU E 257 -12.16 20.18 -36.33
N ASP E 258 -11.95 19.27 -35.38
CA ASP E 258 -12.31 19.48 -33.98
C ASP E 258 -11.18 18.95 -33.12
N HIS E 259 -10.42 19.88 -32.51
CA HIS E 259 -9.25 19.60 -31.69
C HIS E 259 -8.27 18.64 -32.37
N PRO E 260 -7.59 19.08 -33.42
CA PRO E 260 -6.49 18.28 -33.98
C PRO E 260 -5.15 18.66 -33.35
N ARG E 261 -4.18 17.76 -33.50
CA ARG E 261 -2.82 18.02 -33.05
C ARG E 261 -1.99 18.44 -34.27
N HIS E 262 -1.43 19.64 -34.21
CA HIS E 262 -0.70 20.21 -35.33
C HIS E 262 0.80 19.99 -35.13
N VAL E 263 1.46 19.53 -36.18
CA VAL E 263 2.92 19.34 -36.18
C VAL E 263 3.48 20.03 -37.41
N GLU E 264 4.53 20.82 -37.22
CA GLU E 264 5.15 21.57 -38.29
C GLU E 264 6.44 20.90 -38.73
N ILE E 265 6.69 20.91 -40.04
CA ILE E 265 7.91 20.36 -40.62
C ILE E 265 8.80 21.52 -41.05
N LEU E 266 10.02 21.56 -40.54
CA LEU E 266 10.95 22.63 -40.85
C LEU E 266 11.99 22.26 -41.90
N GLY E 267 12.37 20.99 -41.98
CA GLY E 267 13.32 20.57 -42.99
C GLY E 267 14.68 20.18 -42.47
N PHE E 268 15.73 20.60 -43.15
CA PHE E 268 17.11 20.20 -42.84
C PHE E 268 17.82 21.29 -42.04
N SER E 269 18.53 20.87 -41.01
CA SER E 269 19.49 21.74 -40.35
C SER E 269 20.84 21.65 -41.07
N GLU E 270 21.85 22.34 -40.55
CA GLU E 270 23.16 22.30 -41.18
C GLU E 270 23.75 20.90 -41.12
N ALA E 271 23.61 20.21 -39.98
CA ALA E 271 24.09 18.83 -39.89
C ALA E 271 23.33 17.93 -40.85
N LYS E 272 22.02 18.13 -40.98
CA LYS E 272 21.25 17.33 -41.94
C LYS E 272 21.64 17.67 -43.37
N ARG E 273 22.05 18.91 -43.64
CA ARG E 273 22.58 19.23 -44.97
C ARG E 273 23.89 18.50 -45.22
N LYS E 274 24.77 18.45 -44.21
CA LYS E 274 25.96 17.59 -44.29
C LYS E 274 25.57 16.17 -44.66
N GLU E 275 24.61 15.61 -43.91
CA GLU E 275 24.21 14.22 -44.11
C GLU E 275 23.66 14.00 -45.52
N TYR E 276 22.82 14.91 -46.00
CA TYR E 276 22.21 14.73 -47.32
C TYR E 276 23.24 14.87 -48.42
N PHE E 277 24.13 15.86 -48.33
CA PHE E 277 25.14 16.02 -49.37
C PHE E 277 26.14 14.87 -49.37
N PHE E 278 26.38 14.25 -48.22
CA PHE E 278 27.24 13.07 -48.20
C PHE E 278 26.50 11.85 -48.73
N LYS E 279 25.21 11.73 -48.45
CA LYS E 279 24.43 10.58 -48.90
C LYS E 279 24.14 10.61 -50.39
N TYR E 280 24.03 11.79 -51.00
CA TYR E 280 23.66 11.87 -52.41
C TYR E 280 24.82 11.42 -53.29
N PHE E 281 25.97 12.07 -53.17
CA PHE E 281 27.13 11.69 -53.97
C PHE E 281 27.72 10.40 -53.42
N SER E 282 27.84 9.39 -54.28
CA SER E 282 28.38 8.11 -53.86
C SER E 282 29.86 8.19 -53.47
N ASP E 283 30.60 9.11 -54.07
CA ASP E 283 32.02 9.29 -53.76
C ASP E 283 32.17 10.36 -52.69
N GLU E 284 32.90 10.03 -51.63
CA GLU E 284 33.02 10.94 -50.49
C GLU E 284 33.76 12.22 -50.87
N ALA E 285 34.81 12.10 -51.69
CA ALA E 285 35.55 13.28 -52.12
C ALA E 285 34.68 14.20 -52.98
N GLN E 286 33.88 13.61 -53.87
CA GLN E 286 32.96 14.40 -54.68
C GLN E 286 31.93 15.12 -53.82
N ALA E 287 31.39 14.42 -52.81
CA ALA E 287 30.43 15.04 -51.91
C ALA E 287 31.06 16.19 -51.15
N ARG E 288 32.30 16.00 -50.66
CA ARG E 288 32.99 17.06 -49.95
C ARG E 288 33.21 18.27 -50.85
N ALA E 289 33.64 18.03 -52.09
CA ALA E 289 33.87 19.14 -53.02
C ALA E 289 32.58 19.88 -53.32
N ALA E 290 31.50 19.15 -53.57
CA ALA E 290 30.21 19.79 -53.86
C ALA E 290 29.73 20.62 -52.69
N PHE E 291 29.82 20.09 -51.47
CA PHE E 291 29.36 20.87 -50.32
C PHE E 291 30.27 22.07 -50.07
N SER E 292 31.58 21.91 -50.28
CA SER E 292 32.50 23.02 -50.11
C SER E 292 32.19 24.13 -51.11
N LEU E 293 31.83 23.76 -52.33
CA LEU E 293 31.43 24.76 -53.32
C LEU E 293 30.10 25.39 -52.95
N ILE E 294 29.21 24.63 -52.30
CA ILE E 294 27.95 25.18 -51.83
C ILE E 294 28.19 26.22 -50.73
N GLN E 295 29.17 25.97 -49.86
CA GLN E 295 29.32 26.78 -48.64
C GLN E 295 29.49 28.26 -48.92
N GLU E 296 30.38 28.65 -49.84
CA GLU E 296 30.70 30.07 -49.97
C GLU E 296 29.54 30.90 -50.47
N ASN E 297 28.48 30.28 -50.99
CA ASN E 297 27.26 30.97 -51.37
C ASN E 297 26.26 30.80 -50.23
N GLU E 298 26.07 31.86 -49.44
CA GLU E 298 25.23 31.75 -48.26
C GLU E 298 23.76 31.62 -48.64
N VAL E 299 23.36 32.22 -49.77
CA VAL E 299 21.96 32.18 -50.17
C VAL E 299 21.52 30.74 -50.44
N LEU E 300 22.34 29.98 -51.18
CA LEU E 300 22.01 28.58 -51.43
C LEU E 300 21.97 27.77 -50.14
N PHE E 301 22.94 27.98 -49.26
CA PHE E 301 22.98 27.21 -48.02
C PHE E 301 21.79 27.53 -47.13
N THR E 302 21.29 28.75 -47.19
CA THR E 302 20.10 29.10 -46.42
C THR E 302 18.84 28.54 -47.07
N MET E 303 18.77 28.57 -48.40
CA MET E 303 17.61 28.04 -49.11
C MET E 303 17.52 26.52 -48.98
N CYS E 304 18.65 25.86 -48.79
CA CYS E 304 18.71 24.40 -48.72
C CYS E 304 18.04 23.83 -47.49
N PHE E 305 17.38 24.60 -46.62
CA PHE E 305 16.62 23.98 -45.54
C PHE E 305 15.44 23.18 -46.09
N ILE E 306 15.03 23.45 -47.32
CA ILE E 306 14.01 22.66 -48.00
C ILE E 306 14.69 21.53 -48.77
N PRO E 307 14.28 20.27 -48.54
CA PRO E 307 14.94 19.15 -49.23
C PRO E 307 14.82 19.21 -50.74
N LEU E 308 13.75 19.79 -51.28
CA LEU E 308 13.57 19.81 -52.73
C LEU E 308 14.66 20.63 -53.41
N VAL E 309 15.03 21.77 -52.83
CA VAL E 309 16.11 22.57 -53.39
C VAL E 309 17.43 21.82 -53.32
N CYS E 310 17.65 21.08 -52.22
CA CYS E 310 18.83 20.24 -52.12
C CYS E 310 18.87 19.21 -53.24
N TRP E 311 17.74 18.56 -53.50
CA TRP E 311 17.68 17.55 -54.55
C TRP E 311 17.96 18.17 -55.91
N ILE E 312 17.38 19.34 -56.18
CA ILE E 312 17.55 19.97 -57.49
C ILE E 312 19.01 20.37 -57.69
N VAL E 313 19.61 21.00 -56.68
CA VAL E 313 21.00 21.45 -56.83
C VAL E 313 21.94 20.25 -56.91
N CYS E 314 21.65 19.19 -56.16
CA CYS E 314 22.49 17.99 -56.23
C CYS E 314 22.38 17.32 -57.59
N THR E 315 21.18 17.26 -58.16
CA THR E 315 21.01 16.71 -59.50
C THR E 315 21.76 17.53 -60.53
N GLY E 316 21.66 18.86 -60.43
CA GLY E 316 22.41 19.71 -61.35
C GLY E 316 23.90 19.50 -61.25
N LEU E 317 24.43 19.48 -60.02
CA LEU E 317 25.86 19.28 -59.83
C LEU E 317 26.31 17.91 -60.33
N LYS E 318 25.53 16.87 -60.05
CA LYS E 318 25.88 15.52 -60.50
C LYS E 318 25.89 15.44 -62.01
N GLN E 319 24.88 16.02 -62.68
CA GLN E 319 24.83 15.96 -64.13
C GLN E 319 25.95 16.76 -64.76
N GLN E 320 26.31 17.91 -64.18
CA GLN E 320 27.42 18.68 -64.71
C GLN E 320 28.76 17.97 -64.49
N MET E 321 28.91 17.30 -63.35
CA MET E 321 30.16 16.59 -63.08
C MET E 321 30.30 15.36 -63.96
N GLU E 322 29.20 14.67 -64.24
CA GLU E 322 29.24 13.53 -65.14
C GLU E 322 29.69 13.95 -66.54
N SER E 323 29.34 15.17 -66.95
CA SER E 323 29.78 15.70 -68.23
C SER E 323 31.17 16.34 -68.16
N GLY E 324 31.78 16.36 -66.99
CA GLY E 324 33.12 16.94 -66.85
C GLY E 324 33.18 18.43 -67.10
N LYS E 325 32.22 19.19 -66.55
CA LYS E 325 32.16 20.63 -66.72
C LYS E 325 32.19 21.32 -65.36
N SER E 326 32.40 22.63 -65.40
CA SER E 326 32.53 23.41 -64.17
C SER E 326 31.22 23.45 -63.41
N LEU E 327 31.33 23.42 -62.08
CA LEU E 327 30.16 23.45 -61.19
C LEU E 327 29.99 24.80 -60.51
N ALA E 328 30.68 25.85 -60.98
CA ALA E 328 30.75 27.11 -60.25
C ALA E 328 29.53 27.98 -60.38
N GLN E 329 28.51 27.56 -61.13
CA GLN E 329 27.33 28.40 -61.31
C GLN E 329 26.62 28.67 -59.99
N THR E 330 26.08 29.88 -59.86
CA THR E 330 25.39 30.30 -58.65
C THR E 330 24.03 30.88 -59.01
N SER E 331 23.05 30.62 -58.15
CA SER E 331 21.67 31.04 -58.37
C SER E 331 21.24 31.94 -57.23
N LYS E 332 20.87 33.19 -57.54
CA LYS E 332 20.50 34.13 -56.49
C LYS E 332 19.19 33.73 -55.82
N THR E 333 18.20 33.31 -56.59
CA THR E 333 16.88 32.99 -56.06
C THR E 333 16.45 31.61 -56.50
N THR E 334 15.21 31.24 -56.14
CA THR E 334 14.67 29.95 -56.54
C THR E 334 14.47 29.88 -58.06
N THR E 335 14.02 30.98 -58.66
CA THR E 335 13.82 31.00 -60.10
C THR E 335 15.11 30.72 -60.85
N ALA E 336 16.23 31.27 -60.37
CA ALA E 336 17.52 30.99 -60.99
C ALA E 336 17.90 29.52 -60.83
N VAL E 337 17.60 28.93 -59.67
CA VAL E 337 17.86 27.51 -59.45
C VAL E 337 17.10 26.68 -60.49
N TYR E 338 15.81 26.96 -60.65
CA TYR E 338 15.00 26.22 -61.60
C TYR E 338 15.48 26.43 -63.02
N VAL E 339 15.86 27.66 -63.36
CA VAL E 339 16.32 27.95 -64.72
C VAL E 339 17.59 27.20 -65.03
N PHE E 340 18.55 27.18 -64.09
CA PHE E 340 19.78 26.42 -64.33
C PHE E 340 19.51 24.92 -64.37
N PHE E 341 18.57 24.42 -63.55
CA PHE E 341 18.21 23.01 -63.63
C PHE E 341 17.67 22.65 -65.01
N LEU E 342 16.74 23.47 -65.52
CA LEU E 342 16.20 23.23 -66.86
C LEU E 342 17.28 23.33 -67.93
N SER E 343 18.17 24.32 -67.82
CA SER E 343 19.24 24.47 -68.79
C SER E 343 20.16 23.27 -68.79
N SER E 344 20.50 22.75 -67.62
CA SER E 344 21.28 21.52 -67.54
C SER E 344 20.54 20.34 -68.16
N LEU E 345 19.22 20.25 -67.94
CA LEU E 345 18.45 19.16 -68.52
C LEU E 345 17.99 19.45 -69.95
N LEU E 346 18.24 20.64 -70.48
CA LEU E 346 17.96 20.94 -71.88
C LEU E 346 19.26 21.16 -72.65
N LEU E 357 12.62 21.91 -81.03
CA LEU E 357 12.82 21.95 -79.58
C LEU E 357 11.89 22.97 -78.93
N CYS E 358 11.84 24.17 -79.51
CA CYS E 358 10.97 25.22 -78.97
C CYS E 358 9.51 24.78 -79.01
N ALA E 359 9.14 23.98 -80.02
CA ALA E 359 7.78 23.44 -80.06
C ALA E 359 7.52 22.54 -78.86
N HIS E 360 8.53 21.74 -78.46
CA HIS E 360 8.38 20.91 -77.27
C HIS E 360 8.24 21.76 -76.02
N LEU E 361 8.98 22.86 -75.93
CA LEU E 361 8.85 23.76 -74.78
C LEU E 361 7.45 24.36 -74.72
N TRP E 362 6.94 24.81 -75.87
CA TRP E 362 5.59 25.37 -75.90
C TRP E 362 4.55 24.32 -75.52
N GLY E 363 4.76 23.08 -75.99
CA GLY E 363 3.84 22.01 -75.63
C GLY E 363 3.84 21.73 -74.14
N LEU E 364 5.03 21.69 -73.53
CA LEU E 364 5.12 21.49 -72.09
C LEU E 364 4.44 22.63 -71.34
N CYS E 365 4.69 23.86 -71.77
CA CYS E 365 4.10 25.02 -71.09
C CYS E 365 2.58 25.00 -71.20
N SER E 366 2.05 24.69 -72.38
CA SER E 366 0.60 24.61 -72.55
C SER E 366 0.02 23.47 -71.73
N LEU E 367 0.73 22.33 -71.67
CA LEU E 367 0.27 21.22 -70.84
C LEU E 367 0.17 21.62 -69.37
N ALA E 368 1.20 22.31 -68.87
CA ALA E 368 1.17 22.75 -67.48
C ALA E 368 0.04 23.74 -67.24
N ALA E 369 -0.16 24.69 -68.16
CA ALA E 369 -1.23 25.66 -68.00
C ALA E 369 -2.59 24.99 -68.01
N ASP E 370 -2.79 24.02 -68.91
CA ASP E 370 -4.04 23.26 -68.94
C ASP E 370 -4.26 22.52 -67.63
N GLY E 371 -3.23 21.86 -67.12
CA GLY E 371 -3.36 21.15 -65.86
C GLY E 371 -3.70 22.09 -64.70
N ILE E 372 -3.08 23.28 -64.68
CA ILE E 372 -3.35 24.24 -63.62
C ILE E 372 -4.80 24.72 -63.69
N TRP E 373 -5.26 25.09 -64.89
CA TRP E 373 -6.61 25.63 -65.02
C TRP E 373 -7.70 24.58 -64.82
N ASN E 374 -7.46 23.32 -65.18
CA ASN E 374 -8.50 22.31 -65.09
C ASN E 374 -8.24 21.20 -64.07
N GLN E 375 -7.39 21.46 -63.06
CA GLN E 375 -7.23 20.59 -61.90
C GLN E 375 -6.63 19.22 -62.24
N LYS E 376 -6.00 19.08 -63.41
CA LYS E 376 -5.50 17.78 -63.85
C LYS E 376 -3.99 17.71 -63.63
N ILE E 377 -3.58 16.91 -62.64
CA ILE E 377 -2.17 16.69 -62.34
C ILE E 377 -1.64 15.44 -63.02
N LEU E 378 -2.42 14.37 -63.00
CA LEU E 378 -2.07 13.14 -63.70
C LEU E 378 -2.54 13.24 -65.15
N PHE E 379 -1.61 13.17 -66.08
CA PHE E 379 -1.89 13.43 -67.49
C PHE E 379 -1.98 12.13 -68.26
N GLU E 380 -2.96 12.03 -69.14
CA GLU E 380 -3.14 10.88 -69.99
C GLU E 380 -2.50 11.11 -71.36
N GLU E 381 -2.43 10.03 -72.15
CA GLU E 381 -1.82 10.14 -73.47
C GLU E 381 -2.67 10.99 -74.42
N SER E 382 -3.99 10.92 -74.30
CA SER E 382 -4.85 11.76 -75.13
C SER E 382 -4.61 13.23 -74.85
N ASP E 383 -4.60 13.62 -73.58
CA ASP E 383 -4.33 15.01 -73.22
C ASP E 383 -2.93 15.42 -73.64
N LEU E 384 -1.96 14.51 -73.52
CA LEU E 384 -0.60 14.80 -73.96
C LEU E 384 -0.57 15.06 -75.47
N ARG E 385 -1.35 14.31 -76.24
CA ARG E 385 -1.41 14.53 -77.68
C ARG E 385 -2.11 15.83 -78.03
N ASN E 386 -3.13 16.21 -77.26
CA ASN E 386 -3.88 17.44 -77.56
C ASN E 386 -2.99 18.67 -77.53
N HIS E 387 -1.88 18.63 -76.80
CA HIS E 387 -1.00 19.79 -76.64
C HIS E 387 0.21 19.75 -77.56
N GLY E 388 0.07 19.12 -78.73
CA GLY E 388 1.11 19.15 -79.73
C GLY E 388 2.42 18.49 -79.33
N LEU E 389 2.37 17.52 -78.42
CA LEU E 389 3.56 16.83 -77.96
C LEU E 389 3.44 15.35 -78.33
N GLN E 390 4.50 14.81 -78.93
CA GLN E 390 4.51 13.43 -79.38
C GLN E 390 5.10 12.52 -78.30
N LYS E 391 5.07 11.22 -78.57
CA LYS E 391 5.69 10.26 -77.66
C LYS E 391 7.20 10.37 -77.69
N ALA E 392 7.76 10.78 -78.83
CA ALA E 392 9.19 11.02 -78.92
C ALA E 392 9.62 12.29 -78.19
N ASP E 393 8.67 13.10 -77.74
CA ASP E 393 8.97 14.35 -77.04
C ASP E 393 9.07 14.17 -75.54
N VAL E 394 8.95 12.93 -75.03
CA VAL E 394 9.00 12.70 -73.59
C VAL E 394 10.41 12.99 -73.10
N SER E 395 10.51 13.92 -72.15
CA SER E 395 11.78 14.34 -71.58
C SER E 395 11.95 13.73 -70.19
N ALA E 396 13.01 14.16 -69.49
CA ALA E 396 13.27 13.70 -68.14
C ALA E 396 12.45 14.44 -67.10
N PHE E 397 11.66 15.43 -67.50
CA PHE E 397 10.81 16.19 -66.59
C PHE E 397 9.55 15.42 -66.20
N LEU E 398 8.95 14.71 -67.15
CA LEU E 398 7.72 13.98 -66.89
C LEU E 398 8.04 12.61 -66.32
N ARG E 399 7.47 12.30 -65.15
CA ARG E 399 7.62 11.01 -64.51
C ARG E 399 6.36 10.18 -64.77
N MET E 400 6.56 8.91 -65.11
CA MET E 400 5.46 8.04 -65.51
C MET E 400 4.99 7.17 -64.36
N ASN E 401 3.69 6.92 -64.32
CA ASN E 401 3.10 5.98 -63.37
C ASN E 401 2.02 5.21 -64.10
N LEU E 402 2.16 3.89 -64.15
CA LEU E 402 1.26 3.03 -64.91
C LEU E 402 0.13 2.56 -64.01
N PHE E 403 -1.09 2.94 -64.35
CA PHE E 403 -2.27 2.53 -63.59
C PHE E 403 -3.33 1.94 -64.51
N LYS E 411 -1.27 3.89 -67.16
CA LYS E 411 -0.66 4.83 -68.08
C LYS E 411 -1.04 6.25 -67.65
N PHE E 412 -0.08 6.94 -67.03
CA PHE E 412 -0.26 8.31 -66.61
C PHE E 412 1.10 9.01 -66.55
N TYR E 413 1.09 10.30 -66.83
CA TYR E 413 2.27 11.14 -66.74
C TYR E 413 2.02 12.27 -65.74
N SER E 414 3.07 12.63 -65.00
CA SER E 414 2.97 13.74 -64.06
C SER E 414 4.31 14.45 -64.01
N PHE E 415 4.37 15.50 -63.20
CA PHE E 415 5.63 16.20 -63.00
C PHE E 415 6.34 15.66 -61.75
N ILE E 416 7.63 15.94 -61.66
CA ILE E 416 8.40 15.52 -60.49
C ILE E 416 7.81 16.15 -59.23
N HIS E 417 7.49 17.44 -59.29
CA HIS E 417 6.78 18.13 -58.23
C HIS E 417 5.84 19.15 -58.86
N MET E 418 4.78 19.49 -58.14
CA MET E 418 3.81 20.45 -58.65
C MET E 418 4.44 21.81 -58.90
N THR E 419 5.55 22.12 -58.21
CA THR E 419 6.25 23.37 -58.46
C THR E 419 6.80 23.44 -59.88
N PHE E 420 7.11 22.29 -60.48
CA PHE E 420 7.57 22.30 -61.87
C PHE E 420 6.42 22.61 -62.83
N GLN E 421 5.24 22.06 -62.58
CA GLN E 421 4.06 22.44 -63.36
C GLN E 421 3.78 23.93 -63.21
N GLU E 422 3.91 24.44 -61.99
CA GLU E 422 3.88 25.88 -61.74
C GLU E 422 4.88 26.65 -62.60
N PHE E 423 6.14 26.23 -62.60
CA PHE E 423 7.17 26.98 -63.31
C PHE E 423 6.89 26.98 -64.81
N PHE E 424 6.44 25.85 -65.35
CA PHE E 424 6.13 25.78 -66.76
C PHE E 424 4.88 26.57 -67.12
N ALA E 425 3.90 26.63 -66.22
CA ALA E 425 2.74 27.51 -66.45
C ALA E 425 3.17 28.96 -66.52
N ALA E 426 4.06 29.38 -65.62
CA ALA E 426 4.58 30.74 -65.68
C ALA E 426 5.31 31.00 -66.99
N MET E 427 6.18 30.06 -67.39
CA MET E 427 6.86 30.18 -68.68
C MET E 427 5.86 30.30 -69.82
N TYR E 428 4.73 29.58 -69.72
CA TYR E 428 3.68 29.72 -70.71
C TYR E 428 3.12 31.13 -70.75
N TYR E 429 2.77 31.67 -69.57
CA TYR E 429 2.25 33.02 -69.52
C TYR E 429 3.24 34.05 -70.06
N LEU E 430 4.53 33.72 -70.06
CA LEU E 430 5.49 34.62 -70.71
C LEU E 430 5.74 34.27 -72.17
N LEU E 431 5.51 33.03 -72.59
CA LEU E 431 5.78 32.64 -73.97
C LEU E 431 4.62 32.95 -74.91
N PRO E 449 -6.12 27.72 -72.48
CA PRO E 449 -6.02 28.60 -71.31
C PRO E 449 -5.90 30.07 -71.69
N SER E 450 -6.58 30.94 -70.94
CA SER E 450 -6.50 32.37 -71.21
C SER E 450 -5.09 32.88 -70.93
N ARG E 451 -4.61 33.78 -71.79
CA ARG E 451 -3.26 34.33 -71.67
C ARG E 451 -3.23 35.67 -70.93
N ASP E 452 -4.36 36.13 -70.42
CA ASP E 452 -4.41 37.39 -69.69
C ASP E 452 -4.11 37.14 -68.22
N VAL E 453 -3.19 37.93 -67.66
CA VAL E 453 -2.79 37.73 -66.27
C VAL E 453 -3.85 38.24 -65.29
N THR E 454 -4.70 39.18 -65.73
CA THR E 454 -5.69 39.75 -64.82
C THR E 454 -6.69 38.71 -64.35
N VAL E 455 -7.18 37.87 -65.27
CA VAL E 455 -8.11 36.81 -64.87
C VAL E 455 -7.40 35.78 -64.01
N LEU E 456 -6.12 35.55 -64.24
CA LEU E 456 -5.34 34.67 -63.36
C LEU E 456 -5.29 35.23 -61.95
N LEU E 457 -5.07 36.54 -61.82
CA LEU E 457 -4.96 37.15 -60.51
C LEU E 457 -6.30 37.25 -59.79
N GLU E 458 -7.40 37.39 -60.54
CA GLU E 458 -8.70 37.59 -59.91
C GLU E 458 -9.18 36.32 -59.21
N ASN E 459 -9.12 35.18 -59.88
CA ASN E 459 -9.75 33.96 -59.39
C ASN E 459 -8.84 33.29 -58.36
N TYR E 460 -9.26 33.35 -57.09
CA TYR E 460 -8.56 32.72 -55.99
C TYR E 460 -9.53 31.88 -55.17
N GLY E 461 -8.97 30.88 -54.49
CA GLY E 461 -9.74 29.99 -53.65
C GLY E 461 -8.94 28.79 -53.18
N LYS E 462 -9.27 28.28 -52.00
CA LYS E 462 -8.66 27.06 -51.44
C LYS E 462 -7.16 27.30 -51.26
N PHE E 463 -6.34 26.26 -51.42
CA PHE E 463 -4.89 26.45 -51.42
C PHE E 463 -4.42 27.22 -52.64
N GLU E 464 -5.05 26.95 -53.79
CA GLU E 464 -4.54 27.38 -55.09
C GLU E 464 -4.26 28.88 -55.15
N LYS E 465 -5.03 29.70 -54.43
CA LYS E 465 -4.74 31.13 -54.39
C LYS E 465 -3.27 31.38 -54.07
N GLY E 466 -2.82 30.90 -52.90
CA GLY E 466 -1.40 30.98 -52.60
C GLY E 466 -0.55 30.29 -53.64
N TYR E 467 -0.99 29.10 -54.09
CA TYR E 467 -0.29 28.44 -55.19
C TYR E 467 -0.27 29.32 -56.42
N LEU E 468 -1.41 29.95 -56.75
CA LEU E 468 -1.40 30.90 -57.86
C LEU E 468 -0.47 32.06 -57.56
N ILE E 469 -0.48 32.55 -56.32
CA ILE E 469 0.56 33.50 -55.93
C ILE E 469 1.92 32.85 -56.04
N PHE E 470 2.05 31.59 -55.58
CA PHE E 470 3.27 30.85 -55.87
C PHE E 470 3.55 30.84 -57.36
N VAL E 471 2.51 30.64 -58.18
CA VAL E 471 2.66 30.82 -59.62
C VAL E 471 3.34 32.15 -59.92
N VAL E 472 2.69 33.25 -59.54
CA VAL E 472 3.25 34.55 -59.89
C VAL E 472 4.62 34.71 -59.26
N ARG E 473 4.90 34.01 -58.16
CA ARG E 473 6.23 34.10 -57.56
C ARG E 473 7.30 33.76 -58.58
N PHE E 474 7.18 32.59 -59.23
CA PHE E 474 8.13 32.26 -60.29
C PHE E 474 8.00 33.25 -61.44
N LEU E 475 6.79 33.64 -61.76
CA LEU E 475 6.60 34.70 -62.75
C LEU E 475 7.36 35.94 -62.34
N PHE E 476 7.24 36.33 -61.06
CA PHE E 476 7.97 37.50 -60.57
C PHE E 476 9.46 37.34 -60.79
N GLY E 477 9.96 36.10 -60.64
CA GLY E 477 11.37 35.85 -60.87
C GLY E 477 11.76 35.98 -62.33
N LEU E 478 10.88 35.52 -63.24
CA LEU E 478 11.29 35.37 -64.63
C LEU E 478 11.35 36.72 -65.34
N VAL E 479 10.54 37.69 -64.91
CA VAL E 479 10.52 39.01 -65.54
C VAL E 479 11.61 39.84 -64.87
N ASN E 480 12.83 39.70 -65.39
CA ASN E 480 13.99 40.38 -64.84
C ASN E 480 14.91 40.81 -65.99
N GLN E 481 15.59 41.93 -65.80
CA GLN E 481 16.50 42.45 -66.82
C GLN E 481 17.68 41.53 -67.09
N GLU E 482 18.01 40.63 -66.18
CA GLU E 482 19.17 39.76 -66.33
C GLU E 482 18.78 38.34 -66.72
N ARG E 483 17.88 37.71 -65.97
CA ARG E 483 17.54 36.32 -66.22
C ARG E 483 16.78 36.14 -67.53
N THR E 484 15.92 37.09 -67.88
CA THR E 484 15.12 36.94 -69.10
C THR E 484 15.99 36.88 -70.34
N SER E 485 17.01 37.74 -70.42
CA SER E 485 17.87 37.76 -71.60
C SER E 485 18.64 36.45 -71.75
N TYR E 486 19.20 35.95 -70.65
CA TYR E 486 19.95 34.69 -70.71
C TYR E 486 19.02 33.53 -71.04
N LEU E 487 17.82 33.52 -70.48
CA LEU E 487 16.86 32.44 -70.77
C LEU E 487 16.47 32.47 -72.24
N GLU E 488 16.22 33.66 -72.79
CA GLU E 488 15.87 33.77 -74.20
C GLU E 488 17.03 33.33 -75.10
N LYS E 489 18.26 33.70 -74.73
CA LYS E 489 19.41 33.25 -75.50
C LYS E 489 19.56 31.73 -75.45
N LYS E 490 19.33 31.13 -74.28
CA LYS E 490 19.52 29.69 -74.13
C LYS E 490 18.44 28.90 -74.85
N LEU E 491 17.17 29.30 -74.71
CA LEU E 491 16.05 28.52 -75.22
C LEU E 491 15.45 29.11 -76.49
N SER E 492 16.02 30.17 -77.05
CA SER E 492 15.54 30.78 -78.29
C SER E 492 14.07 31.15 -78.20
N CYS E 493 13.71 31.93 -77.18
CA CYS E 493 12.34 32.34 -76.93
C CYS E 493 12.23 33.85 -76.85
N LYS E 494 11.00 34.34 -76.84
CA LYS E 494 10.72 35.76 -76.74
C LYS E 494 9.72 36.03 -75.61
N ILE E 495 9.95 37.13 -74.89
CA ILE E 495 9.15 37.49 -73.72
C ILE E 495 8.97 39.00 -73.70
N SER E 496 7.77 39.44 -73.35
CA SER E 496 7.45 40.87 -73.24
C SER E 496 7.52 41.31 -71.78
N GLN E 497 7.31 42.61 -71.57
CA GLN E 497 7.51 43.21 -70.25
C GLN E 497 6.33 44.03 -69.74
N GLN E 498 5.20 44.09 -70.45
CA GLN E 498 4.03 44.75 -69.89
C GLN E 498 3.46 43.95 -68.72
N ILE E 499 3.75 42.66 -68.68
CA ILE E 499 3.29 41.81 -67.58
C ILE E 499 3.92 42.27 -66.26
N ARG E 500 5.15 42.77 -66.32
CA ARG E 500 5.78 43.32 -65.11
C ARG E 500 5.02 44.53 -64.58
N LEU E 501 4.59 45.42 -65.49
CA LEU E 501 3.78 46.57 -65.07
C LEU E 501 2.44 46.12 -64.51
N GLU E 502 1.84 45.10 -65.12
CA GLU E 502 0.58 44.57 -64.58
C GLU E 502 0.76 43.98 -63.19
N LEU E 503 1.88 43.27 -62.96
CA LEU E 503 2.17 42.77 -61.62
C LEU E 503 2.38 43.92 -60.64
N LEU E 504 3.02 44.99 -61.08
CA LEU E 504 3.19 46.16 -60.23
C LEU E 504 1.84 46.75 -59.84
N LYS E 505 0.91 46.85 -60.79
CA LYS E 505 -0.42 47.31 -60.47
C LYS E 505 -1.12 46.36 -59.50
N TRP E 506 -0.91 45.05 -59.68
CA TRP E 506 -1.51 44.07 -58.77
C TRP E 506 -1.01 44.25 -57.35
N ILE E 507 0.30 44.41 -57.17
CA ILE E 507 0.84 44.60 -55.82
C ILE E 507 0.40 45.95 -55.26
N GLU E 508 0.29 46.97 -56.11
CA GLU E 508 -0.30 48.23 -55.68
C GLU E 508 -1.68 48.02 -55.07
N VAL E 509 -2.54 47.29 -55.79
CA VAL E 509 -3.89 47.03 -55.31
C VAL E 509 -3.85 46.23 -54.02
N LYS E 510 -3.01 45.20 -53.97
CA LYS E 510 -2.97 44.33 -52.79
C LYS E 510 -2.50 45.08 -51.56
N ALA E 511 -1.47 45.92 -51.70
CA ALA E 511 -0.96 46.66 -50.56
C ALA E 511 -1.94 47.72 -50.09
N LYS E 512 -2.54 48.47 -51.03
CA LYS E 512 -3.48 49.51 -50.63
C LYS E 512 -4.76 48.91 -50.07
N ALA E 513 -5.18 47.75 -50.58
CA ALA E 513 -6.35 47.07 -50.04
C ALA E 513 -6.13 46.72 -48.57
N LYS E 514 -7.16 46.92 -47.76
CA LYS E 514 -7.05 46.65 -46.33
C LYS E 514 -6.91 45.15 -46.07
N LYS E 515 -7.98 44.40 -46.37
CA LYS E 515 -7.99 42.93 -46.41
C LYS E 515 -7.19 42.31 -45.26
N LEU E 516 -7.48 42.77 -44.04
CA LEU E 516 -6.79 42.25 -42.87
C LEU E 516 -7.20 40.81 -42.58
N GLN E 517 -6.20 39.99 -42.24
CA GLN E 517 -6.39 38.60 -41.81
C GLN E 517 -7.09 37.76 -42.88
N ILE E 518 -6.91 38.12 -44.15
CA ILE E 518 -7.45 37.38 -45.28
C ILE E 518 -6.31 37.08 -46.24
N GLN E 519 -6.17 35.82 -46.65
CA GLN E 519 -5.25 35.25 -47.64
C GLN E 519 -3.79 35.59 -47.30
N PRO E 520 -2.81 34.99 -48.00
CA PRO E 520 -1.40 35.34 -47.72
C PRO E 520 -1.08 36.78 -48.10
N SER E 521 -0.65 37.58 -47.11
CA SER E 521 -0.72 39.03 -47.23
C SER E 521 0.65 39.70 -47.34
N GLN E 522 1.57 39.47 -46.41
CA GLN E 522 2.75 40.32 -46.30
C GLN E 522 4.04 39.62 -46.70
N LEU E 523 4.34 38.49 -46.05
CA LEU E 523 5.63 37.83 -46.30
C LEU E 523 5.74 37.30 -47.72
N GLU E 524 4.64 36.82 -48.29
CA GLU E 524 4.68 36.27 -49.64
C GLU E 524 5.01 37.33 -50.67
N LEU E 525 4.49 38.54 -50.51
CA LEU E 525 4.86 39.63 -51.40
C LEU E 525 6.36 39.91 -51.30
N PHE E 526 6.91 39.79 -50.09
CA PHE E 526 8.36 39.95 -49.93
C PHE E 526 9.11 38.85 -50.65
N TYR E 527 8.59 37.61 -50.60
CA TYR E 527 9.16 36.52 -51.40
C TYR E 527 9.17 36.87 -52.88
N CYS E 528 8.07 37.40 -53.39
CA CYS E 528 8.01 37.75 -54.81
C CYS E 528 9.03 38.84 -55.15
N LEU E 529 9.10 39.89 -54.33
CA LEU E 529 10.05 40.97 -54.60
C LEU E 529 11.49 40.48 -54.53
N TYR E 530 11.79 39.63 -53.55
CA TYR E 530 13.13 39.03 -53.48
C TYR E 530 13.39 38.13 -54.67
N GLU E 531 12.35 37.49 -55.20
CA GLU E 531 12.51 36.67 -56.39
C GLU E 531 12.91 37.51 -57.59
N MET E 532 12.30 38.69 -57.75
CA MET E 532 12.61 39.52 -58.91
C MET E 532 14.05 40.03 -58.88
N GLN E 533 14.51 40.49 -57.72
CA GLN E 533 15.88 41.00 -57.55
C GLN E 533 16.17 42.22 -58.42
N GLU E 534 15.13 42.96 -58.81
CA GLU E 534 15.31 44.19 -59.58
C GLU E 534 15.11 45.38 -58.65
N GLU E 535 16.20 46.10 -58.38
CA GLU E 535 16.15 47.12 -57.33
C GLU E 535 15.14 48.22 -57.64
N ASP E 536 15.09 48.68 -58.90
CA ASP E 536 14.22 49.80 -59.25
C ASP E 536 12.76 49.42 -59.06
N PHE E 537 12.37 48.23 -59.53
CA PHE E 537 11.02 47.76 -59.33
C PHE E 537 10.70 47.61 -57.85
N VAL E 538 11.67 47.13 -57.07
CA VAL E 538 11.46 46.96 -55.63
C VAL E 538 11.19 48.32 -54.98
N GLN E 539 11.96 49.33 -55.35
CA GLN E 539 11.74 50.67 -54.80
C GLN E 539 10.35 51.19 -55.19
N ARG E 540 9.98 51.00 -56.46
CA ARG E 540 8.66 51.48 -56.89
C ARG E 540 7.54 50.71 -56.23
N ALA E 541 7.80 49.46 -55.83
CA ALA E 541 6.73 48.59 -55.34
C ALA E 541 6.50 48.72 -53.85
N MET E 542 7.56 48.86 -53.05
CA MET E 542 7.34 48.86 -51.60
C MET E 542 7.10 50.24 -51.01
N ASP E 543 6.91 51.27 -51.84
CA ASP E 543 6.59 52.59 -51.31
C ASP E 543 5.16 52.68 -50.78
N TYR E 544 4.34 51.65 -50.99
CA TYR E 544 2.93 51.67 -50.61
C TYR E 544 2.62 50.77 -49.42
N PHE E 545 3.64 50.13 -48.83
CA PHE E 545 3.58 49.26 -47.67
C PHE E 545 3.35 49.91 -46.30
N PRO E 546 3.66 51.22 -46.10
CA PRO E 546 4.37 51.64 -44.89
C PRO E 546 4.13 50.84 -43.61
N LYS E 547 2.88 50.58 -43.25
CA LYS E 547 2.61 49.81 -42.04
C LYS E 547 2.88 48.33 -42.31
N ILE E 548 4.07 47.86 -41.92
CA ILE E 548 4.52 46.51 -42.22
C ILE E 548 4.40 45.68 -40.96
N GLU E 549 3.80 44.49 -41.10
CA GLU E 549 3.70 43.53 -39.99
C GLU E 549 4.05 42.16 -40.55
N ILE E 550 5.08 41.53 -39.99
CA ILE E 550 5.55 40.24 -40.50
C ILE E 550 5.77 39.28 -39.35
N ASN E 551 5.72 37.99 -39.66
CA ASN E 551 5.91 36.93 -38.69
C ASN E 551 6.89 35.93 -39.27
N LEU E 552 8.11 35.91 -38.74
CA LEU E 552 9.23 35.18 -39.31
C LEU E 552 9.47 33.90 -38.53
N SER E 553 9.81 32.82 -39.24
CA SER E 553 10.08 31.55 -38.61
C SER E 553 11.32 30.83 -39.13
N THR E 554 11.89 31.25 -40.26
CA THR E 554 13.01 30.55 -40.85
C THR E 554 14.09 31.56 -41.23
N ARG E 555 15.28 31.03 -41.51
CA ARG E 555 16.40 31.88 -41.91
C ARG E 555 16.11 32.58 -43.24
N MET E 556 15.46 31.87 -44.17
CA MET E 556 15.10 32.49 -45.43
C MET E 556 14.10 33.62 -45.22
N ASP E 557 13.17 33.47 -44.27
CA ASP E 557 12.28 34.56 -43.93
C ASP E 557 13.07 35.77 -43.45
N HIS E 558 14.07 35.54 -42.59
CA HIS E 558 14.89 36.64 -42.10
C HIS E 558 15.61 37.33 -43.25
N MET E 559 16.16 36.56 -44.19
CA MET E 559 16.92 37.16 -45.29
C MET E 559 16.01 37.97 -46.21
N VAL E 560 14.85 37.42 -46.58
CA VAL E 560 13.96 38.14 -47.48
C VAL E 560 13.44 39.40 -46.80
N SER E 561 13.09 39.30 -45.52
CA SER E 561 12.62 40.48 -44.79
C SER E 561 13.71 41.53 -44.71
N SER E 562 14.95 41.12 -44.47
CA SER E 562 16.06 42.07 -44.41
C SER E 562 16.24 42.76 -45.75
N PHE E 563 16.23 41.99 -46.83
CA PHE E 563 16.37 42.58 -48.17
C PHE E 563 15.27 43.61 -48.43
N CYS E 564 14.02 43.23 -48.15
CA CYS E 564 12.90 44.12 -48.43
C CYS E 564 12.96 45.38 -47.58
N ILE E 565 13.17 45.22 -46.27
CA ILE E 565 13.18 46.38 -45.38
C ILE E 565 14.33 47.31 -45.73
N GLU E 566 15.49 46.74 -46.08
CA GLU E 566 16.60 47.57 -46.53
C GLU E 566 16.24 48.34 -47.80
N ASN E 567 15.56 47.69 -48.74
CA ASN E 567 15.21 48.37 -49.99
C ASN E 567 14.06 49.34 -49.83
N CYS E 568 13.27 49.24 -48.76
CA CYS E 568 12.14 50.13 -48.59
C CYS E 568 12.59 51.53 -48.21
N HIS E 569 11.77 52.52 -48.54
CA HIS E 569 12.06 53.92 -48.22
C HIS E 569 10.86 54.67 -47.67
N ARG E 570 9.70 54.03 -47.50
CA ARG E 570 8.53 54.70 -46.96
C ARG E 570 7.90 53.91 -45.82
N VAL E 571 8.69 53.13 -45.09
CA VAL E 571 8.17 52.37 -43.96
C VAL E 571 8.18 53.27 -42.71
N GLU E 572 7.08 53.25 -41.97
CA GLU E 572 6.98 54.01 -40.73
C GLU E 572 6.84 53.11 -39.51
N SER E 573 5.86 52.22 -39.51
CA SER E 573 5.64 51.28 -38.41
C SER E 573 6.04 49.89 -38.86
N LEU E 574 6.76 49.17 -38.00
CA LEU E 574 7.24 47.84 -38.33
C LEU E 574 7.01 46.92 -37.15
N SER E 575 6.25 45.85 -37.37
CA SER E 575 5.95 44.87 -36.35
C SER E 575 6.59 43.54 -36.73
N LEU E 576 7.38 42.98 -35.82
CA LEU E 576 8.06 41.72 -36.03
C LEU E 576 7.53 40.66 -35.06
N GLY E 577 7.27 39.47 -35.59
CA GLY E 577 7.00 38.34 -34.74
C GLY E 577 8.03 37.26 -34.96
N PHE E 578 8.50 36.63 -33.88
CA PHE E 578 9.52 35.59 -33.97
C PHE E 578 8.95 34.28 -33.46
N LEU E 579 9.35 33.17 -34.09
CA LEU E 579 8.91 31.83 -33.72
C LEU E 579 10.12 30.94 -33.56
N HIS E 580 10.12 30.11 -32.52
CA HIS E 580 11.21 29.19 -32.22
C HIS E 580 12.55 29.91 -32.08
N THR E 621 17.68 32.68 -32.93
CA THR E 621 16.98 33.96 -32.96
C THR E 621 17.95 35.11 -33.21
N SER E 622 18.85 35.33 -32.25
CA SER E 622 19.77 36.47 -32.32
C SER E 622 20.68 36.39 -33.54
N SER E 623 20.96 35.18 -34.04
CA SER E 623 21.87 35.02 -35.16
C SER E 623 21.37 35.77 -36.39
N PHE E 624 20.06 35.70 -36.66
CA PHE E 624 19.51 36.42 -37.80
C PHE E 624 18.92 37.76 -37.37
N CYS E 625 18.67 37.93 -36.08
CA CYS E 625 18.32 39.24 -35.55
C CYS E 625 19.45 40.23 -35.79
N ARG E 626 20.70 39.77 -35.71
CA ARG E 626 21.82 40.64 -36.02
C ARG E 626 21.78 41.16 -37.45
N GLY E 627 21.15 40.42 -38.36
CA GLY E 627 21.03 40.88 -39.73
C GLY E 627 19.82 41.77 -39.93
N LEU E 628 18.70 41.41 -39.30
CA LEU E 628 17.50 42.24 -39.39
C LEU E 628 17.73 43.62 -38.79
N PHE E 629 18.33 43.68 -37.60
CA PHE E 629 18.41 44.93 -36.87
C PHE E 629 19.38 45.90 -37.55
N SER E 630 20.38 45.40 -38.25
CA SER E 630 21.30 46.29 -38.96
C SER E 630 20.56 47.10 -40.02
N VAL E 631 19.76 46.42 -40.85
CA VAL E 631 19.00 47.13 -41.87
C VAL E 631 17.85 47.92 -41.27
N LEU E 632 17.37 47.52 -40.09
CA LEU E 632 16.42 48.38 -39.38
C LEU E 632 17.07 49.70 -38.96
N SER E 633 18.30 49.64 -38.47
CA SER E 633 18.99 50.86 -38.05
C SER E 633 19.34 51.73 -39.24
N THR E 634 19.81 51.13 -40.34
CA THR E 634 20.20 51.93 -41.49
C THR E 634 19.03 52.68 -42.09
N SER E 635 17.80 52.19 -41.89
CA SER E 635 16.63 52.84 -42.45
C SER E 635 16.45 54.24 -41.86
N GLN E 636 16.17 55.20 -42.73
CA GLN E 636 16.00 56.60 -42.34
C GLN E 636 14.54 57.03 -42.26
N SER E 637 13.59 56.12 -42.50
CA SER E 637 12.17 56.47 -42.47
C SER E 637 11.42 55.78 -41.35
N LEU E 638 11.99 54.79 -40.70
CA LEU E 638 11.30 54.06 -39.65
C LEU E 638 11.15 54.94 -38.40
N THR E 639 9.96 54.93 -37.82
CA THR E 639 9.71 55.65 -36.56
C THR E 639 9.25 54.76 -35.42
N GLU E 640 8.44 53.72 -35.68
CA GLU E 640 8.00 52.80 -34.65
C GLU E 640 8.69 51.46 -34.83
N LEU E 641 8.70 50.67 -33.76
CA LEU E 641 9.30 49.34 -33.81
C LEU E 641 8.64 48.50 -32.71
N ASP E 642 7.71 47.65 -33.11
CA ASP E 642 6.93 46.84 -32.17
C ASP E 642 7.52 45.43 -32.13
N LEU E 643 7.89 44.98 -30.93
CA LEU E 643 8.36 43.62 -30.72
C LEU E 643 7.61 42.93 -29.58
N SER E 644 6.37 43.35 -29.34
CA SER E 644 5.61 42.81 -28.21
C SER E 644 5.33 41.32 -28.41
N ASP E 645 5.19 40.62 -27.29
CA ASP E 645 4.82 39.21 -27.26
C ASP E 645 5.82 38.32 -27.99
N ASN E 646 7.11 38.58 -27.82
CA ASN E 646 8.15 37.71 -28.35
C ASN E 646 9.00 37.15 -27.21
N SER E 647 9.77 36.12 -27.52
CA SER E 647 10.81 35.63 -26.62
C SER E 647 12.17 36.26 -26.98
N LEU E 648 12.19 37.59 -26.95
CA LEU E 648 13.38 38.33 -27.38
C LEU E 648 14.56 37.99 -26.48
N GLY E 649 14.36 37.96 -25.17
CA GLY E 649 15.38 37.55 -24.24
C GLY E 649 16.46 38.61 -24.04
N ASP E 650 17.31 38.35 -23.04
CA ASP E 650 18.40 39.27 -22.74
C ASP E 650 19.42 39.39 -23.87
N PRO E 651 19.93 38.30 -24.47
CA PRO E 651 20.85 38.49 -25.61
C PRO E 651 20.22 39.21 -26.78
N GLY E 652 18.96 38.91 -27.08
CA GLY E 652 18.28 39.62 -28.15
C GLY E 652 18.14 41.09 -27.87
N MET E 653 17.82 41.44 -26.61
CA MET E 653 17.71 42.84 -26.25
C MET E 653 19.08 43.52 -26.29
N ARG E 654 20.14 42.80 -25.95
CA ARG E 654 21.48 43.35 -26.06
C ARG E 654 21.83 43.66 -27.52
N VAL E 655 21.49 42.74 -28.43
CA VAL E 655 21.73 43.00 -29.85
C VAL E 655 20.91 44.19 -30.32
N LEU E 656 19.64 44.26 -29.91
CA LEU E 656 18.79 45.38 -30.31
C LEU E 656 19.33 46.69 -29.78
N CYS E 657 19.88 46.68 -28.56
CA CYS E 657 20.44 47.91 -27.98
C CYS E 657 21.72 48.32 -28.69
N GLU E 658 22.57 47.35 -29.05
CA GLU E 658 23.72 47.67 -29.87
C GLU E 658 23.28 48.30 -31.18
N THR E 659 22.17 47.82 -31.74
CA THR E 659 21.62 48.43 -32.95
C THR E 659 21.15 49.87 -32.71
N LEU E 660 20.43 50.09 -31.60
CA LEU E 660 19.81 51.40 -31.38
C LEU E 660 20.84 52.49 -31.12
N GLN E 661 22.07 52.12 -30.77
CA GLN E 661 23.11 53.11 -30.54
C GLN E 661 23.73 53.62 -31.83
N HIS E 662 23.33 53.08 -32.98
CA HIS E 662 23.84 53.56 -34.24
C HIS E 662 23.49 55.03 -34.44
N PRO E 663 24.42 55.84 -34.95
CA PRO E 663 24.11 57.28 -35.13
C PRO E 663 22.96 57.54 -36.07
N GLY E 664 22.74 56.69 -37.07
CA GLY E 664 21.68 56.89 -38.04
C GLY E 664 20.33 56.36 -37.66
N CYS E 665 20.18 55.80 -36.46
CA CYS E 665 18.89 55.26 -36.05
C CYS E 665 17.84 56.37 -35.94
N ASN E 666 16.62 56.05 -36.34
CA ASN E 666 15.52 57.01 -36.35
C ASN E 666 14.31 56.51 -35.58
N ILE E 667 14.43 55.40 -34.85
CA ILE E 667 13.29 54.85 -34.14
C ILE E 667 12.90 55.79 -33.00
N ARG E 668 11.62 56.14 -32.93
CA ARG E 668 11.12 57.06 -31.93
C ARG E 668 10.21 56.42 -30.91
N ARG E 669 9.51 55.35 -31.26
CA ARG E 669 8.68 54.60 -30.33
C ARG E 669 9.10 53.14 -30.35
N LEU E 670 9.27 52.55 -29.17
CA LEU E 670 9.76 51.17 -29.06
C LEU E 670 8.93 50.46 -28.02
N TRP E 671 8.10 49.51 -28.46
CA TRP E 671 7.24 48.74 -27.57
C TRP E 671 7.86 47.37 -27.35
N LEU E 672 7.94 46.96 -26.08
CA LEU E 672 8.59 45.72 -25.70
C LEU E 672 7.77 44.97 -24.68
N GLY E 673 6.45 44.97 -24.85
CA GLY E 673 5.58 44.30 -23.90
C GLY E 673 5.78 42.79 -23.94
N ARG E 674 5.98 42.19 -22.76
CA ARG E 674 6.05 40.74 -22.61
C ARG E 674 7.12 40.12 -23.51
N CYS E 675 8.28 40.78 -23.57
CA CYS E 675 9.42 40.27 -24.32
C CYS E 675 10.26 39.27 -23.54
N GLY E 676 9.79 38.85 -22.37
CA GLY E 676 10.58 37.94 -21.55
C GLY E 676 11.84 38.54 -21.00
N LEU E 677 11.94 39.86 -20.97
CA LEU E 677 13.14 40.53 -20.50
C LEU E 677 13.28 40.41 -18.98
N SER E 678 14.48 40.70 -18.50
CA SER E 678 14.76 40.70 -17.07
C SER E 678 15.57 41.93 -16.70
N HIS E 679 16.12 41.96 -15.49
CA HIS E 679 16.90 43.12 -15.06
C HIS E 679 18.17 43.28 -15.87
N GLU E 680 18.58 42.23 -16.59
CA GLU E 680 19.84 42.30 -17.34
C GLU E 680 19.72 43.23 -18.54
N CYS E 681 18.53 43.28 -19.15
CA CYS E 681 18.36 44.13 -20.33
C CYS E 681 18.32 45.61 -19.96
N CYS E 682 18.01 45.92 -18.70
CA CYS E 682 17.91 47.31 -18.27
C CYS E 682 19.23 48.05 -18.37
N PHE E 683 20.35 47.36 -18.19
CA PHE E 683 21.65 47.99 -18.38
C PHE E 683 21.82 48.50 -19.80
N ASP E 684 21.53 47.65 -20.78
CA ASP E 684 21.64 48.03 -22.18
C ASP E 684 20.62 49.12 -22.53
N ILE E 685 19.41 49.03 -21.98
CA ILE E 685 18.41 50.06 -22.25
C ILE E 685 18.86 51.40 -21.69
N SER E 686 19.50 51.39 -20.51
CA SER E 686 20.02 52.63 -19.95
C SER E 686 21.14 53.19 -20.81
N LEU E 687 21.99 52.32 -21.36
CA LEU E 687 23.02 52.77 -22.28
C LEU E 687 22.39 53.45 -23.50
N VAL E 688 21.36 52.84 -24.05
CA VAL E 688 20.66 53.42 -25.20
C VAL E 688 20.08 54.78 -24.84
N LEU E 689 19.40 54.86 -23.69
CA LEU E 689 18.78 56.10 -23.27
C LEU E 689 19.80 57.21 -23.02
N SER E 690 21.00 56.86 -22.57
CA SER E 690 22.07 57.83 -22.41
C SER E 690 22.81 58.11 -23.70
N SER E 691 22.57 57.33 -24.76
CA SER E 691 23.26 57.55 -26.03
C SER E 691 22.32 58.03 -27.13
N ASN E 692 21.08 57.55 -27.13
CA ASN E 692 20.12 57.85 -28.19
C ASN E 692 19.29 59.07 -27.80
N GLN E 693 19.36 60.11 -28.62
CA GLN E 693 18.63 61.35 -28.37
C GLN E 693 17.28 61.40 -29.08
N LYS E 694 16.97 60.42 -29.93
CA LYS E 694 15.74 60.45 -30.70
C LYS E 694 14.61 59.62 -30.11
N LEU E 695 14.93 58.65 -29.25
CA LEU E 695 13.89 57.84 -28.62
C LEU E 695 12.97 58.72 -27.78
N VAL E 696 11.66 58.56 -27.96
CA VAL E 696 10.67 59.41 -27.32
C VAL E 696 9.76 58.61 -26.40
N GLU E 697 9.27 57.46 -26.86
CA GLU E 697 8.40 56.61 -26.06
C GLU E 697 9.03 55.24 -25.87
N LEU E 698 8.65 54.57 -24.79
CA LEU E 698 9.19 53.26 -24.48
C LEU E 698 8.17 52.49 -23.67
N ASP E 699 8.07 51.19 -23.93
CA ASP E 699 7.15 50.32 -23.24
C ASP E 699 7.90 49.09 -22.74
N LEU E 700 7.64 48.70 -21.49
CA LEU E 700 8.29 47.55 -20.89
C LEU E 700 7.30 46.72 -20.08
N SER E 701 6.02 46.78 -20.46
CA SER E 701 4.97 46.10 -19.69
C SER E 701 5.19 44.59 -19.67
N ASP E 702 4.83 43.97 -18.55
CA ASP E 702 4.83 42.52 -18.41
C ASP E 702 6.23 41.93 -18.57
N ASN E 703 7.24 42.65 -18.09
CA ASN E 703 8.60 42.14 -18.00
C ASN E 703 9.06 42.21 -16.56
N ALA E 704 9.64 41.12 -16.06
CA ALA E 704 10.05 41.03 -14.66
C ALA E 704 11.36 41.79 -14.42
N LEU E 705 11.31 43.09 -14.67
CA LEU E 705 12.48 43.93 -14.43
C LEU E 705 12.85 43.96 -12.96
N GLY E 706 11.89 44.25 -12.09
CA GLY E 706 12.14 44.27 -10.66
C GLY E 706 12.75 45.57 -10.17
N ASP E 707 12.97 45.61 -8.86
CA ASP E 707 13.54 46.80 -8.23
C ASP E 707 14.94 47.09 -8.76
N PHE E 708 15.76 46.06 -8.92
CA PHE E 708 17.10 46.26 -9.46
C PHE E 708 17.04 46.69 -10.92
N GLY E 709 16.09 46.15 -11.68
CA GLY E 709 15.89 46.61 -13.04
C GLY E 709 15.58 48.09 -13.11
N ILE E 710 14.68 48.55 -12.25
CA ILE E 710 14.34 49.98 -12.24
C ILE E 710 15.53 50.81 -11.77
N ARG E 711 16.31 50.28 -10.82
CA ARG E 711 17.50 51.01 -10.37
C ARG E 711 18.49 51.18 -11.50
N LEU E 712 18.67 50.14 -12.31
CA LEU E 712 19.55 50.25 -13.47
C LEU E 712 18.99 51.21 -14.52
N LEU E 713 17.67 51.15 -14.74
CA LEU E 713 17.05 51.98 -15.76
C LEU E 713 17.14 53.47 -15.42
N CYS E 714 16.95 53.80 -14.14
CA CYS E 714 16.93 55.20 -13.73
C CYS E 714 18.28 55.89 -13.93
N VAL E 715 19.35 55.13 -14.08
CA VAL E 715 20.65 55.73 -14.39
C VAL E 715 20.61 56.35 -15.78
N GLY E 716 20.10 55.60 -16.76
CA GLY E 716 19.91 56.16 -18.09
C GLY E 716 18.83 57.21 -18.11
N LEU E 717 17.75 57.02 -17.34
CA LEU E 717 16.65 57.96 -17.35
C LEU E 717 17.05 59.33 -16.83
N LYS E 718 18.06 59.39 -15.96
CA LYS E 718 18.50 60.65 -15.36
C LYS E 718 19.58 61.36 -16.17
N HIS E 719 19.97 60.82 -17.32
CA HIS E 719 20.99 61.44 -18.15
C HIS E 719 20.45 62.72 -18.79
N LEU E 720 21.37 63.59 -19.20
CA LEU E 720 21.00 64.83 -19.87
C LEU E 720 20.67 64.62 -21.35
N LEU E 721 21.08 63.50 -21.92
CA LEU E 721 20.78 63.18 -23.31
C LEU E 721 19.53 62.32 -23.46
N CYS E 722 18.85 62.01 -22.36
CA CYS E 722 17.63 61.21 -22.41
C CYS E 722 16.44 62.10 -22.73
N ASN E 723 15.86 61.93 -23.91
CA ASN E 723 14.71 62.70 -24.35
C ASN E 723 13.41 61.92 -24.21
N LEU E 724 13.42 60.81 -23.46
CA LEU E 724 12.23 59.98 -23.32
C LEU E 724 11.10 60.79 -22.71
N LYS E 725 9.90 60.64 -23.28
CA LYS E 725 8.73 61.37 -22.81
C LYS E 725 7.70 60.47 -22.12
N LYS E 726 7.39 59.31 -22.71
CA LYS E 726 6.42 58.39 -22.15
C LYS E 726 7.13 57.12 -21.73
N LEU E 727 6.66 56.50 -20.64
CA LEU E 727 7.26 55.29 -20.11
C LEU E 727 6.16 54.41 -19.54
N TRP E 728 6.13 53.15 -19.97
CA TRP E 728 5.19 52.17 -19.46
C TRP E 728 5.94 51.15 -18.61
N LEU E 729 5.40 50.87 -17.42
CA LEU E 729 5.98 49.88 -16.53
C LEU E 729 4.89 49.01 -15.91
N VAL E 730 3.79 48.83 -16.63
CA VAL E 730 2.64 48.09 -16.11
C VAL E 730 3.03 46.64 -15.86
N SER E 731 2.85 46.18 -14.62
CA SER E 731 3.07 44.79 -14.25
C SER E 731 4.52 44.36 -14.51
N CYS E 732 5.45 45.12 -13.94
CA CYS E 732 6.87 44.82 -14.04
C CYS E 732 7.42 44.14 -12.78
N CYS E 733 6.54 43.60 -11.94
CA CYS E 733 6.94 42.96 -10.69
C CYS E 733 7.76 43.91 -9.82
N LEU E 734 7.33 45.16 -9.71
CA LEU E 734 7.98 46.14 -8.87
C LEU E 734 7.40 46.12 -7.46
N THR E 735 8.12 46.76 -6.55
CA THR E 735 7.66 46.90 -5.16
C THR E 735 7.87 48.33 -4.70
N SER E 736 7.72 48.58 -3.40
CA SER E 736 7.92 49.92 -2.87
C SER E 736 9.39 50.30 -2.81
N ALA E 737 10.30 49.33 -2.90
CA ALA E 737 11.72 49.63 -2.84
C ALA E 737 12.15 50.50 -4.02
N CYS E 738 11.68 50.19 -5.22
CA CYS E 738 12.08 50.94 -6.41
C CYS E 738 11.48 52.33 -6.45
N CYS E 739 10.48 52.61 -5.60
CA CYS E 739 9.80 53.90 -5.65
C CYS E 739 10.73 55.04 -5.28
N GLN E 740 11.77 54.77 -4.50
CA GLN E 740 12.76 55.79 -4.19
C GLN E 740 13.52 56.23 -5.43
N ASP E 741 13.67 55.33 -6.41
CA ASP E 741 14.42 55.63 -7.62
C ASP E 741 13.58 56.40 -8.63
N LEU E 742 12.39 55.89 -8.93
CA LEU E 742 11.51 56.54 -9.90
C LEU E 742 11.23 57.99 -9.50
N ALA E 743 11.02 58.24 -8.21
CA ALA E 743 10.79 59.60 -7.75
C ALA E 743 11.96 60.50 -8.10
N SER E 744 13.19 59.99 -7.93
CA SER E 744 14.36 60.79 -8.28
C SER E 744 14.37 61.15 -9.75
N VAL E 745 13.74 60.31 -10.59
CA VAL E 745 13.61 60.65 -12.01
C VAL E 745 12.64 61.81 -12.19
N LEU E 746 11.53 61.80 -11.44
CA LEU E 746 10.48 62.79 -11.64
C LEU E 746 10.99 64.20 -11.34
N SER E 747 11.79 64.36 -10.29
CA SER E 747 12.33 65.66 -9.95
C SER E 747 13.53 66.05 -10.80
N THR E 748 14.06 65.14 -11.60
CA THR E 748 15.24 65.40 -12.42
C THR E 748 14.97 65.39 -13.91
N SER E 749 14.18 64.44 -14.39
CA SER E 749 13.95 64.30 -15.84
C SER E 749 13.20 65.52 -16.36
N HIS E 750 13.82 66.23 -17.30
CA HIS E 750 13.23 67.42 -17.90
C HIS E 750 12.23 67.09 -19.00
N SER E 751 12.09 65.82 -19.39
CA SER E 751 11.27 65.45 -20.52
C SER E 751 10.19 64.43 -20.20
N LEU E 752 10.42 63.53 -19.24
CA LEU E 752 9.44 62.50 -18.91
C LEU E 752 8.15 63.12 -18.40
N THR E 753 7.06 62.97 -19.15
CA THR E 753 5.77 63.55 -18.78
C THR E 753 4.73 62.52 -18.37
N ARG E 754 4.68 61.36 -19.02
CA ARG E 754 3.63 60.39 -18.81
C ARG E 754 4.23 59.08 -18.31
N LEU E 755 3.95 58.75 -17.06
CA LEU E 755 4.49 57.55 -16.42
C LEU E 755 3.35 56.64 -15.98
N TYR E 756 3.41 55.38 -16.38
CA TYR E 756 2.41 54.39 -16.03
C TYR E 756 3.09 53.27 -15.25
N VAL E 757 2.77 53.15 -13.96
CA VAL E 757 3.39 52.17 -13.09
C VAL E 757 2.33 51.28 -12.46
N GLY E 758 1.23 51.06 -13.16
CA GLY E 758 0.14 50.29 -12.61
C GLY E 758 0.47 48.82 -12.48
N GLU E 759 -0.45 48.09 -11.83
CA GLU E 759 -0.38 46.64 -11.67
C GLU E 759 0.87 46.20 -10.91
N ASN E 760 1.42 47.08 -10.08
CA ASN E 760 2.57 46.77 -9.24
C ASN E 760 2.21 46.97 -7.78
N ALA E 761 2.84 46.17 -6.92
CA ALA E 761 2.60 46.26 -5.48
C ALA E 761 3.37 47.43 -4.88
N LEU E 762 3.14 48.61 -5.44
CA LEU E 762 3.81 49.82 -4.96
C LEU E 762 3.42 50.12 -3.53
N GLY E 763 2.12 50.12 -3.24
CA GLY E 763 1.64 50.36 -1.90
C GLY E 763 1.53 51.83 -1.56
N ASP E 764 0.91 52.08 -0.39
CA ASP E 764 0.71 53.44 0.07
C ASP E 764 2.02 54.15 0.31
N SER E 765 3.00 53.45 0.89
CA SER E 765 4.32 54.05 1.13
C SER E 765 5.00 54.41 -0.18
N GLY E 766 4.93 53.52 -1.18
CA GLY E 766 5.54 53.83 -2.47
C GLY E 766 4.88 55.01 -3.16
N VAL E 767 3.55 55.07 -3.13
CA VAL E 767 2.86 56.19 -3.74
C VAL E 767 3.16 57.48 -3.00
N ALA E 768 3.31 57.40 -1.67
CA ALA E 768 3.74 58.58 -0.90
C ALA E 768 5.12 59.04 -1.33
N ILE E 769 6.03 58.10 -1.55
CA ILE E 769 7.39 58.46 -1.98
C ILE E 769 7.36 59.13 -3.34
N LEU E 770 6.57 58.59 -4.27
CA LEU E 770 6.43 59.24 -5.57
C LEU E 770 5.84 60.64 -5.44
N CYS E 771 4.79 60.79 -4.63
CA CYS E 771 4.11 62.07 -4.54
C CYS E 771 4.96 63.11 -3.82
N GLU E 772 5.86 62.68 -2.93
CA GLU E 772 6.71 63.63 -2.23
C GLU E 772 7.58 64.41 -3.21
N LYS E 773 8.00 63.77 -4.29
CA LYS E 773 8.72 64.45 -5.36
C LYS E 773 7.80 65.03 -6.41
N ALA E 774 6.60 64.46 -6.58
CA ALA E 774 5.66 64.97 -7.57
C ALA E 774 5.00 66.27 -7.14
N LYS E 775 5.07 66.62 -5.85
CA LYS E 775 4.47 67.86 -5.38
C LYS E 775 5.18 69.10 -5.92
N ASN E 776 6.44 68.96 -6.34
CA ASN E 776 7.20 70.10 -6.84
C ASN E 776 6.50 70.70 -8.06
N PRO E 777 6.22 72.00 -8.07
CA PRO E 777 5.60 72.61 -9.25
C PRO E 777 6.44 72.50 -10.50
N GLN E 778 7.76 72.33 -10.37
CA GLN E 778 8.63 72.19 -11.53
C GLN E 778 8.50 70.84 -12.20
N CYS E 779 7.89 69.85 -11.54
CA CYS E 779 7.71 68.53 -12.13
C CYS E 779 6.85 68.63 -13.38
N ASN E 780 7.29 67.98 -14.45
CA ASN E 780 6.61 68.04 -15.74
C ASN E 780 5.63 66.89 -15.94
N LEU E 781 5.42 66.05 -14.93
CA LEU E 781 4.53 64.90 -15.07
C LEU E 781 3.11 65.37 -15.40
N GLN E 782 2.51 64.73 -16.41
CA GLN E 782 1.16 65.08 -16.84
C GLN E 782 0.17 63.94 -16.60
N LYS E 783 0.46 62.75 -17.09
CA LYS E 783 -0.40 61.59 -16.89
C LYS E 783 0.29 60.61 -15.96
N LEU E 784 -0.42 60.16 -14.93
CA LEU E 784 0.11 59.19 -13.98
C LEU E 784 -0.86 58.01 -13.89
N GLY E 785 -0.32 56.81 -14.00
CA GLY E 785 -1.12 55.59 -13.97
C GLY E 785 -0.79 54.77 -12.74
N LEU E 786 -1.82 54.51 -11.93
CA LEU E 786 -1.68 53.70 -10.72
C LEU E 786 -2.75 52.62 -10.67
N VAL E 787 -3.13 52.10 -11.84
CA VAL E 787 -4.19 51.11 -11.91
C VAL E 787 -3.77 49.85 -11.17
N ASN E 788 -4.64 49.39 -10.26
CA ASN E 788 -4.45 48.12 -9.56
C ASN E 788 -3.12 48.10 -8.80
N SER E 789 -2.71 49.25 -8.30
CA SER E 789 -1.41 49.40 -7.64
C SER E 789 -1.47 49.09 -6.15
N GLY E 790 -2.51 48.38 -5.70
CA GLY E 790 -2.60 47.98 -4.31
C GLY E 790 -2.65 49.14 -3.34
N LEU E 791 -3.51 50.12 -3.61
CA LEU E 791 -3.57 51.33 -2.81
C LEU E 791 -4.77 51.33 -1.88
N THR E 792 -4.62 52.02 -0.76
CA THR E 792 -5.70 52.28 0.19
C THR E 792 -5.89 53.79 0.29
N SER E 793 -6.77 54.21 1.21
CA SER E 793 -7.02 55.63 1.40
C SER E 793 -5.86 56.38 2.03
N VAL E 794 -4.93 55.65 2.68
CA VAL E 794 -3.86 56.31 3.43
C VAL E 794 -3.02 57.19 2.52
N CYS E 795 -2.68 56.68 1.33
CA CYS E 795 -1.88 57.46 0.39
C CYS E 795 -2.68 58.55 -0.29
N CYS E 796 -4.02 58.49 -0.25
CA CYS E 796 -4.82 59.43 -1.03
C CYS E 796 -4.53 60.87 -0.65
N SER E 797 -4.42 61.16 0.65
CA SER E 797 -4.06 62.51 1.08
C SER E 797 -2.80 62.99 0.38
N ALA E 798 -1.78 62.15 0.32
CA ALA E 798 -0.55 62.52 -0.37
C ALA E 798 -0.84 62.87 -1.82
N LEU E 799 -1.62 62.03 -2.52
CA LEU E 799 -2.03 62.37 -3.88
C LEU E 799 -2.73 63.72 -3.91
N SER E 800 -3.60 63.98 -2.94
CA SER E 800 -4.30 65.25 -2.88
C SER E 800 -3.30 66.41 -2.88
N SER E 801 -2.20 66.27 -2.14
CA SER E 801 -1.22 67.34 -2.09
C SER E 801 -0.68 67.64 -3.48
N VAL E 802 -0.36 66.60 -4.26
CA VAL E 802 0.07 66.82 -5.63
C VAL E 802 -1.00 67.57 -6.41
N LEU E 803 -2.26 67.17 -6.24
CA LEU E 803 -3.34 67.83 -6.95
C LEU E 803 -3.44 69.29 -6.57
N SER E 804 -3.03 69.64 -5.35
CA SER E 804 -3.06 71.02 -4.92
C SER E 804 -1.86 71.81 -5.44
N THR E 805 -0.74 71.14 -5.72
CA THR E 805 0.51 71.83 -6.02
C THR E 805 0.95 71.70 -7.47
N ASN E 806 0.78 70.52 -8.07
CA ASN E 806 1.26 70.29 -9.44
C ASN E 806 0.28 70.89 -10.43
N GLN E 807 0.76 71.84 -11.23
CA GLN E 807 -0.05 72.48 -12.25
C GLN E 807 -0.05 71.71 -13.57
N ASN E 808 0.73 70.63 -13.68
CA ASN E 808 0.88 69.92 -14.93
C ASN E 808 0.08 68.62 -14.98
N LEU E 809 -0.25 68.03 -13.84
CA LEU E 809 -0.98 66.77 -13.82
C LEU E 809 -2.39 66.97 -14.39
N THR E 810 -2.62 66.47 -15.60
CA THR E 810 -3.93 66.58 -16.22
C THR E 810 -4.73 65.29 -16.17
N HIS E 811 -4.08 64.14 -16.08
CA HIS E 811 -4.76 62.86 -16.03
C HIS E 811 -4.27 62.07 -14.82
N LEU E 812 -5.13 61.19 -14.31
CA LEU E 812 -4.78 60.36 -13.17
C LEU E 812 -5.72 59.17 -13.15
N TYR E 813 -5.16 57.97 -13.24
CA TYR E 813 -5.95 56.73 -13.26
C TYR E 813 -5.74 55.98 -11.95
N LEU E 814 -6.84 55.61 -11.30
CA LEU E 814 -6.79 54.91 -10.02
C LEU E 814 -7.67 53.67 -10.03
N ARG E 815 -7.97 53.12 -11.20
CA ARG E 815 -8.84 51.96 -11.31
C ARG E 815 -8.28 50.78 -10.53
N GLY E 816 -9.16 50.08 -9.81
CA GLY E 816 -8.78 48.88 -9.11
C GLY E 816 -8.25 49.06 -7.71
N ASN E 817 -8.09 50.29 -7.26
CA ASN E 817 -7.55 50.58 -5.93
C ASN E 817 -8.68 50.78 -4.94
N THR E 818 -8.60 50.11 -3.80
CA THR E 818 -9.65 50.17 -2.78
C THR E 818 -9.48 51.45 -1.96
N LEU E 819 -9.72 52.58 -2.62
CA LEU E 819 -9.60 53.87 -1.96
C LEU E 819 -10.68 54.04 -0.88
N GLY E 820 -11.93 53.80 -1.25
CA GLY E 820 -13.03 53.97 -0.32
C GLY E 820 -13.57 55.39 -0.29
N ASP E 821 -14.68 55.55 0.44
CA ASP E 821 -15.31 56.86 0.52
C ASP E 821 -14.42 57.89 1.20
N LYS E 822 -13.70 57.47 2.24
CA LYS E 822 -12.77 58.39 2.91
C LYS E 822 -11.64 58.79 1.97
N GLY E 823 -11.14 57.85 1.17
CA GLY E 823 -10.13 58.20 0.18
C GLY E 823 -10.65 59.17 -0.86
N ILE E 824 -11.88 58.96 -1.32
CA ILE E 824 -12.47 59.87 -2.30
C ILE E 824 -12.66 61.26 -1.70
N LYS E 825 -13.07 61.33 -0.44
CA LYS E 825 -13.19 62.62 0.23
C LYS E 825 -11.84 63.32 0.35
N LEU E 826 -10.80 62.56 0.71
CA LEU E 826 -9.46 63.14 0.80
C LEU E 826 -8.98 63.64 -0.56
N LEU E 827 -9.28 62.90 -1.62
CA LEU E 827 -8.93 63.35 -2.97
C LEU E 827 -9.69 64.62 -3.33
N CYS E 828 -11.01 64.61 -3.12
CA CYS E 828 -11.82 65.78 -3.43
C CYS E 828 -11.39 67.01 -2.65
N GLU E 829 -10.76 66.80 -1.49
CA GLU E 829 -10.11 67.92 -0.81
C GLU E 829 -9.09 68.60 -1.71
N GLY E 830 -8.47 67.84 -2.60
CA GLY E 830 -7.47 68.38 -3.50
C GLY E 830 -8.00 68.78 -4.87
N LEU E 831 -8.93 67.99 -5.41
CA LEU E 831 -9.51 68.34 -6.71
C LEU E 831 -10.28 69.65 -6.64
N LEU E 832 -10.85 69.98 -5.49
CA LEU E 832 -11.60 71.22 -5.34
C LEU E 832 -10.69 72.43 -5.16
N HIS E 833 -9.38 72.24 -5.05
CA HIS E 833 -8.47 73.36 -4.93
C HIS E 833 -8.54 74.22 -6.18
N PRO E 834 -8.42 75.55 -6.05
CA PRO E 834 -8.46 76.41 -7.25
C PRO E 834 -7.36 76.11 -8.26
N ASP E 835 -6.19 75.66 -7.80
CA ASP E 835 -5.05 75.46 -8.67
C ASP E 835 -5.02 74.09 -9.34
N CYS E 836 -5.93 73.19 -8.97
CA CYS E 836 -5.96 71.87 -9.58
C CYS E 836 -6.35 71.97 -11.05
N LYS E 837 -5.59 71.30 -11.91
CA LYS E 837 -5.82 71.33 -13.35
C LYS E 837 -6.12 69.96 -13.93
N LEU E 838 -6.51 68.99 -13.09
CA LEU E 838 -6.82 67.65 -13.59
C LEU E 838 -7.99 67.71 -14.57
N GLN E 839 -7.91 66.89 -15.62
CA GLN E 839 -8.94 66.83 -16.64
C GLN E 839 -9.62 65.48 -16.77
N VAL E 840 -8.91 64.39 -16.51
CA VAL E 840 -9.47 63.05 -16.60
C VAL E 840 -9.13 62.30 -15.33
N LEU E 841 -10.13 61.68 -14.71
CA LEU E 841 -9.95 60.89 -13.51
C LEU E 841 -10.72 59.59 -13.64
N GLU E 842 -10.07 58.47 -13.34
CA GLU E 842 -10.70 57.17 -13.36
C GLU E 842 -10.74 56.61 -11.95
N LEU E 843 -11.89 56.05 -11.56
CA LEU E 843 -12.06 55.47 -10.23
C LEU E 843 -12.82 54.15 -10.30
N ASP E 844 -12.71 53.43 -11.41
CA ASP E 844 -13.42 52.18 -11.56
C ASP E 844 -12.97 51.17 -10.52
N ASN E 845 -13.92 50.36 -10.05
CA ASN E 845 -13.63 49.25 -9.14
C ASN E 845 -12.89 49.71 -7.89
N CYS E 846 -13.24 50.91 -7.42
CA CYS E 846 -12.62 51.49 -6.24
C CYS E 846 -13.38 51.17 -4.96
N ASN E 847 -14.43 50.34 -5.04
CA ASN E 847 -15.27 50.01 -3.89
C ASN E 847 -15.86 51.26 -3.26
N LEU E 848 -16.69 51.95 -4.05
CA LEU E 848 -17.32 53.19 -3.65
C LEU E 848 -18.82 52.97 -3.47
N THR E 849 -19.33 53.35 -2.31
CA THR E 849 -20.73 53.20 -1.97
C THR E 849 -21.46 54.54 -2.14
N SER E 850 -22.72 54.57 -1.72
CA SER E 850 -23.51 55.79 -1.86
C SER E 850 -23.02 56.90 -0.95
N HIS E 851 -22.29 56.58 0.12
CA HIS E 851 -21.88 57.59 1.08
C HIS E 851 -21.07 58.69 0.40
N CYS E 852 -20.22 58.32 -0.55
CA CYS E 852 -19.38 59.30 -1.24
C CYS E 852 -20.10 60.02 -2.37
N CYS E 853 -21.31 59.59 -2.75
CA CYS E 853 -21.97 60.16 -3.92
C CYS E 853 -22.23 61.66 -3.75
N TRP E 854 -22.37 62.13 -2.52
CA TRP E 854 -22.50 63.56 -2.29
C TRP E 854 -21.21 64.29 -2.62
N ASP E 855 -20.08 63.76 -2.16
CA ASP E 855 -18.80 64.42 -2.35
C ASP E 855 -18.52 64.70 -3.82
N LEU E 856 -18.64 63.67 -4.66
CA LEU E 856 -18.42 63.86 -6.09
C LEU E 856 -19.38 64.91 -6.65
N SER E 857 -20.61 64.95 -6.14
CA SER E 857 -21.54 65.99 -6.57
C SER E 857 -20.97 67.37 -6.27
N THR E 858 -20.44 67.55 -5.07
CA THR E 858 -19.78 68.82 -4.75
C THR E 858 -18.64 69.10 -5.73
N LEU E 859 -17.98 68.05 -6.20
CA LEU E 859 -16.94 68.22 -7.21
C LEU E 859 -17.55 68.75 -8.51
N LEU E 860 -18.67 68.20 -8.93
CA LEU E 860 -19.20 68.48 -10.27
C LEU E 860 -19.53 69.95 -10.44
N THR E 861 -20.14 70.57 -9.42
CA THR E 861 -20.49 71.97 -9.51
C THR E 861 -19.27 72.88 -9.36
N SER E 862 -18.19 72.37 -8.77
CA SER E 862 -17.07 73.23 -8.39
C SER E 862 -15.83 73.04 -9.24
N SER E 863 -15.57 71.85 -9.77
CA SER E 863 -14.37 71.62 -10.56
C SER E 863 -14.50 72.31 -11.91
N GLN E 864 -13.67 73.32 -12.15
CA GLN E 864 -13.69 74.09 -13.38
C GLN E 864 -12.78 73.52 -14.46
N SER E 865 -12.04 72.45 -14.15
CA SER E 865 -11.10 71.87 -15.09
C SER E 865 -11.43 70.44 -15.49
N LEU E 866 -12.01 69.64 -14.58
CA LEU E 866 -12.30 68.25 -14.88
C LEU E 866 -13.25 68.14 -16.07
N ARG E 867 -12.93 67.22 -16.98
CA ARG E 867 -13.71 67.03 -18.19
C ARG E 867 -14.24 65.61 -18.30
N LYS E 868 -13.50 64.64 -17.77
CA LYS E 868 -13.88 63.24 -17.85
C LYS E 868 -13.78 62.61 -16.48
N LEU E 869 -14.65 61.63 -16.22
CA LEU E 869 -14.68 60.94 -14.95
C LEU E 869 -15.37 59.59 -15.13
N SER E 870 -14.63 58.52 -14.87
CA SER E 870 -15.15 57.17 -15.00
C SER E 870 -15.40 56.58 -13.62
N LEU E 871 -16.60 55.99 -13.44
CA LEU E 871 -16.98 55.51 -12.11
C LEU E 871 -17.63 54.13 -12.15
N GLY E 872 -17.31 53.31 -13.14
CA GLY E 872 -17.91 51.99 -13.23
C GLY E 872 -17.47 51.08 -12.10
N ASN E 873 -18.07 49.88 -12.10
CA ASN E 873 -17.73 48.82 -11.13
C ASN E 873 -17.88 49.31 -9.68
N ASN E 874 -18.96 50.03 -9.41
CA ASN E 874 -19.24 50.53 -8.07
C ASN E 874 -20.69 50.27 -7.71
N ASP E 875 -20.95 50.12 -6.41
CA ASP E 875 -22.31 50.05 -5.90
C ASP E 875 -22.73 51.42 -5.35
N LEU E 876 -22.79 52.38 -6.28
CA LEU E 876 -23.12 53.75 -5.90
C LEU E 876 -24.58 53.89 -5.49
N GLY E 877 -25.46 53.08 -6.06
CA GLY E 877 -26.86 53.15 -5.68
C GLY E 877 -27.65 54.11 -6.55
N ASP E 878 -28.97 53.94 -6.54
CA ASP E 878 -29.83 54.74 -7.40
C ASP E 878 -29.93 56.18 -6.91
N LEU E 879 -29.91 56.38 -5.59
CA LEU E 879 -29.97 57.74 -5.06
C LEU E 879 -28.73 58.55 -5.45
N GLY E 880 -27.58 57.89 -5.53
CA GLY E 880 -26.37 58.58 -5.94
C GLY E 880 -26.44 59.07 -7.38
N VAL E 881 -26.92 58.22 -8.29
CA VAL E 881 -27.03 58.63 -9.68
C VAL E 881 -28.14 59.67 -9.84
N MET E 882 -29.19 59.61 -9.02
CA MET E 882 -30.18 60.68 -9.02
C MET E 882 -29.56 62.01 -8.59
N MET E 883 -28.72 61.99 -7.56
CA MET E 883 -28.03 63.20 -7.15
C MET E 883 -27.13 63.72 -8.27
N PHE E 884 -26.42 62.82 -8.94
CA PHE E 884 -25.57 63.22 -10.06
C PHE E 884 -26.38 63.85 -11.19
N CYS E 885 -27.52 63.24 -11.53
CA CYS E 885 -28.34 63.77 -12.61
C CYS E 885 -28.95 65.13 -12.24
N GLU E 886 -29.35 65.28 -10.98
CA GLU E 886 -29.85 66.57 -10.52
C GLU E 886 -28.77 67.64 -10.60
N VAL E 887 -27.53 67.27 -10.28
CA VAL E 887 -26.43 68.21 -10.38
C VAL E 887 -26.15 68.57 -11.84
N LEU E 888 -26.20 67.58 -12.72
CA LEU E 888 -25.71 67.77 -14.08
C LEU E 888 -26.68 68.59 -14.94
N LYS E 889 -27.95 68.66 -14.55
CA LYS E 889 -28.90 69.43 -15.36
C LYS E 889 -28.62 70.92 -15.32
N GLN E 890 -27.79 71.38 -14.38
CA GLN E 890 -27.39 72.78 -14.36
C GLN E 890 -26.44 73.08 -15.51
N GLN E 891 -26.35 74.37 -15.86
CA GLN E 891 -25.45 74.79 -16.91
C GLN E 891 -24.06 75.14 -16.37
N SER E 892 -23.85 75.06 -15.06
CA SER E 892 -22.57 75.40 -14.47
C SER E 892 -21.56 74.27 -14.56
N CYS E 893 -21.95 73.09 -15.05
CA CYS E 893 -21.05 71.95 -15.14
C CYS E 893 -20.28 72.00 -16.45
N LEU E 894 -18.95 71.86 -16.38
CA LEU E 894 -18.10 71.79 -17.55
C LEU E 894 -17.73 70.37 -17.92
N LEU E 895 -18.23 69.38 -17.19
CA LEU E 895 -17.92 67.99 -17.47
C LEU E 895 -18.50 67.57 -18.81
N GLN E 896 -17.83 66.61 -19.46
CA GLN E 896 -18.26 66.10 -20.75
C GLN E 896 -18.45 64.60 -20.82
N ASN E 897 -17.98 63.83 -19.84
CA ASN E 897 -18.11 62.39 -19.89
C ASN E 897 -18.20 61.80 -18.49
N LEU E 898 -19.13 60.89 -18.30
CA LEU E 898 -19.19 60.04 -17.11
C LEU E 898 -19.29 58.59 -17.53
N GLY E 899 -18.43 57.76 -16.97
CA GLY E 899 -18.45 56.34 -17.26
C GLY E 899 -19.13 55.56 -16.15
N LEU E 900 -20.36 55.15 -16.38
CA LEU E 900 -21.14 54.37 -15.42
C LEU E 900 -21.44 52.97 -15.94
N SER E 901 -20.63 52.47 -16.87
CA SER E 901 -20.85 51.14 -17.42
C SER E 901 -20.60 50.07 -16.35
N GLU E 902 -21.19 48.90 -16.58
CA GLU E 902 -21.13 47.77 -15.67
C GLU E 902 -21.78 48.11 -14.31
N MET E 903 -22.53 49.21 -14.26
CA MET E 903 -23.30 49.60 -13.09
C MET E 903 -24.77 49.45 -13.42
N TYR E 904 -25.48 48.68 -12.60
CA TYR E 904 -26.83 48.22 -12.93
C TYR E 904 -27.85 49.05 -12.17
N PHE E 905 -28.83 49.58 -12.90
CA PHE E 905 -29.81 50.51 -12.38
C PHE E 905 -31.21 50.10 -12.84
N ASN E 906 -32.21 50.53 -12.08
CA ASN E 906 -33.59 50.20 -12.40
C ASN E 906 -34.11 51.15 -13.49
N TYR E 907 -35.31 50.85 -14.00
CA TYR E 907 -35.79 51.52 -15.20
C TYR E 907 -36.04 53.01 -15.01
N GLU E 908 -36.48 53.42 -13.81
CA GLU E 908 -36.67 54.86 -13.57
C GLU E 908 -35.36 55.60 -13.69
N THR E 909 -34.29 55.08 -13.07
CA THR E 909 -32.98 55.70 -13.18
C THR E 909 -32.50 55.69 -14.63
N LYS E 910 -32.65 54.57 -15.33
CA LYS E 910 -32.27 54.52 -16.74
C LYS E 910 -32.95 55.63 -17.52
N SER E 911 -34.28 55.72 -17.40
CA SER E 911 -35.04 56.74 -18.11
C SER E 911 -34.54 58.14 -17.76
N ALA E 912 -34.18 58.37 -16.50
CA ALA E 912 -33.60 59.66 -16.12
C ALA E 912 -32.29 59.90 -16.87
N LEU E 913 -31.46 58.88 -17.03
CA LEU E 913 -30.22 59.05 -17.78
C LEU E 913 -30.48 59.34 -19.26
N GLU E 914 -31.48 58.70 -19.89
CA GLU E 914 -31.77 59.10 -21.27
C GLU E 914 -32.30 60.53 -21.33
N THR E 915 -33.13 60.93 -20.37
CA THR E 915 -33.58 62.32 -20.35
C THR E 915 -32.39 63.27 -20.28
N LEU E 916 -31.39 62.92 -19.46
CA LEU E 916 -30.19 63.76 -19.37
C LEU E 916 -29.39 63.73 -20.67
N GLN E 917 -29.28 62.56 -21.31
CA GLN E 917 -28.35 62.43 -22.41
C GLN E 917 -28.87 63.10 -23.68
N GLU E 918 -30.16 62.96 -23.99
CA GLU E 918 -30.70 63.82 -25.05
C GLU E 918 -31.01 65.23 -24.57
N GLU E 919 -31.02 65.47 -23.25
CA GLU E 919 -31.14 66.84 -22.76
C GLU E 919 -29.85 67.62 -23.01
N LYS E 920 -28.70 67.01 -22.74
CA LYS E 920 -27.39 67.63 -22.91
C LYS E 920 -26.59 66.83 -23.93
N PRO E 921 -26.60 67.25 -25.20
CA PRO E 921 -25.86 66.49 -26.22
C PRO E 921 -24.36 66.43 -25.99
N GLU E 922 -23.76 67.49 -25.43
CA GLU E 922 -22.32 67.53 -25.27
C GLU E 922 -21.82 66.64 -24.14
N LEU E 923 -22.70 66.26 -23.21
CA LEU E 923 -22.32 65.43 -22.06
C LEU E 923 -22.73 64.00 -22.38
N THR E 924 -21.78 63.08 -22.33
CA THR E 924 -22.00 61.68 -22.69
C THR E 924 -21.89 60.79 -21.47
N VAL E 925 -22.87 59.92 -21.28
CA VAL E 925 -22.88 58.94 -20.21
C VAL E 925 -23.07 57.57 -20.82
N VAL E 926 -22.25 56.61 -20.41
CA VAL E 926 -22.36 55.22 -20.86
C VAL E 926 -22.95 54.40 -19.73
N PHE E 927 -24.11 53.78 -19.99
CA PHE E 927 -24.82 52.99 -19.00
C PHE E 927 -25.46 51.75 -19.61
N GLU E 928 -24.89 51.24 -20.70
CA GLU E 928 -25.52 50.17 -21.44
C GLU E 928 -25.69 48.92 -20.56
N PRO E 929 -26.81 48.20 -20.67
CA PRO E 929 -27.06 46.99 -19.89
C PRO E 929 -26.37 45.75 -20.48
N ASP F 30 -14.60 38.25 -18.28
CA ASP F 30 -15.48 37.13 -18.65
C ASP F 30 -16.93 37.48 -18.35
N TYR F 31 -17.85 36.93 -19.15
CA TYR F 31 -19.27 37.20 -18.95
C TYR F 31 -19.77 36.59 -17.65
N ARG F 32 -19.07 35.58 -17.12
CA ARG F 32 -19.49 34.97 -15.86
C ARG F 32 -19.46 35.98 -14.73
N LYS F 33 -18.37 36.76 -14.62
CA LYS F 33 -18.29 37.77 -13.57
C LYS F 33 -19.27 38.90 -13.81
N LYS F 34 -19.54 39.24 -15.08
CA LYS F 34 -20.54 40.25 -15.37
C LYS F 34 -21.91 39.82 -14.87
N TYR F 35 -22.29 38.57 -15.15
CA TYR F 35 -23.59 38.05 -14.68
C TYR F 35 -23.63 37.95 -13.17
N ARG F 36 -22.50 37.56 -12.55
CA ARG F 36 -22.44 37.52 -11.09
C ARG F 36 -22.65 38.90 -10.49
N LYS F 37 -22.01 39.91 -11.06
CA LYS F 37 -22.21 41.28 -10.60
C LYS F 37 -23.66 41.72 -10.80
N TYR F 38 -24.27 41.33 -11.92
CA TYR F 38 -25.65 41.69 -12.19
C TYR F 38 -26.59 41.11 -11.14
N VAL F 39 -26.45 39.81 -10.85
CA VAL F 39 -27.35 39.19 -9.87
C VAL F 39 -27.06 39.70 -8.47
N ARG F 40 -25.79 39.99 -8.16
CA ARG F 40 -25.46 40.55 -6.86
C ARG F 40 -26.08 41.92 -6.67
N SER F 41 -26.09 42.74 -7.74
CA SER F 41 -26.74 44.04 -7.65
C SER F 41 -28.26 43.90 -7.56
N ARG F 42 -28.83 42.94 -8.30
CA ARG F 42 -30.28 42.80 -8.35
C ARG F 42 -30.84 42.27 -7.02
N PHE F 43 -30.16 41.29 -6.42
CA PHE F 43 -30.66 40.63 -5.22
C PHE F 43 -30.03 41.17 -3.94
N GLN F 44 -29.37 42.32 -4.01
CA GLN F 44 -28.77 42.90 -2.80
C GLN F 44 -29.85 43.30 -1.80
N CYS F 45 -30.95 43.87 -2.28
CA CYS F 45 -32.03 44.35 -1.43
C CYS F 45 -33.34 43.63 -1.75
N ILE F 46 -34.25 43.66 -0.80
CA ILE F 46 -35.55 43.03 -0.96
C ILE F 46 -36.66 44.08 -1.05
N SER F 56 -35.24 50.79 0.20
CA SER F 56 -35.05 49.35 0.32
C SER F 56 -34.18 49.00 1.54
N VAL F 57 -34.12 47.72 1.86
CA VAL F 57 -33.35 47.23 3.00
C VAL F 57 -32.43 46.11 2.52
N SER F 58 -31.28 46.00 3.19
CA SER F 58 -30.28 45.01 2.79
C SER F 58 -30.74 43.61 3.14
N LEU F 59 -30.62 42.69 2.18
CA LEU F 59 -30.97 41.30 2.42
C LEU F 59 -30.07 40.67 3.48
N ASN F 60 -28.77 40.94 3.41
CA ASN F 60 -27.85 40.37 4.38
C ASN F 60 -28.16 40.87 5.79
N LYS F 61 -28.48 42.15 5.91
CA LYS F 61 -28.90 42.69 7.21
C LYS F 61 -30.20 42.05 7.67
N ARG F 62 -31.16 41.86 6.76
CA ARG F 62 -32.47 41.34 7.12
C ARG F 62 -32.48 39.83 7.34
N TYR F 63 -31.62 39.08 6.63
CA TYR F 63 -31.74 37.63 6.61
C TYR F 63 -31.54 37.02 7.98
N THR F 64 -32.37 36.01 8.29
CA THR F 64 -32.26 35.23 9.51
C THR F 64 -32.36 33.76 9.15
N ARG F 65 -31.59 32.92 9.84
CA ARG F 65 -31.51 31.51 9.49
C ARG F 65 -32.84 30.81 9.76
N LEU F 66 -33.20 29.91 8.85
CA LEU F 66 -34.42 29.11 8.95
C LEU F 66 -34.08 27.68 9.31
N ARG F 67 -35.06 26.98 9.88
CA ARG F 67 -34.90 25.57 10.23
C ARG F 67 -35.18 24.71 9.01
N LEU F 68 -34.15 24.03 8.50
CA LEU F 68 -34.27 23.16 7.33
C LEU F 68 -33.97 21.74 7.74
N ILE F 69 -34.87 20.82 7.39
CA ILE F 69 -34.72 19.41 7.73
C ILE F 69 -35.00 18.56 6.48
N LYS F 70 -34.38 17.37 6.45
CA LYS F 70 -34.68 16.39 5.43
C LYS F 70 -36.02 15.73 5.72
N GLU F 71 -36.72 15.35 4.65
CA GLU F 71 -38.06 14.76 4.77
C GLU F 71 -38.11 13.26 4.58
N HIS F 72 -37.64 12.76 3.44
CA HIS F 72 -37.85 11.37 3.06
C HIS F 72 -36.93 10.48 3.89
N ARG F 73 -37.53 9.50 4.56
CA ARG F 73 -36.80 8.59 5.44
C ARG F 73 -37.07 7.15 5.01
N SER F 74 -36.03 6.33 5.09
CA SER F 74 -36.12 4.93 4.71
C SER F 74 -36.70 4.09 5.84
N PRO F 97 -29.54 18.87 11.08
CA PRO F 97 -29.81 19.90 10.07
C PRO F 97 -29.13 19.60 8.74
N ILE F 98 -29.58 20.27 7.68
CA ILE F 98 -29.03 20.10 6.34
C ILE F 98 -28.53 21.44 5.85
N LYS F 99 -27.37 21.44 5.18
CA LYS F 99 -26.82 22.65 4.57
C LYS F 99 -26.75 22.48 3.06
N MET F 100 -26.72 23.61 2.36
CA MET F 100 -26.86 23.61 0.91
C MET F 100 -25.74 22.84 0.23
N GLU F 101 -24.50 23.00 0.74
CA GLU F 101 -23.37 22.28 0.16
C GLU F 101 -23.61 20.79 0.18
N LEU F 102 -24.00 20.23 1.32
CA LEU F 102 -24.37 18.81 1.37
C LEU F 102 -25.72 18.57 0.73
N LEU F 103 -26.55 19.61 0.62
CA LEU F 103 -27.87 19.44 0.02
C LEU F 103 -27.76 19.03 -1.45
N PHE F 104 -26.88 19.71 -2.20
CA PHE F 104 -26.69 19.29 -3.59
C PHE F 104 -25.64 18.18 -3.71
N ASP F 105 -24.81 18.01 -2.69
CA ASP F 105 -23.89 16.87 -2.69
C ASP F 105 -24.68 15.57 -2.54
N PRO F 106 -24.28 14.50 -3.23
CA PRO F 106 -25.01 13.23 -3.14
C PRO F 106 -24.68 12.51 -1.85
N ASP F 107 -25.72 12.13 -1.10
CA ASP F 107 -25.50 11.31 0.09
C ASP F 107 -24.90 9.97 -0.29
N ASP F 108 -25.43 9.34 -1.32
CA ASP F 108 -24.87 8.11 -1.89
C ASP F 108 -24.61 8.34 -3.37
N GLU F 109 -23.39 8.02 -3.81
CA GLU F 109 -23.05 8.17 -5.22
C GLU F 109 -23.86 7.23 -6.11
N HIS F 110 -24.42 6.17 -5.54
CA HIS F 110 -25.26 5.25 -6.29
C HIS F 110 -26.66 5.80 -6.52
N SER F 111 -27.01 6.90 -5.86
CA SER F 111 -28.36 7.43 -5.93
C SER F 111 -28.65 8.01 -7.31
N GLU F 112 -29.87 7.76 -7.82
CA GLU F 112 -30.46 8.32 -9.02
C GLU F 112 -30.65 9.82 -8.83
N PRO F 113 -30.77 10.62 -9.94
CA PRO F 113 -30.25 11.99 -9.92
C PRO F 113 -30.52 12.81 -8.67
N VAL F 114 -29.42 13.17 -7.99
CA VAL F 114 -29.51 13.97 -6.78
C VAL F 114 -29.92 15.39 -7.09
N HIS F 115 -29.49 15.93 -8.24
CA HIS F 115 -29.58 17.37 -8.49
C HIS F 115 -31.01 17.89 -8.52
N THR F 116 -32.02 17.04 -8.46
CA THR F 116 -33.41 17.48 -8.33
C THR F 116 -33.73 17.63 -6.85
N VAL F 117 -34.00 18.86 -6.43
CA VAL F 117 -34.28 19.19 -5.03
C VAL F 117 -35.58 19.97 -4.97
N VAL F 118 -36.45 19.59 -4.04
CA VAL F 118 -37.76 20.21 -3.88
C VAL F 118 -37.89 20.72 -2.45
N PHE F 119 -38.20 22.01 -2.32
CA PHE F 119 -38.39 22.65 -1.02
C PHE F 119 -39.88 22.79 -0.73
N GLN F 120 -40.26 22.42 0.49
CA GLN F 120 -41.65 22.50 0.93
C GLN F 120 -41.76 23.51 2.07
N GLY F 121 -42.68 24.46 1.92
CA GLY F 121 -42.91 25.43 2.97
C GLY F 121 -44.32 25.98 2.90
N ALA F 122 -44.78 26.48 4.05
CA ALA F 122 -46.07 27.14 4.10
C ALA F 122 -45.99 28.50 3.41
N ALA F 123 -47.16 29.10 3.21
CA ALA F 123 -47.20 30.44 2.63
C ALA F 123 -46.53 31.43 3.58
N GLY F 124 -45.48 32.08 3.08
CA GLY F 124 -44.74 33.01 3.90
C GLY F 124 -43.68 32.40 4.77
N ILE F 125 -43.32 31.13 4.55
CA ILE F 125 -42.28 30.51 5.36
C ILE F 125 -40.90 31.02 4.99
N GLY F 126 -40.75 31.60 3.80
CA GLY F 126 -39.47 32.14 3.39
C GLY F 126 -38.79 31.37 2.29
N LYS F 127 -39.57 30.76 1.40
CA LYS F 127 -38.98 30.06 0.25
C LYS F 127 -38.35 31.04 -0.73
N THR F 128 -39.08 32.09 -1.08
CA THR F 128 -38.56 33.10 -2.01
C THR F 128 -37.35 33.81 -1.42
N ILE F 129 -37.43 34.18 -0.14
CA ILE F 129 -36.30 34.84 0.51
C ILE F 129 -35.11 33.89 0.59
N LEU F 130 -35.36 32.60 0.83
CA LEU F 130 -34.26 31.64 0.86
C LEU F 130 -33.58 31.53 -0.50
N ALA F 131 -34.38 31.47 -1.58
CA ALA F 131 -33.79 31.39 -2.92
C ALA F 131 -33.00 32.65 -3.24
N ARG F 132 -33.53 33.82 -2.89
CA ARG F 132 -32.82 35.06 -3.17
C ARG F 132 -31.54 35.16 -2.34
N LYS F 133 -31.57 34.65 -1.12
CA LYS F 133 -30.36 34.64 -0.30
C LYS F 133 -29.33 33.69 -0.88
N MET F 134 -29.76 32.56 -1.43
CA MET F 134 -28.83 31.67 -2.13
C MET F 134 -28.20 32.36 -3.32
N MET F 135 -29.00 33.09 -4.10
CA MET F 135 -28.46 33.86 -5.21
C MET F 135 -27.43 34.88 -4.73
N LEU F 136 -27.76 35.62 -3.68
CA LEU F 136 -26.85 36.65 -3.17
C LEU F 136 -25.55 36.04 -2.66
N ASP F 137 -25.65 34.91 -1.93
CA ASP F 137 -24.45 34.29 -1.39
C ASP F 137 -23.59 33.68 -2.50
N TRP F 138 -24.22 33.09 -3.52
CA TRP F 138 -23.46 32.55 -4.64
C TRP F 138 -22.77 33.65 -5.42
N ALA F 139 -23.44 34.79 -5.60
CA ALA F 139 -22.82 35.89 -6.33
C ALA F 139 -21.69 36.53 -5.53
N SER F 140 -21.90 36.71 -4.22
CA SER F 140 -20.92 37.37 -3.37
C SER F 140 -19.65 36.55 -3.18
N GLY F 141 -19.67 35.26 -3.52
CA GLY F 141 -18.49 34.44 -3.39
C GLY F 141 -18.46 33.61 -2.13
N THR F 142 -19.59 32.97 -1.79
CA THR F 142 -19.68 32.16 -0.59
C THR F 142 -20.26 30.78 -0.82
N LEU F 143 -21.11 30.61 -1.84
CA LEU F 143 -21.84 29.36 -2.02
C LEU F 143 -21.41 28.72 -3.34
N TYR F 144 -20.89 27.49 -3.25
CA TYR F 144 -20.41 26.70 -4.39
C TYR F 144 -19.40 27.50 -5.21
N GLN F 145 -18.41 28.04 -4.50
CA GLN F 145 -17.30 28.70 -5.18
C GLN F 145 -16.32 27.69 -5.74
N ASP F 146 -16.40 26.43 -5.30
CA ASP F 146 -15.53 25.39 -5.84
C ASP F 146 -15.67 25.29 -7.35
N ARG F 147 -16.82 24.83 -7.83
CA ARG F 147 -17.17 24.99 -9.23
C ARG F 147 -18.67 24.78 -9.40
N PHE F 148 -19.38 25.84 -9.78
CA PHE F 148 -20.75 25.72 -10.28
C PHE F 148 -21.05 27.01 -11.02
N ASP F 149 -21.22 26.92 -12.34
CA ASP F 149 -21.14 28.08 -13.21
C ASP F 149 -22.26 29.09 -12.98
N TYR F 150 -23.52 28.70 -13.22
CA TYR F 150 -24.62 29.65 -13.28
C TYR F 150 -25.82 29.17 -12.48
N LEU F 151 -26.54 30.13 -11.90
CA LEU F 151 -27.84 29.91 -11.28
C LEU F 151 -28.85 30.80 -11.99
N PHE F 152 -29.93 30.20 -12.47
CA PHE F 152 -30.98 30.94 -13.17
C PHE F 152 -32.23 30.95 -12.29
N TYR F 153 -32.71 32.14 -11.97
CA TYR F 153 -33.83 32.34 -11.05
C TYR F 153 -35.11 32.43 -11.87
N ILE F 154 -35.79 31.31 -12.08
CA ILE F 154 -37.05 31.27 -12.80
C ILE F 154 -38.16 31.53 -11.79
N HIS F 155 -38.67 32.76 -11.77
CA HIS F 155 -39.79 33.12 -10.91
C HIS F 155 -41.08 32.78 -11.64
N CYS F 156 -41.81 31.78 -11.15
CA CYS F 156 -42.96 31.25 -11.87
C CYS F 156 -44.14 32.21 -11.92
N ARG F 157 -44.12 33.31 -11.17
CA ARG F 157 -45.18 34.30 -11.30
C ARG F 157 -45.22 34.89 -12.70
N GLU F 158 -44.05 35.20 -13.27
CA GLU F 158 -44.00 35.74 -14.62
C GLU F 158 -44.21 34.66 -15.68
N VAL F 159 -43.79 33.42 -15.41
CA VAL F 159 -43.97 32.33 -16.36
C VAL F 159 -45.45 32.06 -16.55
N SER F 160 -45.90 32.03 -17.80
CA SER F 160 -47.29 31.83 -18.13
C SER F 160 -47.43 30.73 -19.17
N LEU F 161 -48.60 30.10 -19.21
CA LEU F 161 -48.82 29.00 -20.14
C LEU F 161 -49.01 29.47 -21.57
N VAL F 162 -49.73 30.59 -21.75
CA VAL F 162 -50.12 31.02 -23.10
C VAL F 162 -48.89 31.37 -23.92
N THR F 163 -47.96 32.12 -23.34
CA THR F 163 -46.77 32.53 -24.08
C THR F 163 -45.95 31.32 -24.50
N GLN F 164 -45.52 31.30 -25.75
CA GLN F 164 -44.71 30.23 -26.29
C GLN F 164 -43.28 30.71 -26.46
N ARG F 165 -42.38 30.21 -25.62
CA ARG F 165 -40.99 30.65 -25.60
C ARG F 165 -40.09 29.46 -25.32
N SER F 166 -38.82 29.61 -25.67
CA SER F 166 -37.85 28.56 -25.50
C SER F 166 -37.04 28.76 -24.21
N LEU F 167 -36.22 27.76 -23.89
CA LEU F 167 -35.33 27.88 -22.73
C LEU F 167 -34.34 29.01 -22.92
N GLY F 168 -33.80 29.17 -24.13
CA GLY F 168 -32.94 30.30 -24.39
C GLY F 168 -33.63 31.62 -24.20
N ASP F 169 -34.91 31.69 -24.58
CA ASP F 169 -35.68 32.92 -24.35
C ASP F 169 -35.82 33.21 -22.86
N LEU F 170 -36.08 32.17 -22.05
CA LEU F 170 -36.19 32.36 -20.61
C LEU F 170 -34.87 32.82 -20.01
N ILE F 171 -33.76 32.23 -20.47
CA ILE F 171 -32.44 32.64 -19.98
C ILE F 171 -32.16 34.09 -20.38
N MET F 172 -32.54 34.46 -21.60
CA MET F 172 -32.37 35.84 -22.05
C MET F 172 -33.17 36.80 -21.18
N SER F 173 -34.39 36.41 -20.82
CA SER F 173 -35.18 37.21 -19.89
C SER F 173 -34.49 37.31 -18.53
N CYS F 174 -33.83 36.24 -18.10
CA CYS F 174 -33.08 36.25 -16.85
C CYS F 174 -31.68 36.82 -17.00
N CYS F 175 -31.22 37.06 -18.25
CA CYS F 175 -29.90 37.64 -18.47
C CYS F 175 -29.98 39.16 -18.55
N PRO F 176 -28.92 39.86 -18.14
CA PRO F 176 -28.92 41.32 -18.25
C PRO F 176 -28.68 41.84 -19.67
N ASP F 177 -28.09 41.03 -20.54
CA ASP F 177 -27.79 41.47 -21.89
C ASP F 177 -28.82 40.94 -22.89
N PRO F 178 -29.19 41.75 -23.88
CA PRO F 178 -30.11 41.26 -24.92
C PRO F 178 -29.55 40.11 -25.73
N ASN F 179 -28.22 39.98 -25.83
CA ASN F 179 -27.58 38.91 -26.59
C ASN F 179 -26.51 38.25 -25.73
N PRO F 180 -26.91 37.44 -24.76
CA PRO F 180 -25.93 36.70 -23.96
C PRO F 180 -25.34 35.55 -24.74
N PRO F 181 -24.15 35.07 -24.36
CA PRO F 181 -23.55 33.92 -25.07
C PRO F 181 -24.22 32.60 -24.71
N ILE F 182 -25.39 32.38 -25.34
CA ILE F 182 -26.22 31.24 -25.00
C ILE F 182 -25.56 29.92 -25.39
N HIS F 183 -24.85 29.89 -26.52
CA HIS F 183 -24.24 28.65 -26.97
C HIS F 183 -23.19 28.14 -25.98
N LYS F 184 -22.36 29.04 -25.44
CA LYS F 184 -21.41 28.62 -24.42
C LYS F 184 -22.12 28.18 -23.15
N ILE F 185 -23.30 28.75 -22.87
CA ILE F 185 -24.09 28.28 -21.73
C ILE F 185 -24.51 26.84 -21.94
N VAL F 186 -25.03 26.53 -23.13
CA VAL F 186 -25.47 25.16 -23.41
C VAL F 186 -24.29 24.21 -23.49
N ARG F 187 -23.10 24.72 -23.82
CA ARG F 187 -21.90 23.89 -23.90
C ARG F 187 -21.47 23.34 -22.56
N LYS F 188 -22.06 23.81 -21.46
CA LYS F 188 -21.70 23.41 -20.10
C LYS F 188 -22.93 22.92 -19.33
N PRO F 189 -23.60 21.89 -19.84
CA PRO F 189 -24.93 21.54 -19.30
C PRO F 189 -24.92 21.10 -17.85
N SER F 190 -23.81 20.54 -17.37
CA SER F 190 -23.77 20.05 -15.99
C SER F 190 -23.66 21.18 -14.99
N ARG F 191 -23.27 22.38 -15.43
CA ARG F 191 -23.03 23.50 -14.55
C ARG F 191 -24.12 24.55 -14.63
N ILE F 192 -25.36 24.13 -14.85
CA ILE F 192 -26.51 25.02 -14.96
C ILE F 192 -27.54 24.62 -13.91
N LEU F 193 -28.11 25.60 -13.22
CA LEU F 193 -29.12 25.35 -12.19
C LEU F 193 -30.30 26.27 -12.43
N PHE F 194 -31.50 25.78 -12.12
CA PHE F 194 -32.73 26.55 -12.27
C PHE F 194 -33.43 26.58 -10.91
N LEU F 195 -33.57 27.78 -10.35
CA LEU F 195 -34.30 27.98 -9.09
C LEU F 195 -35.76 28.28 -9.44
N MET F 196 -36.55 27.23 -9.56
CA MET F 196 -37.97 27.38 -9.86
C MET F 196 -38.71 27.73 -8.58
N ASP F 197 -38.99 29.01 -8.40
CA ASP F 197 -39.60 29.52 -7.17
C ASP F 197 -41.09 29.69 -7.39
N GLY F 198 -41.89 29.17 -6.45
CA GLY F 198 -43.31 29.37 -6.51
C GLY F 198 -44.02 28.49 -7.52
N PHE F 199 -44.05 27.18 -7.28
CA PHE F 199 -44.73 26.24 -8.17
C PHE F 199 -46.25 26.43 -8.09
N ASP F 200 -46.68 27.51 -7.45
CA ASP F 200 -48.09 27.84 -7.24
C ASP F 200 -48.55 28.92 -8.23
N GLU F 201 -48.11 28.81 -9.49
CA GLU F 201 -48.31 29.85 -10.49
C GLU F 201 -49.79 30.04 -10.84
N LEU F 202 -50.49 28.98 -11.24
CA LEU F 202 -51.87 29.11 -11.70
C LEU F 202 -52.57 27.76 -11.73
N GLN F 203 -53.82 27.78 -12.20
CA GLN F 203 -54.70 26.63 -12.23
C GLN F 203 -54.80 26.01 -13.62
N GLY F 204 -55.00 24.69 -13.64
CA GLY F 204 -55.19 23.96 -14.88
C GLY F 204 -53.94 23.72 -15.70
N ALA F 205 -52.76 24.02 -15.15
CA ALA F 205 -51.54 23.91 -15.94
C ALA F 205 -51.21 22.46 -16.26
N PHE F 206 -51.22 21.58 -15.25
CA PHE F 206 -50.74 20.22 -15.44
C PHE F 206 -51.81 19.17 -15.18
N ASP F 207 -53.06 19.57 -14.90
CA ASP F 207 -54.10 18.62 -14.53
C ASP F 207 -54.46 17.68 -15.68
N GLU F 208 -54.21 18.07 -16.92
CA GLU F 208 -54.48 17.24 -18.08
C GLU F 208 -53.26 16.40 -18.42
N HIS F 209 -53.46 15.47 -19.35
CA HIS F 209 -52.35 14.68 -19.85
C HIS F 209 -51.33 15.58 -20.54
N ILE F 210 -50.06 15.42 -20.17
CA ILE F 210 -49.00 16.25 -20.70
C ILE F 210 -48.69 15.84 -22.13
N GLY F 211 -48.62 16.82 -23.03
CA GLY F 211 -48.38 16.54 -24.42
C GLY F 211 -46.95 16.11 -24.68
N PRO F 212 -46.55 16.15 -25.95
CA PRO F 212 -45.19 15.76 -26.30
C PRO F 212 -44.16 16.65 -25.61
N LEU F 213 -43.09 16.03 -25.15
CA LEU F 213 -42.04 16.74 -24.43
C LEU F 213 -40.95 17.19 -25.39
N CYS F 214 -40.51 18.44 -25.23
CA CYS F 214 -39.58 19.07 -26.14
C CYS F 214 -38.15 18.97 -25.60
N THR F 215 -37.25 18.44 -26.42
CA THR F 215 -35.85 18.32 -26.05
C THR F 215 -34.97 19.36 -26.74
N ASP F 216 -35.45 19.98 -27.81
CA ASP F 216 -34.67 20.95 -28.57
C ASP F 216 -34.94 22.34 -28.01
N TRP F 217 -33.95 22.93 -27.35
CA TRP F 217 -34.16 24.22 -26.70
C TRP F 217 -34.27 25.36 -27.69
N GLN F 218 -33.97 25.13 -28.97
CA GLN F 218 -34.29 26.14 -29.97
C GLN F 218 -35.80 26.34 -30.13
N LYS F 219 -36.57 25.26 -30.09
CA LYS F 219 -37.99 25.34 -30.36
C LYS F 219 -38.71 26.10 -29.25
N ALA F 220 -39.66 26.95 -29.65
CA ALA F 220 -40.50 27.65 -28.70
C ALA F 220 -41.72 26.80 -28.35
N GLU F 221 -41.95 26.60 -27.06
CA GLU F 221 -43.04 25.76 -26.58
C GLU F 221 -43.85 26.55 -25.57
N ARG F 222 -45.05 26.04 -25.28
CA ARG F 222 -45.91 26.67 -24.28
C ARG F 222 -45.29 26.54 -22.89
N GLY F 223 -45.72 27.42 -21.99
CA GLY F 223 -45.15 27.45 -20.65
C GLY F 223 -45.30 26.13 -19.92
N ASP F 224 -46.50 25.54 -19.99
CA ASP F 224 -46.73 24.27 -19.31
C ASP F 224 -45.85 23.16 -19.89
N ILE F 225 -45.80 23.06 -21.23
CA ILE F 225 -45.01 22.00 -21.86
C ILE F 225 -43.53 22.24 -21.63
N LEU F 226 -43.08 23.49 -21.72
CA LEU F 226 -41.67 23.79 -21.47
C LEU F 226 -41.27 23.44 -20.05
N LEU F 227 -42.10 23.82 -19.07
CA LEU F 227 -41.79 23.51 -17.68
C LEU F 227 -41.83 22.01 -17.42
N SER F 228 -42.78 21.30 -18.03
CA SER F 228 -42.85 19.85 -17.85
C SER F 228 -41.61 19.17 -18.43
N SER F 229 -41.18 19.61 -19.62
CA SER F 229 -39.99 19.03 -20.22
C SER F 229 -38.74 19.34 -19.39
N LEU F 230 -38.63 20.56 -18.87
CA LEU F 230 -37.49 20.92 -18.06
C LEU F 230 -37.47 20.12 -16.75
N ILE F 231 -38.63 19.92 -16.13
CA ILE F 231 -38.70 19.22 -14.86
C ILE F 231 -38.40 17.74 -15.03
N ARG F 232 -38.99 17.13 -16.05
CA ARG F 232 -38.83 15.69 -16.28
C ARG F 232 -37.49 15.33 -16.90
N LYS F 233 -36.55 16.27 -16.96
CA LYS F 233 -35.21 16.02 -17.48
C LYS F 233 -35.23 15.53 -18.93
N LYS F 234 -36.20 16.00 -19.71
CA LYS F 234 -36.21 15.71 -21.13
C LYS F 234 -35.61 16.86 -21.93
N LEU F 235 -35.74 18.09 -21.41
CA LEU F 235 -35.13 19.27 -22.01
C LEU F 235 -33.85 19.57 -21.24
N LEU F 236 -32.70 19.34 -21.87
CA LEU F 236 -31.37 19.52 -21.28
C LEU F 236 -31.30 18.76 -19.96
N PRO F 237 -31.21 17.42 -20.01
CA PRO F 237 -31.33 16.63 -18.77
C PRO F 237 -30.26 16.92 -17.73
N GLU F 238 -29.05 17.30 -18.15
CA GLU F 238 -27.96 17.51 -17.20
C GLU F 238 -28.16 18.74 -16.32
N ALA F 239 -29.13 19.59 -16.64
CA ALA F 239 -29.38 20.77 -15.83
C ALA F 239 -29.94 20.40 -14.47
N SER F 240 -29.57 21.16 -13.45
CA SER F 240 -30.03 20.92 -12.10
C SER F 240 -31.23 21.82 -11.78
N LEU F 241 -32.06 21.35 -10.85
CA LEU F 241 -33.28 22.05 -10.49
C LEU F 241 -33.37 22.21 -8.98
N LEU F 242 -34.05 23.27 -8.55
CA LEU F 242 -34.44 23.41 -7.15
C LEU F 242 -35.79 24.12 -7.16
N ILE F 243 -36.85 23.42 -6.74
CA ILE F 243 -38.21 23.90 -6.84
C ILE F 243 -38.74 24.18 -5.44
N THR F 244 -39.17 25.40 -5.21
CA THR F 244 -39.84 25.77 -3.97
C THR F 244 -41.35 25.70 -4.18
N THR F 245 -42.03 24.90 -3.35
CA THR F 245 -43.40 24.51 -3.64
C THR F 245 -44.20 24.39 -2.34
N ARG F 246 -45.46 24.02 -2.49
CA ARG F 246 -46.42 23.77 -1.41
C ARG F 246 -46.74 22.28 -1.33
N PRO F 247 -47.23 21.80 -0.18
CA PRO F 247 -47.48 20.36 -0.04
C PRO F 247 -48.44 19.76 -1.07
N VAL F 248 -49.52 20.46 -1.40
CA VAL F 248 -50.39 19.98 -2.47
C VAL F 248 -49.70 20.09 -3.83
N ALA F 249 -49.04 21.21 -4.08
CA ALA F 249 -48.19 21.30 -5.25
C ALA F 249 -47.02 20.34 -5.15
N LEU F 250 -46.61 19.97 -3.92
CA LEU F 250 -45.67 18.86 -3.76
C LEU F 250 -46.22 17.57 -4.33
N GLU F 251 -47.49 17.27 -4.05
CA GLU F 251 -48.10 16.05 -4.59
C GLU F 251 -48.13 16.11 -6.12
N LYS F 252 -48.56 17.25 -6.66
CA LYS F 252 -48.64 17.36 -8.13
C LYS F 252 -47.25 17.24 -8.76
N LEU F 253 -46.25 17.87 -8.15
CA LEU F 253 -44.89 17.80 -8.68
C LEU F 253 -44.31 16.40 -8.55
N GLN F 254 -44.60 15.71 -7.45
CA GLN F 254 -44.20 14.32 -7.30
C GLN F 254 -44.83 13.46 -8.37
N HIS F 255 -46.01 13.83 -8.84
CA HIS F 255 -46.52 13.15 -10.03
C HIS F 255 -45.74 13.54 -11.31
N LEU F 256 -44.67 14.35 -11.21
CA LEU F 256 -43.87 14.75 -12.36
C LEU F 256 -42.37 14.61 -12.11
N LEU F 257 -41.96 13.81 -11.13
CA LEU F 257 -40.57 13.69 -10.74
C LEU F 257 -40.14 12.23 -10.71
N ASP F 258 -38.82 12.04 -10.61
CA ASP F 258 -38.22 10.71 -10.49
C ASP F 258 -37.05 10.81 -9.52
N HIS F 259 -37.24 10.27 -8.31
CA HIS F 259 -36.27 10.31 -7.22
C HIS F 259 -35.75 11.72 -6.96
N PRO F 260 -36.58 12.61 -6.41
CA PRO F 260 -36.08 13.91 -5.96
C PRO F 260 -35.67 13.87 -4.49
N ARG F 261 -34.89 14.88 -4.11
CA ARG F 261 -34.51 15.07 -2.72
C ARG F 261 -35.36 16.17 -2.12
N HIS F 262 -36.13 15.84 -1.09
CA HIS F 262 -37.08 16.76 -0.48
C HIS F 262 -36.45 17.41 0.74
N VAL F 263 -36.67 18.72 0.88
CA VAL F 263 -36.22 19.48 2.03
C VAL F 263 -37.39 20.32 2.52
N GLU F 264 -37.62 20.31 3.83
CA GLU F 264 -38.73 21.05 4.43
C GLU F 264 -38.20 22.27 5.15
N ILE F 265 -38.91 23.39 5.01
CA ILE F 265 -38.57 24.63 5.70
C ILE F 265 -39.52 24.83 6.86
N LEU F 266 -38.98 25.00 8.06
CA LEU F 266 -39.81 25.16 9.25
C LEU F 266 -39.97 26.60 9.70
N GLY F 267 -38.97 27.45 9.49
CA GLY F 267 -39.09 28.84 9.86
C GLY F 267 -38.14 29.26 10.98
N PHE F 268 -38.65 30.07 11.91
CA PHE F 268 -37.85 30.65 12.96
C PHE F 268 -38.03 29.89 14.27
N SER F 269 -36.90 29.58 14.92
CA SER F 269 -36.92 29.14 16.30
C SER F 269 -37.00 30.36 17.22
N GLU F 270 -37.00 30.12 18.53
CA GLU F 270 -37.08 31.23 19.47
C GLU F 270 -35.85 32.12 19.38
N ALA F 271 -34.67 31.53 19.23
CA ALA F 271 -33.45 32.31 19.05
C ALA F 271 -33.51 33.11 17.75
N LYS F 272 -34.04 32.51 16.69
CA LYS F 272 -34.17 33.23 15.44
C LYS F 272 -35.22 34.33 15.54
N ARG F 273 -36.24 34.14 16.37
CA ARG F 273 -37.19 35.23 16.63
C ARG F 273 -36.51 36.38 17.38
N LYS F 274 -35.67 36.06 18.36
CA LYS F 274 -34.82 37.09 18.98
C LYS F 274 -34.02 37.84 17.93
N GLU F 275 -33.34 37.09 17.05
CA GLU F 275 -32.49 37.71 16.05
C GLU F 275 -33.29 38.62 15.12
N TYR F 276 -34.47 38.17 14.69
CA TYR F 276 -35.27 38.97 13.76
C TYR F 276 -35.81 40.23 14.44
N PHE F 277 -36.31 40.08 15.67
CA PHE F 277 -36.84 41.26 16.37
C PHE F 277 -35.73 42.26 16.68
N PHE F 278 -34.51 41.80 16.90
CA PHE F 278 -33.40 42.74 17.10
C PHE F 278 -32.95 43.36 15.78
N LYS F 279 -33.00 42.61 14.69
CA LYS F 279 -32.58 43.11 13.39
C LYS F 279 -33.58 44.09 12.79
N TYR F 280 -34.87 43.96 13.11
CA TYR F 280 -35.86 44.82 12.48
C TYR F 280 -35.81 46.23 13.04
N PHE F 281 -35.96 46.36 14.36
CA PHE F 281 -35.88 47.68 14.98
C PHE F 281 -34.42 48.11 15.07
N SER F 282 -34.12 49.29 14.50
CA SER F 282 -32.76 49.80 14.52
C SER F 282 -32.30 50.16 15.93
N ASP F 283 -33.22 50.55 16.80
CA ASP F 283 -32.91 50.90 18.18
C ASP F 283 -33.10 49.68 19.07
N GLU F 284 -32.07 49.35 19.84
CA GLU F 284 -32.10 48.12 20.64
C GLU F 284 -33.13 48.21 21.75
N ALA F 285 -33.31 49.39 22.35
CA ALA F 285 -34.33 49.55 23.37
C ALA F 285 -35.73 49.33 22.80
N GLN F 286 -35.98 49.88 21.61
CA GLN F 286 -37.28 49.69 20.96
C GLN F 286 -37.51 48.22 20.64
N ALA F 287 -36.49 47.53 20.13
CA ALA F 287 -36.63 46.11 19.84
C ALA F 287 -36.90 45.31 21.10
N ARG F 288 -36.20 45.63 22.19
CA ARG F 288 -36.44 44.92 23.45
C ARG F 288 -37.85 45.16 23.95
N ALA F 289 -38.34 46.40 23.87
CA ALA F 289 -39.70 46.69 24.31
C ALA F 289 -40.73 45.94 23.45
N ALA F 290 -40.52 45.93 22.13
CA ALA F 290 -41.46 45.25 21.25
C ALA F 290 -41.48 43.76 21.51
N PHE F 291 -40.31 43.15 21.70
CA PHE F 291 -40.29 41.71 21.95
C PHE F 291 -40.85 41.38 23.34
N SER F 292 -40.63 42.26 24.32
CA SER F 292 -41.22 42.05 25.64
C SER F 292 -42.74 42.10 25.57
N LEU F 293 -43.28 43.01 24.76
CA LEU F 293 -44.73 43.07 24.59
C LEU F 293 -45.23 41.85 23.83
N ILE F 294 -44.47 41.36 22.86
CA ILE F 294 -44.90 40.22 22.05
C ILE F 294 -44.90 38.94 22.88
N GLN F 295 -43.83 38.73 23.68
CA GLN F 295 -43.63 37.45 24.35
C GLN F 295 -44.75 37.12 25.32
N GLU F 296 -45.33 38.13 25.98
CA GLU F 296 -46.38 37.86 26.97
C GLU F 296 -47.63 37.29 26.34
N ASN F 297 -47.77 37.35 25.02
CA ASN F 297 -48.85 36.69 24.29
C ASN F 297 -48.28 35.44 23.65
N GLU F 298 -48.70 34.27 24.17
CA GLU F 298 -48.14 33.01 23.70
C GLU F 298 -48.57 32.69 22.28
N VAL F 299 -49.80 33.08 21.90
CA VAL F 299 -50.30 32.75 20.57
C VAL F 299 -49.48 33.46 19.50
N LEU F 300 -49.18 34.74 19.71
CA LEU F 300 -48.35 35.48 18.76
C LEU F 300 -46.96 34.88 18.66
N PHE F 301 -46.36 34.56 19.80
CA PHE F 301 -45.00 34.02 19.78
C PHE F 301 -44.95 32.65 19.12
N THR F 302 -46.02 31.87 19.22
CA THR F 302 -46.08 30.58 18.55
C THR F 302 -46.29 30.75 17.05
N MET F 303 -47.16 31.70 16.66
CA MET F 303 -47.39 31.93 15.25
C MET F 303 -46.19 32.57 14.57
N CYS F 304 -45.33 33.24 15.34
CA CYS F 304 -44.15 33.89 14.79
C CYS F 304 -43.12 32.92 14.24
N PHE F 305 -43.33 31.60 14.24
CA PHE F 305 -42.39 30.73 13.55
C PHE F 305 -42.39 30.98 12.05
N ILE F 306 -43.45 31.58 11.52
CA ILE F 306 -43.51 32.00 10.13
C ILE F 306 -42.93 33.40 10.00
N PRO F 307 -41.95 33.61 9.12
CA PRO F 307 -41.36 34.95 8.98
C PRO F 307 -42.36 36.01 8.54
N LEU F 308 -43.36 35.65 7.74
CA LEU F 308 -44.31 36.65 7.24
C LEU F 308 -45.10 37.28 8.38
N VAL F 309 -45.53 36.47 9.35
CA VAL F 309 -46.26 37.01 10.49
C VAL F 309 -45.35 37.93 11.31
N CYS F 310 -44.08 37.56 11.46
CA CYS F 310 -43.13 38.42 12.13
C CYS F 310 -43.02 39.76 11.41
N TRP F 311 -42.91 39.73 10.08
CA TRP F 311 -42.79 40.96 9.31
C TRP F 311 -44.04 41.83 9.48
N ILE F 312 -45.21 41.22 9.43
CA ILE F 312 -46.45 41.99 9.54
C ILE F 312 -46.57 42.63 10.91
N VAL F 313 -46.30 41.86 11.97
CA VAL F 313 -46.44 42.40 13.31
C VAL F 313 -45.38 43.46 13.58
N CYS F 314 -44.17 43.26 13.05
CA CYS F 314 -43.13 44.26 13.23
C CYS F 314 -43.44 45.54 12.49
N THR F 315 -44.00 45.43 11.28
CA THR F 315 -44.41 46.63 10.54
C THR F 315 -45.50 47.37 11.29
N GLY F 316 -46.48 46.64 11.83
CA GLY F 316 -47.53 47.29 12.60
C GLY F 316 -46.98 48.00 13.82
N LEU F 317 -46.11 47.32 14.57
CA LEU F 317 -45.53 47.92 15.76
C LEU F 317 -44.69 49.14 15.43
N LYS F 318 -43.89 49.06 14.35
CA LYS F 318 -43.07 50.18 13.93
C LYS F 318 -43.93 51.38 13.53
N GLN F 319 -45.00 51.14 12.78
CA GLN F 319 -45.86 52.23 12.34
C GLN F 319 -46.59 52.87 13.53
N GLN F 320 -47.00 52.05 14.50
CA GLN F 320 -47.66 52.62 15.68
C GLN F 320 -46.67 53.39 16.55
N MET F 321 -45.42 52.91 16.63
CA MET F 321 -44.41 53.60 17.42
C MET F 321 -44.02 54.93 16.78
N GLU F 322 -43.93 54.96 15.45
CA GLU F 322 -43.62 56.21 14.76
C GLU F 322 -44.70 57.26 15.02
N SER F 323 -45.95 56.83 15.14
CA SER F 323 -47.06 57.73 15.44
C SER F 323 -47.19 58.01 16.93
N GLY F 324 -46.36 57.40 17.77
CA GLY F 324 -46.43 57.64 19.20
C GLY F 324 -47.70 57.14 19.86
N LYS F 325 -48.14 55.93 19.51
CA LYS F 325 -49.36 55.36 20.07
C LYS F 325 -49.05 54.03 20.74
N SER F 326 -50.03 53.54 21.50
CA SER F 326 -49.85 52.31 22.27
C SER F 326 -49.70 51.10 21.35
N LEU F 327 -48.87 50.15 21.77
CA LEU F 327 -48.60 48.93 21.02
C LEU F 327 -49.29 47.71 21.62
N ALA F 328 -50.23 47.90 22.53
CA ALA F 328 -50.75 46.79 23.33
C ALA F 328 -51.79 45.94 22.60
N GLN F 329 -52.05 46.18 21.33
CA GLN F 329 -53.03 45.39 20.62
C GLN F 329 -52.60 43.93 20.51
N THR F 330 -53.57 43.03 20.62
CA THR F 330 -53.33 41.59 20.57
C THR F 330 -54.28 40.94 19.58
N SER F 331 -53.77 39.96 18.84
CA SER F 331 -54.51 39.28 17.79
C SER F 331 -54.59 37.79 18.12
N LYS F 332 -55.81 37.28 18.25
CA LYS F 332 -55.98 35.88 18.60
C LYS F 332 -55.56 34.96 17.46
N THR F 333 -55.93 35.31 16.22
CA THR F 333 -55.66 34.46 15.08
C THR F 333 -54.92 35.24 14.01
N THR F 334 -54.68 34.59 12.87
CA THR F 334 -54.06 35.24 11.73
C THR F 334 -54.96 36.33 11.16
N THR F 335 -56.27 36.07 11.09
CA THR F 335 -57.20 37.04 10.54
C THR F 335 -57.18 38.33 11.36
N ALA F 336 -57.07 38.22 12.69
CA ALA F 336 -56.97 39.41 13.53
C ALA F 336 -55.69 40.17 13.23
N VAL F 337 -54.59 39.44 13.01
CA VAL F 337 -53.33 40.10 12.63
C VAL F 337 -53.51 40.90 11.35
N TYR F 338 -54.12 40.28 10.34
CA TYR F 338 -54.31 40.96 9.06
C TYR F 338 -55.23 42.17 9.21
N VAL F 339 -56.31 42.03 9.99
CA VAL F 339 -57.24 43.15 10.16
C VAL F 339 -56.56 44.31 10.87
N PHE F 340 -55.77 44.02 11.91
CA PHE F 340 -55.06 45.11 12.58
C PHE F 340 -54.01 45.74 11.67
N PHE F 341 -53.36 44.95 10.81
CA PHE F 341 -52.41 45.53 9.85
C PHE F 341 -53.12 46.46 8.88
N LEU F 342 -54.27 46.04 8.35
CA LEU F 342 -55.08 46.91 7.51
C LEU F 342 -55.51 48.17 8.24
N SER F 343 -55.95 48.03 9.49
CA SER F 343 -56.37 49.20 10.26
C SER F 343 -55.23 50.18 10.47
N SER F 344 -54.03 49.66 10.77
CA SER F 344 -52.86 50.53 10.90
C SER F 344 -52.53 51.22 9.58
N LEU F 345 -52.64 50.50 8.46
CA LEU F 345 -52.36 51.11 7.16
C LEU F 345 -53.56 51.83 6.55
N LEU F 346 -54.72 51.79 7.19
CA LEU F 346 -55.87 52.55 6.70
C LEU F 346 -56.31 53.59 7.72
N LEU F 357 -63.20 56.55 0.13
CA LEU F 357 -62.38 55.51 0.75
C LEU F 357 -63.00 54.13 0.57
N CYS F 358 -64.27 54.00 0.91
CA CYS F 358 -64.96 52.71 0.77
C CYS F 358 -65.00 52.26 -0.68
N ALA F 359 -65.09 53.22 -1.61
CA ALA F 359 -65.01 52.87 -3.02
C ALA F 359 -63.64 52.27 -3.36
N HIS F 360 -62.58 52.83 -2.76
CA HIS F 360 -61.24 52.26 -2.97
C HIS F 360 -61.14 50.86 -2.38
N LEU F 361 -61.74 50.63 -1.22
CA LEU F 361 -61.74 49.29 -0.64
C LEU F 361 -62.48 48.30 -1.54
N TRP F 362 -63.64 48.69 -2.06
CA TRP F 362 -64.37 47.81 -2.96
C TRP F 362 -63.58 47.55 -4.23
N GLY F 363 -62.89 48.58 -4.75
CA GLY F 363 -62.06 48.38 -5.93
C GLY F 363 -60.94 47.39 -5.67
N LEU F 364 -60.25 47.52 -4.53
CA LEU F 364 -59.20 46.59 -4.18
C LEU F 364 -59.74 45.17 -4.04
N CYS F 365 -60.89 45.02 -3.37
CA CYS F 365 -61.47 43.69 -3.17
C CYS F 365 -61.85 43.05 -4.49
N SER F 366 -62.49 43.82 -5.38
CA SER F 366 -62.85 43.28 -6.69
C SER F 366 -61.62 42.98 -7.52
N LEU F 367 -60.57 43.80 -7.40
CA LEU F 367 -59.32 43.54 -8.10
C LEU F 367 -58.73 42.21 -7.68
N ALA F 368 -58.68 41.97 -6.37
CA ALA F 368 -58.15 40.70 -5.87
C ALA F 368 -59.01 39.52 -6.30
N ALA F 369 -60.34 39.69 -6.26
CA ALA F 369 -61.22 38.61 -6.68
C ALA F 369 -61.01 38.28 -8.16
N ASP F 370 -60.89 39.32 -8.99
CA ASP F 370 -60.63 39.11 -10.41
C ASP F 370 -59.30 38.38 -10.62
N GLY F 371 -58.26 38.80 -9.90
CA GLY F 371 -56.97 38.13 -10.02
C GLY F 371 -57.04 36.67 -9.61
N ILE F 372 -57.80 36.38 -8.55
CA ILE F 372 -57.94 35.00 -8.08
C ILE F 372 -58.66 34.15 -9.12
N TRP F 373 -59.78 34.68 -9.65
CA TRP F 373 -60.59 33.90 -10.58
C TRP F 373 -59.94 33.72 -11.95
N ASN F 374 -59.17 34.70 -12.43
CA ASN F 374 -58.58 34.59 -13.76
C ASN F 374 -57.07 34.42 -13.77
N GLN F 375 -56.47 33.93 -12.68
CA GLN F 375 -55.07 33.50 -12.63
C GLN F 375 -54.08 34.65 -12.83
N LYS F 376 -54.51 35.90 -12.64
CA LYS F 376 -53.64 37.05 -12.92
C LYS F 376 -53.13 37.61 -11.59
N ILE F 377 -51.83 37.43 -11.34
CA ILE F 377 -51.18 37.94 -10.14
C ILE F 377 -50.52 39.29 -10.38
N LEU F 378 -49.87 39.46 -11.52
CA LEU F 378 -49.27 40.74 -11.90
C LEU F 378 -50.31 41.56 -12.66
N PHE F 379 -50.61 42.75 -12.16
CA PHE F 379 -51.72 43.55 -12.65
C PHE F 379 -51.22 44.71 -13.49
N GLU F 380 -51.93 44.97 -14.59
CA GLU F 380 -51.63 46.09 -15.46
C GLU F 380 -52.52 47.28 -15.12
N GLU F 381 -52.19 48.43 -15.71
CA GLU F 381 -52.96 49.64 -15.45
C GLU F 381 -54.35 49.58 -16.07
N SER F 382 -54.49 48.90 -17.21
CA SER F 382 -55.80 48.73 -17.82
C SER F 382 -56.74 47.95 -16.89
N ASP F 383 -56.25 46.84 -16.35
CA ASP F 383 -57.06 46.06 -15.41
C ASP F 383 -57.36 46.86 -14.15
N LEU F 384 -56.39 47.65 -13.69
CA LEU F 384 -56.62 48.50 -12.52
C LEU F 384 -57.73 49.51 -12.79
N ARG F 385 -57.77 50.07 -14.00
CA ARG F 385 -58.84 50.99 -14.34
C ARG F 385 -60.17 50.26 -14.51
N ASN F 386 -60.13 48.99 -14.92
CA ASN F 386 -61.36 48.23 -15.10
C ASN F 386 -62.15 48.09 -13.80
N HIS F 387 -61.46 48.13 -12.66
CA HIS F 387 -62.08 47.89 -11.36
C HIS F 387 -62.32 49.17 -10.58
N GLY F 388 -62.52 50.29 -11.27
CA GLY F 388 -62.86 51.53 -10.61
C GLY F 388 -61.78 52.09 -9.71
N LEU F 389 -60.52 51.86 -10.04
CA LEU F 389 -59.40 52.35 -9.25
C LEU F 389 -58.64 53.39 -10.06
N GLN F 390 -58.34 54.52 -9.44
CA GLN F 390 -57.58 55.58 -10.08
C GLN F 390 -56.10 55.47 -9.72
N LYS F 391 -55.29 56.27 -10.41
CA LYS F 391 -53.87 56.32 -10.08
C LYS F 391 -53.64 56.97 -8.73
N ALA F 392 -54.53 57.87 -8.33
CA ALA F 392 -54.45 58.47 -7.00
C ALA F 392 -54.86 57.50 -5.90
N ASP F 393 -55.42 56.34 -6.26
CA ASP F 393 -55.85 55.34 -5.29
C ASP F 393 -54.76 54.33 -4.95
N VAL F 394 -53.55 54.50 -5.48
CA VAL F 394 -52.47 53.56 -5.19
C VAL F 394 -52.11 53.64 -3.73
N SER F 395 -52.17 52.50 -3.04
CA SER F 395 -51.90 52.42 -1.62
C SER F 395 -50.55 51.74 -1.38
N ALA F 396 -50.22 51.55 -0.11
CA ALA F 396 -48.97 50.91 0.29
C ALA F 396 -49.04 49.40 0.22
N PHE F 397 -50.21 48.83 -0.11
CA PHE F 397 -50.37 47.40 -0.23
C PHE F 397 -49.95 46.87 -1.59
N LEU F 398 -50.11 47.68 -2.64
CA LEU F 398 -49.70 47.27 -3.97
C LEU F 398 -48.23 47.63 -4.19
N ARG F 399 -47.43 46.64 -4.52
CA ARG F 399 -46.01 46.83 -4.79
C ARG F 399 -45.79 46.86 -6.30
N MET F 400 -44.95 47.78 -6.75
CA MET F 400 -44.76 48.02 -8.17
C MET F 400 -43.53 47.29 -8.69
N ASN F 401 -43.64 46.79 -9.91
CA ASN F 401 -42.51 46.19 -10.62
C ASN F 401 -42.62 46.63 -12.08
N LEU F 402 -41.64 47.38 -12.55
CA LEU F 402 -41.67 47.97 -13.88
C LEU F 402 -40.98 47.02 -14.86
N PHE F 403 -41.72 46.53 -15.85
CA PHE F 403 -41.18 45.65 -16.87
C PHE F 403 -41.55 46.14 -18.26
N LYS F 411 -44.26 48.11 -16.29
CA LYS F 411 -45.45 48.59 -15.60
C LYS F 411 -46.30 47.42 -15.13
N PHE F 412 -46.17 47.08 -13.85
CA PHE F 412 -46.97 46.03 -13.24
C PHE F 412 -47.16 46.31 -11.76
N TYR F 413 -48.32 45.92 -11.25
CA TYR F 413 -48.63 46.02 -9.84
C TYR F 413 -48.97 44.63 -9.30
N SER F 414 -48.52 44.35 -8.08
CA SER F 414 -48.83 43.07 -7.45
C SER F 414 -49.05 43.30 -5.96
N PHE F 415 -49.33 42.23 -5.25
CA PHE F 415 -49.48 42.31 -3.80
C PHE F 415 -48.17 41.95 -3.12
N ILE F 416 -48.04 42.36 -1.86
CA ILE F 416 -46.85 42.03 -1.09
C ILE F 416 -46.69 40.52 -0.99
N HIS F 417 -47.78 39.81 -0.70
CA HIS F 417 -47.81 38.37 -0.74
C HIS F 417 -49.17 37.93 -1.26
N MET F 418 -49.21 36.72 -1.82
CA MET F 418 -50.48 36.19 -2.33
C MET F 418 -51.51 36.04 -1.22
N THR F 419 -51.06 35.95 0.03
CA THR F 419 -51.98 35.89 1.15
C THR F 419 -52.82 37.16 1.25
N PHE F 420 -52.26 38.30 0.85
CA PHE F 420 -53.03 39.55 0.88
C PHE F 420 -54.10 39.56 -0.20
N GLN F 421 -53.79 39.05 -1.39
CA GLN F 421 -54.79 38.89 -2.43
C GLN F 421 -55.90 37.94 -1.97
N GLU F 422 -55.50 36.85 -1.32
CA GLU F 422 -56.44 35.97 -0.63
C GLU F 422 -57.36 36.73 0.33
N PHE F 423 -56.77 37.52 1.23
CA PHE F 423 -57.57 38.19 2.25
C PHE F 423 -58.54 39.18 1.62
N PHE F 424 -58.09 39.89 0.59
CA PHE F 424 -58.97 40.86 -0.07
C PHE F 424 -60.06 40.18 -0.89
N ALA F 425 -59.77 39.02 -1.49
CA ALA F 425 -60.82 38.26 -2.15
C ALA F 425 -61.88 37.81 -1.15
N ALA F 426 -61.46 37.36 0.03
CA ALA F 426 -62.41 37.02 1.08
C ALA F 426 -63.25 38.23 1.48
N MET F 427 -62.59 39.37 1.69
CA MET F 427 -63.32 40.59 2.04
C MET F 427 -64.33 40.95 0.96
N TYR F 428 -63.97 40.76 -0.31
CA TYR F 428 -64.93 40.98 -1.39
C TYR F 428 -66.12 40.04 -1.26
N TYR F 429 -65.85 38.76 -1.01
CA TYR F 429 -66.93 37.79 -0.84
C TYR F 429 -67.85 38.16 0.32
N LEU F 430 -67.36 38.91 1.30
CA LEU F 430 -68.25 39.33 2.38
C LEU F 430 -68.88 40.69 2.12
N LEU F 431 -68.28 41.53 1.27
CA LEU F 431 -68.79 42.87 1.05
C LEU F 431 -69.87 42.91 -0.04
N PRO F 449 -66.72 38.79 -11.06
CA PRO F 449 -66.62 37.54 -10.32
C PRO F 449 -67.94 37.16 -9.64
N SER F 450 -68.27 35.86 -9.66
CA SER F 450 -69.49 35.40 -9.01
C SER F 450 -69.41 35.60 -7.51
N ARG F 451 -70.53 36.02 -6.91
CA ARG F 451 -70.58 36.29 -5.48
C ARG F 451 -71.14 35.13 -4.67
N ASP F 452 -71.42 33.98 -5.30
CA ASP F 452 -71.94 32.82 -4.60
C ASP F 452 -70.78 31.96 -4.12
N VAL F 453 -70.79 31.61 -2.83
CA VAL F 453 -69.69 30.83 -2.27
C VAL F 453 -69.76 29.37 -2.68
N THR F 454 -70.92 28.88 -3.11
CA THR F 454 -71.03 27.47 -3.49
C THR F 454 -70.14 27.16 -4.68
N VAL F 455 -70.16 28.01 -5.71
CA VAL F 455 -69.30 27.78 -6.87
C VAL F 455 -67.83 27.98 -6.49
N LEU F 456 -67.55 28.82 -5.49
CA LEU F 456 -66.21 28.94 -4.96
C LEU F 456 -65.75 27.61 -4.37
N LEU F 457 -66.63 26.96 -3.60
CA LEU F 457 -66.27 25.74 -2.91
C LEU F 457 -66.18 24.54 -3.86
N GLU F 458 -67.02 24.50 -4.90
CA GLU F 458 -67.06 23.32 -5.75
C GLU F 458 -65.77 23.13 -6.54
N ASN F 459 -65.28 24.19 -7.17
CA ASN F 459 -64.18 24.07 -8.13
C ASN F 459 -62.85 24.07 -7.38
N TYR F 460 -62.18 22.92 -7.38
CA TYR F 460 -60.86 22.76 -6.79
C TYR F 460 -59.91 22.11 -7.78
N GLY F 461 -58.62 22.37 -7.58
CA GLY F 461 -57.59 21.81 -8.42
C GLY F 461 -56.22 22.40 -8.15
N LYS F 462 -55.18 21.61 -8.37
CA LYS F 462 -53.77 22.04 -8.28
C LYS F 462 -53.51 22.48 -6.83
N PHE F 463 -52.64 23.47 -6.63
CA PHE F 463 -52.47 24.06 -5.31
C PHE F 463 -53.71 24.82 -4.86
N GLU F 464 -54.36 25.53 -5.79
CA GLU F 464 -55.36 26.53 -5.47
C GLU F 464 -56.48 25.99 -4.60
N LYS F 465 -56.82 24.70 -4.71
CA LYS F 465 -57.82 24.12 -3.82
C LYS F 465 -57.50 24.46 -2.37
N GLY F 466 -56.32 24.03 -1.90
CA GLY F 466 -55.90 24.44 -0.56
C GLY F 466 -55.85 25.94 -0.41
N TYR F 467 -55.32 26.63 -1.43
CA TYR F 467 -55.35 28.09 -1.42
C TYR F 467 -56.79 28.59 -1.34
N LEU F 468 -57.70 27.99 -2.12
CA LEU F 468 -59.09 28.36 -1.98
C LEU F 468 -59.60 28.02 -0.59
N ILE F 469 -59.19 26.88 -0.04
CA ILE F 469 -59.45 26.62 1.37
C ILE F 469 -58.75 27.69 2.21
N PHE F 470 -57.50 28.01 1.89
CA PHE F 470 -56.87 29.17 2.50
C PHE F 470 -57.76 30.39 2.36
N VAL F 471 -58.34 30.59 1.18
CA VAL F 471 -59.34 31.65 1.00
C VAL F 471 -60.39 31.58 2.10
N VAL F 472 -61.13 30.46 2.16
CA VAL F 472 -62.21 30.40 3.12
C VAL F 472 -61.66 30.45 4.53
N ARG F 473 -60.40 30.07 4.73
CA ARG F 473 -59.80 30.20 6.05
C ARG F 473 -59.93 31.63 6.56
N PHE F 474 -59.47 32.60 5.77
CA PHE F 474 -59.66 33.98 6.17
C PHE F 474 -61.13 34.33 6.21
N LEU F 475 -61.91 33.82 5.26
CA LEU F 475 -63.35 33.96 5.33
C LEU F 475 -63.86 33.43 6.66
N PHE F 476 -63.40 32.24 7.06
CA PHE F 476 -63.80 31.67 8.35
C PHE F 476 -63.48 32.63 9.48
N GLY F 477 -62.35 33.33 9.37
CA GLY F 477 -62.00 34.30 10.40
C GLY F 477 -62.90 35.50 10.40
N LEU F 478 -63.30 35.97 9.22
CA LEU F 478 -63.98 37.26 9.14
C LEU F 478 -65.42 37.17 9.63
N VAL F 479 -66.04 36.00 9.50
CA VAL F 479 -67.42 35.82 9.94
C VAL F 479 -67.38 35.45 11.41
N ASN F 480 -67.33 36.46 12.26
CA ASN F 480 -67.23 36.28 13.70
C ASN F 480 -68.05 37.36 14.40
N GLN F 481 -68.63 36.99 15.54
CA GLN F 481 -69.47 37.92 16.30
C GLN F 481 -68.70 39.11 16.85
N GLU F 482 -67.38 39.03 16.93
CA GLU F 482 -66.56 40.10 17.51
C GLU F 482 -65.80 40.88 16.45
N ARG F 483 -65.05 40.20 15.59
CA ARG F 483 -64.20 40.90 14.62
C ARG F 483 -65.02 41.61 13.55
N THR F 484 -66.15 41.03 13.15
CA THR F 484 -66.96 41.63 12.08
C THR F 484 -67.47 43.00 12.48
N SER F 485 -67.98 43.14 13.70
CA SER F 485 -68.53 44.42 14.14
C SER F 485 -67.45 45.49 14.18
N TYR F 486 -66.28 45.16 14.73
CA TYR F 486 -65.19 46.13 14.80
C TYR F 486 -64.70 46.51 13.41
N LEU F 487 -64.61 45.54 12.50
CA LEU F 487 -64.20 45.83 11.14
C LEU F 487 -65.20 46.74 10.44
N GLU F 488 -66.49 46.48 10.63
CA GLU F 488 -67.52 47.33 10.05
C GLU F 488 -67.46 48.75 10.62
N LYS F 489 -67.24 48.87 11.92
CA LYS F 489 -67.10 50.19 12.53
C LYS F 489 -65.88 50.93 11.98
N LYS F 490 -64.77 50.22 11.82
CA LYS F 490 -63.54 50.86 11.38
C LYS F 490 -63.62 51.29 9.91
N LEU F 491 -64.11 50.41 9.04
CA LEU F 491 -64.08 50.65 7.60
C LEU F 491 -65.42 51.05 7.02
N SER F 492 -66.46 51.23 7.85
CA SER F 492 -67.78 51.66 7.39
C SER F 492 -68.33 50.74 6.30
N CYS F 493 -68.44 49.45 6.63
CA CYS F 493 -68.91 48.44 5.70
C CYS F 493 -70.03 47.62 6.34
N LYS F 494 -70.67 46.79 5.51
CA LYS F 494 -71.77 45.95 5.95
C LYS F 494 -71.50 44.49 5.56
N ILE F 495 -71.90 43.58 6.44
CA ILE F 495 -71.61 42.15 6.29
C ILE F 495 -72.83 41.34 6.72
N SER F 496 -73.15 40.31 5.95
CA SER F 496 -74.23 39.38 6.26
C SER F 496 -73.66 38.10 6.89
N GLN F 497 -74.55 37.23 7.33
CA GLN F 497 -74.15 36.03 8.06
C GLN F 497 -74.72 34.72 7.55
N GLN F 498 -75.45 34.72 6.42
CA GLN F 498 -75.86 33.45 5.83
C GLN F 498 -74.66 32.66 5.31
N ILE F 499 -73.58 33.37 4.97
CA ILE F 499 -72.37 32.72 4.49
C ILE F 499 -71.77 31.82 5.56
N ARG F 500 -71.93 32.20 6.83
CA ARG F 500 -71.46 31.35 7.92
C ARG F 500 -72.23 30.02 7.94
N LEU F 501 -73.54 30.07 7.75
CA LEU F 501 -74.33 28.84 7.67
C LEU F 501 -73.92 28.02 6.46
N GLU F 502 -73.64 28.67 5.34
CA GLU F 502 -73.17 27.94 4.16
C GLU F 502 -71.83 27.25 4.42
N LEU F 503 -70.92 27.93 5.12
CA LEU F 503 -69.65 27.30 5.49
C LEU F 503 -69.87 26.11 6.43
N LEU F 504 -70.82 26.24 7.35
CA LEU F 504 -71.16 25.13 8.24
C LEU F 504 -71.67 23.93 7.44
N LYS F 505 -72.53 24.18 6.45
CA LYS F 505 -72.98 23.10 5.58
C LYS F 505 -71.81 22.49 4.81
N TRP F 506 -70.87 23.33 4.37
CA TRP F 506 -69.72 22.82 3.63
C TRP F 506 -68.86 21.92 4.49
N ILE F 507 -68.60 22.31 5.75
CA ILE F 507 -67.78 21.47 6.61
C ILE F 507 -68.53 20.19 6.98
N GLU F 508 -69.86 20.27 7.17
CA GLU F 508 -70.63 19.05 7.38
C GLU F 508 -70.45 18.09 6.22
N VAL F 509 -70.58 18.60 5.00
CA VAL F 509 -70.43 17.76 3.81
C VAL F 509 -69.03 17.17 3.75
N LYS F 510 -68.01 17.98 4.03
CA LYS F 510 -66.63 17.51 3.95
C LYS F 510 -66.36 16.42 4.98
N ALA F 511 -66.87 16.60 6.20
CA ALA F 511 -66.62 15.61 7.25
C ALA F 511 -67.36 14.32 6.98
N LYS F 512 -68.64 14.39 6.60
CA LYS F 512 -69.40 13.17 6.35
C LYS F 512 -68.89 12.43 5.12
N ALA F 513 -68.42 13.16 4.11
CA ALA F 513 -67.85 12.53 2.94
C ALA F 513 -66.61 11.72 3.33
N LYS F 514 -66.47 10.53 2.74
CA LYS F 514 -65.37 9.64 3.09
C LYS F 514 -64.04 10.23 2.61
N LYS F 515 -63.88 10.30 1.29
CA LYS F 515 -62.79 11.03 0.62
C LYS F 515 -61.45 10.83 1.31
N LEU F 516 -61.11 9.57 1.57
CA LEU F 516 -59.85 9.26 2.24
C LEU F 516 -58.67 9.52 1.31
N GLN F 517 -57.61 10.11 1.88
CA GLN F 517 -56.34 10.35 1.18
C GLN F 517 -56.52 11.23 -0.06
N ILE F 518 -57.53 12.09 -0.04
CA ILE F 518 -57.78 13.03 -1.12
C ILE F 518 -57.90 14.43 -0.52
N GLN F 519 -57.15 15.39 -1.08
CA GLN F 519 -57.11 16.83 -0.77
C GLN F 519 -56.81 17.08 0.71
N PRO F 520 -56.54 18.33 1.11
CA PRO F 520 -56.32 18.60 2.54
C PRO F 520 -57.57 18.41 3.39
N SER F 521 -57.52 17.47 4.34
CA SER F 521 -58.74 16.90 4.90
C SER F 521 -59.00 17.30 6.35
N GLN F 522 -58.07 17.08 7.27
CA GLN F 522 -58.39 17.15 8.70
C GLN F 522 -57.81 18.40 9.37
N LEU F 523 -56.49 18.58 9.29
CA LEU F 523 -55.85 19.66 10.05
C LEU F 523 -56.28 21.04 9.55
N GLU F 524 -56.49 21.18 8.24
CA GLU F 524 -56.87 22.47 7.67
C GLU F 524 -58.23 22.92 8.19
N LEU F 525 -59.18 21.97 8.33
CA LEU F 525 -60.46 22.32 8.93
C LEU F 525 -60.28 22.79 10.36
N PHE F 526 -59.33 22.20 11.08
CA PHE F 526 -59.02 22.68 12.43
C PHE F 526 -58.47 24.09 12.39
N TYR F 527 -57.62 24.40 11.40
CA TYR F 527 -57.16 25.76 11.20
C TYR F 527 -58.33 26.73 10.99
N CYS F 528 -59.29 26.35 10.16
CA CYS F 528 -60.43 27.22 9.90
C CYS F 528 -61.25 27.44 11.17
N LEU F 529 -61.55 26.37 11.91
CA LEU F 529 -62.35 26.50 13.12
C LEU F 529 -61.62 27.32 14.18
N TYR F 530 -60.30 27.13 14.31
CA TYR F 530 -59.53 27.98 15.21
C TYR F 530 -59.51 29.42 14.74
N GLU F 531 -59.57 29.64 13.42
CA GLU F 531 -59.63 30.99 12.89
C GLU F 531 -60.92 31.68 13.31
N MET F 532 -62.05 30.97 13.28
CA MET F 532 -63.31 31.59 13.66
C MET F 532 -63.33 31.97 15.13
N GLN F 533 -62.82 31.11 16.00
CA GLN F 533 -62.77 31.35 17.45
C GLN F 533 -64.16 31.52 18.06
N GLU F 534 -65.18 30.93 17.44
CA GLU F 534 -66.54 30.95 17.98
C GLU F 534 -66.85 29.59 18.57
N GLU F 535 -66.99 29.53 19.89
CA GLU F 535 -67.18 28.25 20.56
C GLU F 535 -68.45 27.56 20.11
N ASP F 536 -69.53 28.31 19.92
CA ASP F 536 -70.80 27.71 19.51
C ASP F 536 -70.70 27.09 18.13
N PHE F 537 -70.10 27.83 17.17
CA PHE F 537 -69.95 27.28 15.82
C PHE F 537 -69.04 26.07 15.82
N VAL F 538 -67.94 26.12 16.57
CA VAL F 538 -67.02 24.98 16.62
C VAL F 538 -67.73 23.76 17.18
N GLN F 539 -68.49 23.96 18.26
CA GLN F 539 -69.20 22.84 18.88
C GLN F 539 -70.25 22.26 17.94
N ARG F 540 -70.97 23.13 17.21
CA ARG F 540 -71.97 22.63 16.27
C ARG F 540 -71.33 21.91 15.09
N ALA F 541 -70.16 22.38 14.65
CA ALA F 541 -69.53 21.82 13.46
C ALA F 541 -68.80 20.52 13.75
N MET F 542 -68.25 20.37 14.95
CA MET F 542 -67.40 19.22 15.25
C MET F 542 -68.17 18.00 15.72
N ASP F 543 -69.50 18.06 15.73
CA ASP F 543 -70.27 16.87 16.07
C ASP F 543 -70.22 15.81 14.97
N TYR F 544 -69.68 16.15 13.80
CA TYR F 544 -69.67 15.24 12.66
C TYR F 544 -68.30 14.63 12.41
N PHE F 545 -67.31 14.96 13.24
CA PHE F 545 -65.92 14.51 13.15
C PHE F 545 -65.60 13.07 13.57
N PRO F 546 -66.43 12.41 14.42
CA PRO F 546 -65.88 11.60 15.52
C PRO F 546 -64.54 10.92 15.30
N LYS F 547 -64.35 10.22 14.18
CA LYS F 547 -63.08 9.54 13.95
C LYS F 547 -62.06 10.55 13.43
N ILE F 548 -61.16 11.00 14.31
CA ILE F 548 -60.21 12.05 14.01
C ILE F 548 -58.83 11.42 13.85
N GLU F 549 -58.14 11.78 12.77
CA GLU F 549 -56.77 11.33 12.54
C GLU F 549 -55.97 12.54 12.06
N ILE F 550 -54.92 12.90 12.80
CA ILE F 550 -54.15 14.10 12.49
C ILE F 550 -52.66 13.80 12.55
N ASN F 551 -51.88 14.63 11.87
CA ASN F 551 -50.43 14.50 11.81
C ASN F 551 -49.83 15.87 12.03
N LEU F 552 -49.18 16.05 13.18
CA LEU F 552 -48.74 17.35 13.65
C LEU F 552 -47.23 17.48 13.49
N SER F 553 -46.78 18.70 13.15
CA SER F 553 -45.35 18.94 12.98
C SER F 553 -44.86 20.23 13.62
N THR F 554 -45.74 21.14 14.02
CA THR F 554 -45.33 22.44 14.55
C THR F 554 -46.08 22.71 15.84
N ARG F 555 -45.57 23.70 16.59
CA ARG F 555 -46.23 24.10 17.83
C ARG F 555 -47.61 24.68 17.56
N MET F 556 -47.77 25.41 16.46
CA MET F 556 -49.07 25.92 16.09
C MET F 556 -50.05 24.79 15.78
N ASP F 557 -49.56 23.72 15.15
CA ASP F 557 -50.40 22.53 14.94
C ASP F 557 -50.87 21.97 16.27
N HIS F 558 -49.96 21.87 17.25
CA HIS F 558 -50.32 21.36 18.56
C HIS F 558 -51.39 22.23 19.21
N MET F 559 -51.23 23.55 19.11
CA MET F 559 -52.17 24.46 19.76
C MET F 559 -53.55 24.39 19.10
N VAL F 560 -53.60 24.40 17.77
CA VAL F 560 -54.89 24.34 17.09
C VAL F 560 -55.56 22.99 17.35
N SER F 561 -54.79 21.90 17.34
CA SER F 561 -55.37 20.60 17.64
C SER F 561 -55.90 20.56 19.07
N SER F 562 -55.17 21.13 20.02
CA SER F 562 -55.63 21.15 21.40
C SER F 562 -56.94 21.91 21.53
N PHE F 563 -57.00 23.11 20.96
CA PHE F 563 -58.22 23.90 21.01
C PHE F 563 -59.39 23.15 20.39
N CYS F 564 -59.17 22.58 19.21
CA CYS F 564 -60.24 21.93 18.47
C CYS F 564 -60.74 20.69 19.20
N ILE F 565 -59.82 19.86 19.71
CA ILE F 565 -60.22 18.66 20.43
C ILE F 565 -60.93 19.02 21.73
N GLU F 566 -60.44 20.04 22.43
CA GLU F 566 -61.09 20.46 23.68
C GLU F 566 -62.51 20.92 23.41
N ASN F 567 -62.73 21.66 22.32
CA ASN F 567 -64.08 22.12 22.01
C ASN F 567 -64.97 21.01 21.47
N CYS F 568 -64.40 19.87 21.07
CA CYS F 568 -65.21 18.77 20.55
C CYS F 568 -65.96 18.07 21.67
N HIS F 569 -67.07 17.42 21.30
CA HIS F 569 -67.88 16.67 22.25
C HIS F 569 -68.35 15.33 21.73
N ARG F 570 -67.99 14.95 20.51
CA ARG F 570 -68.43 13.67 19.94
C ARG F 570 -67.27 12.89 19.34
N VAL F 571 -66.06 13.03 19.87
CA VAL F 571 -64.91 12.28 19.36
C VAL F 571 -64.84 10.95 20.08
N GLU F 572 -64.59 9.88 19.31
CA GLU F 572 -64.44 8.54 19.86
C GLU F 572 -63.04 8.00 19.66
N SER F 573 -62.57 7.95 18.41
CA SER F 573 -61.24 7.48 18.08
C SER F 573 -60.37 8.66 17.68
N LEU F 574 -59.14 8.70 18.18
CA LEU F 574 -58.24 9.81 17.93
C LEU F 574 -56.85 9.28 17.64
N SER F 575 -56.39 9.46 16.41
CA SER F 575 -55.07 9.02 15.97
C SER F 575 -54.16 10.23 15.84
N LEU F 576 -52.99 10.16 16.48
CA LEU F 576 -52.01 11.23 16.46
C LEU F 576 -50.74 10.76 15.77
N GLY F 577 -50.20 11.62 14.91
CA GLY F 577 -48.87 11.41 14.38
C GLY F 577 -47.97 12.57 14.75
N PHE F 578 -46.73 12.29 15.14
CA PHE F 578 -45.78 13.32 15.53
C PHE F 578 -44.59 13.29 14.59
N LEU F 579 -44.04 14.47 14.29
CA LEU F 579 -42.89 14.61 13.41
C LEU F 579 -41.84 15.47 14.10
N HIS F 580 -40.58 15.06 13.97
CA HIS F 580 -39.45 15.76 14.57
C HIS F 580 -39.62 15.95 16.08
N THR F 621 -41.14 17.86 21.63
CA THR F 621 -42.27 16.95 21.54
C THR F 621 -43.08 16.97 22.83
N SER F 622 -42.43 16.61 23.94
CA SER F 622 -43.12 16.52 25.22
C SER F 622 -43.65 17.88 25.68
N SER F 623 -43.01 18.96 25.25
CA SER F 623 -43.47 20.29 25.63
C SER F 623 -44.88 20.56 25.11
N PHE F 624 -45.18 20.12 23.89
CA PHE F 624 -46.52 20.28 23.33
C PHE F 624 -47.39 19.08 23.63
N CYS F 625 -46.77 17.93 23.90
CA CYS F 625 -47.51 16.77 24.37
C CYS F 625 -48.20 17.06 25.69
N ARG F 626 -47.55 17.83 26.57
CA ARG F 626 -48.18 18.22 27.83
C ARG F 626 -49.46 19.01 27.60
N GLY F 627 -49.57 19.72 26.49
CA GLY F 627 -50.78 20.46 26.20
C GLY F 627 -51.83 19.61 25.51
N LEU F 628 -51.40 18.77 24.56
CA LEU F 628 -52.34 17.88 23.89
C LEU F 628 -52.99 16.89 24.86
N PHE F 629 -52.18 16.25 25.71
CA PHE F 629 -52.69 15.17 26.53
C PHE F 629 -53.62 15.68 27.63
N SER F 630 -53.42 16.92 28.08
CA SER F 630 -54.32 17.47 29.09
C SER F 630 -55.75 17.57 28.56
N VAL F 631 -55.91 18.16 27.36
CA VAL F 631 -57.23 18.25 26.78
C VAL F 631 -57.75 16.90 26.31
N LEU F 632 -56.84 15.95 26.01
CA LEU F 632 -57.30 14.59 25.77
C LEU F 632 -57.91 13.98 27.03
N SER F 633 -57.28 14.20 28.18
CA SER F 633 -57.80 13.66 29.44
C SER F 633 -59.13 14.31 29.82
N THR F 634 -59.23 15.64 29.64
CA THR F 634 -60.45 16.34 30.03
C THR F 634 -61.64 15.87 29.22
N SER F 635 -61.42 15.34 28.02
CA SER F 635 -62.52 14.90 27.17
C SER F 635 -63.27 13.73 27.81
N GLN F 636 -64.60 13.79 27.75
CA GLN F 636 -65.44 12.75 28.34
C GLN F 636 -66.05 11.82 27.30
N SER F 637 -65.71 11.97 26.03
CA SER F 637 -66.25 11.13 24.97
C SER F 637 -65.22 10.22 24.32
N LEU F 638 -63.94 10.48 24.54
CA LEU F 638 -62.89 9.68 23.90
C LEU F 638 -62.84 8.28 24.49
N THR F 639 -62.77 7.28 23.62
CA THR F 639 -62.61 5.89 24.05
C THR F 639 -61.38 5.21 23.49
N GLU F 640 -60.87 5.64 22.35
CA GLU F 640 -59.70 5.05 21.71
C GLU F 640 -58.62 6.10 21.53
N LEU F 641 -57.36 5.66 21.54
CA LEU F 641 -56.23 6.58 21.39
C LEU F 641 -55.09 5.81 20.73
N ASP F 642 -54.91 6.04 19.43
CA ASP F 642 -53.89 5.35 18.64
C ASP F 642 -52.67 6.25 18.52
N LEU F 643 -51.53 5.78 19.02
CA LEU F 643 -50.28 6.53 18.97
C LEU F 643 -49.18 5.71 18.32
N SER F 644 -49.56 4.73 17.50
CA SER F 644 -48.58 3.81 16.93
C SER F 644 -47.66 4.51 15.95
N ASP F 645 -46.48 3.90 15.75
CA ASP F 645 -45.49 4.36 14.77
C ASP F 645 -45.03 5.80 15.04
N ASN F 646 -44.79 6.13 16.30
CA ASN F 646 -44.19 7.41 16.66
C ASN F 646 -42.90 7.19 17.41
N SER F 647 -42.12 8.26 17.55
CA SER F 647 -40.98 8.27 18.46
C SER F 647 -41.38 8.89 19.79
N LEU F 648 -42.40 8.27 20.41
CA LEU F 648 -42.95 8.81 21.65
C LEU F 648 -41.90 8.84 22.75
N GLY F 649 -41.14 7.77 22.89
CA GLY F 649 -40.04 7.72 23.84
C GLY F 649 -40.51 7.57 25.27
N ASP F 650 -39.53 7.32 26.15
CA ASP F 650 -39.83 7.17 27.58
C ASP F 650 -40.38 8.44 28.22
N PRO F 651 -39.79 9.63 28.02
CA PRO F 651 -40.42 10.83 28.62
C PRO F 651 -41.81 11.10 28.09
N GLY F 652 -42.04 10.87 26.80
CA GLY F 652 -43.37 11.05 26.25
C GLY F 652 -44.37 10.07 26.85
N MET F 653 -43.96 8.82 27.03
CA MET F 653 -44.85 7.84 27.63
C MET F 653 -45.10 8.16 29.11
N ARG F 654 -44.10 8.74 29.78
CA ARG F 654 -44.30 9.19 31.17
C ARG F 654 -45.33 10.31 31.24
N VAL F 655 -45.25 11.27 30.31
CA VAL F 655 -46.26 12.33 30.28
C VAL F 655 -47.63 11.76 29.99
N LEU F 656 -47.72 10.83 29.04
CA LEU F 656 -48.99 10.20 28.73
C LEU F 656 -49.55 9.45 29.93
N CYS F 657 -48.68 8.79 30.69
CA CYS F 657 -49.13 8.06 31.88
C CYS F 657 -49.61 9.01 32.97
N GLU F 658 -48.90 10.13 33.17
CA GLU F 658 -49.38 11.14 34.10
C GLU F 658 -50.76 11.63 33.68
N THR F 659 -50.98 11.75 32.37
CA THR F 659 -52.30 12.12 31.87
C THR F 659 -53.34 11.05 32.18
N LEU F 660 -53.01 9.79 31.93
CA LEU F 660 -54.00 8.71 32.05
C LEU F 660 -54.46 8.49 33.48
N GLN F 661 -53.70 8.97 34.46
CA GLN F 661 -54.08 8.81 35.85
C GLN F 661 -55.12 9.84 36.29
N HIS F 662 -55.51 10.76 35.41
CA HIS F 662 -56.53 11.74 35.76
C HIS F 662 -57.84 11.03 36.08
N PRO F 663 -58.57 11.48 37.09
CA PRO F 663 -59.84 10.83 37.43
C PRO F 663 -60.86 10.86 36.31
N GLY F 664 -60.87 11.91 35.50
CA GLY F 664 -61.84 12.05 34.43
C GLY F 664 -61.50 11.38 33.12
N CYS F 665 -60.37 10.69 33.04
CA CYS F 665 -59.98 10.04 31.79
C CYS F 665 -60.95 8.93 31.44
N ASN F 666 -61.25 8.79 30.15
CA ASN F 666 -62.20 7.81 29.65
C ASN F 666 -61.63 6.92 28.57
N ILE F 667 -60.31 6.97 28.35
CA ILE F 667 -59.71 6.16 27.30
C ILE F 667 -59.81 4.69 27.67
N ARG F 668 -60.36 3.89 26.75
CA ARG F 668 -60.57 2.47 26.99
C ARG F 668 -59.65 1.57 26.19
N ARG F 669 -59.14 2.04 25.05
CA ARG F 669 -58.20 1.27 24.25
C ARG F 669 -57.00 2.16 23.94
N LEU F 670 -55.80 1.61 24.07
CA LEU F 670 -54.57 2.38 23.89
C LEU F 670 -53.59 1.55 23.08
N TRP F 671 -53.30 1.98 21.87
CA TRP F 671 -52.36 1.30 20.98
C TRP F 671 -51.04 2.04 20.97
N LEU F 672 -49.94 1.31 21.16
CA LEU F 672 -48.61 1.88 21.26
C LEU F 672 -47.61 1.05 20.45
N GLY F 673 -47.99 0.65 19.25
CA GLY F 673 -47.10 -0.14 18.43
C GLY F 673 -45.91 0.67 17.95
N ARG F 674 -44.70 0.14 18.17
CA ARG F 674 -43.46 0.73 17.65
C ARG F 674 -43.29 2.18 18.11
N CYS F 675 -43.64 2.45 19.36
CA CYS F 675 -43.51 3.78 19.93
C CYS F 675 -42.10 4.06 20.45
N GLY F 676 -41.14 3.21 20.14
CA GLY F 676 -39.78 3.41 20.63
C GLY F 676 -39.64 3.27 22.12
N LEU F 677 -40.60 2.61 22.78
CA LEU F 677 -40.58 2.46 24.23
C LEU F 677 -39.50 1.45 24.66
N SER F 678 -39.18 1.50 25.94
CA SER F 678 -38.23 0.56 26.53
C SER F 678 -38.77 0.09 27.87
N HIS F 679 -37.94 -0.58 28.67
CA HIS F 679 -38.40 -1.09 29.96
C HIS F 679 -38.73 0.05 30.92
N GLU F 680 -38.26 1.27 30.64
CA GLU F 680 -38.50 2.38 31.54
C GLU F 680 -39.96 2.80 31.54
N CYS F 681 -40.64 2.66 30.39
CA CYS F 681 -42.04 3.05 30.31
C CYS F 681 -42.95 2.08 31.03
N CYS F 682 -42.49 0.84 31.23
CA CYS F 682 -43.31 -0.18 31.86
C CYS F 682 -43.65 0.16 33.30
N PHE F 683 -42.75 0.85 34.01
CA PHE F 683 -43.07 1.30 35.37
C PHE F 683 -44.28 2.21 35.38
N ASP F 684 -44.27 3.20 34.49
CA ASP F 684 -45.40 4.14 34.41
C ASP F 684 -46.67 3.44 33.94
N ILE F 685 -46.54 2.51 32.99
CA ILE F 685 -47.72 1.78 32.52
C ILE F 685 -48.30 0.93 33.64
N SER F 686 -47.44 0.33 34.47
CA SER F 686 -47.93 -0.43 35.61
C SER F 686 -48.63 0.47 36.62
N LEU F 687 -48.09 1.67 36.84
CA LEU F 687 -48.77 2.64 37.70
C LEU F 687 -50.16 2.97 37.15
N VAL F 688 -50.25 3.20 35.84
CA VAL F 688 -51.55 3.49 35.23
C VAL F 688 -52.50 2.32 35.43
N LEU F 689 -52.02 1.09 35.16
CA LEU F 689 -52.86 -0.08 35.30
C LEU F 689 -53.34 -0.30 36.73
N SER F 690 -52.52 0.06 37.71
CA SER F 690 -52.94 -0.01 39.11
C SER F 690 -53.77 1.19 39.53
N SER F 691 -53.86 2.23 38.70
CA SER F 691 -54.65 3.40 39.06
C SER F 691 -55.87 3.59 38.17
N ASN F 692 -55.73 3.30 36.87
CA ASN F 692 -56.80 3.51 35.90
C ASN F 692 -57.64 2.24 35.81
N GLN F 693 -58.90 2.33 36.23
CA GLN F 693 -59.81 1.20 36.23
C GLN F 693 -60.65 1.10 34.98
N LYS F 694 -60.56 2.09 34.07
CA LYS F 694 -61.35 2.07 32.85
C LYS F 694 -60.61 1.51 31.64
N LEU F 695 -59.28 1.51 31.67
CA LEU F 695 -58.52 0.94 30.57
C LEU F 695 -58.85 -0.54 30.41
N VAL F 696 -59.08 -0.97 29.16
CA VAL F 696 -59.50 -2.32 28.86
C VAL F 696 -58.51 -3.04 27.96
N GLU F 697 -58.14 -2.43 26.83
CA GLU F 697 -57.19 -3.02 25.90
C GLU F 697 -55.90 -2.23 25.90
N LEU F 698 -54.82 -2.90 25.51
CA LEU F 698 -53.51 -2.27 25.47
C LEU F 698 -52.64 -3.01 24.49
N ASP F 699 -51.81 -2.27 23.77
CA ASP F 699 -50.91 -2.83 22.77
C ASP F 699 -49.51 -2.26 23.00
N LEU F 700 -48.51 -3.13 22.94
CA LEU F 700 -47.11 -2.73 23.10
C LEU F 700 -46.23 -3.43 22.08
N SER F 701 -46.80 -3.77 20.93
CA SER F 701 -46.06 -4.52 19.92
C SER F 701 -44.87 -3.71 19.40
N ASP F 702 -43.80 -4.43 19.08
CA ASP F 702 -42.60 -3.85 18.46
C ASP F 702 -41.97 -2.78 19.36
N ASN F 703 -42.01 -3.00 20.67
CA ASN F 703 -41.30 -2.17 21.63
C ASN F 703 -40.36 -3.07 22.44
N ALA F 704 -39.10 -2.65 22.57
CA ALA F 704 -38.08 -3.45 23.22
C ALA F 704 -38.23 -3.37 24.75
N LEU F 705 -39.36 -3.90 25.24
CA LEU F 705 -39.60 -3.91 26.67
C LEU F 705 -38.62 -4.84 27.38
N GLY F 706 -38.49 -6.07 26.89
CA GLY F 706 -37.58 -7.02 27.49
C GLY F 706 -38.15 -7.73 28.71
N ASP F 707 -37.34 -8.63 29.25
CA ASP F 707 -37.74 -9.41 30.42
C ASP F 707 -37.98 -8.51 31.62
N PHE F 708 -37.10 -7.53 31.83
CA PHE F 708 -37.30 -6.61 32.95
C PHE F 708 -38.53 -5.74 32.74
N GLY F 709 -38.78 -5.33 31.49
CA GLY F 709 -40.01 -4.60 31.21
C GLY F 709 -41.25 -5.40 31.55
N ILE F 710 -41.26 -6.68 31.19
CA ILE F 710 -42.41 -7.52 31.52
C ILE F 710 -42.51 -7.73 33.03
N ARG F 711 -41.37 -7.85 33.71
CA ARG F 711 -41.41 -7.98 35.16
C ARG F 711 -42.01 -6.75 35.82
N LEU F 712 -41.67 -5.56 35.32
CA LEU F 712 -42.27 -4.34 35.83
C LEU F 712 -43.76 -4.27 35.51
N LEU F 713 -44.14 -4.67 34.30
CA LEU F 713 -45.53 -4.57 33.88
C LEU F 713 -46.44 -5.51 34.67
N CYS F 714 -45.94 -6.71 34.98
CA CYS F 714 -46.76 -7.70 35.68
C CYS F 714 -47.12 -7.27 37.09
N VAL F 715 -46.40 -6.29 37.65
CA VAL F 715 -46.79 -5.75 38.95
C VAL F 715 -48.13 -5.03 38.86
N GLY F 716 -48.27 -4.16 37.85
CA GLY F 716 -49.56 -3.53 37.62
C GLY F 716 -50.61 -4.51 37.13
N LEU F 717 -50.19 -5.47 36.29
CA LEU F 717 -51.14 -6.43 35.75
C LEU F 717 -51.77 -7.29 36.84
N LYS F 718 -51.07 -7.50 37.95
CA LYS F 718 -51.57 -8.33 39.03
C LYS F 718 -52.34 -7.52 40.09
N HIS F 719 -52.52 -6.23 39.88
CA HIS F 719 -53.24 -5.41 40.85
C HIS F 719 -54.74 -5.76 40.84
N LEU F 720 -55.39 -5.41 41.94
CA LEU F 720 -56.83 -5.68 42.06
C LEU F 720 -57.68 -4.72 41.26
N LEU F 721 -57.16 -3.55 40.90
CA LEU F 721 -57.90 -2.56 40.13
C LEU F 721 -57.60 -2.60 38.64
N CYS F 722 -56.82 -3.59 38.19
CA CYS F 722 -56.50 -3.71 36.77
C CYS F 722 -57.63 -4.45 36.06
N ASN F 723 -58.30 -3.76 35.15
CA ASN F 723 -59.41 -4.33 34.39
C ASN F 723 -59.01 -4.68 32.97
N LEU F 724 -57.71 -4.76 32.69
CA LEU F 724 -57.24 -5.04 31.34
C LEU F 724 -57.77 -6.40 30.87
N LYS F 725 -58.20 -6.44 29.61
CA LYS F 725 -58.72 -7.67 29.01
C LYS F 725 -57.84 -8.23 27.91
N LYS F 726 -57.43 -7.40 26.96
CA LYS F 726 -56.57 -7.83 25.87
C LYS F 726 -55.21 -7.16 26.00
N LEU F 727 -54.16 -7.92 25.69
CA LEU F 727 -52.79 -7.40 25.79
C LEU F 727 -51.99 -7.94 24.62
N TRP F 728 -51.35 -7.04 23.89
CA TRP F 728 -50.48 -7.42 22.78
C TRP F 728 -49.03 -7.20 23.18
N LEU F 729 -48.20 -8.23 23.02
CA LEU F 729 -46.77 -8.14 23.30
C LEU F 729 -45.96 -8.69 22.14
N VAL F 730 -46.44 -8.49 20.92
CA VAL F 730 -45.81 -9.10 19.75
C VAL F 730 -44.47 -8.43 19.49
N SER F 731 -43.42 -9.25 19.39
CA SER F 731 -42.07 -8.79 19.05
C SER F 731 -41.57 -7.75 20.04
N CYS F 732 -41.64 -8.09 21.32
CA CYS F 732 -41.15 -7.23 22.39
C CYS F 732 -39.77 -7.63 22.88
N CYS F 733 -39.02 -8.40 22.08
CA CYS F 733 -37.69 -8.87 22.45
C CYS F 733 -37.71 -9.63 23.78
N LEU F 734 -38.73 -10.45 23.98
CA LEU F 734 -38.84 -11.25 25.18
C LEU F 734 -38.08 -12.56 25.02
N THR F 735 -37.86 -13.24 26.15
CA THR F 735 -37.23 -14.55 26.17
C THR F 735 -38.00 -15.47 27.10
N SER F 736 -37.42 -16.63 27.43
CA SER F 736 -38.09 -17.56 28.33
C SER F 736 -38.04 -17.10 29.78
N ALA F 737 -37.17 -16.13 30.11
CA ALA F 737 -37.07 -15.67 31.49
C ALA F 737 -38.35 -14.98 31.94
N CYS F 738 -38.92 -14.13 31.07
CA CYS F 738 -40.14 -13.41 31.43
C CYS F 738 -41.36 -14.31 31.53
N CYS F 739 -41.28 -15.53 31.00
CA CYS F 739 -42.43 -16.43 30.99
C CYS F 739 -42.84 -16.82 32.41
N GLN F 740 -41.92 -16.75 33.36
CA GLN F 740 -42.27 -17.02 34.74
C GLN F 740 -43.22 -15.97 35.29
N ASP F 741 -43.12 -14.73 34.80
CA ASP F 741 -43.97 -13.66 35.31
C ASP F 741 -45.35 -13.67 34.66
N LEU F 742 -45.39 -13.77 33.32
CA LEU F 742 -46.67 -13.77 32.63
C LEU F 742 -47.60 -14.87 33.14
N ALA F 743 -47.04 -16.05 33.41
CA ALA F 743 -47.85 -17.15 33.95
C ALA F 743 -48.49 -16.75 35.27
N SER F 744 -47.74 -16.06 36.13
CA SER F 744 -48.30 -15.61 37.39
C SER F 744 -49.48 -14.66 37.18
N VAL F 745 -49.48 -13.94 36.06
CA VAL F 745 -50.64 -13.11 35.73
C VAL F 745 -51.83 -13.97 35.37
N LEU F 746 -51.61 -15.04 34.61
CA LEU F 746 -52.72 -15.85 34.11
C LEU F 746 -53.48 -16.52 35.25
N SER F 747 -52.76 -16.98 36.27
CA SER F 747 -53.42 -17.62 37.40
C SER F 747 -54.01 -16.61 38.39
N THR F 748 -53.70 -15.33 38.24
CA THR F 748 -54.15 -14.30 39.16
C THR F 748 -55.12 -13.31 38.53
N SER F 749 -54.83 -12.83 37.33
CA SER F 749 -55.66 -11.80 36.70
C SER F 749 -57.05 -12.36 36.40
N HIS F 750 -58.07 -11.74 37.00
CA HIS F 750 -59.46 -12.15 36.80
C HIS F 750 -60.06 -11.59 35.52
N SER F 751 -59.35 -10.74 34.80
CA SER F 751 -59.90 -10.07 33.63
C SER F 751 -59.15 -10.34 32.33
N LEU F 752 -57.83 -10.56 32.40
CA LEU F 752 -57.06 -10.81 31.18
C LEU F 752 -57.52 -12.08 30.49
N THR F 753 -58.12 -11.94 29.30
CA THR F 753 -58.62 -13.07 28.55
C THR F 753 -57.85 -13.33 27.26
N ARG F 754 -57.36 -12.30 26.59
CA ARG F 754 -56.74 -12.43 25.27
C ARG F 754 -55.30 -11.94 25.34
N LEU F 755 -54.36 -12.87 25.30
CA LEU F 755 -52.93 -12.56 25.38
C LEU F 755 -52.24 -13.00 24.11
N TYR F 756 -51.49 -12.07 23.49
CA TYR F 756 -50.74 -12.35 22.27
C TYR F 756 -49.27 -12.10 22.55
N VAL F 757 -48.46 -13.15 22.52
CA VAL F 757 -47.04 -13.05 22.83
C VAL F 757 -46.20 -13.58 21.68
N GLY F 758 -46.70 -13.44 20.46
CA GLY F 758 -46.01 -13.97 19.31
C GLY F 758 -44.73 -13.21 18.99
N GLU F 759 -44.00 -13.75 18.01
CA GLU F 759 -42.78 -13.13 17.48
C GLU F 759 -41.70 -12.97 18.55
N ASN F 760 -41.78 -13.77 19.61
CA ASN F 760 -40.80 -13.74 20.70
C ASN F 760 -40.13 -15.10 20.82
N ALA F 761 -38.87 -15.08 21.26
CA ALA F 761 -38.11 -16.31 21.45
C ALA F 761 -38.44 -16.94 22.80
N LEU F 762 -39.74 -17.21 22.99
CA LEU F 762 -40.19 -17.81 24.23
C LEU F 762 -39.63 -19.22 24.40
N GLY F 763 -39.72 -20.04 23.35
CA GLY F 763 -39.18 -21.37 23.39
C GLY F 763 -40.11 -22.37 24.05
N ASP F 764 -39.72 -23.65 23.95
CA ASP F 764 -40.52 -24.73 24.50
C ASP F 764 -40.62 -24.62 26.02
N SER F 765 -39.51 -24.28 26.68
CA SER F 765 -39.54 -24.14 28.14
C SER F 765 -40.47 -23.01 28.57
N GLY F 766 -40.40 -21.86 27.89
CA GLY F 766 -41.28 -20.77 28.23
C GLY F 766 -42.74 -21.08 28.01
N VAL F 767 -43.04 -21.75 26.89
CA VAL F 767 -44.43 -22.12 26.62
C VAL F 767 -44.91 -23.14 27.64
N ALA F 768 -44.03 -24.05 28.07
CA ALA F 768 -44.39 -24.97 29.13
C ALA F 768 -44.68 -24.23 30.43
N ILE F 769 -43.91 -23.20 30.73
CA ILE F 769 -44.14 -22.41 31.94
C ILE F 769 -45.49 -21.71 31.86
N LEU F 770 -45.83 -21.17 30.70
CA LEU F 770 -47.16 -20.58 30.53
C LEU F 770 -48.26 -21.62 30.69
N CYS F 771 -48.07 -22.80 30.10
CA CYS F 771 -49.14 -23.79 30.06
C CYS F 771 -49.37 -24.42 31.43
N GLU F 772 -48.32 -24.61 32.22
CA GLU F 772 -48.48 -25.26 33.53
C GLU F 772 -49.35 -24.40 34.45
N LYS F 773 -49.46 -23.10 34.16
CA LYS F 773 -50.41 -22.25 34.86
C LYS F 773 -51.73 -22.11 34.10
N ALA F 774 -51.70 -22.21 32.77
CA ALA F 774 -52.93 -22.08 32.01
C ALA F 774 -53.82 -23.32 32.08
N LYS F 775 -53.30 -24.43 32.64
CA LYS F 775 -54.11 -25.63 32.78
C LYS F 775 -55.24 -25.48 33.79
N ASN F 776 -55.12 -24.53 34.70
CA ASN F 776 -56.12 -24.35 35.74
C ASN F 776 -57.48 -24.04 35.11
N PRO F 777 -58.54 -24.79 35.45
CA PRO F 777 -59.87 -24.46 34.91
C PRO F 777 -60.36 -23.08 35.29
N GLN F 778 -59.86 -22.50 36.37
CA GLN F 778 -60.26 -21.16 36.77
C GLN F 778 -59.66 -20.08 35.88
N CYS F 779 -58.65 -20.41 35.08
CA CYS F 779 -58.06 -19.42 34.18
C CYS F 779 -59.09 -18.93 33.17
N ASN F 780 -59.13 -17.62 32.97
CA ASN F 780 -60.10 -17.01 32.07
C ASN F 780 -59.55 -16.75 30.67
N LEU F 781 -58.34 -17.20 30.37
CA LEU F 781 -57.75 -16.97 29.06
C LEU F 781 -58.60 -17.61 27.97
N GLN F 782 -58.86 -16.85 26.91
CA GLN F 782 -59.66 -17.32 25.79
C GLN F 782 -58.87 -17.42 24.50
N LYS F 783 -58.21 -16.35 24.09
CA LYS F 783 -57.39 -16.33 22.89
C LYS F 783 -55.92 -16.24 23.29
N LEU F 784 -55.11 -17.15 22.73
CA LEU F 784 -53.69 -17.16 22.99
C LEU F 784 -52.94 -17.21 21.66
N GLY F 785 -51.98 -16.30 21.49
CA GLY F 785 -51.21 -16.20 20.27
C GLY F 785 -49.75 -16.60 20.52
N LEU F 786 -49.24 -17.48 19.68
CA LEU F 786 -47.86 -17.91 19.74
C LEU F 786 -47.22 -17.93 18.36
N VAL F 787 -47.61 -16.97 17.52
CA VAL F 787 -47.12 -16.93 16.15
C VAL F 787 -45.61 -16.74 16.13
N ASN F 788 -44.92 -17.63 15.42
CA ASN F 788 -43.47 -17.52 15.21
C ASN F 788 -42.73 -17.44 16.55
N SER F 789 -43.21 -18.18 17.54
CA SER F 789 -42.65 -18.14 18.88
C SER F 789 -41.47 -19.09 19.05
N GLY F 790 -40.91 -19.58 17.95
CA GLY F 790 -39.76 -20.48 18.02
C GLY F 790 -40.05 -21.76 18.76
N LEU F 791 -41.14 -22.44 18.42
CA LEU F 791 -41.59 -23.62 19.13
C LEU F 791 -41.30 -24.88 18.32
N THR F 792 -41.07 -25.97 19.03
CA THR F 792 -40.92 -27.30 18.47
C THR F 792 -42.06 -28.18 18.98
N SER F 793 -42.01 -29.47 18.63
CA SER F 793 -43.04 -30.40 19.08
C SER F 793 -42.98 -30.69 20.57
N VAL F 794 -41.83 -30.42 21.22
CA VAL F 794 -41.65 -30.80 22.62
C VAL F 794 -42.70 -30.12 23.49
N CYS F 795 -42.94 -28.83 23.26
CA CYS F 795 -43.93 -28.11 24.05
C CYS F 795 -45.36 -28.45 23.67
N CYS F 796 -45.58 -29.10 22.51
CA CYS F 796 -46.93 -29.31 22.03
C CYS F 796 -47.78 -30.10 23.02
N SER F 797 -47.22 -31.17 23.60
CA SER F 797 -47.95 -31.93 24.61
C SER F 797 -48.47 -31.02 25.70
N ALA F 798 -47.66 -30.05 26.14
CA ALA F 798 -48.12 -29.11 27.16
C ALA F 798 -49.40 -28.42 26.72
N LEU F 799 -49.42 -27.88 25.50
CA LEU F 799 -50.64 -27.26 24.98
C LEU F 799 -51.80 -28.24 25.04
N SER F 800 -51.55 -29.50 24.67
CA SER F 800 -52.59 -30.51 24.73
C SER F 800 -53.22 -30.56 26.11
N SER F 801 -52.39 -30.53 27.16
CA SER F 801 -52.93 -30.57 28.51
C SER F 801 -53.89 -29.41 28.75
N VAL F 802 -53.49 -28.21 28.35
CA VAL F 802 -54.38 -27.06 28.47
C VAL F 802 -55.67 -27.33 27.70
N LEU F 803 -55.55 -27.84 26.48
CA LEU F 803 -56.73 -28.12 25.67
C LEU F 803 -57.62 -29.16 26.35
N SER F 804 -57.03 -30.05 27.14
CA SER F 804 -57.84 -31.02 27.85
C SER F 804 -58.47 -30.45 29.12
N THR F 805 -57.88 -29.40 29.68
CA THR F 805 -58.28 -28.92 31.00
C THR F 805 -58.99 -27.57 30.96
N ASN F 806 -58.51 -26.63 30.15
CA ASN F 806 -59.09 -25.29 30.11
C ASN F 806 -60.35 -25.29 29.25
N GLN F 807 -61.47 -24.92 29.86
CA GLN F 807 -62.75 -24.86 29.15
C GLN F 807 -62.98 -23.51 28.48
N ASN F 808 -62.08 -22.54 28.68
CA ASN F 808 -62.28 -21.20 28.17
C ASN F 808 -61.50 -20.89 26.90
N LEU F 809 -60.42 -21.63 26.62
CA LEU F 809 -59.60 -21.38 25.45
C LEU F 809 -60.39 -21.68 24.19
N THR F 810 -60.78 -20.64 23.45
CA THR F 810 -61.52 -20.82 22.21
C THR F 810 -60.65 -20.64 20.97
N HIS F 811 -59.59 -19.85 21.04
CA HIS F 811 -58.72 -19.61 19.90
C HIS F 811 -57.29 -19.96 20.26
N LEU F 812 -56.50 -20.29 19.26
CA LEU F 812 -55.08 -20.62 19.46
C LEU F 812 -54.37 -20.49 18.12
N TYR F 813 -53.35 -19.65 18.06
CA TYR F 813 -52.61 -19.40 16.84
C TYR F 813 -51.19 -19.93 16.99
N LEU F 814 -50.76 -20.75 16.04
CA LEU F 814 -49.43 -21.35 16.06
C LEU F 814 -48.69 -21.17 14.74
N ARG F 815 -49.03 -20.12 13.99
CA ARG F 815 -48.40 -19.88 12.70
C ARG F 815 -46.90 -19.69 12.85
N GLY F 816 -46.13 -20.28 11.94
CA GLY F 816 -44.70 -20.09 11.91
C GLY F 816 -43.89 -20.97 12.83
N ASN F 817 -44.53 -21.83 13.62
CA ASN F 817 -43.83 -22.70 14.54
C ASN F 817 -43.63 -24.07 13.90
N THR F 818 -42.39 -24.56 13.94
CA THR F 818 -42.04 -25.84 13.32
C THR F 818 -42.47 -26.98 14.24
N LEU F 819 -43.79 -27.14 14.39
CA LEU F 819 -44.32 -28.18 15.24
C LEU F 819 -44.03 -29.57 14.68
N GLY F 820 -44.35 -29.78 13.41
CA GLY F 820 -44.16 -31.07 12.78
C GLY F 820 -45.34 -32.00 12.98
N ASP F 821 -45.28 -33.13 12.28
CA ASP F 821 -46.37 -34.11 12.32
C ASP F 821 -46.53 -34.70 13.72
N LYS F 822 -45.41 -34.97 14.40
CA LYS F 822 -45.50 -35.47 15.77
C LYS F 822 -46.14 -34.45 16.69
N GLY F 823 -45.80 -33.16 16.52
CA GLY F 823 -46.44 -32.13 17.31
C GLY F 823 -47.93 -32.02 17.03
N ILE F 824 -48.32 -32.15 15.76
CA ILE F 824 -49.74 -32.11 15.41
C ILE F 824 -50.47 -33.30 16.02
N LYS F 825 -49.84 -34.47 16.02
CA LYS F 825 -50.45 -35.64 16.65
C LYS F 825 -50.62 -35.42 18.14
N LEU F 826 -49.60 -34.85 18.79
CA LEU F 826 -49.70 -34.57 20.23
C LEU F 826 -50.81 -33.56 20.51
N LEU F 827 -50.96 -32.55 19.65
CA LEU F 827 -52.05 -31.60 19.81
C LEU F 827 -53.40 -32.28 19.63
N CYS F 828 -53.56 -33.06 18.56
CA CYS F 828 -54.81 -33.76 18.30
C CYS F 828 -55.16 -34.71 19.42
N GLU F 829 -54.17 -35.19 20.16
CA GLU F 829 -54.46 -35.94 21.38
C GLU F 829 -55.31 -35.10 22.34
N GLY F 830 -55.12 -33.79 22.32
CA GLY F 830 -55.87 -32.89 23.19
C GLY F 830 -57.13 -32.32 22.58
N LEU F 831 -57.07 -31.97 21.29
CA LEU F 831 -58.26 -31.43 20.63
C LEU F 831 -59.38 -32.46 20.57
N LEU F 832 -59.06 -33.74 20.51
CA LEU F 832 -60.07 -34.79 20.47
C LEU F 832 -60.71 -35.05 21.82
N HIS F 833 -60.21 -34.43 22.88
CA HIS F 833 -60.79 -34.63 24.20
C HIS F 833 -62.22 -34.10 24.22
N PRO F 834 -63.14 -34.75 24.94
CA PRO F 834 -64.52 -34.26 25.00
C PRO F 834 -64.66 -32.86 25.56
N ASP F 835 -63.79 -32.47 26.49
CA ASP F 835 -63.91 -31.18 27.17
C ASP F 835 -63.27 -30.03 26.41
N CYS F 836 -62.56 -30.31 25.31
CA CYS F 836 -61.94 -29.24 24.54
C CYS F 836 -63.01 -28.36 23.90
N LYS F 837 -62.84 -27.05 24.02
CA LYS F 837 -63.79 -26.09 23.46
C LYS F 837 -63.16 -25.15 22.43
N LEU F 838 -62.04 -25.55 21.84
CA LEU F 838 -61.38 -24.70 20.84
C LEU F 838 -62.31 -24.48 19.66
N GLN F 839 -62.28 -23.26 19.11
CA GLN F 839 -63.07 -22.90 17.95
C GLN F 839 -62.25 -22.51 16.74
N VAL F 840 -61.12 -21.84 16.93
CA VAL F 840 -60.26 -21.41 15.83
C VAL F 840 -58.84 -21.87 16.10
N LEU F 841 -58.23 -22.52 15.12
CA LEU F 841 -56.86 -22.99 15.23
C LEU F 841 -56.12 -22.65 13.94
N GLU F 842 -54.94 -22.05 14.07
CA GLU F 842 -54.09 -21.72 12.93
C GLU F 842 -52.81 -22.53 13.00
N LEU F 843 -52.39 -23.08 11.87
CA LEU F 843 -51.17 -23.89 11.81
C LEU F 843 -50.37 -23.58 10.55
N ASP F 844 -50.46 -22.35 10.06
CA ASP F 844 -49.75 -21.98 8.83
C ASP F 844 -48.25 -22.07 9.04
N ASN F 845 -47.55 -22.52 7.98
CA ASN F 845 -46.09 -22.54 7.96
C ASN F 845 -45.53 -23.36 9.12
N CYS F 846 -46.24 -24.43 9.49
CA CYS F 846 -45.82 -25.32 10.57
C CYS F 846 -44.95 -26.47 10.09
N ASN F 847 -44.60 -26.50 8.81
CA ASN F 847 -43.80 -27.58 8.22
C ASN F 847 -44.51 -28.93 8.41
N LEU F 848 -45.69 -29.04 7.82
CA LEU F 848 -46.54 -30.22 7.93
C LEU F 848 -46.59 -30.95 6.60
N THR F 849 -46.26 -32.24 6.62
CA THR F 849 -46.25 -33.08 5.43
C THR F 849 -47.56 -33.86 5.33
N SER F 850 -47.63 -34.77 4.36
CA SER F 850 -48.84 -35.56 4.17
C SER F 850 -49.08 -36.55 5.31
N HIS F 851 -48.03 -36.89 6.07
CA HIS F 851 -48.16 -37.91 7.11
C HIS F 851 -49.24 -37.54 8.12
N CYS F 852 -49.30 -36.27 8.49
CA CYS F 852 -50.28 -35.82 9.48
C CYS F 852 -51.68 -35.65 8.90
N CYS F 853 -51.84 -35.70 7.57
CA CYS F 853 -53.14 -35.43 6.97
C CYS F 853 -54.22 -36.40 7.46
N TRP F 854 -53.82 -37.60 7.86
CA TRP F 854 -54.79 -38.53 8.43
C TRP F 854 -55.26 -38.05 9.80
N ASP F 855 -54.33 -37.62 10.65
CA ASP F 855 -54.69 -37.18 12.01
C ASP F 855 -55.72 -36.06 11.96
N LEU F 856 -55.45 -35.03 11.16
CA LEU F 856 -56.40 -33.93 11.03
C LEU F 856 -57.77 -34.44 10.58
N SER F 857 -57.79 -35.43 9.69
CA SER F 857 -59.05 -36.01 9.28
C SER F 857 -59.79 -36.61 10.47
N THR F 858 -59.07 -37.36 11.31
CA THR F 858 -59.66 -37.88 12.54
C THR F 858 -60.17 -36.74 13.41
N LEU F 859 -59.49 -35.59 13.35
CA LEU F 859 -59.97 -34.40 14.05
C LEU F 859 -61.31 -33.95 13.49
N LEU F 860 -61.42 -33.87 12.16
CA LEU F 860 -62.55 -33.20 11.54
C LEU F 860 -63.87 -33.90 11.87
N THR F 861 -63.88 -35.22 11.87
CA THR F 861 -65.11 -35.96 12.15
C THR F 861 -65.44 -35.96 13.64
N SER F 862 -64.48 -35.64 14.50
CA SER F 862 -64.66 -35.83 15.93
C SER F 862 -64.85 -34.54 16.71
N SER F 863 -64.27 -33.43 16.28
CA SER F 863 -64.37 -32.19 17.02
C SER F 863 -65.77 -31.59 16.87
N GLN F 864 -66.49 -31.47 17.98
CA GLN F 864 -67.82 -30.89 17.97
C GLN F 864 -67.82 -29.39 18.22
N SER F 865 -66.64 -28.79 18.44
CA SER F 865 -66.53 -27.38 18.75
C SER F 865 -65.75 -26.58 17.73
N LEU F 866 -64.74 -27.17 17.10
CA LEU F 866 -63.89 -26.45 16.15
C LEU F 866 -64.73 -25.91 14.99
N ARG F 867 -64.48 -24.66 14.63
CA ARG F 867 -65.25 -24.00 13.58
C ARG F 867 -64.34 -23.49 12.46
N LYS F 868 -63.10 -23.18 12.79
CA LYS F 868 -62.17 -22.63 11.81
C LYS F 868 -60.83 -23.35 11.95
N LEU F 869 -60.12 -23.45 10.83
CA LEU F 869 -58.81 -24.10 10.81
C LEU F 869 -58.04 -23.63 9.59
N SER F 870 -56.86 -23.05 9.82
CA SER F 870 -56.02 -22.55 8.76
C SER F 870 -54.79 -23.44 8.62
N LEU F 871 -54.46 -23.81 7.37
CA LEU F 871 -53.40 -24.78 7.14
C LEU F 871 -52.49 -24.40 5.98
N GLY F 872 -52.42 -23.13 5.61
CA GLY F 872 -51.60 -22.72 4.49
C GLY F 872 -50.11 -22.93 4.75
N ASN F 873 -49.32 -22.66 3.71
CA ASN F 873 -47.87 -22.74 3.76
C ASN F 873 -47.40 -24.13 4.21
N ASN F 874 -48.03 -25.17 3.68
CA ASN F 874 -47.67 -26.55 4.00
C ASN F 874 -47.59 -27.37 2.73
N ASP F 875 -46.78 -28.43 2.79
CA ASP F 875 -46.72 -29.41 1.71
C ASP F 875 -47.55 -30.64 2.09
N LEU F 876 -48.86 -30.42 2.20
CA LEU F 876 -49.76 -31.50 2.59
C LEU F 876 -49.95 -32.53 1.48
N GLY F 877 -49.84 -32.12 0.22
CA GLY F 877 -49.95 -33.07 -0.86
C GLY F 877 -51.37 -33.26 -1.34
N ASP F 878 -51.50 -33.81 -2.56
CA ASP F 878 -52.81 -33.96 -3.18
C ASP F 878 -53.62 -35.07 -2.51
N LEU F 879 -52.95 -36.12 -2.05
CA LEU F 879 -53.66 -37.19 -1.36
C LEU F 879 -54.27 -36.70 -0.05
N GLY F 880 -53.57 -35.80 0.64
CA GLY F 880 -54.11 -35.25 1.88
C GLY F 880 -55.36 -34.42 1.64
N VAL F 881 -55.35 -33.58 0.59
CA VAL F 881 -56.54 -32.77 0.33
C VAL F 881 -57.68 -33.63 -0.19
N MET F 882 -57.38 -34.70 -0.95
CA MET F 882 -58.44 -35.66 -1.30
C MET F 882 -59.03 -36.30 -0.06
N MET F 883 -58.19 -36.67 0.91
CA MET F 883 -58.70 -37.23 2.16
C MET F 883 -59.58 -36.23 2.90
N PHE F 884 -59.14 -34.96 2.93
CA PHE F 884 -59.94 -33.92 3.58
C PHE F 884 -61.29 -33.75 2.90
N CYS F 885 -61.30 -33.74 1.56
CA CYS F 885 -62.56 -33.59 0.83
C CYS F 885 -63.48 -34.79 1.06
N GLU F 886 -62.91 -36.00 1.10
CA GLU F 886 -63.70 -37.17 1.39
C GLU F 886 -64.31 -37.10 2.80
N VAL F 887 -63.54 -36.58 3.76
CA VAL F 887 -64.05 -36.43 5.12
C VAL F 887 -65.16 -35.37 5.16
N LEU F 888 -64.99 -34.26 4.44
CA LEU F 888 -65.87 -33.12 4.62
C LEU F 888 -67.23 -33.32 3.96
N LYS F 889 -67.34 -34.23 2.99
CA LYS F 889 -68.61 -34.42 2.32
C LYS F 889 -69.67 -35.02 3.24
N GLN F 890 -69.26 -35.57 4.38
CA GLN F 890 -70.21 -36.03 5.37
C GLN F 890 -70.92 -34.85 6.03
N GLN F 891 -72.11 -35.12 6.58
CA GLN F 891 -72.87 -34.08 7.26
C GLN F 891 -72.43 -33.89 8.71
N SER F 892 -71.62 -34.82 9.24
CA SER F 892 -71.18 -34.74 10.63
C SER F 892 -70.14 -33.67 10.87
N CYS F 893 -69.62 -33.03 9.83
CA CYS F 893 -68.60 -32.01 9.98
C CYS F 893 -69.25 -30.68 10.35
N LEU F 894 -68.88 -30.15 11.52
CA LEU F 894 -69.35 -28.85 11.97
C LEU F 894 -68.40 -27.71 11.58
N LEU F 895 -67.29 -28.04 10.92
CA LEU F 895 -66.34 -27.02 10.50
C LEU F 895 -66.97 -26.09 9.47
N GLN F 896 -66.48 -24.83 9.45
CA GLN F 896 -67.00 -23.84 8.53
C GLN F 896 -65.94 -23.15 7.69
N ASN F 897 -64.64 -23.36 7.97
CA ASN F 897 -63.60 -22.68 7.21
C ASN F 897 -62.33 -23.52 7.21
N LEU F 898 -61.67 -23.59 6.06
CA LEU F 898 -60.33 -24.12 5.94
C LEU F 898 -59.48 -23.13 5.15
N GLY F 899 -58.30 -22.83 5.69
CA GLY F 899 -57.38 -21.93 5.02
C GLY F 899 -56.29 -22.71 4.31
N LEU F 900 -56.42 -22.84 2.98
CA LEU F 900 -55.47 -23.58 2.18
C LEU F 900 -54.76 -22.68 1.18
N SER F 901 -54.74 -21.36 1.44
CA SER F 901 -54.11 -20.43 0.52
C SER F 901 -52.60 -20.63 0.51
N GLU F 902 -51.97 -20.13 -0.56
CA GLU F 902 -50.53 -20.26 -0.77
C GLU F 902 -50.10 -21.73 -0.87
N MET F 903 -51.06 -22.64 -0.99
CA MET F 903 -50.81 -24.05 -1.18
C MET F 903 -51.24 -24.45 -2.58
N TYR F 904 -50.33 -25.08 -3.31
CA TYR F 904 -50.47 -25.23 -4.77
C TYR F 904 -50.87 -26.66 -5.08
N PHE F 905 -51.93 -26.82 -5.87
CA PHE F 905 -52.51 -28.12 -6.17
C PHE F 905 -52.78 -28.24 -7.65
N ASN F 906 -52.83 -29.49 -8.11
CA ASN F 906 -53.11 -29.83 -9.50
C ASN F 906 -54.62 -29.78 -9.77
N TYR F 907 -54.99 -29.95 -11.05
CA TYR F 907 -56.31 -29.55 -11.49
C TYR F 907 -57.43 -30.44 -10.95
N GLU F 908 -57.19 -31.75 -10.80
CA GLU F 908 -58.26 -32.60 -10.29
C GLU F 908 -58.57 -32.28 -8.82
N THR F 909 -57.52 -31.97 -8.04
CA THR F 909 -57.75 -31.52 -6.66
C THR F 909 -58.50 -30.19 -6.64
N LYS F 910 -58.14 -29.27 -7.54
CA LYS F 910 -58.89 -28.03 -7.65
C LYS F 910 -60.36 -28.31 -7.91
N SER F 911 -60.65 -29.12 -8.93
CA SER F 911 -62.04 -29.42 -9.28
C SER F 911 -62.78 -30.03 -8.10
N ALA F 912 -62.13 -30.94 -7.37
CA ALA F 912 -62.73 -31.47 -6.15
C ALA F 912 -63.02 -30.35 -5.16
N LEU F 913 -62.13 -29.36 -5.06
CA LEU F 913 -62.32 -28.29 -4.10
C LEU F 913 -63.53 -27.43 -4.42
N GLU F 914 -63.71 -27.03 -5.69
CA GLU F 914 -64.91 -26.25 -5.98
C GLU F 914 -66.18 -27.11 -5.96
N THR F 915 -66.08 -28.38 -6.36
CA THR F 915 -67.25 -29.24 -6.19
C THR F 915 -67.67 -29.31 -4.73
N LEU F 916 -66.69 -29.31 -3.82
CA LEU F 916 -67.00 -29.28 -2.39
C LEU F 916 -67.57 -27.94 -1.97
N GLN F 917 -67.03 -26.83 -2.50
CA GLN F 917 -67.42 -25.52 -1.99
C GLN F 917 -68.84 -25.14 -2.44
N GLU F 918 -69.21 -25.46 -3.68
CA GLU F 918 -70.63 -25.30 -4.03
C GLU F 918 -71.46 -26.51 -3.62
N GLU F 919 -70.83 -27.61 -3.20
CA GLU F 919 -71.58 -28.71 -2.61
C GLU F 919 -72.05 -28.35 -1.20
N LYS F 920 -71.19 -27.70 -0.43
CA LYS F 920 -71.50 -27.25 0.94
C LYS F 920 -71.31 -25.74 0.99
N PRO F 921 -72.37 -24.96 0.78
CA PRO F 921 -72.23 -23.50 0.79
C PRO F 921 -71.76 -22.94 2.13
N GLU F 922 -72.14 -23.58 3.25
CA GLU F 922 -71.79 -23.04 4.56
C GLU F 922 -70.31 -23.23 4.88
N LEU F 923 -69.61 -24.11 4.17
CA LEU F 923 -68.19 -24.39 4.42
C LEU F 923 -67.38 -23.67 3.35
N THR F 924 -66.44 -22.85 3.77
CA THR F 924 -65.66 -22.01 2.86
C THR F 924 -64.21 -22.47 2.86
N VAL F 925 -63.64 -22.66 1.67
CA VAL F 925 -62.24 -23.01 1.49
C VAL F 925 -61.60 -22.00 0.55
N VAL F 926 -60.44 -21.48 0.93
CA VAL F 926 -59.70 -20.54 0.12
C VAL F 926 -58.53 -21.29 -0.53
N PHE F 927 -58.47 -21.25 -1.86
CA PHE F 927 -57.46 -21.98 -2.62
C PHE F 927 -56.98 -21.20 -3.83
N GLU F 928 -57.06 -19.87 -3.77
CA GLU F 928 -56.80 -19.06 -4.95
C GLU F 928 -55.36 -19.23 -5.42
N PRO F 929 -55.13 -19.35 -6.73
CA PRO F 929 -53.79 -19.49 -7.31
C PRO F 929 -53.08 -18.15 -7.46
#